data_5C3Y
#
_entry.id   5C3Y
#
_cell.length_a   80.310
_cell.length_b   168.140
_cell.length_c   161.500
_cell.angle_alpha   90.00
_cell.angle_beta   90.82
_cell.angle_gamma   90.00
#
_symmetry.space_group_name_H-M   'P 1 21 1'
#
loop_
_entity.id
_entity.type
_entity.pdbx_description
1 polymer Ribokinase
2 non-polymer 'AMP PHOSPHORAMIDATE'
3 non-polymer 'SODIUM ION'
4 water water
#
_entity_poly.entity_id   1
_entity_poly.type   'polypeptide(L)'
_entity_poly.pdbx_seq_one_letter_code
;MAASGEPQRQWQEEVAAVVVVGSCMTDLVSLTSRLPKTGETIHGHKFFIGFGGKGANQCVQAARLGAMTSMVCKVGKDSF
GNDYIENLKQNDISTEFTYQTKDAATGTASIIVNNEGQNIIVIVAGANLLLNTEDLRAAANVISRAKVMVCQLEITPATS
LEALTMARRSGVKTLFNPAPAIADLDPQFYTLSDVFCCNESEAEILTGLTVGSAADAGEAALVLLKRGCQVVIITLGAEG
CVVLSQTEPEPKHIPTEKVKAVDTTGAGDSFVGALAFYLAYYPNLSLEDMLNRSNFIAAVSVQAAGTQSSYPYKKDLPLT
LFLEHHHHHH
;
_entity_poly.pdbx_strand_id   A,B,C,D,E,F,G,H,I,J,K,L
#
loop_
_chem_comp.id
_chem_comp.type
_chem_comp.name
_chem_comp.formula
AN2 non-polymer 'AMP PHOSPHORAMIDATE' 'C10 H16 N6 O9 P2'
NA non-polymer 'SODIUM ION' 'Na 1'
#
# COMPACT_ATOMS: atom_id res chain seq x y z
N VAL A 15 80.55 8.41 54.57
CA VAL A 15 81.11 9.82 54.71
C VAL A 15 81.91 10.34 53.53
N ALA A 16 81.67 11.56 53.11
CA ALA A 16 82.38 12.08 51.97
C ALA A 16 83.87 12.35 52.24
N ALA A 17 84.74 11.82 51.38
CA ALA A 17 86.19 11.98 51.49
C ALA A 17 86.77 13.09 50.60
N VAL A 18 86.07 13.43 49.52
CA VAL A 18 86.46 14.53 48.67
C VAL A 18 85.33 15.55 48.71
N VAL A 19 85.66 16.77 49.07
CA VAL A 19 84.71 17.87 49.01
C VAL A 19 85.18 18.90 48.03
N VAL A 20 84.30 19.33 47.11
CA VAL A 20 84.66 20.29 46.10
C VAL A 20 83.81 21.50 46.32
N VAL A 21 84.47 22.63 46.49
CA VAL A 21 83.78 23.91 46.58
C VAL A 21 84.06 24.69 45.30
N GLY A 22 83.05 24.83 44.46
CA GLY A 22 83.24 25.52 43.20
C GLY A 22 82.03 25.55 42.30
N SER A 23 82.30 25.54 41.02
CA SER A 23 81.35 25.98 40.00
C SER A 23 80.67 24.87 39.24
N CYS A 24 79.40 25.10 38.94
CA CYS A 24 78.62 24.31 37.98
C CYS A 24 78.18 25.28 36.88
N MET A 25 78.38 24.91 35.61
CA MET A 25 77.96 25.66 34.45
C MET A 25 77.35 24.79 33.43
N THR A 26 76.34 25.31 32.75
CA THR A 26 75.75 24.64 31.60
C THR A 26 76.46 25.07 30.33
N ASP A 27 76.97 24.10 29.55
CA ASP A 27 77.64 24.37 28.26
C ASP A 27 76.59 24.32 27.15
N LEU A 28 76.54 25.40 26.37
CA LEU A 28 75.58 25.55 25.30
C LEU A 28 76.38 25.72 23.99
N VAL A 29 76.41 24.69 23.15
CA VAL A 29 77.33 24.66 22.05
C VAL A 29 76.62 24.58 20.73
N SER A 30 76.98 25.49 19.84
CA SER A 30 76.47 25.55 18.51
C SER A 30 77.61 25.35 17.52
N LEU A 31 77.47 24.39 16.57
CA LEU A 31 78.45 24.16 15.50
C LEU A 31 78.01 24.81 14.16
N THR A 32 78.93 25.50 13.48
CA THR A 32 78.64 26.28 12.28
C THR A 32 79.74 26.03 11.31
N SER A 33 79.61 26.47 10.08
CA SER A 33 80.74 26.30 9.15
C SER A 33 81.70 27.42 9.32
N ARG A 34 81.17 28.63 9.35
CA ARG A 34 81.98 29.79 9.66
C ARG A 34 81.44 30.50 10.94
N LEU A 35 82.30 31.24 11.65
CA LEU A 35 81.92 32.05 12.81
C LEU A 35 81.26 33.32 12.32
N PRO A 36 80.33 33.87 13.10
CA PRO A 36 79.62 35.09 12.67
C PRO A 36 80.33 36.38 13.01
N LYS A 37 80.33 37.31 12.05
CA LYS A 37 80.76 38.71 12.24
C LYS A 37 79.67 39.54 12.93
N THR A 38 80.03 40.72 13.46
CA THR A 38 79.05 41.66 14.04
C THR A 38 77.84 41.89 13.16
N GLY A 39 76.66 41.88 13.75
CA GLY A 39 75.39 42.11 13.03
C GLY A 39 74.87 40.94 12.22
N GLU A 40 75.60 39.81 12.18
CA GLU A 40 75.22 38.65 11.31
C GLU A 40 74.37 37.67 12.07
N THR A 41 73.41 37.11 11.35
CA THR A 41 72.64 35.97 11.82
C THR A 41 73.09 34.84 10.92
N ILE A 42 73.58 33.74 11.49
CA ILE A 42 73.94 32.59 10.72
C ILE A 42 73.26 31.34 11.26
N HIS A 43 73.18 30.33 10.40
CA HIS A 43 72.55 29.06 10.74
C HIS A 43 73.66 28.03 10.97
N GLY A 44 73.69 27.41 12.14
CA GLY A 44 74.57 26.28 12.40
C GLY A 44 73.86 24.99 12.11
N HIS A 45 74.58 23.88 12.19
CA HIS A 45 74.09 22.60 11.79
C HIS A 45 73.92 21.66 12.93
N LYS A 46 74.34 22.07 14.13
CA LYS A 46 74.10 21.26 15.28
C LYS A 46 74.17 22.07 16.52
N PHE A 47 73.36 21.70 17.47
CA PHE A 47 73.45 22.24 18.82
C PHE A 47 73.52 21.14 19.86
N PHE A 48 74.30 21.35 20.91
CA PHE A 48 74.17 20.49 22.12
C PHE A 48 74.54 21.11 23.46
N ILE A 49 73.89 20.52 24.46
CA ILE A 49 74.01 20.82 25.83
C ILE A 49 74.93 19.87 26.55
N GLY A 50 75.71 20.40 27.44
CA GLY A 50 76.54 19.59 28.29
C GLY A 50 76.65 20.17 29.69
N PHE A 51 77.10 19.33 30.61
CA PHE A 51 77.29 19.73 32.03
C PHE A 51 78.76 20.00 32.25
N GLY A 52 79.07 21.21 32.70
CA GLY A 52 80.44 21.72 32.78
C GLY A 52 80.65 22.51 34.03
N GLY A 53 81.62 23.40 34.01
CA GLY A 53 82.09 24.02 35.27
C GLY A 53 83.25 23.19 35.89
N LYS A 54 84.36 23.86 36.20
CA LYS A 54 85.54 23.16 36.68
C LYS A 54 85.29 22.35 37.96
N GLY A 55 84.53 22.91 38.87
CA GLY A 55 84.26 22.28 40.12
C GLY A 55 83.52 20.99 39.93
N ALA A 56 82.37 21.07 39.29
CA ALA A 56 81.59 19.87 39.00
C ALA A 56 82.36 18.85 38.15
N ASN A 57 83.18 19.34 37.23
CA ASN A 57 83.94 18.42 36.40
C ASN A 57 84.90 17.59 37.21
N GLN A 58 85.62 18.24 38.11
CA GLN A 58 86.58 17.56 38.97
C GLN A 58 85.87 16.63 39.91
N CYS A 59 84.74 17.09 40.44
CA CYS A 59 83.94 16.26 41.31
C CYS A 59 83.47 14.99 40.59
N VAL A 60 83.00 15.15 39.37
CA VAL A 60 82.47 14.02 38.63
C VAL A 60 83.56 12.99 38.32
N GLN A 61 84.73 13.41 37.91
CA GLN A 61 85.81 12.42 37.68
C GLN A 61 86.15 11.65 38.93
N ALA A 62 86.23 12.36 40.06
CA ALA A 62 86.55 11.71 41.35
C ALA A 62 85.49 10.72 41.74
N ALA A 63 84.24 11.11 41.57
CA ALA A 63 83.15 10.20 41.89
C ALA A 63 83.20 8.91 41.06
N ARG A 64 83.49 9.06 39.77
CA ARG A 64 83.49 7.91 38.84
C ARG A 64 84.60 6.94 39.11
N LEU A 65 85.66 7.42 39.74
CA LEU A 65 86.70 6.54 40.18
C LEU A 65 86.37 5.77 41.46
N GLY A 66 85.27 6.12 42.10
CA GLY A 66 84.78 5.47 43.28
C GLY A 66 84.77 6.34 44.51
N ALA A 67 85.25 7.57 44.41
CA ALA A 67 85.17 8.50 45.53
C ALA A 67 83.75 8.85 45.98
N MET A 68 83.60 8.96 47.29
CA MET A 68 82.43 9.54 47.93
C MET A 68 82.69 11.02 47.96
N THR A 69 81.85 11.77 47.28
CA THR A 69 82.10 13.18 47.09
C THR A 69 80.90 14.00 47.53
N SER A 70 81.15 15.25 47.82
CA SER A 70 80.08 16.25 48.12
C SER A 70 80.43 17.54 47.34
N MET A 71 79.48 18.07 46.58
CA MET A 71 79.65 19.25 45.78
C MET A 71 78.97 20.44 46.49
N VAL A 72 79.78 21.40 46.89
CA VAL A 72 79.31 22.62 47.48
C VAL A 72 79.33 23.64 46.38
N CYS A 73 78.17 24.12 45.99
CA CYS A 73 78.05 25.05 44.89
C CYS A 73 76.72 25.76 44.94
N LYS A 74 76.50 26.68 44.00
CA LYS A 74 75.18 27.35 43.89
C LYS A 74 74.75 27.41 42.43
N VAL A 75 73.54 26.96 42.20
CA VAL A 75 72.92 27.08 40.92
C VAL A 75 71.64 27.88 41.02
N GLY A 76 71.00 28.10 39.85
CA GLY A 76 69.76 28.79 39.73
C GLY A 76 68.52 27.94 40.01
N LYS A 77 67.49 28.62 40.41
CA LYS A 77 66.16 28.05 40.48
C LYS A 77 65.42 28.08 39.13
N ASP A 78 65.96 27.32 38.20
CA ASP A 78 65.59 27.33 36.83
C ASP A 78 65.76 25.90 36.32
N SER A 79 65.39 25.68 35.05
CA SER A 79 65.60 24.39 34.36
C SER A 79 67.02 23.89 34.37
N PHE A 80 67.94 24.76 34.01
CA PHE A 80 69.37 24.40 33.98
C PHE A 80 69.87 23.97 35.33
N GLY A 81 69.42 24.66 36.37
CA GLY A 81 69.76 24.25 37.73
C GLY A 81 69.20 22.93 38.21
N ASN A 82 67.91 22.72 37.99
CA ASN A 82 67.31 21.43 38.31
C ASN A 82 67.98 20.25 37.58
N ASP A 83 68.23 20.47 36.30
CA ASP A 83 68.94 19.52 35.49
C ASP A 83 70.39 19.26 36.05
N TYR A 84 71.11 20.33 36.46
CA TYR A 84 72.43 20.15 37.04
C TYR A 84 72.37 19.24 38.31
N ILE A 85 71.40 19.52 39.18
CA ILE A 85 71.22 18.76 40.40
C ILE A 85 71.02 17.28 40.07
N GLU A 86 70.23 17.04 39.05
CA GLU A 86 69.98 15.71 38.59
C GLU A 86 71.24 15.04 38.00
N ASN A 87 72.04 15.79 37.23
CA ASN A 87 73.30 15.28 36.76
C ASN A 87 74.22 14.89 37.92
N LEU A 88 74.31 15.70 38.98
CA LEU A 88 75.16 15.35 40.10
C LEU A 88 74.66 14.08 40.76
N LYS A 89 73.35 13.98 40.96
CA LYS A 89 72.80 12.78 41.59
C LYS A 89 73.04 11.53 40.78
N GLN A 90 72.95 11.66 39.46
CA GLN A 90 73.20 10.60 38.55
C GLN A 90 74.64 10.04 38.55
N ASN A 91 75.62 10.87 38.95
CA ASN A 91 77.01 10.45 39.28
C ASN A 91 77.35 10.18 40.76
N ASP A 92 76.33 9.96 41.57
CA ASP A 92 76.46 9.62 42.99
C ASP A 92 77.18 10.65 43.85
N ILE A 93 76.96 11.92 43.54
CA ILE A 93 77.56 13.01 44.25
C ILE A 93 76.51 13.48 45.24
N SER A 94 76.91 13.73 46.47
CA SER A 94 76.04 14.34 47.41
C SER A 94 75.73 15.79 46.97
N THR A 95 74.44 16.16 47.00
CA THR A 95 73.97 17.56 46.72
C THR A 95 73.45 18.26 47.97
N GLU A 96 73.86 17.79 49.14
CA GLU A 96 73.42 18.37 50.43
C GLU A 96 73.67 19.87 50.49
N PHE A 97 74.78 20.32 49.92
CA PHE A 97 75.19 21.70 49.93
C PHE A 97 75.32 22.24 48.55
N THR A 98 74.47 21.73 47.65
CA THR A 98 74.23 22.36 46.33
C THR A 98 73.02 23.26 46.53
N TYR A 99 73.24 24.57 46.60
CA TYR A 99 72.20 25.53 46.85
C TYR A 99 71.53 25.92 45.51
N GLN A 100 70.27 26.29 45.57
CA GLN A 100 69.55 26.92 44.46
C GLN A 100 69.01 28.35 44.83
N THR A 101 69.16 29.33 43.96
CA THR A 101 68.77 30.72 44.28
C THR A 101 67.88 31.33 43.14
N LYS A 102 66.84 32.06 43.52
CA LYS A 102 66.06 32.88 42.59
C LYS A 102 66.82 34.09 42.06
N ASP A 103 67.91 34.50 42.73
CA ASP A 103 68.54 35.81 42.46
C ASP A 103 69.42 35.86 41.20
N ALA A 104 69.71 34.70 40.62
CA ALA A 104 70.52 34.65 39.40
C ALA A 104 70.33 33.34 38.72
N ALA A 105 70.57 33.35 37.43
CA ALA A 105 70.52 32.13 36.66
C ALA A 105 71.75 31.26 36.88
N THR A 106 71.55 29.95 36.71
CA THR A 106 72.62 28.99 36.70
C THR A 106 73.68 29.48 35.72
N GLY A 107 74.96 29.33 36.07
CA GLY A 107 76.04 29.79 35.25
C GLY A 107 75.98 29.15 33.87
N THR A 108 76.39 29.90 32.85
CA THR A 108 76.41 29.40 31.47
C THR A 108 77.72 29.63 30.77
N ALA A 109 78.04 28.74 29.81
CA ALA A 109 79.17 28.95 28.86
C ALA A 109 78.65 28.75 27.45
N SER A 110 78.43 29.84 26.72
CA SER A 110 77.91 29.76 25.37
C SER A 110 79.12 29.70 24.43
N ILE A 111 79.19 28.63 23.63
CA ILE A 111 80.29 28.37 22.73
C ILE A 111 79.77 28.23 21.29
N ILE A 112 80.45 28.88 20.36
CA ILE A 112 80.19 28.74 18.95
C ILE A 112 81.48 28.20 18.34
N VAL A 113 81.40 27.08 17.62
CA VAL A 113 82.55 26.41 17.05
C VAL A 113 82.39 26.22 15.52
N ASN A 114 83.43 26.57 14.78
CA ASN A 114 83.44 26.27 13.37
C ASN A 114 84.02 24.91 13.01
N ASN A 115 84.10 24.65 11.71
CA ASN A 115 84.58 23.33 11.23
C ASN A 115 86.06 23.03 11.45
N GLU A 116 86.88 24.07 11.61
CA GLU A 116 88.31 23.96 11.86
C GLU A 116 88.57 23.92 13.35
N GLY A 117 87.55 23.97 14.20
CA GLY A 117 87.74 23.92 15.67
C GLY A 117 87.96 25.27 16.39
N GLN A 118 88.11 26.37 15.63
CA GLN A 118 88.15 27.73 16.17
C GLN A 118 86.80 28.13 16.81
N ASN A 119 86.87 28.89 17.90
CA ASN A 119 85.64 29.23 18.62
C ASN A 119 85.54 30.65 19.21
N ILE A 120 84.31 30.96 19.66
CA ILE A 120 84.00 32.13 20.42
C ILE A 120 83.29 31.67 21.60
N ILE A 121 83.68 32.16 22.76
CA ILE A 121 83.05 31.72 24.03
C ILE A 121 82.64 32.89 24.92
N VAL A 122 81.45 32.78 25.50
CA VAL A 122 80.95 33.79 26.38
C VAL A 122 80.53 33.06 27.61
N ILE A 123 81.25 33.32 28.70
CA ILE A 123 80.88 32.87 30.06
C ILE A 123 80.07 33.90 30.92
N VAL A 124 79.01 33.43 31.56
CA VAL A 124 78.24 34.23 32.53
C VAL A 124 78.15 33.39 33.77
N ALA A 125 78.95 33.77 34.77
CA ALA A 125 79.07 33.02 35.99
C ALA A 125 77.81 32.88 36.81
N GLY A 126 76.97 33.88 36.74
CA GLY A 126 75.62 33.79 37.31
C GLY A 126 75.60 33.34 38.76
N ALA A 127 74.84 32.30 39.05
CA ALA A 127 74.60 31.91 40.47
C ALA A 127 75.90 31.53 41.17
N ASN A 128 76.90 31.05 40.41
CA ASN A 128 78.18 30.70 41.00
C ASN A 128 78.79 31.84 41.88
N LEU A 129 78.57 33.10 41.51
CA LEU A 129 79.15 34.22 42.24
C LEU A 129 78.41 34.55 43.49
N LEU A 130 77.27 33.91 43.71
CA LEU A 130 76.49 34.09 44.90
C LEU A 130 76.72 33.07 45.96
N LEU A 131 77.63 32.12 45.75
CA LEU A 131 78.05 31.19 46.82
C LEU A 131 78.93 31.95 47.77
N ASN A 132 78.44 32.18 48.98
CA ASN A 132 79.11 33.07 49.94
C ASN A 132 79.66 32.33 51.17
N THR A 133 80.20 33.11 52.09
CA THR A 133 80.77 32.57 53.33
C THR A 133 79.75 31.85 54.25
N GLU A 134 78.53 32.37 54.37
CA GLU A 134 77.47 31.71 55.18
C GLU A 134 77.10 30.36 54.63
N ASP A 135 77.04 30.27 53.29
CA ASP A 135 76.77 29.01 52.63
C ASP A 135 77.83 27.93 52.95
N LEU A 136 79.09 28.32 53.00
CA LEU A 136 80.16 27.43 53.42
C LEU A 136 80.09 27.00 54.88
N ARG A 137 79.72 27.95 55.77
CA ARG A 137 79.69 27.70 57.24
C ARG A 137 78.79 26.49 57.50
N ALA A 138 77.65 26.39 56.82
CA ALA A 138 76.72 25.27 57.04
C ALA A 138 77.34 23.89 56.70
N ALA A 139 78.30 23.89 55.79
CA ALA A 139 79.03 22.71 55.41
C ALA A 139 80.26 22.40 56.27
N ALA A 140 80.43 23.03 57.41
CA ALA A 140 81.67 22.91 58.17
C ALA A 140 81.98 21.48 58.62
N ASN A 141 80.91 20.72 58.91
CA ASN A 141 81.01 19.32 59.35
C ASN A 141 81.45 18.37 58.29
N VAL A 142 80.77 18.42 57.16
CA VAL A 142 81.21 17.70 55.98
C VAL A 142 82.68 18.03 55.60
N ILE A 143 83.06 19.32 55.67
CA ILE A 143 84.45 19.72 55.34
C ILE A 143 85.46 19.16 56.30
N SER A 144 85.15 19.24 57.58
CA SER A 144 86.11 18.80 58.60
C SER A 144 86.32 17.26 58.69
N ARG A 145 85.37 16.50 58.16
CA ARG A 145 85.48 15.03 58.10
C ARG A 145 86.02 14.51 56.76
N ALA A 146 86.33 15.41 55.83
CA ALA A 146 86.89 15.02 54.55
C ALA A 146 88.37 14.75 54.59
N LYS A 147 88.88 14.14 53.52
CA LYS A 147 90.31 13.90 53.31
C LYS A 147 90.90 15.00 52.44
N VAL A 148 90.14 15.45 51.44
CA VAL A 148 90.58 16.47 50.51
C VAL A 148 89.53 17.48 50.23
N MET A 149 90.00 18.69 50.08
CA MET A 149 89.19 19.81 49.69
C MET A 149 89.75 20.36 48.40
N VAL A 150 88.88 20.53 47.41
CA VAL A 150 89.29 21.02 46.08
C VAL A 150 88.62 22.36 45.78
N CYS A 151 89.40 23.33 45.34
CA CYS A 151 88.87 24.61 44.85
C CYS A 151 89.48 25.11 43.55
N GLN A 152 88.76 26.02 42.89
CA GLN A 152 89.24 26.70 41.69
C GLN A 152 88.94 28.23 41.78
N LEU A 153 89.01 28.91 40.65
CA LEU A 153 88.76 30.34 40.60
C LEU A 153 87.58 30.72 39.66
N GLU A 154 86.53 29.91 39.67
CA GLU A 154 85.30 30.24 38.94
C GLU A 154 84.19 30.71 39.90
N ILE A 155 84.43 30.78 41.21
CA ILE A 155 83.49 31.35 42.16
C ILE A 155 84.18 32.58 42.71
N THR A 156 83.51 33.27 43.59
CA THR A 156 84.11 34.42 44.26
C THR A 156 85.43 34.00 44.95
N PRO A 157 86.54 34.70 44.65
CA PRO A 157 87.81 34.26 45.22
C PRO A 157 87.75 34.15 46.74
N ALA A 158 87.12 35.13 47.39
CA ALA A 158 87.00 35.14 48.86
C ALA A 158 86.35 33.87 49.40
N THR A 159 85.43 33.28 48.67
CA THR A 159 84.77 32.06 49.10
C THR A 159 85.73 30.87 49.00
N SER A 160 86.43 30.74 47.87
CA SER A 160 87.42 29.66 47.75
C SER A 160 88.43 29.77 48.88
N LEU A 161 88.86 30.99 49.13
CA LEU A 161 89.90 31.25 50.11
C LEU A 161 89.45 30.85 51.52
N GLU A 162 88.17 31.07 51.83
CA GLU A 162 87.60 30.64 53.10
C GLU A 162 87.46 29.14 53.17
N ALA A 163 87.07 28.53 52.05
CA ALA A 163 87.04 27.06 51.97
C ALA A 163 88.41 26.39 52.27
N LEU A 164 89.46 26.92 51.67
CA LEU A 164 90.81 26.47 51.96
C LEU A 164 91.17 26.64 53.41
N THR A 165 90.82 27.80 53.98
CA THR A 165 91.13 28.14 55.39
C THR A 165 90.44 27.16 56.33
N MET A 166 89.19 26.77 56.02
CA MET A 166 88.42 25.81 56.87
C MET A 166 88.98 24.42 56.84
N ALA A 167 89.35 24.00 55.65
CA ALA A 167 90.06 22.72 55.47
C ALA A 167 91.39 22.66 56.23
N ARG A 168 92.21 23.70 56.08
CA ARG A 168 93.48 23.77 56.80
C ARG A 168 93.33 23.64 58.30
N ARG A 169 92.38 24.41 58.85
CA ARG A 169 92.09 24.43 60.30
C ARG A 169 91.76 23.03 60.82
N SER A 170 91.08 22.26 60.01
CA SER A 170 90.67 20.89 60.37
C SER A 170 91.66 19.78 59.91
N GLY A 171 92.87 20.14 59.47
CA GLY A 171 93.85 19.17 59.00
C GLY A 171 93.56 18.49 57.66
N VAL A 172 92.63 19.04 56.87
CA VAL A 172 92.19 18.46 55.60
C VAL A 172 93.09 18.95 54.46
N LYS A 173 93.42 18.05 53.56
CA LYS A 173 94.39 18.36 52.51
C LYS A 173 93.78 19.27 51.46
N THR A 174 94.49 20.33 51.08
CA THR A 174 93.96 21.32 50.16
C THR A 174 94.56 21.14 48.77
N LEU A 175 93.69 21.06 47.76
CA LEU A 175 94.09 20.92 46.38
C LEU A 175 93.46 22.12 45.67
N PHE A 176 94.32 23.04 45.20
CA PHE A 176 93.91 24.28 44.59
C PHE A 176 94.36 24.37 43.14
N ASN A 177 93.41 24.68 42.28
CA ASN A 177 93.56 24.77 40.81
C ASN A 177 93.22 26.21 40.40
N PRO A 178 94.23 27.11 40.24
CA PRO A 178 93.97 28.55 40.03
C PRO A 178 93.57 28.81 38.57
N ALA A 179 92.32 28.46 38.26
CA ALA A 179 91.83 28.42 36.91
C ALA A 179 90.41 28.96 36.84
N PRO A 180 90.17 29.91 35.93
CA PRO A 180 91.15 30.58 35.06
C PRO A 180 92.03 31.44 35.93
N ALA A 181 93.24 31.69 35.48
CA ALA A 181 94.23 32.42 36.28
C ALA A 181 94.07 33.96 36.22
N ILE A 182 94.30 34.61 37.37
CA ILE A 182 94.27 36.05 37.54
C ILE A 182 95.71 36.51 37.79
N ALA A 183 96.09 37.64 37.19
CA ALA A 183 97.47 38.16 37.31
C ALA A 183 97.90 38.50 38.75
N ASP A 184 97.03 39.12 39.53
CA ASP A 184 97.43 39.54 40.87
C ASP A 184 96.70 38.73 41.94
N LEU A 185 96.92 37.42 41.89
CA LEU A 185 96.35 36.48 42.85
C LEU A 185 96.76 36.73 44.30
N ASP A 186 95.80 36.74 45.22
CA ASP A 186 96.05 36.89 46.67
C ASP A 186 97.12 35.83 47.07
N PRO A 187 98.26 36.27 47.67
CA PRO A 187 99.30 35.28 48.09
C PRO A 187 98.84 34.26 49.15
N GLN A 188 97.75 34.55 49.89
CA GLN A 188 97.19 33.56 50.81
C GLN A 188 96.83 32.25 50.10
N PHE A 189 96.46 32.31 48.81
CA PHE A 189 96.22 31.09 48.04
C PHE A 189 97.43 30.19 48.00
N TYR A 190 98.63 30.74 47.84
CA TYR A 190 99.84 29.91 47.80
C TYR A 190 100.11 29.18 49.14
N THR A 191 100.08 29.93 50.25
CA THR A 191 100.36 29.37 51.56
C THR A 191 99.26 28.45 52.07
N LEU A 192 98.04 28.56 51.57
CA LEU A 192 96.95 27.62 51.93
C LEU A 192 96.82 26.37 51.02
N SER A 193 97.74 26.21 50.07
CA SER A 193 97.71 25.13 49.11
C SER A 193 98.73 24.02 49.42
N ASP A 194 98.22 22.84 49.81
CA ASP A 194 99.07 21.65 49.99
C ASP A 194 99.53 21.17 48.62
N VAL A 195 98.62 21.24 47.67
CA VAL A 195 98.92 20.90 46.30
C VAL A 195 98.33 21.98 45.38
N PHE A 196 99.18 22.59 44.55
CA PHE A 196 98.83 23.68 43.69
C PHE A 196 99.07 23.22 42.26
N CYS A 197 98.01 23.17 41.45
CA CYS A 197 98.05 22.54 40.13
C CYS A 197 97.41 23.45 39.07
N CYS A 198 98.19 23.78 38.02
CA CYS A 198 97.71 24.58 36.94
C CYS A 198 98.32 24.18 35.61
N ASN A 199 97.84 24.75 34.52
CA ASN A 199 98.43 24.47 33.22
C ASN A 199 99.47 25.49 32.81
N GLU A 200 100.02 25.30 31.61
CA GLU A 200 101.09 26.13 31.09
C GLU A 200 100.74 27.60 30.98
N SER A 201 99.64 27.89 30.29
CA SER A 201 99.30 29.29 30.06
C SER A 201 98.88 29.97 31.37
N GLU A 202 98.34 29.22 32.31
CA GLU A 202 98.03 29.73 33.66
C GLU A 202 99.30 30.08 34.45
N ALA A 203 100.33 29.26 34.30
CA ALA A 203 101.61 29.54 34.92
C ALA A 203 102.28 30.79 34.35
N GLU A 204 102.08 31.03 33.04
CA GLU A 204 102.52 32.28 32.41
C GLU A 204 101.88 33.51 33.06
N ILE A 205 100.56 33.47 33.25
CA ILE A 205 99.84 34.57 33.85
C ILE A 205 100.28 34.80 35.31
N LEU A 206 100.40 33.73 36.09
CA LEU A 206 100.73 33.87 37.53
C LEU A 206 102.15 34.32 37.83
N THR A 207 103.08 34.03 36.93
CA THR A 207 104.52 34.27 37.14
C THR A 207 105.13 35.33 36.23
N GLY A 208 104.43 35.71 35.17
CA GLY A 208 104.95 36.62 34.16
C GLY A 208 106.00 36.02 33.25
N LEU A 209 106.25 34.70 33.34
CA LEU A 209 107.30 34.00 32.55
C LEU A 209 106.71 33.34 31.32
N THR A 210 107.54 33.06 30.31
CA THR A 210 107.11 32.30 29.13
C THR A 210 107.23 30.83 29.41
N VAL A 211 106.29 30.04 28.91
CA VAL A 211 106.30 28.59 29.09
C VAL A 211 106.05 27.86 27.75
N GLY A 212 107.12 27.73 26.95
CA GLY A 212 107.15 26.93 25.72
C GLY A 212 107.42 25.45 25.99
N SER A 213 108.61 25.15 26.53
CA SER A 213 109.01 23.75 26.86
C SER A 213 108.62 23.23 28.28
N ALA A 214 109.02 21.99 28.56
CA ALA A 214 108.94 21.41 29.90
C ALA A 214 110.01 21.96 30.87
N ALA A 215 111.17 22.35 30.34
CA ALA A 215 112.22 23.02 31.16
C ALA A 215 111.73 24.39 31.65
N ASP A 216 111.03 25.13 30.78
CA ASP A 216 110.44 26.42 31.15
C ASP A 216 109.42 26.23 32.27
N ALA A 217 108.60 25.19 32.15
CA ALA A 217 107.55 24.91 33.13
C ALA A 217 108.16 24.65 34.50
N GLY A 218 109.30 23.95 34.50
CA GLY A 218 110.05 23.69 35.72
C GLY A 218 110.47 24.97 36.41
N GLU A 219 110.96 25.93 35.64
CA GLU A 219 111.35 27.22 36.19
C GLU A 219 110.16 28.02 36.71
N ALA A 220 109.05 28.02 35.99
CA ALA A 220 107.83 28.72 36.46
C ALA A 220 107.28 28.10 37.74
N ALA A 221 107.30 26.76 37.78
CA ALA A 221 106.91 26.00 38.94
C ALA A 221 107.74 26.32 40.18
N LEU A 222 109.04 26.57 39.99
CA LEU A 222 109.94 26.95 41.10
C LEU A 222 109.57 28.31 41.72
N VAL A 223 109.20 29.27 40.88
CA VAL A 223 108.72 30.57 41.37
C VAL A 223 107.47 30.37 42.25
N LEU A 224 106.54 29.53 41.78
CA LEU A 224 105.29 29.29 42.52
C LEU A 224 105.55 28.58 43.84
N LEU A 225 106.51 27.65 43.83
CA LEU A 225 106.89 26.91 45.01
C LEU A 225 107.39 27.87 46.07
N LYS A 226 108.27 28.78 45.65
CA LYS A 226 108.89 29.74 46.60
C LYS A 226 107.94 30.79 47.17
N ARG A 227 106.75 30.93 46.57
CA ARG A 227 105.66 31.73 47.15
C ARG A 227 104.85 31.05 48.28
N GLY A 228 105.11 29.77 48.55
CA GLY A 228 104.61 29.10 49.75
C GLY A 228 103.84 27.81 49.53
N CYS A 229 103.69 27.36 48.29
CA CYS A 229 103.01 26.09 48.05
C CYS A 229 103.86 24.93 48.59
N GLN A 230 103.23 23.91 49.17
CA GLN A 230 103.91 22.65 49.49
C GLN A 230 104.34 21.90 48.23
N VAL A 231 103.41 21.76 47.29
CA VAL A 231 103.63 20.99 46.08
C VAL A 231 103.08 21.79 44.91
N VAL A 232 103.82 21.82 43.81
CA VAL A 232 103.41 22.46 42.59
C VAL A 232 103.45 21.48 41.44
N ILE A 233 102.32 21.37 40.71
CA ILE A 233 102.21 20.53 39.53
C ILE A 233 101.77 21.38 38.38
N ILE A 234 102.48 21.31 37.27
CA ILE A 234 102.07 22.02 36.07
C ILE A 234 101.75 21.05 34.95
N THR A 235 100.49 21.05 34.50
CA THR A 235 100.06 20.16 33.42
C THR A 235 100.54 20.70 32.08
N LEU A 236 100.84 19.80 31.15
CA LEU A 236 101.53 20.12 29.90
C LEU A 236 100.93 19.40 28.69
N GLY A 237 99.63 19.19 28.68
CA GLY A 237 98.96 18.54 27.53
C GLY A 237 99.55 17.19 27.20
N ALA A 238 99.92 17.01 25.95
CA ALA A 238 100.54 15.74 25.49
C ALA A 238 101.91 15.39 26.13
N GLU A 239 102.58 16.38 26.72
CA GLU A 239 103.83 16.16 27.42
C GLU A 239 103.64 15.67 28.86
N GLY A 240 102.42 15.54 29.34
CA GLY A 240 102.15 15.01 30.68
C GLY A 240 102.15 16.12 31.71
N CYS A 241 103.05 16.05 32.69
CA CYS A 241 103.12 17.07 33.73
C CYS A 241 104.48 17.19 34.36
N VAL A 242 104.68 18.26 35.13
CA VAL A 242 105.88 18.48 35.89
C VAL A 242 105.53 18.72 37.34
N VAL A 243 106.32 18.16 38.25
CA VAL A 243 106.08 18.31 39.68
C VAL A 243 107.33 18.71 40.48
N LEU A 244 107.12 19.55 41.52
CA LEU A 244 108.13 19.94 42.50
C LEU A 244 107.50 19.94 43.88
N SER A 245 108.30 19.76 44.92
CA SER A 245 107.81 19.89 46.27
C SER A 245 108.84 20.60 47.14
N GLN A 246 108.43 21.00 48.33
CA GLN A 246 109.36 21.69 49.25
C GLN A 246 110.52 20.74 49.58
N THR A 247 110.20 19.44 49.80
CA THR A 247 111.22 18.42 50.13
C THR A 247 112.01 17.99 48.88
N GLU A 248 111.43 18.10 47.68
CA GLU A 248 112.15 17.76 46.43
C GLU A 248 111.96 18.83 45.36
N PRO A 249 112.65 19.97 45.52
CA PRO A 249 112.44 21.13 44.65
C PRO A 249 112.99 21.00 43.22
N GLU A 250 113.70 19.94 42.89
CA GLU A 250 114.14 19.79 41.50
C GLU A 250 113.00 19.34 40.62
N PRO A 251 112.81 20.01 39.46
CA PRO A 251 111.69 19.62 38.59
C PRO A 251 111.74 18.15 38.16
N LYS A 252 110.62 17.41 38.28
CA LYS A 252 110.49 16.04 37.80
C LYS A 252 109.42 16.02 36.70
N HIS A 253 109.85 15.76 35.47
CA HIS A 253 108.99 15.66 34.31
C HIS A 253 108.40 14.23 34.28
N ILE A 254 107.08 14.11 34.28
CA ILE A 254 106.37 12.83 34.13
C ILE A 254 105.70 12.78 32.73
N PRO A 255 106.31 12.10 31.75
CA PRO A 255 105.66 12.04 30.45
C PRO A 255 104.50 11.05 30.44
N THR A 256 103.78 10.98 29.31
CA THR A 256 102.59 10.12 29.17
C THR A 256 102.61 9.49 27.76
N GLU A 257 102.01 8.32 27.61
CA GLU A 257 101.91 7.65 26.31
C GLU A 257 101.13 8.54 25.31
N LYS A 258 101.69 8.71 24.10
CA LYS A 258 101.04 9.37 22.94
C LYS A 258 99.73 8.66 22.62
N VAL A 259 98.66 9.45 22.41
CA VAL A 259 97.35 8.92 21.95
C VAL A 259 96.74 9.84 20.86
N LYS A 260 95.87 9.29 19.99
CA LYS A 260 95.08 10.10 19.02
C LYS A 260 94.00 10.85 19.84
N ALA A 261 94.28 12.12 20.09
CA ALA A 261 93.37 13.02 20.81
C ALA A 261 92.15 13.35 19.97
N VAL A 262 90.97 12.93 20.42
CA VAL A 262 89.70 13.31 19.78
C VAL A 262 89.24 14.69 20.28
N ASP A 263 89.26 14.89 21.61
CA ASP A 263 88.78 16.11 22.21
C ASP A 263 89.36 16.29 23.64
N THR A 264 90.23 17.31 23.79
CA THR A 264 90.94 17.61 25.05
C THR A 264 90.17 18.54 26.04
N THR A 265 88.94 18.92 25.69
CA THR A 265 88.15 19.80 26.51
C THR A 265 87.90 19.13 27.83
N GLY A 266 88.24 19.83 28.89
CA GLY A 266 88.05 19.28 30.26
C GLY A 266 89.05 18.26 30.75
N ALA A 267 90.12 18.07 30.00
CA ALA A 267 91.12 17.06 30.37
C ALA A 267 91.84 17.45 31.66
N GLY A 268 92.05 18.76 31.84
CA GLY A 268 92.66 19.25 33.09
C GLY A 268 91.84 18.96 34.31
N ASP A 269 90.53 19.03 34.14
CA ASP A 269 89.60 18.71 35.22
C ASP A 269 89.57 17.24 35.51
N SER A 270 89.69 16.40 34.48
CA SER A 270 89.87 14.94 34.69
C SER A 270 91.15 14.65 35.50
N PHE A 271 92.25 15.28 35.11
CA PHE A 271 93.50 15.11 35.83
C PHE A 271 93.37 15.48 37.32
N VAL A 272 92.80 16.64 37.60
CA VAL A 272 92.70 17.13 38.96
C VAL A 272 91.73 16.30 39.81
N GLY A 273 90.60 15.90 39.25
CA GLY A 273 89.69 15.02 39.94
C GLY A 273 90.37 13.70 40.29
N ALA A 274 91.17 13.14 39.36
CA ALA A 274 91.86 11.90 39.61
C ALA A 274 92.84 12.06 40.71
N LEU A 275 93.56 13.15 40.66
CA LEU A 275 94.49 13.45 41.71
C LEU A 275 93.79 13.55 43.11
N ALA A 276 92.60 14.17 43.17
CA ALA A 276 91.83 14.27 44.41
C ALA A 276 91.45 12.91 44.93
N PHE A 277 91.06 12.06 44.00
CA PHE A 277 90.77 10.67 44.31
C PHE A 277 91.93 9.97 44.97
N TYR A 278 93.11 10.09 44.35
CA TYR A 278 94.32 9.41 44.89
C TYR A 278 94.77 10.00 46.21
N LEU A 279 94.69 11.33 46.34
CA LEU A 279 95.07 11.98 47.63
C LEU A 279 94.22 11.50 48.80
N ALA A 280 92.96 11.28 48.49
CA ALA A 280 92.00 10.89 49.48
C ALA A 280 91.99 9.39 49.84
N TYR A 281 92.09 8.50 48.87
CA TYR A 281 91.96 7.07 49.08
C TYR A 281 93.23 6.29 49.01
N TYR A 282 94.28 6.85 48.40
CA TYR A 282 95.61 6.21 48.31
C TYR A 282 96.74 7.11 48.87
N PRO A 283 96.60 7.59 50.13
CA PRO A 283 97.50 8.63 50.60
C PRO A 283 98.97 8.18 50.67
N ASN A 284 99.20 6.88 50.77
CA ASN A 284 100.58 6.32 50.82
C ASN A 284 101.36 6.19 49.52
N LEU A 285 100.69 6.33 48.38
CA LEU A 285 101.38 6.30 47.10
C LEU A 285 102.34 7.46 47.02
N SER A 286 103.48 7.24 46.36
CA SER A 286 104.34 8.33 46.04
C SER A 286 103.57 9.29 45.13
N LEU A 287 104.03 10.52 45.11
CA LEU A 287 103.43 11.58 44.33
C LEU A 287 103.60 11.28 42.85
N GLU A 288 104.78 10.82 42.49
CA GLU A 288 105.11 10.42 41.14
C GLU A 288 104.15 9.36 40.58
N ASP A 289 103.84 8.39 41.42
CA ASP A 289 102.88 7.36 41.13
C ASP A 289 101.47 7.95 40.90
N MET A 290 101.00 8.80 41.81
CA MET A 290 99.66 9.43 41.66
C MET A 290 99.55 10.11 40.30
N LEU A 291 100.63 10.75 39.88
CA LEU A 291 100.61 11.60 38.70
C LEU A 291 100.68 10.78 37.47
N ASN A 292 101.41 9.66 37.52
CA ASN A 292 101.32 8.72 36.43
C ASN A 292 99.90 8.21 36.16
N ARG A 293 99.23 7.83 37.25
CA ARG A 293 97.86 7.33 37.19
C ARG A 293 96.90 8.43 36.74
N SER A 294 97.15 9.64 37.23
CA SER A 294 96.29 10.81 36.92
C SER A 294 96.47 11.23 35.44
N ASN A 295 97.72 11.25 34.96
CA ASN A 295 98.00 11.36 33.54
C ASN A 295 97.25 10.33 32.70
N PHE A 296 97.28 9.06 33.11
CA PHE A 296 96.64 8.01 32.35
C PHE A 296 95.12 8.22 32.24
N ILE A 297 94.47 8.56 33.34
CA ILE A 297 93.05 8.73 33.37
C ILE A 297 92.67 9.92 32.51
N ALA A 298 93.41 11.01 32.62
CA ALA A 298 93.12 12.16 31.82
C ALA A 298 93.27 11.87 30.32
N ALA A 299 94.25 11.06 30.00
CA ALA A 299 94.49 10.68 28.63
C ALA A 299 93.39 9.80 28.07
N VAL A 300 92.76 8.98 28.90
CA VAL A 300 91.55 8.27 28.47
C VAL A 300 90.44 9.29 28.06
N SER A 301 90.27 10.35 28.85
CA SER A 301 89.29 11.37 28.58
C SER A 301 89.51 12.08 27.25
N VAL A 302 90.78 12.30 26.83
CA VAL A 302 91.02 13.01 25.56
C VAL A 302 90.65 12.19 24.36
N GLN A 303 90.41 10.92 24.57
CA GLN A 303 90.07 10.01 23.46
C GLN A 303 88.62 10.00 23.08
N ALA A 304 87.82 10.81 23.74
CA ALA A 304 86.38 10.89 23.42
C ALA A 304 85.90 12.30 23.55
N ALA A 305 84.82 12.56 22.87
CA ALA A 305 84.16 13.87 22.97
C ALA A 305 83.32 14.01 24.24
N GLY A 306 83.00 15.25 24.59
CA GLY A 306 81.87 15.56 25.46
C GLY A 306 82.16 15.97 26.91
N THR A 307 83.42 16.28 27.25
CA THR A 307 83.79 16.73 28.60
C THR A 307 83.42 15.65 29.64
N GLN A 308 82.41 15.88 30.48
CA GLN A 308 82.06 14.92 31.51
C GLN A 308 81.76 13.53 30.91
N SER A 309 81.09 13.46 29.76
CA SER A 309 80.74 12.13 29.28
C SER A 309 81.97 11.36 28.83
N SER A 310 83.11 12.04 28.62
CA SER A 310 84.37 11.36 28.28
C SER A 310 85.19 10.90 29.49
N TYR A 311 84.78 11.25 30.71
CA TYR A 311 85.50 10.86 31.90
C TYR A 311 85.25 9.40 32.24
N PRO A 312 86.30 8.59 32.37
CA PRO A 312 86.11 7.13 32.54
C PRO A 312 85.64 6.71 33.95
N TYR A 313 84.85 5.63 34.02
CA TYR A 313 84.47 5.01 35.27
C TYR A 313 85.55 4.03 35.63
N LYS A 314 85.63 3.75 36.91
CA LYS A 314 86.49 2.73 37.42
C LYS A 314 86.35 1.38 36.72
N LYS A 315 85.14 0.90 36.59
CA LYS A 315 84.91 -0.40 35.95
C LYS A 315 85.55 -0.48 34.53
N ASP A 316 85.75 0.63 33.84
CA ASP A 316 86.31 0.64 32.46
C ASP A 316 87.82 0.88 32.41
N LEU A 317 88.47 0.89 33.57
CA LEU A 317 89.88 1.20 33.64
C LEU A 317 90.66 -0.03 34.07
N PRO A 318 91.93 -0.13 33.65
CA PRO A 318 92.75 -1.20 34.14
C PRO A 318 92.75 -1.32 35.65
N LEU A 319 92.67 -2.54 36.15
CA LEU A 319 92.66 -2.75 37.62
C LEU A 319 93.76 -2.09 38.51
N THR A 320 94.81 -1.51 37.97
CA THR A 320 95.89 -0.95 38.74
C THR A 320 95.88 0.63 38.86
N GLU B 14 34.01 25.91 20.92
CA GLU B 14 34.97 24.94 21.60
C GLU B 14 36.26 24.59 20.67
N VAL B 15 36.11 24.75 19.36
CA VAL B 15 37.14 24.45 18.30
C VAL B 15 38.18 25.53 17.92
N ALA B 16 39.42 25.12 17.63
CA ALA B 16 40.46 26.13 17.34
C ALA B 16 40.22 26.91 16.05
N ALA B 17 40.32 28.23 16.14
CA ALA B 17 40.06 29.12 15.00
C ALA B 17 41.31 29.62 14.29
N VAL B 18 42.41 29.64 15.00
CA VAL B 18 43.70 30.00 14.45
C VAL B 18 44.66 28.83 14.62
N VAL B 19 45.23 28.35 13.50
CA VAL B 19 46.16 27.23 13.51
C VAL B 19 47.43 27.75 13.00
N VAL B 20 48.48 27.53 13.77
CA VAL B 20 49.80 27.96 13.35
C VAL B 20 50.69 26.77 13.09
N VAL B 21 51.23 26.65 11.90
CA VAL B 21 52.17 25.61 11.56
C VAL B 21 53.53 26.26 11.41
N GLY B 22 54.40 25.96 12.34
CA GLY B 22 55.71 26.56 12.29
C GLY B 22 56.56 26.23 13.48
N SER B 23 57.39 27.19 13.85
CA SER B 23 58.60 26.93 14.66
C SER B 23 58.44 27.32 16.14
N CYS B 24 59.06 26.53 17.01
CA CYS B 24 59.36 26.89 18.37
C CYS B 24 60.89 26.87 18.48
N MET B 25 61.46 27.89 19.10
CA MET B 25 62.87 27.96 19.43
C MET B 25 63.10 28.50 20.83
N THR B 26 64.12 27.95 21.49
CA THR B 26 64.59 28.48 22.75
C THR B 26 65.65 29.55 22.53
N ASP B 27 65.45 30.74 23.07
CA ASP B 27 66.38 31.84 22.86
C ASP B 27 67.32 31.80 24.04
N LEU B 28 68.61 31.82 23.73
CA LEU B 28 69.67 31.78 24.74
C LEU B 28 70.50 33.05 24.59
N VAL B 29 70.38 33.97 25.51
CA VAL B 29 70.92 35.33 25.31
C VAL B 29 71.97 35.71 26.42
N SER B 30 73.16 36.14 25.97
CA SER B 30 74.25 36.55 26.84
C SER B 30 74.54 37.98 26.53
N LEU B 31 74.53 38.83 27.54
CA LEU B 31 74.91 40.25 27.38
C LEU B 31 76.37 40.50 27.82
N THR B 32 77.12 41.29 27.03
CA THR B 32 78.55 41.52 27.21
C THR B 32 78.83 42.93 26.92
N SER B 33 80.03 43.38 27.22
CA SER B 33 80.33 44.79 26.92
C SER B 33 80.82 44.87 25.47
N ARG B 34 81.82 44.06 25.11
CA ARG B 34 82.24 43.91 23.72
C ARG B 34 81.87 42.52 23.23
N LEU B 35 81.69 42.39 21.91
CA LEU B 35 81.52 41.10 21.25
C LEU B 35 82.90 40.42 21.15
N PRO B 36 82.95 39.12 21.26
CA PRO B 36 84.20 38.39 21.11
C PRO B 36 84.69 38.17 19.68
N LYS B 37 85.99 38.38 19.51
CA LYS B 37 86.75 38.04 18.31
C LYS B 37 87.11 36.55 18.29
N THR B 38 87.44 36.03 17.12
CA THR B 38 87.86 34.62 17.00
C THR B 38 88.89 34.17 18.04
N GLY B 39 88.68 32.98 18.59
CA GLY B 39 89.55 32.43 19.61
C GLY B 39 89.44 33.02 21.00
N GLU B 40 88.59 34.02 21.20
CA GLU B 40 88.49 34.70 22.50
C GLU B 40 87.47 34.02 23.42
N THR B 41 87.79 34.01 24.71
CA THR B 41 86.86 33.71 25.78
C THR B 41 86.61 35.04 26.54
N ILE B 42 85.35 35.47 26.64
CA ILE B 42 85.00 36.65 27.37
C ILE B 42 83.91 36.35 28.37
N HIS B 43 83.76 37.26 29.32
CA HIS B 43 82.79 37.13 30.36
C HIS B 43 81.73 38.15 30.13
N GLY B 44 80.50 37.73 30.09
CA GLY B 44 79.41 38.64 30.04
C GLY B 44 78.90 38.90 31.44
N HIS B 45 77.94 39.83 31.54
CA HIS B 45 77.37 40.23 32.79
C HIS B 45 75.94 39.77 33.05
N LYS B 46 75.29 39.13 32.07
CA LYS B 46 73.93 38.58 32.27
C LYS B 46 73.57 37.55 31.18
N PHE B 47 72.85 36.52 31.59
CA PHE B 47 72.33 35.54 30.71
C PHE B 47 70.85 35.40 30.94
N PHE B 48 70.09 35.22 29.85
CA PHE B 48 68.70 34.76 30.01
C PHE B 48 68.14 33.92 28.88
N ILE B 49 67.17 33.12 29.29
CA ILE B 49 66.37 32.28 28.46
C ILE B 49 65.03 32.90 28.08
N GLY B 50 64.57 32.67 26.89
CA GLY B 50 63.27 33.05 26.51
C GLY B 50 62.66 32.06 25.53
N PHE B 51 61.34 32.09 25.44
CA PHE B 51 60.62 31.24 24.50
C PHE B 51 60.35 32.05 23.21
N GLY B 52 60.84 31.54 22.09
CA GLY B 52 60.88 32.24 20.82
C GLY B 52 60.46 31.35 19.67
N GLY B 53 60.91 31.68 18.48
CA GLY B 53 60.41 31.04 17.26
C GLY B 53 59.19 31.80 16.74
N LYS B 54 59.20 32.13 15.46
CA LYS B 54 58.19 32.96 14.92
C LYS B 54 56.78 32.37 15.03
N GLY B 55 56.66 31.07 14.76
CA GLY B 55 55.40 30.38 14.81
C GLY B 55 54.81 30.46 16.20
N ALA B 56 55.57 30.04 17.21
CA ALA B 56 55.07 30.12 18.58
C ALA B 56 54.81 31.58 19.06
N ASN B 57 55.64 32.54 18.62
CA ASN B 57 55.39 33.90 18.98
C ASN B 57 54.07 34.41 18.47
N GLN B 58 53.78 34.10 17.22
CA GLN B 58 52.52 34.55 16.62
C GLN B 58 51.35 33.89 17.28
N CYS B 59 51.49 32.59 17.52
CA CYS B 59 50.46 31.87 18.21
C CYS B 59 50.16 32.47 19.60
N VAL B 60 51.22 32.83 20.34
CA VAL B 60 51.07 33.31 21.69
C VAL B 60 50.35 34.64 21.65
N GLN B 61 50.71 35.53 20.75
CA GLN B 61 50.00 36.77 20.76
C GLN B 61 48.49 36.54 20.51
N ALA B 62 48.17 35.70 19.53
CA ALA B 62 46.79 35.47 19.15
C ALA B 62 46.04 34.90 20.34
N ALA B 63 46.66 33.95 21.03
CA ALA B 63 46.00 33.32 22.16
C ALA B 63 45.67 34.34 23.27
N ARG B 64 46.59 35.25 23.51
CA ARG B 64 46.45 36.24 24.55
C ARG B 64 45.41 37.28 24.27
N LEU B 65 45.07 37.45 23.01
CA LEU B 65 43.96 38.27 22.63
C LEU B 65 42.61 37.59 22.81
N GLY B 66 42.64 36.29 23.07
CA GLY B 66 41.44 35.51 23.30
C GLY B 66 41.21 34.44 22.27
N ALA B 67 42.01 34.34 21.23
CA ALA B 67 41.86 33.28 20.25
C ALA B 67 42.04 31.90 20.86
N MET B 68 41.21 31.00 20.39
CA MET B 68 41.43 29.58 20.52
C MET B 68 42.41 29.10 19.44
N THR B 69 43.58 28.62 19.85
CA THR B 69 44.66 28.37 18.94
C THR B 69 45.15 26.93 19.10
N SER B 70 45.79 26.42 18.03
CA SER B 70 46.48 25.16 18.06
C SER B 70 47.84 25.38 17.38
N MET B 71 48.90 24.93 18.04
CA MET B 71 50.26 25.03 17.53
C MET B 71 50.75 23.68 16.97
N VAL B 72 50.96 23.64 15.66
CA VAL B 72 51.46 22.46 15.01
C VAL B 72 52.92 22.70 14.84
N CYS B 73 53.72 21.91 15.51
CA CYS B 73 55.19 22.13 15.48
C CYS B 73 55.89 20.89 15.97
N LYS B 74 57.22 20.91 15.91
CA LYS B 74 58.03 19.78 16.45
C LYS B 74 59.19 20.23 17.31
N VAL B 75 59.25 19.70 18.52
CA VAL B 75 60.36 19.99 19.38
C VAL B 75 61.10 18.70 19.72
N GLY B 76 62.18 18.87 20.50
CA GLY B 76 62.97 17.80 21.01
C GLY B 76 62.42 17.12 22.25
N LYS B 77 62.84 15.88 22.39
CA LYS B 77 62.61 15.13 23.59
C LYS B 77 63.78 15.43 24.54
N ASP B 78 63.80 16.65 25.01
CA ASP B 78 64.82 17.18 25.88
C ASP B 78 64.12 18.25 26.82
N SER B 79 64.91 18.85 27.70
CA SER B 79 64.44 19.83 28.70
C SER B 79 63.82 21.02 28.06
N PHE B 80 64.51 21.52 27.04
CA PHE B 80 63.99 22.69 26.30
C PHE B 80 62.62 22.39 25.71
N GLY B 81 62.45 21.18 25.17
CA GLY B 81 61.18 20.79 24.58
C GLY B 81 60.03 20.63 25.54
N ASN B 82 60.29 19.95 26.65
CA ASN B 82 59.28 19.85 27.71
C ASN B 82 58.85 21.23 28.22
N ASP B 83 59.86 22.10 28.43
CA ASP B 83 59.62 23.46 28.85
C ASP B 83 58.79 24.21 27.82
N TYR B 84 59.10 24.04 26.54
CA TYR B 84 58.34 24.69 25.51
C TYR B 84 56.86 24.28 25.53
N ILE B 85 56.63 22.99 25.65
CA ILE B 85 55.25 22.46 25.76
C ILE B 85 54.54 23.11 26.91
N GLU B 86 55.23 23.24 28.03
CA GLU B 86 54.66 23.85 29.23
C GLU B 86 54.36 25.34 29.01
N ASN B 87 55.23 26.04 28.32
CA ASN B 87 54.95 27.41 27.95
C ASN B 87 53.70 27.54 27.07
N LEU B 88 53.52 26.67 26.09
CA LEU B 88 52.35 26.76 25.27
C LEU B 88 51.10 26.50 26.11
N LYS B 89 51.15 25.50 26.98
CA LYS B 89 49.98 25.23 27.83
C LYS B 89 49.59 26.37 28.76
N GLN B 90 50.59 27.04 29.26
CA GLN B 90 50.41 28.19 30.11
C GLN B 90 49.73 29.36 29.46
N ASN B 91 49.89 29.50 28.17
CA ASN B 91 49.14 30.44 27.35
C ASN B 91 47.82 29.96 26.72
N ASP B 92 47.27 28.85 27.21
CA ASP B 92 46.05 28.22 26.66
C ASP B 92 46.08 27.86 25.16
N ILE B 93 47.24 27.42 24.67
CA ILE B 93 47.40 26.94 23.32
C ILE B 93 47.24 25.41 23.33
N SER B 94 46.47 24.88 22.39
CA SER B 94 46.38 23.45 22.22
C SER B 94 47.76 22.92 21.72
N THR B 95 48.24 21.85 22.38
CA THR B 95 49.46 21.13 22.00
C THR B 95 49.16 19.74 21.48
N GLU B 96 47.94 19.53 20.96
CA GLU B 96 47.51 18.25 20.39
C GLU B 96 48.48 17.79 19.28
N PHE B 97 48.98 18.75 18.48
CA PHE B 97 49.89 18.48 17.36
C PHE B 97 51.23 19.19 17.52
N THR B 98 51.66 19.32 18.77
CA THR B 98 53.01 19.66 19.11
C THR B 98 53.68 18.31 19.32
N TYR B 99 54.47 17.92 18.33
CA TYR B 99 55.24 16.66 18.35
C TYR B 99 56.61 16.80 19.11
N GLN B 100 57.05 15.70 19.71
CA GLN B 100 58.41 15.60 20.28
C GLN B 100 59.19 14.49 19.61
N THR B 101 60.47 14.72 19.33
CA THR B 101 61.29 13.69 18.68
C THR B 101 62.66 13.49 19.39
N LYS B 102 63.07 12.24 19.52
CA LYS B 102 64.45 11.87 19.91
C LYS B 102 65.53 12.19 18.87
N ASP B 103 65.14 12.40 17.62
CA ASP B 103 66.08 12.52 16.50
C ASP B 103 66.77 13.88 16.36
N ALA B 104 66.37 14.90 17.10
CA ALA B 104 67.06 16.21 17.09
C ALA B 104 66.69 16.98 18.29
N ALA B 105 67.58 17.89 18.69
CA ALA B 105 67.31 18.82 19.78
C ALA B 105 66.28 19.92 19.34
N THR B 106 65.51 20.41 20.33
CA THR B 106 64.66 21.53 20.16
C THR B 106 65.48 22.62 19.55
N GLY B 107 64.88 23.35 18.64
CA GLY B 107 65.53 24.47 17.96
C GLY B 107 66.07 25.52 18.89
N THR B 108 67.22 26.12 18.55
CA THR B 108 67.88 27.13 19.41
C THR B 108 68.29 28.34 18.66
N ALA B 109 68.29 29.47 19.35
CA ALA B 109 68.86 30.72 18.85
C ALA B 109 69.81 31.26 19.94
N SER B 110 71.10 31.12 19.70
CA SER B 110 72.11 31.65 20.60
C SER B 110 72.54 33.06 20.17
N ILE B 111 72.35 34.04 21.07
CA ILE B 111 72.47 35.46 20.80
C ILE B 111 73.38 36.09 21.80
N ILE B 112 74.34 36.85 21.28
CA ILE B 112 75.32 37.56 22.10
C ILE B 112 75.15 39.02 21.77
N VAL B 113 74.94 39.86 22.78
CA VAL B 113 74.64 41.25 22.59
C VAL B 113 75.61 42.12 23.38
N ASN B 114 76.14 43.14 22.73
CA ASN B 114 76.90 44.12 23.40
C ASN B 114 76.11 45.33 23.89
N ASN B 115 76.81 46.29 24.41
CA ASN B 115 76.23 47.48 25.06
C ASN B 115 75.61 48.52 24.18
N GLU B 116 76.05 48.55 22.93
CA GLU B 116 75.47 49.36 21.86
C GLU B 116 74.28 48.61 21.16
N GLY B 117 73.91 47.38 21.53
CA GLY B 117 72.76 46.66 20.92
C GLY B 117 73.11 45.83 19.71
N GLN B 118 74.36 45.91 19.25
CA GLN B 118 74.87 45.02 18.19
C GLN B 118 74.97 43.56 18.67
N ASN B 119 74.70 42.64 17.76
CA ASN B 119 74.73 41.24 18.12
C ASN B 119 75.32 40.21 17.09
N ILE B 120 75.49 38.98 17.58
CA ILE B 120 75.95 37.85 16.84
C ILE B 120 74.89 36.84 17.15
N ILE B 121 74.35 36.19 16.13
CA ILE B 121 73.30 35.21 16.34
C ILE B 121 73.56 33.91 15.61
N VAL B 122 73.35 32.78 16.28
CA VAL B 122 73.56 31.46 15.65
C VAL B 122 72.31 30.66 15.89
N ILE B 123 71.59 30.37 14.79
CA ILE B 123 70.37 29.56 14.83
C ILE B 123 70.65 28.12 14.45
N VAL B 124 70.11 27.21 15.23
CA VAL B 124 70.12 25.80 14.87
C VAL B 124 68.69 25.32 14.93
N ALA B 125 68.11 25.14 13.77
CA ALA B 125 66.68 24.87 13.62
C ALA B 125 66.24 23.53 14.24
N GLY B 126 67.15 22.55 14.19
CA GLY B 126 66.98 21.32 14.93
C GLY B 126 65.65 20.62 14.64
N ALA B 127 64.87 20.36 15.68
CA ALA B 127 63.64 19.57 15.53
C ALA B 127 62.59 20.22 14.59
N ASN B 128 62.60 21.54 14.48
CA ASN B 128 61.74 22.24 13.56
C ASN B 128 61.84 21.77 12.15
N LEU B 129 63.03 21.34 11.70
CA LEU B 129 63.18 20.79 10.32
C LEU B 129 62.62 19.40 10.10
N LEU B 130 62.25 18.73 11.17
CA LEU B 130 61.72 17.38 11.09
C LEU B 130 60.22 17.35 11.18
N LEU B 131 59.54 18.49 11.27
CA LEU B 131 58.10 18.55 11.02
C LEU B 131 57.76 18.33 9.56
N ASN B 132 57.14 17.21 9.28
CA ASN B 132 57.01 16.73 7.89
C ASN B 132 55.55 16.61 7.44
N THR B 133 55.34 16.08 6.26
CA THR B 133 54.02 16.02 5.65
C THR B 133 53.07 15.06 6.35
N GLU B 134 53.58 13.94 6.80
CA GLU B 134 52.76 13.00 7.61
C GLU B 134 52.28 13.63 8.90
N ASP B 135 53.16 14.44 9.54
CA ASP B 135 52.81 15.11 10.77
C ASP B 135 51.63 16.08 10.57
N LEU B 136 51.63 16.80 9.44
CA LEU B 136 50.53 17.64 9.10
C LEU B 136 49.24 16.90 8.83
N ARG B 137 49.36 15.78 8.15
CA ARG B 137 48.18 15.05 7.69
C ARG B 137 47.33 14.66 8.88
N ALA B 138 47.96 14.34 10.00
CA ALA B 138 47.22 13.98 11.22
C ALA B 138 46.41 15.14 11.79
N ALA B 139 46.84 16.35 11.49
CA ALA B 139 46.14 17.55 11.87
C ALA B 139 45.09 18.03 10.85
N ALA B 140 44.70 17.21 9.88
CA ALA B 140 43.87 17.72 8.80
C ALA B 140 42.54 18.28 9.27
N ASN B 141 42.00 17.65 10.32
CA ASN B 141 40.67 17.97 10.86
C ASN B 141 40.68 19.28 11.56
N VAL B 142 41.64 19.45 12.44
CA VAL B 142 41.86 20.75 13.06
C VAL B 142 42.10 21.88 12.04
N ILE B 143 42.89 21.60 11.00
CA ILE B 143 43.13 22.58 9.96
C ILE B 143 41.87 22.92 9.16
N SER B 144 41.09 21.91 8.80
CA SER B 144 39.92 22.16 7.97
C SER B 144 38.80 22.93 8.73
N ARG B 145 38.82 22.88 10.05
CA ARG B 145 37.78 23.53 10.85
C ARG B 145 38.21 24.91 11.34
N ALA B 146 39.42 25.34 11.00
CA ALA B 146 39.93 26.62 11.41
C ALA B 146 39.45 27.73 10.53
N LYS B 147 39.65 28.95 10.99
CA LYS B 147 39.36 30.13 10.24
C LYS B 147 40.60 30.66 9.56
N VAL B 148 41.75 30.53 10.21
CA VAL B 148 43.02 30.99 9.67
C VAL B 148 44.11 30.05 9.93
N MET B 149 44.96 29.93 8.93
CA MET B 149 46.16 29.12 9.01
C MET B 149 47.34 30.04 8.80
N VAL B 150 48.31 29.94 9.69
CA VAL B 150 49.46 30.90 9.70
C VAL B 150 50.74 30.10 9.52
N CYS B 151 51.60 30.56 8.61
CA CYS B 151 52.93 29.94 8.37
C CYS B 151 54.04 30.93 8.19
N GLN B 152 55.25 30.44 8.40
CA GLN B 152 56.47 31.19 8.17
C GLN B 152 57.53 30.33 7.43
N LEU B 153 58.78 30.74 7.44
CA LEU B 153 59.88 29.99 6.73
C LEU B 153 60.97 29.50 7.66
N GLU B 154 60.60 29.12 8.88
CA GLU B 154 61.56 28.61 9.84
C GLU B 154 61.46 27.09 9.95
N ILE B 155 60.54 26.46 9.23
CA ILE B 155 60.46 25.01 9.12
C ILE B 155 60.80 24.70 7.65
N THR B 156 60.78 23.43 7.30
CA THR B 156 61.00 23.04 5.94
C THR B 156 60.00 23.76 5.03
N PRO B 157 60.54 24.43 3.99
CA PRO B 157 59.58 25.10 3.09
C PRO B 157 58.45 24.21 2.56
N ALA B 158 58.79 22.99 2.15
CA ALA B 158 57.80 22.05 1.62
C ALA B 158 56.64 21.78 2.58
N THR B 159 56.94 21.83 3.87
CA THR B 159 55.90 21.61 4.91
C THR B 159 54.97 22.80 5.02
N SER B 160 55.53 24.01 5.07
CA SER B 160 54.69 25.23 5.08
C SER B 160 53.81 25.25 3.84
N LEU B 161 54.39 24.92 2.72
CA LEU B 161 53.67 24.93 1.45
C LEU B 161 52.50 23.91 1.40
N GLU B 162 52.70 22.73 2.00
CA GLU B 162 51.65 21.75 2.14
C GLU B 162 50.57 22.21 3.12
N ALA B 163 50.98 22.80 4.23
CA ALA B 163 50.03 23.44 5.11
C ALA B 163 49.11 24.47 4.40
N LEU B 164 49.70 25.35 3.60
CA LEU B 164 48.92 26.35 2.88
C LEU B 164 47.95 25.72 1.87
N THR B 165 48.42 24.64 1.22
CA THR B 165 47.63 23.91 0.29
C THR B 165 46.41 23.24 0.98
N MET B 166 46.59 22.67 2.16
N MET B 166 46.59 22.67 2.16
CA MET B 166 45.48 22.02 2.89
CA MET B 166 45.48 22.02 2.89
C MET B 166 44.44 23.02 3.30
C MET B 166 44.44 23.02 3.30
N ALA B 167 44.90 24.15 3.83
CA ALA B 167 44.05 25.21 4.21
C ALA B 167 43.23 25.69 3.02
N ARG B 168 43.88 25.90 1.88
CA ARG B 168 43.13 26.34 0.71
C ARG B 168 42.02 25.44 0.23
N ARG B 169 42.36 24.16 0.17
CA ARG B 169 41.45 23.13 -0.21
C ARG B 169 40.20 23.14 0.65
N SER B 170 40.35 23.47 1.92
CA SER B 170 39.23 23.49 2.88
C SER B 170 38.59 24.87 3.05
N GLY B 171 38.93 25.84 2.20
CA GLY B 171 38.38 27.20 2.30
C GLY B 171 38.88 28.08 3.44
N VAL B 172 39.98 27.68 4.06
CA VAL B 172 40.54 28.36 5.25
C VAL B 172 41.47 29.48 4.78
N LYS B 173 41.41 30.60 5.47
CA LYS B 173 42.20 31.77 5.11
C LYS B 173 43.67 31.62 5.45
N THR B 174 44.53 31.93 4.51
CA THR B 174 45.96 31.68 4.66
C THR B 174 46.66 33.00 4.90
N LEU B 175 47.46 33.01 5.97
CA LEU B 175 48.28 34.15 6.36
C LEU B 175 49.72 33.69 6.38
N PHE B 176 50.51 34.21 5.44
CA PHE B 176 51.89 33.77 5.20
C PHE B 176 52.90 34.88 5.43
N ASN B 177 53.90 34.56 6.25
CA ASN B 177 54.90 35.50 6.70
C ASN B 177 56.26 34.93 6.24
N PRO B 178 56.81 35.37 5.09
CA PRO B 178 58.02 34.77 4.48
C PRO B 178 59.31 35.20 5.17
N ALA B 179 59.50 34.67 6.38
CA ALA B 179 60.51 35.15 7.34
C ALA B 179 61.19 33.98 8.03
N PRO B 180 62.52 33.95 8.03
CA PRO B 180 63.38 34.85 7.25
C PRO B 180 63.19 34.63 5.76
N ALA B 181 63.47 35.66 4.97
CA ALA B 181 63.23 35.59 3.53
C ALA B 181 64.36 34.84 2.77
N ILE B 182 63.99 34.03 1.77
CA ILE B 182 64.97 33.37 0.79
C ILE B 182 64.72 34.04 -0.59
N ALA B 183 65.83 34.25 -1.28
CA ALA B 183 65.83 34.98 -2.54
C ALA B 183 64.94 34.33 -3.58
N ASP B 184 64.97 33.02 -3.70
CA ASP B 184 64.26 32.41 -4.89
C ASP B 184 63.06 31.57 -4.54
N LEU B 185 62.18 32.26 -3.82
CA LEU B 185 61.03 31.63 -3.16
C LEU B 185 60.16 30.98 -4.20
N ASP B 186 59.70 29.75 -3.92
CA ASP B 186 58.73 29.01 -4.77
C ASP B 186 57.51 29.92 -5.01
N PRO B 187 57.14 30.15 -6.28
CA PRO B 187 56.02 31.08 -6.56
C PRO B 187 54.68 30.58 -6.10
N GLN B 188 54.57 29.29 -5.84
CA GLN B 188 53.37 28.77 -5.23
C GLN B 188 53.05 29.46 -3.91
N PHE B 189 54.06 29.91 -3.15
CA PHE B 189 53.79 30.63 -1.91
C PHE B 189 52.94 31.87 -2.17
N TYR B 190 53.20 32.59 -3.27
CA TYR B 190 52.44 33.81 -3.56
C TYR B 190 50.97 33.51 -3.89
N THR B 191 50.72 32.55 -4.78
CA THR B 191 49.36 32.20 -5.17
C THR B 191 48.55 31.49 -4.07
N LEU B 192 49.21 30.88 -3.08
CA LEU B 192 48.50 30.27 -1.97
C LEU B 192 48.26 31.23 -0.81
N SER B 193 48.64 32.50 -0.93
CA SER B 193 48.58 33.42 0.17
C SER B 193 47.42 34.36 0.01
N ASP B 194 46.46 34.27 0.90
CA ASP B 194 45.36 35.24 0.97
C ASP B 194 45.88 36.58 1.54
N VAL B 195 46.78 36.47 2.50
CA VAL B 195 47.42 37.62 3.11
C VAL B 195 48.89 37.33 3.28
N PHE B 196 49.71 38.17 2.66
CA PHE B 196 51.17 37.98 2.58
C PHE B 196 51.82 39.18 3.31
N CYS B 197 52.49 38.93 4.45
CA CYS B 197 52.95 39.99 5.34
C CYS B 197 54.44 39.83 5.66
N CYS B 198 55.25 40.83 5.34
CA CYS B 198 56.68 40.80 5.61
C CYS B 198 57.21 42.19 6.02
N ASN B 199 58.45 42.24 6.49
CA ASN B 199 59.06 43.52 6.79
C ASN B 199 59.89 44.08 5.61
N GLU B 200 60.47 45.27 5.84
CA GLU B 200 61.18 46.01 4.80
C GLU B 200 62.35 45.24 4.20
N SER B 201 63.22 44.72 5.06
CA SER B 201 64.43 44.07 4.55
C SER B 201 64.08 42.73 3.85
N GLU B 202 62.99 42.10 4.29
CA GLU B 202 62.50 40.90 3.64
C GLU B 202 61.99 41.22 2.23
N ALA B 203 61.30 42.35 2.10
CA ALA B 203 60.80 42.79 0.81
C ALA B 203 61.96 43.10 -0.16
N GLU B 204 63.07 43.60 0.36
CA GLU B 204 64.29 43.80 -0.42
C GLU B 204 64.82 42.47 -1.01
N ILE B 205 64.87 41.44 -0.18
CA ILE B 205 65.36 40.13 -0.59
C ILE B 205 64.43 39.50 -1.61
N LEU B 206 63.13 39.56 -1.36
CA LEU B 206 62.17 38.91 -2.24
C LEU B 206 62.00 39.55 -3.63
N THR B 207 62.25 40.86 -3.74
CA THR B 207 62.01 41.64 -4.97
C THR B 207 63.27 42.15 -5.65
N GLY B 208 64.40 42.15 -4.95
CA GLY B 208 65.63 42.76 -5.43
C GLY B 208 65.65 44.28 -5.41
N LEU B 209 64.65 44.92 -4.81
CA LEU B 209 64.53 46.41 -4.77
C LEU B 209 65.04 46.96 -3.44
N THR B 210 65.38 48.24 -3.41
CA THR B 210 65.73 48.94 -2.18
C THR B 210 64.45 49.41 -1.49
N VAL B 211 64.42 49.36 -0.16
CA VAL B 211 63.29 49.86 0.63
C VAL B 211 63.76 50.76 1.80
N GLY B 212 64.01 52.03 1.47
CA GLY B 212 64.32 53.10 2.45
C GLY B 212 63.06 53.72 3.04
N SER B 213 62.26 54.36 2.18
CA SER B 213 60.98 55.00 2.58
C SER B 213 59.72 54.10 2.55
N ALA B 214 58.58 54.71 2.88
CA ALA B 214 57.25 54.08 2.75
C ALA B 214 56.77 54.06 1.29
N ALA B 215 57.18 55.04 0.49
CA ALA B 215 56.89 55.03 -0.95
C ALA B 215 57.57 53.85 -1.63
N ASP B 216 58.82 53.57 -1.24
CA ASP B 216 59.61 52.42 -1.78
C ASP B 216 58.91 51.11 -1.42
N ALA B 217 58.44 51.02 -0.18
CA ALA B 217 57.72 49.83 0.30
C ALA B 217 56.44 49.58 -0.51
N GLY B 218 55.73 50.66 -0.86
CA GLY B 218 54.60 50.58 -1.76
C GLY B 218 54.94 49.96 -3.12
N GLU B 219 56.07 50.37 -3.72
CA GLU B 219 56.52 49.81 -4.99
C GLU B 219 56.94 48.34 -4.87
N ALA B 220 57.65 47.99 -3.81
CA ALA B 220 58.01 46.59 -3.59
C ALA B 220 56.77 45.70 -3.42
N ALA B 221 55.82 46.22 -2.66
CA ALA B 221 54.56 45.54 -2.37
C ALA B 221 53.74 45.28 -3.62
N LEU B 222 53.82 46.21 -4.57
CA LEU B 222 53.16 46.04 -5.86
C LEU B 222 53.76 44.86 -6.66
N VAL B 223 55.08 44.69 -6.62
CA VAL B 223 55.74 43.57 -7.30
C VAL B 223 55.21 42.26 -6.70
N LEU B 224 55.12 42.20 -5.38
CA LEU B 224 54.66 40.98 -4.68
C LEU B 224 53.19 40.66 -4.92
N LEU B 225 52.37 41.70 -5.00
CA LEU B 225 50.98 41.59 -5.37
C LEU B 225 50.83 40.94 -6.75
N LYS B 226 51.58 41.43 -7.73
CA LYS B 226 51.45 40.95 -9.10
C LYS B 226 51.95 39.52 -9.31
N ARG B 227 52.71 38.98 -8.35
CA ARG B 227 53.08 37.56 -8.33
C ARG B 227 51.98 36.60 -7.85
N GLY B 228 50.85 37.13 -7.35
CA GLY B 228 49.63 36.36 -7.13
C GLY B 228 49.02 36.45 -5.76
N CYS B 229 49.59 37.25 -4.86
CA CYS B 229 49.03 37.40 -3.51
C CYS B 229 47.70 38.17 -3.59
N GLN B 230 46.72 37.78 -2.78
CA GLN B 230 45.43 38.57 -2.65
C GLN B 230 45.70 39.90 -1.96
N VAL B 231 46.43 39.87 -0.84
CA VAL B 231 46.72 41.04 -0.03
C VAL B 231 48.17 41.01 0.34
N VAL B 232 48.81 42.16 0.25
CA VAL B 232 50.20 42.34 0.64
C VAL B 232 50.29 43.44 1.69
N ILE B 233 50.94 43.12 2.81
CA ILE B 233 51.21 44.09 3.87
C ILE B 233 52.72 44.10 4.11
N ILE B 234 53.33 45.27 4.14
CA ILE B 234 54.71 45.40 4.53
C ILE B 234 54.82 46.19 5.81
N THR B 235 55.36 45.57 6.85
CA THR B 235 55.60 46.27 8.13
C THR B 235 56.85 47.18 8.03
N LEU B 236 56.82 48.32 8.76
CA LEU B 236 57.80 49.41 8.62
C LEU B 236 58.30 49.99 9.93
N GLY B 237 58.36 49.18 10.98
CA GLY B 237 58.77 49.63 12.31
C GLY B 237 57.93 50.76 12.86
N ALA B 238 58.58 51.85 13.24
CA ALA B 238 57.92 53.06 13.75
C ALA B 238 56.99 53.78 12.75
N GLU B 239 57.14 53.52 11.45
CA GLU B 239 56.27 54.06 10.42
C GLU B 239 54.97 53.26 10.23
N GLY B 240 54.81 52.15 10.95
CA GLY B 240 53.55 51.39 10.89
C GLY B 240 53.62 50.34 9.81
N CYS B 241 52.69 50.39 8.88
CA CYS B 241 52.67 49.44 7.80
C CYS B 241 52.05 49.98 6.52
N VAL B 242 52.24 49.25 5.42
CA VAL B 242 51.65 49.58 4.08
C VAL B 242 50.88 48.40 3.58
N VAL B 243 49.71 48.64 3.02
CA VAL B 243 48.83 47.57 2.50
C VAL B 243 48.34 47.83 1.07
N LEU B 244 48.28 46.75 0.26
CA LEU B 244 47.68 46.73 -1.06
C LEU B 244 46.85 45.48 -1.20
N SER B 245 45.85 45.52 -2.07
CA SER B 245 45.06 44.32 -2.39
C SER B 245 44.73 44.25 -3.89
N GLN B 246 44.24 43.10 -4.36
CA GLN B 246 43.92 42.95 -5.75
C GLN B 246 42.81 43.91 -6.12
N THR B 247 41.84 44.08 -5.22
CA THR B 247 40.73 45.03 -5.42
C THR B 247 41.14 46.48 -5.21
N GLU B 248 42.16 46.73 -4.37
CA GLU B 248 42.69 48.10 -4.12
C GLU B 248 44.21 48.17 -4.18
N PRO B 249 44.77 48.09 -5.41
CA PRO B 249 46.21 48.02 -5.61
C PRO B 249 46.98 49.30 -5.33
N GLU B 250 46.32 50.43 -5.05
CA GLU B 250 47.11 51.60 -4.67
C GLU B 250 47.63 51.50 -3.23
N PRO B 251 48.94 51.73 -3.02
CA PRO B 251 49.48 51.64 -1.66
C PRO B 251 48.75 52.53 -0.62
N LYS B 252 48.37 51.98 0.53
CA LYS B 252 47.73 52.72 1.63
C LYS B 252 48.67 52.61 2.84
N HIS B 253 49.28 53.74 3.20
CA HIS B 253 50.18 53.83 4.33
C HIS B 253 49.34 53.99 5.60
N ILE B 254 49.53 53.10 6.59
CA ILE B 254 48.87 53.19 7.91
C ILE B 254 49.90 53.56 8.98
N PRO B 255 49.97 54.85 9.37
CA PRO B 255 50.95 55.20 10.42
C PRO B 255 50.47 54.77 11.81
N THR B 256 51.35 54.93 12.80
CA THR B 256 51.06 54.52 14.18
C THR B 256 51.56 55.61 15.16
N GLU B 257 50.88 55.76 16.31
CA GLU B 257 51.26 56.78 17.31
C GLU B 257 52.68 56.46 17.83
N LYS B 258 53.48 57.51 17.86
CA LYS B 258 54.85 57.49 18.34
C LYS B 258 54.85 57.03 19.83
N VAL B 259 55.76 56.11 20.18
CA VAL B 259 55.97 55.65 21.55
C VAL B 259 57.46 55.51 21.87
N LYS B 260 57.83 55.62 23.16
CA LYS B 260 59.20 55.31 23.62
C LYS B 260 59.37 53.77 23.51
N ALA B 261 60.04 53.33 22.44
CA ALA B 261 60.42 51.95 22.23
C ALA B 261 61.48 51.49 23.25
N VAL B 262 61.13 50.56 24.10
CA VAL B 262 62.09 49.90 25.00
C VAL B 262 62.79 48.73 24.26
N ASP B 263 62.01 47.90 23.55
CA ASP B 263 62.53 46.70 22.90
C ASP B 263 61.58 46.17 21.80
N THR B 264 62.04 46.29 20.54
CA THR B 264 61.26 45.95 19.38
C THR B 264 61.37 44.49 18.98
N THR B 265 62.12 43.71 19.75
CA THR B 265 62.31 42.31 19.39
C THR B 265 60.95 41.56 19.38
N GLY B 266 60.64 40.90 18.28
CA GLY B 266 59.44 40.12 18.18
C GLY B 266 58.18 40.95 17.95
N ALA B 267 58.35 42.23 17.61
CA ALA B 267 57.20 43.09 17.37
C ALA B 267 56.46 42.65 16.12
N GLY B 268 57.22 42.18 15.13
CA GLY B 268 56.59 41.67 13.90
C GLY B 268 55.70 40.46 14.09
N ASP B 269 56.15 39.59 15.01
CA ASP B 269 55.36 38.45 15.40
C ASP B 269 54.13 38.84 16.20
N SER B 270 54.21 39.86 17.05
CA SER B 270 52.99 40.43 17.69
C SER B 270 51.99 40.91 16.61
N PHE B 271 52.49 41.67 15.64
CA PHE B 271 51.64 42.24 14.62
C PHE B 271 50.90 41.14 13.88
N VAL B 272 51.64 40.09 13.50
CA VAL B 272 51.06 39.00 12.69
C VAL B 272 50.11 38.16 13.47
N GLY B 273 50.45 37.86 14.71
CA GLY B 273 49.51 37.21 15.60
C GLY B 273 48.23 38.00 15.84
N ALA B 274 48.32 39.31 15.98
CA ALA B 274 47.15 40.13 16.15
C ALA B 274 46.31 40.10 14.90
N LEU B 275 46.99 40.14 13.75
CA LEU B 275 46.29 40.08 12.46
C LEU B 275 45.52 38.76 12.26
N ALA B 276 46.12 37.67 12.68
CA ALA B 276 45.43 36.38 12.67
C ALA B 276 44.19 36.36 13.55
N PHE B 277 44.32 36.94 14.73
CA PHE B 277 43.19 37.09 15.66
C PHE B 277 42.02 37.80 14.99
N TYR B 278 42.30 38.94 14.34
CA TYR B 278 41.23 39.70 13.71
C TYR B 278 40.64 39.00 12.50
N LEU B 279 41.49 38.42 11.66
CA LEU B 279 40.97 37.67 10.48
C LEU B 279 40.04 36.53 10.86
N ALA B 280 40.35 35.91 11.98
CA ALA B 280 39.56 34.81 12.49
C ALA B 280 38.27 35.19 13.25
N TYR B 281 38.32 36.20 14.13
CA TYR B 281 37.19 36.52 14.95
C TYR B 281 36.41 37.74 14.53
N TYR B 282 37.03 38.62 13.73
CA TYR B 282 36.43 39.86 13.30
C TYR B 282 36.50 39.96 11.76
N PRO B 283 36.04 38.92 11.03
CA PRO B 283 36.21 38.89 9.54
C PRO B 283 35.55 40.07 8.80
N ASN B 284 34.52 40.68 9.37
CA ASN B 284 33.85 41.85 8.76
C ASN B 284 34.50 43.22 8.85
N LEU B 285 35.51 43.37 9.69
CA LEU B 285 36.21 44.61 9.79
C LEU B 285 36.89 44.88 8.47
N SER B 286 36.99 46.16 8.12
CA SER B 286 37.81 46.56 7.01
C SER B 286 39.23 46.16 7.33
N LEU B 287 40.02 46.03 6.28
CA LEU B 287 41.41 45.65 6.39
C LEU B 287 42.20 46.76 7.08
N GLU B 288 41.92 47.99 6.70
CA GLU B 288 42.52 49.19 7.29
C GLU B 288 42.34 49.25 8.82
N ASP B 289 41.15 48.88 9.26
CA ASP B 289 40.80 48.79 10.65
C ASP B 289 41.62 47.69 11.37
N MET B 290 41.71 46.48 10.79
CA MET B 290 42.50 45.40 11.37
C MET B 290 43.92 45.81 11.59
N LEU B 291 44.46 46.53 10.62
CA LEU B 291 45.86 46.89 10.63
C LEU B 291 46.11 48.01 11.63
N ASN B 292 45.17 48.90 11.80
CA ASN B 292 45.27 49.87 12.89
C ASN B 292 45.37 49.23 14.25
N ARG B 293 44.49 48.27 14.48
CA ARG B 293 44.44 47.56 15.75
C ARG B 293 45.68 46.71 15.93
N SER B 294 46.16 46.15 14.83
CA SER B 294 47.34 45.29 14.86
C SER B 294 48.57 46.12 15.12
N ASN B 295 48.67 47.26 14.46
CA ASN B 295 49.74 48.24 14.80
C ASN B 295 49.74 48.56 16.28
N PHE B 296 48.56 48.82 16.84
CA PHE B 296 48.45 49.31 18.22
C PHE B 296 48.95 48.26 19.19
N ILE B 297 48.56 47.04 18.93
CA ILE B 297 48.95 45.93 19.78
C ILE B 297 50.46 45.70 19.70
N ALA B 298 51.01 45.73 18.49
CA ALA B 298 52.43 45.51 18.33
C ALA B 298 53.20 46.62 19.03
N ALA B 299 52.65 47.83 18.98
CA ALA B 299 53.26 48.99 19.62
C ALA B 299 53.23 48.88 21.12
N VAL B 300 52.24 48.21 21.70
CA VAL B 300 52.28 47.93 23.14
C VAL B 300 53.49 47.02 23.44
N SER B 301 53.74 46.03 22.57
CA SER B 301 54.86 45.07 22.75
C SER B 301 56.21 45.70 22.69
N VAL B 302 56.40 46.73 21.87
CA VAL B 302 57.67 47.42 21.82
C VAL B 302 57.95 48.28 23.08
N GLN B 303 56.94 48.51 23.92
CA GLN B 303 57.14 49.23 25.14
C GLN B 303 57.64 48.39 26.34
N ALA B 304 57.93 47.10 26.14
CA ALA B 304 58.51 46.25 27.20
C ALA B 304 59.51 45.25 26.62
N ALA B 305 60.42 44.80 27.49
CA ALA B 305 61.42 43.83 27.11
C ALA B 305 60.81 42.44 27.05
N GLY B 306 61.49 41.52 26.36
CA GLY B 306 61.35 40.09 26.61
C GLY B 306 60.58 39.25 25.58
N THR B 307 60.31 39.80 24.39
CA THR B 307 59.62 39.09 23.31
C THR B 307 58.26 38.62 23.80
N GLN B 308 58.05 37.32 23.99
CA GLN B 308 56.70 36.85 24.38
C GLN B 308 56.18 37.51 25.67
N SER B 309 57.05 37.73 26.65
CA SER B 309 56.57 38.37 27.88
C SER B 309 56.16 39.84 27.71
N SER B 310 56.49 40.50 26.58
CA SER B 310 55.97 41.83 26.26
C SER B 310 54.66 41.84 25.48
N TYR B 311 54.14 40.70 25.07
CA TYR B 311 52.90 40.64 24.28
C TYR B 311 51.70 40.81 25.19
N PRO B 312 50.83 41.78 24.94
CA PRO B 312 49.75 42.11 25.86
C PRO B 312 48.60 41.13 25.84
N TYR B 313 47.97 40.97 26.99
CA TYR B 313 46.76 40.21 27.12
C TYR B 313 45.56 41.14 26.83
N LYS B 314 44.49 40.54 26.42
CA LYS B 314 43.28 41.24 26.22
C LYS B 314 42.92 42.12 27.40
N LYS B 315 42.95 41.54 28.60
CA LYS B 315 42.51 42.25 29.81
C LYS B 315 43.29 43.57 30.01
N ASP B 316 44.49 43.70 29.45
CA ASP B 316 45.31 44.89 29.64
C ASP B 316 45.18 45.87 28.47
N LEU B 317 44.27 45.62 27.55
CA LEU B 317 44.12 46.47 26.39
C LEU B 317 42.78 47.27 26.44
N PRO B 318 42.74 48.40 25.75
CA PRO B 318 41.48 49.10 25.58
C PRO B 318 40.36 48.23 25.02
N LEU B 319 39.20 48.33 25.60
CA LEU B 319 38.08 47.53 25.18
C LEU B 319 37.58 47.72 23.76
N THR B 320 37.81 48.90 23.20
CA THR B 320 37.39 49.21 21.82
C THR B 320 38.14 48.42 20.78
N LEU B 321 39.28 47.85 21.13
CA LEU B 321 39.97 46.91 20.24
C LEU B 321 39.23 45.59 20.02
N PHE B 322 38.19 45.35 20.81
CA PHE B 322 37.41 44.12 20.71
C PHE B 322 35.92 44.38 20.42
N LEU B 323 35.61 45.58 19.92
CA LEU B 323 34.22 45.94 19.51
C LEU B 323 34.16 46.14 18.01
N GLU B 324 32.98 45.95 17.45
CA GLU B 324 32.76 46.42 16.06
C GLU B 324 31.33 46.94 15.95
N HIS B 325 31.13 47.91 15.07
CA HIS B 325 29.81 48.50 14.89
C HIS B 325 28.95 47.61 13.94
N HIS B 326 27.61 47.73 13.89
CA HIS B 326 26.81 47.05 12.81
C HIS B 326 27.35 47.40 11.37
N HIS B 327 27.31 46.47 10.38
CA HIS B 327 27.88 46.69 9.04
C HIS B 327 26.72 46.74 8.05
N GLU C 14 5.60 31.10 -13.32
CA GLU C 14 4.32 31.71 -13.81
C GLU C 14 4.11 33.25 -13.30
N VAL C 15 4.77 33.64 -12.18
CA VAL C 15 4.72 35.00 -11.57
C VAL C 15 5.49 36.05 -12.31
N ALA C 16 4.94 37.25 -12.38
CA ALA C 16 5.65 38.36 -13.08
C ALA C 16 6.92 38.82 -12.34
N ALA C 17 8.02 38.90 -13.07
CA ALA C 17 9.32 39.25 -12.49
C ALA C 17 9.68 40.72 -12.68
N VAL C 18 9.11 41.34 -13.69
CA VAL C 18 9.29 42.75 -13.95
C VAL C 18 7.93 43.41 -13.87
N VAL C 19 7.80 44.40 -13.01
CA VAL C 19 6.58 45.15 -12.88
C VAL C 19 6.89 46.57 -13.24
N VAL C 20 6.10 47.15 -14.17
CA VAL C 20 6.30 48.53 -14.58
C VAL C 20 5.13 49.34 -14.15
N VAL C 21 5.38 50.37 -13.37
CA VAL C 21 4.34 51.31 -12.99
C VAL C 21 4.59 52.59 -13.76
N GLY C 22 3.72 52.88 -14.71
CA GLY C 22 3.89 54.09 -15.50
C GLY C 22 2.88 54.24 -16.64
N SER C 23 3.36 54.84 -17.71
CA SER C 23 2.50 55.49 -18.69
C SER C 23 2.29 54.70 -19.94
N CYS C 24 1.08 54.79 -20.48
CA CYS C 24 0.74 54.38 -21.82
C CYS C 24 0.20 55.60 -22.56
N MET C 25 0.71 55.86 -23.77
CA MET C 25 0.26 56.99 -24.64
C MET C 25 0.11 56.55 -26.08
N THR C 26 -0.91 57.09 -26.76
CA THR C 26 -1.12 56.90 -28.20
C THR C 26 -0.40 57.98 -28.93
N ASP C 27 0.47 57.56 -29.83
CA ASP C 27 1.22 58.52 -30.66
C ASP C 27 0.44 58.81 -31.98
N LEU C 28 0.21 60.10 -32.26
CA LEU C 28 -0.62 60.56 -33.41
C LEU C 28 0.18 61.48 -34.32
N VAL C 29 0.61 60.96 -35.45
CA VAL C 29 1.72 61.53 -36.16
C VAL C 29 1.27 61.94 -37.54
N SER C 30 1.49 63.20 -37.88
CA SER C 30 1.19 63.75 -39.18
C SER C 30 2.49 64.21 -39.83
N LEU C 31 2.79 63.76 -41.05
CA LEU C 31 3.94 64.24 -41.82
C LEU C 31 3.52 65.33 -42.82
N THR C 32 4.32 66.39 -42.89
CA THR C 32 4.05 67.55 -43.74
C THR C 32 5.34 67.97 -44.43
N SER C 33 5.30 68.89 -45.39
CA SER C 33 6.55 69.37 -45.99
C SER C 33 7.14 70.48 -45.16
N ARG C 34 6.32 71.44 -44.77
CA ARG C 34 6.72 72.43 -43.77
C ARG C 34 5.84 72.32 -42.49
N LEU C 35 6.34 72.81 -41.36
CA LEU C 35 5.55 72.98 -40.16
C LEU C 35 4.65 74.20 -40.22
N PRO C 36 3.50 74.16 -39.57
CA PRO C 36 2.58 75.29 -39.60
C PRO C 36 2.88 76.42 -38.59
N LYS C 37 2.80 77.66 -39.03
CA LYS C 37 2.80 78.83 -38.13
C LYS C 37 1.40 79.04 -37.51
N THR C 38 1.35 79.86 -36.47
CA THR C 38 0.08 80.24 -35.84
C THR C 38 -1.01 80.67 -36.84
N GLY C 39 -2.23 80.19 -36.64
CA GLY C 39 -3.37 80.53 -37.47
C GLY C 39 -3.38 79.85 -38.82
N GLU C 40 -2.39 79.01 -39.13
CA GLU C 40 -2.34 78.32 -40.43
C GLU C 40 -3.07 76.97 -40.38
N THR C 41 -3.72 76.64 -41.50
CA THR C 41 -4.19 75.30 -41.80
C THR C 41 -3.31 74.77 -42.92
N ILE C 42 -2.65 73.64 -42.74
CA ILE C 42 -1.87 73.01 -43.81
C ILE C 42 -2.23 71.53 -44.00
N HIS C 43 -1.88 70.99 -45.15
CA HIS C 43 -2.23 69.63 -45.54
C HIS C 43 -0.98 68.82 -45.52
N GLY C 44 -0.96 67.75 -44.76
CA GLY C 44 0.16 66.85 -44.73
C GLY C 44 -0.12 65.74 -45.68
N HIS C 45 0.85 64.85 -45.82
CA HIS C 45 0.78 63.80 -46.82
C HIS C 45 0.67 62.42 -46.22
N LYS C 46 0.79 62.31 -44.91
CA LYS C 46 0.65 61.01 -44.29
C LYS C 46 0.34 61.16 -42.81
N PHE C 47 -0.51 60.28 -42.34
CA PHE C 47 -0.80 60.16 -40.93
C PHE C 47 -0.57 58.73 -40.42
N PHE C 48 -0.04 58.58 -39.20
CA PHE C 48 -0.08 57.28 -38.54
C PHE C 48 -0.11 57.28 -37.02
N ILE C 49 -0.67 56.18 -36.53
CA ILE C 49 -0.79 55.85 -35.18
C ILE C 49 0.31 54.93 -34.69
N GLY C 50 0.74 55.14 -33.45
CA GLY C 50 1.62 54.17 -32.79
C GLY C 50 1.43 54.09 -31.28
N PHE C 51 1.97 53.04 -30.66
CA PHE C 51 1.82 52.81 -29.25
C PHE C 51 3.08 53.28 -28.61
N GLY C 52 2.91 54.22 -27.68
CA GLY C 52 4.04 54.84 -26.96
C GLY C 52 3.83 54.96 -25.46
N GLY C 53 4.51 55.93 -24.86
CA GLY C 53 4.55 56.04 -23.40
C GLY C 53 5.77 55.27 -22.86
N LYS C 54 6.57 55.92 -22.02
CA LYS C 54 7.81 55.36 -21.56
C LYS C 54 7.58 54.06 -20.81
N GLY C 55 6.54 54.01 -19.97
CA GLY C 55 6.30 52.84 -19.17
C GLY C 55 6.00 51.65 -20.03
N ALA C 56 5.01 51.79 -20.89
CA ALA C 56 4.69 50.70 -21.80
C ALA C 56 5.86 50.33 -22.72
N ASN C 57 6.63 51.30 -23.12
CA ASN C 57 7.74 51.01 -24.00
C ASN C 57 8.74 50.11 -23.32
N GLN C 58 9.06 50.46 -22.09
CA GLN C 58 10.04 49.72 -21.34
C GLN C 58 9.50 48.32 -21.09
N CYS C 59 8.23 48.24 -20.78
CA CYS C 59 7.59 46.95 -20.53
C CYS C 59 7.60 46.05 -21.75
N VAL C 60 7.36 46.64 -22.91
CA VAL C 60 7.35 45.89 -24.18
C VAL C 60 8.72 45.37 -24.55
N GLN C 61 9.77 46.17 -24.41
CA GLN C 61 11.11 45.61 -24.65
C GLN C 61 11.46 44.45 -23.73
N ALA C 62 11.15 44.58 -22.44
CA ALA C 62 11.45 43.51 -21.45
C ALA C 62 10.67 42.25 -21.79
N ALA C 63 9.39 42.42 -22.13
CA ALA C 63 8.58 41.24 -22.49
C ALA C 63 9.16 40.46 -23.70
N ARG C 64 9.60 41.22 -24.68
CA ARG C 64 10.09 40.66 -25.94
C ARG C 64 11.38 39.92 -25.78
N LEU C 65 12.12 40.27 -24.74
CA LEU C 65 13.32 39.54 -24.41
C LEU C 65 13.03 38.23 -23.69
N GLY C 66 11.79 38.02 -23.31
CA GLY C 66 11.34 36.82 -22.61
C GLY C 66 10.85 37.05 -21.16
N ALA C 67 10.88 38.28 -20.63
CA ALA C 67 10.38 38.55 -19.30
C ALA C 67 8.88 38.35 -19.20
N MET C 68 8.51 37.80 -18.07
CA MET C 68 7.14 37.82 -17.58
C MET C 68 6.90 39.18 -16.91
N THR C 69 6.00 39.98 -17.48
CA THR C 69 5.86 41.33 -17.07
C THR C 69 4.44 41.62 -16.68
N SER C 70 4.25 42.68 -15.88
CA SER C 70 2.89 43.21 -15.52
C SER C 70 2.97 44.73 -15.60
N MET C 71 2.01 45.31 -16.30
CA MET C 71 1.98 46.73 -16.54
C MET C 71 0.89 47.30 -15.67
N VAL C 72 1.32 48.13 -14.72
CA VAL C 72 0.39 48.88 -13.90
C VAL C 72 0.28 50.30 -14.47
N CYS C 73 -0.91 50.65 -14.96
CA CYS C 73 -1.11 51.89 -15.63
C CYS C 73 -2.60 52.19 -15.68
N LYS C 74 -2.93 53.34 -16.22
CA LYS C 74 -4.30 53.70 -16.41
C LYS C 74 -4.48 54.32 -17.80
N VAL C 75 -5.47 53.77 -18.50
CA VAL C 75 -5.92 54.34 -19.76
C VAL C 75 -7.41 54.76 -19.69
N GLY C 76 -7.90 55.32 -20.81
CA GLY C 76 -9.27 55.69 -20.97
C GLY C 76 -10.20 54.59 -21.36
N LYS C 77 -11.46 54.81 -21.02
CA LYS C 77 -12.59 54.04 -21.58
C LYS C 77 -12.96 54.56 -22.92
N ASP C 78 -12.08 54.40 -23.88
CA ASP C 78 -12.27 54.88 -25.22
C ASP C 78 -11.57 53.87 -26.19
N SER C 79 -11.66 54.14 -27.49
CA SER C 79 -10.99 53.34 -28.52
C SER C 79 -9.49 53.20 -28.28
N PHE C 80 -8.82 54.32 -28.00
CA PHE C 80 -7.42 54.31 -27.86
C PHE C 80 -7.05 53.37 -26.70
N GLY C 81 -7.87 53.40 -25.65
CA GLY C 81 -7.59 52.57 -24.47
C GLY C 81 -7.79 51.10 -24.69
N ASN C 82 -8.91 50.75 -25.26
CA ASN C 82 -9.11 49.36 -25.66
C ASN C 82 -7.99 48.82 -26.58
N ASP C 83 -7.57 49.64 -27.54
CA ASP C 83 -6.48 49.29 -28.43
C ASP C 83 -5.17 49.11 -27.67
N TYR C 84 -4.89 50.00 -26.73
CA TYR C 84 -3.69 49.90 -25.92
C TYR C 84 -3.68 48.58 -25.16
N ILE C 85 -4.81 48.24 -24.57
CA ILE C 85 -4.91 46.98 -23.85
C ILE C 85 -4.59 45.79 -24.77
N GLU C 86 -5.09 45.85 -25.99
CA GLU C 86 -4.87 44.81 -27.02
C GLU C 86 -3.42 44.76 -27.42
N ASN C 87 -2.77 45.92 -27.52
CA ASN C 87 -1.38 45.94 -27.77
C ASN C 87 -0.53 45.26 -26.65
N LEU C 88 -0.84 45.53 -25.38
CA LEU C 88 -0.12 44.89 -24.29
C LEU C 88 -0.32 43.39 -24.33
N LYS C 89 -1.55 42.96 -24.52
CA LYS C 89 -1.82 41.49 -24.63
C LYS C 89 -1.08 40.80 -25.76
N GLN C 90 -0.94 41.51 -26.88
CA GLN C 90 -0.15 41.00 -28.05
C GLN C 90 1.27 40.69 -27.71
N ASN C 91 1.85 41.50 -26.82
CA ASN C 91 3.20 41.34 -26.36
C ASN C 91 3.32 40.55 -25.10
N ASP C 92 2.31 39.78 -24.75
CA ASP C 92 2.32 38.91 -23.55
C ASP C 92 2.58 39.60 -22.22
N ILE C 93 2.02 40.78 -22.09
CA ILE C 93 2.11 41.58 -20.88
C ILE C 93 0.82 41.44 -20.09
N SER C 94 0.94 41.17 -18.79
CA SER C 94 -0.24 41.02 -17.92
C SER C 94 -0.89 42.40 -17.76
N THR C 95 -2.19 42.44 -17.95
CA THR C 95 -3.01 43.67 -17.86
C THR C 95 -3.93 43.61 -16.68
N GLU C 96 -3.60 42.80 -15.72
CA GLU C 96 -4.39 42.65 -14.49
C GLU C 96 -4.62 43.99 -13.80
N PHE C 97 -3.61 44.86 -13.86
CA PHE C 97 -3.64 46.17 -13.24
C PHE C 97 -3.44 47.29 -14.20
N THR C 98 -3.93 47.05 -15.39
CA THR C 98 -4.12 48.11 -16.39
C THR C 98 -5.55 48.52 -16.19
N TYR C 99 -5.72 49.67 -15.56
CA TYR C 99 -7.06 50.25 -15.27
C TYR C 99 -7.63 51.03 -16.46
N GLN C 100 -8.96 51.07 -16.57
CA GLN C 100 -9.63 51.98 -17.54
C GLN C 100 -10.57 52.93 -16.81
N THR C 101 -10.58 54.21 -17.17
CA THR C 101 -11.44 55.18 -16.53
C THR C 101 -12.29 56.00 -17.53
N LYS C 102 -13.54 56.24 -17.18
CA LYS C 102 -14.41 57.26 -17.86
C LYS C 102 -14.00 58.72 -17.62
N ASP C 103 -13.20 59.01 -16.59
CA ASP C 103 -12.89 60.39 -16.15
C ASP C 103 -11.81 61.13 -16.97
N ALA C 104 -11.11 60.45 -17.89
CA ALA C 104 -10.19 61.13 -18.81
C ALA C 104 -9.89 60.25 -19.97
N ALA C 105 -9.47 60.89 -21.05
CA ALA C 105 -9.05 60.15 -22.23
C ALA C 105 -7.66 59.51 -22.00
N THR C 106 -7.43 58.40 -22.68
CA THR C 106 -6.12 57.81 -22.76
C THR C 106 -5.14 58.89 -23.15
N GLY C 107 -3.94 58.83 -22.59
CA GLY C 107 -2.92 59.82 -22.87
C GLY C 107 -2.58 59.88 -24.36
N THR C 108 -2.27 61.07 -24.87
CA THR C 108 -1.91 61.26 -26.28
C THR C 108 -0.66 62.09 -26.48
N ALA C 109 0.05 61.80 -27.57
CA ALA C 109 1.22 62.62 -28.01
C ALA C 109 0.97 62.96 -29.48
N SER C 110 0.59 64.19 -29.76
CA SER C 110 0.33 64.65 -31.11
C SER C 110 1.57 65.28 -31.67
N ILE C 111 2.06 64.72 -32.78
CA ILE C 111 3.34 65.06 -33.32
C ILE C 111 3.13 65.45 -34.77
N ILE C 112 3.75 66.54 -35.16
CA ILE C 112 3.79 67.00 -36.53
C ILE C 112 5.27 67.05 -36.95
N VAL C 113 5.62 66.39 -38.06
CA VAL C 113 7.00 66.26 -38.54
C VAL C 113 7.15 66.72 -39.96
N ASN C 114 8.15 67.56 -40.21
CA ASN C 114 8.47 67.98 -41.57
C ASN C 114 9.48 67.04 -42.26
N ASN C 115 9.83 67.39 -43.49
CA ASN C 115 10.67 66.51 -44.30
C ASN C 115 12.11 66.41 -43.85
N GLU C 116 12.58 67.40 -43.09
CA GLU C 116 13.93 67.44 -42.54
C GLU C 116 13.98 66.75 -41.18
N GLY C 117 12.85 66.23 -40.67
CA GLY C 117 12.81 65.59 -39.33
C GLY C 117 12.51 66.48 -38.12
N GLN C 118 12.44 67.81 -38.31
CA GLN C 118 12.04 68.77 -37.26
C GLN C 118 10.56 68.63 -36.89
N ASN C 119 10.25 68.84 -35.62
CA ASN C 119 8.90 68.62 -35.18
C ASN C 119 8.31 69.60 -34.17
N ILE C 120 7.00 69.47 -33.97
CA ILE C 120 6.21 70.13 -32.96
C ILE C 120 5.49 69.00 -32.22
N ILE C 121 5.50 68.98 -30.88
CA ILE C 121 4.88 67.91 -30.12
C ILE C 121 3.97 68.46 -29.00
N VAL C 122 2.78 67.88 -28.84
CA VAL C 122 1.86 68.29 -27.80
C VAL C 122 1.42 67.06 -27.09
N ILE C 123 1.82 66.97 -25.84
CA ILE C 123 1.43 65.86 -24.96
C ILE C 123 0.26 66.20 -24.06
N VAL C 124 -0.71 65.27 -23.96
CA VAL C 124 -1.81 65.39 -22.99
C VAL C 124 -1.85 64.10 -22.25
N ALA C 125 -1.36 64.15 -21.02
CA ALA C 125 -1.16 62.96 -20.21
C ALA C 125 -2.45 62.22 -19.90
N GLY C 126 -3.52 62.97 -19.72
CA GLY C 126 -4.82 62.38 -19.61
C GLY C 126 -4.96 61.34 -18.50
N ALA C 127 -5.40 60.13 -18.84
CA ALA C 127 -5.69 59.11 -17.85
C ALA C 127 -4.47 58.69 -17.03
N ASN C 128 -3.28 58.80 -17.60
CA ASN C 128 -2.06 58.52 -16.85
C ASN C 128 -1.94 59.29 -15.58
N LEU C 129 -2.48 60.53 -15.48
CA LEU C 129 -2.43 61.28 -14.23
C LEU C 129 -3.40 60.83 -13.19
N LEU C 130 -4.32 59.94 -13.54
CA LEU C 130 -5.33 59.48 -12.59
C LEU C 130 -4.95 58.13 -11.99
N LEU C 131 -3.80 57.56 -12.35
CA LEU C 131 -3.28 56.39 -11.64
C LEU C 131 -2.82 56.81 -10.24
N ASN C 132 -3.55 56.37 -9.22
CA ASN C 132 -3.38 56.89 -7.86
C ASN C 132 -2.91 55.80 -6.86
N THR C 133 -2.82 56.20 -5.59
CA THR C 133 -2.27 55.35 -4.55
C THR C 133 -3.11 54.14 -4.20
N GLU C 134 -4.40 54.30 -4.22
CA GLU C 134 -5.22 53.12 -4.11
C GLU C 134 -5.10 52.10 -5.25
N ASP C 135 -4.93 52.58 -6.48
CA ASP C 135 -4.75 51.70 -7.63
C ASP C 135 -3.51 50.85 -7.50
N LEU C 136 -2.44 51.44 -6.99
CA LEU C 136 -1.22 50.67 -6.64
C LEU C 136 -1.39 49.67 -5.53
N ARG C 137 -2.11 50.06 -4.49
CA ARG C 137 -2.28 49.23 -3.35
C ARG C 137 -2.88 47.88 -3.76
N ALA C 138 -3.81 47.86 -4.72
CA ALA C 138 -4.43 46.59 -5.19
C ALA C 138 -3.41 45.68 -5.85
N ALA C 139 -2.35 46.26 -6.38
CA ALA C 139 -1.22 45.54 -6.97
C ALA C 139 -0.11 45.19 -6.01
N ALA C 140 -0.36 45.26 -4.72
CA ALA C 140 0.74 45.02 -3.78
C ALA C 140 1.37 43.65 -3.94
N ASN C 141 0.54 42.65 -4.25
CA ASN C 141 0.94 41.22 -4.29
C ASN C 141 1.84 40.91 -5.43
N VAL C 142 1.39 41.33 -6.60
CA VAL C 142 2.21 41.32 -7.76
C VAL C 142 3.55 42.10 -7.60
N ILE C 143 3.51 43.28 -7.02
CA ILE C 143 4.72 44.02 -6.72
C ILE C 143 5.65 43.29 -5.76
N SER C 144 5.12 42.76 -4.67
CA SER C 144 6.00 42.15 -3.67
C SER C 144 6.68 40.84 -4.13
N ARG C 145 6.11 40.17 -5.15
CA ARG C 145 6.67 38.89 -5.71
C ARG C 145 7.54 39.10 -6.93
N ALA C 146 7.69 40.35 -7.34
CA ALA C 146 8.55 40.71 -8.46
C ALA C 146 10.05 40.77 -8.10
N LYS C 147 10.88 40.81 -9.13
CA LYS C 147 12.31 40.98 -9.00
C LYS C 147 12.68 42.40 -9.18
N VAL C 148 11.99 43.09 -10.07
CA VAL C 148 12.26 44.51 -10.38
C VAL C 148 11.02 45.28 -10.59
N MET C 149 11.08 46.52 -10.12
CA MET C 149 10.02 47.50 -10.27
C MET C 149 10.61 48.66 -11.02
N VAL C 150 9.92 49.09 -12.10
CA VAL C 150 10.38 50.16 -12.98
C VAL C 150 9.42 51.31 -13.00
N CYS C 151 9.94 52.52 -12.86
N CYS C 151 9.92 52.52 -12.83
CA CYS C 151 9.13 53.73 -12.90
CA CYS C 151 9.06 53.71 -12.85
C CYS C 151 9.77 54.85 -13.64
C CYS C 151 9.75 54.86 -13.61
N GLN C 152 8.93 55.80 -14.06
CA GLN C 152 9.37 57.04 -14.71
C GLN C 152 8.61 58.23 -14.16
N LEU C 153 8.61 59.35 -14.90
CA LEU C 153 7.94 60.61 -14.44
C LEU C 153 6.93 61.10 -15.41
N GLU C 154 6.17 60.16 -16.00
CA GLU C 154 5.05 60.49 -16.87
C GLU C 154 3.73 60.24 -16.20
N ILE C 155 3.70 59.81 -14.94
CA ILE C 155 2.52 59.74 -14.18
C ILE C 155 2.69 60.72 -13.06
N THR C 156 1.72 60.77 -12.15
CA THR C 156 1.87 61.61 -10.99
C THR C 156 3.14 61.20 -10.27
N PRO C 157 4.03 62.15 -10.04
CA PRO C 157 5.21 61.82 -9.17
C PRO C 157 4.93 61.11 -7.87
N ALA C 158 3.93 61.56 -7.14
CA ALA C 158 3.60 60.91 -5.86
C ALA C 158 3.31 59.42 -6.05
N THR C 159 2.74 59.06 -7.19
CA THR C 159 2.41 57.64 -7.48
C THR C 159 3.63 56.81 -7.73
N SER C 160 4.53 57.34 -8.54
CA SER C 160 5.82 56.68 -8.74
C SER C 160 6.63 56.51 -7.48
N LEU C 161 6.66 57.55 -6.68
CA LEU C 161 7.31 57.52 -5.40
C LEU C 161 6.71 56.49 -4.45
N GLU C 162 5.40 56.34 -4.46
CA GLU C 162 4.81 55.31 -3.64
C GLU C 162 5.20 53.89 -4.18
N ALA C 163 5.14 53.73 -5.50
CA ALA C 163 5.52 52.46 -6.11
C ALA C 163 6.94 52.03 -5.69
N LEU C 164 7.87 52.98 -5.70
CA LEU C 164 9.25 52.73 -5.25
C LEU C 164 9.30 52.33 -3.78
N THR C 165 8.53 53.04 -2.94
CA THR C 165 8.45 52.75 -1.54
C THR C 165 7.93 51.37 -1.22
N MET C 166 6.90 50.93 -1.93
CA MET C 166 6.37 49.59 -1.77
C MET C 166 7.43 48.54 -2.12
N ALA C 167 8.11 48.79 -3.25
CA ALA C 167 9.09 47.82 -3.74
C ALA C 167 10.18 47.67 -2.71
N ARG C 168 10.65 48.78 -2.20
CA ARG C 168 11.73 48.77 -1.24
C ARG C 168 11.40 48.02 0.05
N ARG C 169 10.20 48.27 0.56
CA ARG C 169 9.70 47.60 1.73
C ARG C 169 9.71 46.05 1.53
N SER C 170 9.39 45.57 0.30
CA SER C 170 9.33 44.15 0.01
C SER C 170 10.62 43.56 -0.50
N GLY C 171 11.70 44.32 -0.47
CA GLY C 171 12.99 43.82 -0.95
C GLY C 171 13.17 43.73 -2.45
N VAL C 172 12.28 44.37 -3.18
CA VAL C 172 12.32 44.34 -4.61
C VAL C 172 13.27 45.38 -5.15
N LYS C 173 13.99 45.03 -6.19
CA LYS C 173 14.91 45.98 -6.79
C LYS C 173 14.16 47.15 -7.52
N THR C 174 14.60 48.38 -7.29
CA THR C 174 14.01 49.52 -7.92
C THR C 174 14.87 50.04 -9.06
N LEU C 175 14.25 50.23 -10.23
CA LEU C 175 14.88 50.84 -11.40
C LEU C 175 14.07 52.09 -11.74
N PHE C 176 14.69 53.26 -11.56
CA PHE C 176 14.01 54.55 -11.74
C PHE C 176 14.62 55.34 -12.89
N ASN C 177 13.76 55.79 -13.80
CA ASN C 177 14.13 56.58 -14.97
C ASN C 177 13.43 57.95 -14.86
N PRO C 178 14.13 58.98 -14.37
CA PRO C 178 13.50 60.30 -14.11
C PRO C 178 13.29 61.10 -15.40
N ALA C 179 12.28 60.69 -16.13
CA ALA C 179 12.07 61.15 -17.54
C ALA C 179 10.60 61.34 -17.89
N PRO C 180 10.21 62.53 -18.44
CA PRO C 180 11.07 63.73 -18.54
C PRO C 180 11.48 64.26 -17.13
N ALA C 181 12.62 64.92 -17.09
CA ALA C 181 13.18 65.40 -15.86
C ALA C 181 12.54 66.71 -15.35
N ILE C 182 12.40 66.83 -14.03
CA ILE C 182 11.93 68.04 -13.34
C ILE C 182 13.10 68.59 -12.53
N ALA C 183 13.25 69.91 -12.52
CA ALA C 183 14.32 70.54 -11.75
C ALA C 183 13.88 70.22 -10.20
N ASP C 184 14.73 69.84 -9.23
CA ASP C 184 14.20 69.81 -7.75
C ASP C 184 13.11 68.77 -7.42
N LEU C 185 13.49 67.70 -8.05
CA LEU C 185 12.94 66.43 -7.85
C LEU C 185 13.02 66.13 -6.38
N ASP C 186 11.95 65.57 -5.81
CA ASP C 186 11.93 65.13 -4.40
C ASP C 186 13.15 64.20 -4.14
N PRO C 187 13.94 64.48 -3.10
CA PRO C 187 15.17 63.69 -2.87
C PRO C 187 14.93 62.28 -2.41
N GLN C 188 13.72 61.99 -1.96
CA GLN C 188 13.35 60.58 -1.75
C GLN C 188 13.50 59.72 -3.00
N PHE C 189 13.34 60.26 -4.20
CA PHE C 189 13.57 59.49 -5.40
C PHE C 189 14.95 58.93 -5.47
N TYR C 190 15.93 59.72 -5.05
CA TYR C 190 17.30 59.23 -5.11
C TYR C 190 17.54 58.06 -4.13
N THR C 191 17.13 58.21 -2.88
CA THR C 191 17.39 57.22 -1.85
C THR C 191 16.56 55.98 -2.07
N LEU C 192 15.45 56.05 -2.82
CA LEU C 192 14.67 54.84 -3.14
C LEU C 192 15.09 54.11 -4.42
N SER C 193 16.17 54.58 -5.06
CA SER C 193 16.57 54.06 -6.35
C SER C 193 17.79 53.16 -6.25
N ASP C 194 17.62 51.86 -6.52
CA ASP C 194 18.75 50.94 -6.54
C ASP C 194 19.54 51.18 -7.82
N VAL C 195 18.83 51.48 -8.91
CA VAL C 195 19.43 51.84 -10.16
C VAL C 195 18.72 53.06 -10.76
N PHE C 196 19.46 54.14 -11.01
CA PHE C 196 18.92 55.42 -11.44
C PHE C 196 19.53 55.69 -12.82
N CYS C 197 18.66 55.74 -13.85
CA CYS C 197 19.11 55.81 -15.23
C CYS C 197 18.42 56.94 -15.97
N CYS C 198 19.21 57.85 -16.54
CA CYS C 198 18.69 58.98 -17.32
C CYS C 198 19.61 59.33 -18.49
N ASN C 199 19.17 60.24 -19.31
CA ASN C 199 20.02 60.72 -20.41
C ASN C 199 20.78 62.00 -20.08
N GLU C 200 21.58 62.45 -21.05
CA GLU C 200 22.42 63.62 -20.89
C GLU C 200 21.62 64.87 -20.50
N SER C 201 20.59 65.20 -21.28
CA SER C 201 19.89 66.49 -21.07
C SER C 201 19.08 66.43 -19.77
N GLU C 202 18.64 65.24 -19.40
CA GLU C 202 17.99 65.01 -18.10
C GLU C 202 18.96 65.23 -16.92
N ALA C 203 20.19 64.77 -17.05
CA ALA C 203 21.19 64.98 -16.05
C ALA C 203 21.49 66.48 -15.89
N GLU C 204 21.45 67.25 -16.99
CA GLU C 204 21.66 68.72 -16.96
C GLU C 204 20.58 69.31 -16.07
N ILE C 205 19.34 68.88 -16.27
CA ILE C 205 18.22 69.46 -15.56
C ILE C 205 18.32 69.12 -14.08
N LEU C 206 18.66 67.87 -13.77
CA LEU C 206 18.67 67.44 -12.36
C LEU C 206 19.81 68.00 -11.52
N THR C 207 20.92 68.33 -12.17
CA THR C 207 22.15 68.72 -11.48
C THR C 207 22.55 70.19 -11.69
N GLY C 208 21.97 70.86 -12.68
CA GLY C 208 22.39 72.20 -13.05
C GLY C 208 23.70 72.30 -13.77
N LEU C 209 24.30 71.17 -14.16
CA LEU C 209 25.61 71.14 -14.86
C LEU C 209 25.44 71.00 -16.35
N THR C 210 26.47 71.36 -17.11
CA THR C 210 26.50 71.12 -18.56
C THR C 210 26.98 69.71 -18.84
N VAL C 211 26.39 69.05 -19.85
CA VAL C 211 26.84 67.70 -20.26
C VAL C 211 27.06 67.62 -21.80
N GLY C 212 28.25 68.09 -22.25
CA GLY C 212 28.74 67.96 -23.64
C GLY C 212 29.39 66.61 -23.90
N SER C 213 30.49 66.34 -23.20
CA SER C 213 31.24 65.06 -23.33
C SER C 213 30.81 63.88 -22.36
N ALA C 214 31.51 62.75 -22.49
CA ALA C 214 31.38 61.61 -21.58
C ALA C 214 32.07 61.86 -20.23
N ALA C 215 33.14 62.66 -20.22
CA ALA C 215 33.77 63.10 -18.96
C ALA C 215 32.79 63.97 -18.13
N ASP C 216 32.06 64.86 -18.79
CA ASP C 216 31.07 65.74 -18.12
C ASP C 216 29.96 64.88 -17.51
N ALA C 217 29.50 63.89 -18.26
CA ALA C 217 28.46 62.98 -17.79
C ALA C 217 28.91 62.25 -16.54
N GLY C 218 30.18 61.85 -16.50
CA GLY C 218 30.76 61.24 -15.30
C GLY C 218 30.67 62.14 -14.06
N GLU C 219 30.95 63.44 -14.24
CA GLU C 219 30.84 64.40 -13.14
C GLU C 219 29.41 64.60 -12.70
N ALA C 220 28.48 64.69 -13.64
CA ALA C 220 27.08 64.86 -13.29
C ALA C 220 26.58 63.64 -12.53
N ALA C 221 26.97 62.48 -13.01
CA ALA C 221 26.60 61.20 -12.44
C ALA C 221 27.11 61.04 -10.99
N LEU C 222 28.27 61.59 -10.70
CA LEU C 222 28.81 61.63 -9.33
C LEU C 222 27.95 62.49 -8.37
N VAL C 223 27.43 63.63 -8.85
CA VAL C 223 26.50 64.46 -8.06
C VAL C 223 25.24 63.66 -7.71
N LEU C 224 24.70 62.96 -8.69
CA LEU C 224 23.47 62.13 -8.46
C LEU C 224 23.69 60.93 -7.55
N LEU C 225 24.87 60.30 -7.67
CA LEU C 225 25.31 59.22 -6.78
C LEU C 225 25.34 59.69 -5.31
N LYS C 226 25.95 60.86 -5.09
CA LYS C 226 26.07 61.38 -3.73
C LYS C 226 24.75 61.79 -3.09
N ARG C 227 23.69 61.96 -3.91
CA ARG C 227 22.36 62.25 -3.40
C ARG C 227 21.65 61.00 -2.86
N GLY C 228 22.27 59.82 -3.00
CA GLY C 228 21.80 58.60 -2.37
C GLY C 228 21.53 57.38 -3.28
N CYS C 229 21.72 57.49 -4.58
CA CYS C 229 21.44 56.36 -5.50
C CYS C 229 22.51 55.29 -5.29
N GLN C 230 22.13 54.02 -5.34
CA GLN C 230 23.10 52.91 -5.30
C GLN C 230 23.92 52.86 -6.56
N VAL C 231 23.25 52.97 -7.71
CA VAL C 231 23.89 52.93 -9.04
C VAL C 231 23.31 54.02 -9.94
N VAL C 232 24.17 54.72 -10.66
CA VAL C 232 23.78 55.78 -11.59
C VAL C 232 24.32 55.43 -12.95
N ILE C 233 23.42 55.41 -13.94
CA ILE C 233 23.78 55.18 -15.35
C ILE C 233 23.27 56.32 -16.15
N ILE C 234 24.16 56.91 -16.93
CA ILE C 234 23.75 57.97 -17.84
C ILE C 234 23.90 57.52 -19.30
N THR C 235 22.79 57.50 -20.06
CA THR C 235 22.81 57.17 -21.47
C THR C 235 23.27 58.34 -22.28
N LEU C 236 24.02 58.02 -23.35
CA LEU C 236 24.79 59.01 -24.16
C LEU C 236 24.61 58.88 -25.67
N GLY C 237 23.46 58.44 -26.12
CA GLY C 237 23.22 58.15 -27.53
C GLY C 237 24.22 57.21 -28.19
N ALA C 238 24.85 57.70 -29.25
CA ALA C 238 25.88 56.93 -30.00
C ALA C 238 27.14 56.59 -29.17
N GLU C 239 27.39 57.34 -28.10
CA GLU C 239 28.56 57.10 -27.20
C GLU C 239 28.29 56.01 -26.18
N GLY C 240 27.07 55.45 -26.16
CA GLY C 240 26.77 54.32 -25.25
C GLY C 240 26.26 54.79 -23.92
N CYS C 241 26.94 54.47 -22.84
CA CYS C 241 26.55 54.93 -21.53
C CYS C 241 27.70 55.05 -20.54
N VAL C 242 27.43 55.68 -19.39
CA VAL C 242 28.39 55.78 -18.29
C VAL C 242 27.75 55.25 -17.03
N VAL C 243 28.51 54.51 -16.23
CA VAL C 243 28.03 53.97 -14.98
C VAL C 243 28.94 54.22 -13.78
N LEU C 244 28.33 54.46 -12.61
CA LEU C 244 28.99 54.56 -11.33
C LEU C 244 28.18 53.77 -10.32
N SER C 245 28.83 53.28 -9.27
CA SER C 245 28.11 52.71 -8.12
C SER C 245 28.76 53.12 -6.78
N GLN C 246 28.06 52.86 -5.68
CA GLN C 246 28.54 53.28 -4.34
C GLN C 246 29.85 52.53 -4.06
N THR C 247 29.89 51.27 -4.50
CA THR C 247 31.06 50.44 -4.40
C THR C 247 32.17 50.81 -5.40
N GLU C 248 31.80 51.34 -6.56
CA GLU C 248 32.79 51.76 -7.58
C GLU C 248 32.43 53.11 -8.15
N PRO C 249 32.66 54.17 -7.36
CA PRO C 249 32.29 55.55 -7.76
C PRO C 249 33.06 56.15 -8.91
N GLU C 250 34.12 55.51 -9.42
CA GLU C 250 34.81 56.10 -10.56
C GLU C 250 34.02 55.86 -11.86
N PRO C 251 33.77 56.91 -12.66
CA PRO C 251 33.03 56.76 -13.92
C PRO C 251 33.61 55.71 -14.89
N LYS C 252 32.78 54.80 -15.36
CA LYS C 252 33.17 53.74 -16.31
C LYS C 252 32.33 54.02 -17.56
N HIS C 253 33.03 54.43 -18.63
CA HIS C 253 32.44 54.66 -19.94
C HIS C 253 32.31 53.33 -20.70
N ILE C 254 31.10 52.97 -21.11
CA ILE C 254 30.84 51.77 -21.90
C ILE C 254 30.42 52.18 -23.34
N PRO C 255 31.37 52.12 -24.31
CA PRO C 255 30.98 52.54 -25.68
C PRO C 255 30.15 51.46 -26.34
N THR C 256 29.65 51.78 -27.52
CA THR C 256 28.85 50.84 -28.31
C THR C 256 29.27 50.88 -29.81
N GLU C 257 29.12 49.77 -30.51
CA GLU C 257 29.52 49.72 -31.90
C GLU C 257 28.70 50.72 -32.73
N LYS C 258 29.40 51.45 -33.62
CA LYS C 258 28.81 52.36 -34.60
C LYS C 258 27.85 51.59 -35.50
N VAL C 259 26.65 52.17 -35.70
CA VAL C 259 25.63 51.64 -36.65
C VAL C 259 24.97 52.79 -37.41
N LYS C 260 24.45 52.47 -38.58
CA LYS C 260 23.64 53.41 -39.34
C LYS C 260 22.33 53.49 -38.56
N ALA C 261 22.17 54.60 -37.84
CA ALA C 261 20.89 54.97 -37.17
C ALA C 261 19.78 55.38 -38.16
N VAL C 262 18.70 54.60 -38.23
CA VAL C 262 17.51 54.97 -39.01
C VAL C 262 16.61 55.88 -38.19
N ASP C 263 16.36 55.50 -36.94
CA ASP C 263 15.43 56.20 -36.07
C ASP C 263 15.66 55.86 -34.59
N THR C 264 16.16 56.86 -33.85
CA THR C 264 16.53 56.70 -32.44
C THR C 264 15.34 56.88 -31.44
N THR C 265 14.13 57.08 -31.93
CA THR C 265 13.02 57.37 -31.09
C THR C 265 12.77 56.16 -30.21
N GLY C 266 12.65 56.40 -28.92
CA GLY C 266 12.37 55.32 -27.97
C GLY C 266 13.54 54.39 -27.67
N ALA C 267 14.74 54.77 -28.11
CA ALA C 267 15.91 53.95 -27.86
C ALA C 267 16.22 53.88 -26.37
N GLY C 268 15.98 54.98 -25.66
CA GLY C 268 16.21 55.03 -24.20
C GLY C 268 15.31 54.08 -23.43
N ASP C 269 14.11 53.94 -23.93
CA ASP C 269 13.17 52.99 -23.39
C ASP C 269 13.55 51.55 -23.72
N SER C 270 14.09 51.28 -24.90
CA SER C 270 14.63 49.94 -25.17
C SER C 270 15.76 49.63 -24.22
N PHE C 271 16.66 50.56 -24.05
CA PHE C 271 17.78 50.36 -23.12
C PHE C 271 17.34 49.98 -21.69
N VAL C 272 16.40 50.76 -21.16
CA VAL C 272 15.92 50.55 -19.79
C VAL C 272 15.13 49.28 -19.60
N GLY C 273 14.29 48.96 -20.59
CA GLY C 273 13.58 47.69 -20.59
C GLY C 273 14.53 46.51 -20.64
N ALA C 274 15.59 46.61 -21.44
CA ALA C 274 16.57 45.54 -21.47
C ALA C 274 17.22 45.41 -20.09
N LEU C 275 17.55 46.53 -19.49
CA LEU C 275 18.26 46.53 -18.21
C LEU C 275 17.39 45.88 -17.13
N ALA C 276 16.09 46.13 -17.19
CA ALA C 276 15.14 45.47 -16.28
C ALA C 276 15.14 43.97 -16.46
N PHE C 277 15.18 43.55 -17.70
CA PHE C 277 15.20 42.15 -18.06
C PHE C 277 16.42 41.48 -17.42
N TYR C 278 17.58 42.10 -17.60
CA TYR C 278 18.79 41.49 -17.06
C TYR C 278 18.83 41.51 -15.52
N LEU C 279 18.40 42.61 -14.91
CA LEU C 279 18.36 42.68 -13.46
C LEU C 279 17.51 41.53 -12.89
N ALA C 280 16.43 41.22 -13.57
CA ALA C 280 15.47 40.30 -13.08
C ALA C 280 15.82 38.87 -13.33
N TYR C 281 16.36 38.57 -14.50
CA TYR C 281 16.65 37.18 -14.88
C TYR C 281 18.13 36.76 -14.86
N TYR C 282 19.06 37.72 -14.94
CA TYR C 282 20.48 37.47 -14.91
C TYR C 282 21.22 38.21 -13.76
N PRO C 283 20.77 38.01 -12.52
CA PRO C 283 21.21 38.94 -11.45
C PRO C 283 22.71 38.83 -11.15
N ASN C 284 23.30 37.70 -11.48
CA ASN C 284 24.75 37.45 -11.32
C ASN C 284 25.71 38.07 -12.29
N LEU C 285 25.23 38.56 -13.41
CA LEU C 285 26.07 39.26 -14.32
C LEU C 285 26.63 40.52 -13.69
N SER C 286 27.82 40.88 -14.08
CA SER C 286 28.39 42.14 -13.72
C SER C 286 27.53 43.20 -14.34
N LEU C 287 27.63 44.38 -13.76
CA LEU C 287 26.87 45.53 -14.22
C LEU C 287 27.33 45.98 -15.59
N GLU C 288 28.64 45.97 -15.76
CA GLU C 288 29.30 46.26 -17.02
C GLU C 288 28.81 45.38 -18.18
N ASP C 289 28.65 44.12 -17.88
CA ASP C 289 28.12 43.16 -18.80
C ASP C 289 26.64 43.45 -19.16
N MET C 290 25.79 43.70 -18.17
CA MET C 290 24.40 44.05 -18.42
C MET C 290 24.27 45.25 -19.34
N LEU C 291 25.12 46.23 -19.14
CA LEU C 291 25.04 47.47 -19.88
C LEU C 291 25.55 47.27 -21.31
N ASN C 292 26.54 46.41 -21.51
CA ASN C 292 26.96 46.06 -22.89
C ASN C 292 25.85 45.46 -23.66
N ARG C 293 25.16 44.54 -23.03
CA ARG C 293 24.02 43.85 -23.65
C ARG C 293 22.83 44.77 -23.87
N SER C 294 22.62 45.66 -22.92
CA SER C 294 21.55 46.63 -23.03
C SER C 294 21.82 47.65 -24.11
N ASN C 295 23.06 48.16 -24.16
CA ASN C 295 23.52 48.99 -25.32
C ASN C 295 23.24 48.29 -26.63
N PHE C 296 23.58 47.01 -26.73
CA PHE C 296 23.48 46.28 -28.01
C PHE C 296 22.02 46.17 -28.44
N ILE C 297 21.14 45.84 -27.52
CA ILE C 297 19.73 45.72 -27.80
C ILE C 297 19.14 47.06 -28.21
N ALA C 298 19.48 48.10 -27.49
CA ALA C 298 19.00 49.43 -27.85
C ALA C 298 19.48 49.88 -29.24
N ALA C 299 20.72 49.54 -29.55
CA ALA C 299 21.30 49.84 -30.85
C ALA C 299 20.60 49.10 -31.97
N VAL C 300 20.07 47.90 -31.70
CA VAL C 300 19.25 47.19 -32.70
C VAL C 300 18.00 48.02 -33.01
N SER C 301 17.40 48.60 -31.95
CA SER C 301 16.21 49.40 -32.10
C SER C 301 16.42 50.63 -32.94
N VAL C 302 17.60 51.26 -32.84
CA VAL C 302 17.83 52.48 -33.62
C VAL C 302 17.97 52.18 -35.11
N GLN C 303 18.10 50.90 -35.48
CA GLN C 303 18.23 50.52 -36.88
C GLN C 303 16.91 50.31 -37.62
N ALA C 304 15.79 50.58 -36.98
CA ALA C 304 14.48 50.53 -37.64
C ALA C 304 13.55 51.66 -37.10
N ALA C 305 12.57 52.00 -37.90
CA ALA C 305 11.58 52.99 -37.55
C ALA C 305 10.55 52.40 -36.65
N GLY C 306 9.80 53.29 -35.99
CA GLY C 306 8.49 52.94 -35.38
C GLY C 306 8.41 52.71 -33.86
N THR C 307 9.46 53.04 -33.09
CA THR C 307 9.43 52.93 -31.64
C THR C 307 9.21 51.48 -31.23
N GLN C 308 8.05 51.11 -30.68
CA GLN C 308 7.85 49.73 -30.19
C GLN C 308 8.05 48.68 -31.31
N SER C 309 7.62 48.97 -32.53
CA SER C 309 7.82 48.00 -33.57
C SER C 309 9.30 47.79 -33.95
N SER C 310 10.22 48.67 -33.56
CA SER C 310 11.68 48.45 -33.76
C SER C 310 12.34 47.63 -32.69
N TYR C 311 11.64 47.32 -31.61
CA TYR C 311 12.26 46.67 -30.44
C TYR C 311 12.37 45.21 -30.74
N PRO C 312 13.58 44.68 -30.66
CA PRO C 312 13.80 43.29 -31.08
C PRO C 312 13.28 42.23 -30.14
N TYR C 313 12.89 41.10 -30.68
CA TYR C 313 12.52 39.91 -29.93
C TYR C 313 13.74 39.11 -29.69
N LYS C 314 13.66 38.30 -28.67
CA LYS C 314 14.71 37.35 -28.36
C LYS C 314 15.10 36.47 -29.52
N LYS C 315 14.12 35.86 -30.18
CA LYS C 315 14.39 35.00 -31.35
C LYS C 315 15.24 35.69 -32.47
N ASP C 316 15.25 37.01 -32.56
CA ASP C 316 16.02 37.74 -33.59
C ASP C 316 17.34 38.30 -33.09
N LEU C 317 17.73 37.95 -31.86
CA LEU C 317 18.98 38.41 -31.31
C LEU C 317 20.05 37.26 -31.17
N PRO C 318 21.34 37.61 -31.20
CA PRO C 318 22.38 36.63 -30.95
C PRO C 318 22.16 35.89 -29.62
N LEU C 319 22.35 34.59 -29.67
CA LEU C 319 22.11 33.74 -28.53
C LEU C 319 22.97 33.98 -27.30
N THR C 320 24.16 34.52 -27.52
CA THR C 320 25.10 34.84 -26.46
C THR C 320 24.58 35.96 -25.53
N LEU C 321 23.64 36.78 -25.98
CA LEU C 321 22.98 37.73 -25.13
C LEU C 321 22.11 37.08 -24.05
N PHE C 322 21.86 35.78 -24.16
CA PHE C 322 21.08 35.05 -23.18
C PHE C 322 21.84 33.87 -22.56
N LEU C 323 23.16 33.94 -22.62
CA LEU C 323 24.02 32.98 -21.90
C LEU C 323 24.82 33.65 -20.77
N GLU C 324 25.20 32.85 -19.80
CA GLU C 324 26.10 33.26 -18.74
C GLU C 324 27.18 32.24 -18.61
N HIS C 325 28.41 32.65 -18.39
CA HIS C 325 29.40 31.70 -17.89
C HIS C 325 29.12 31.39 -16.41
N HIS C 326 29.34 30.15 -15.97
CA HIS C 326 28.98 29.78 -14.56
C HIS C 326 30.19 29.11 -13.90
N GLU D 14 -38.52 51.57 -48.48
CA GLU D 14 -37.49 52.42 -47.84
C GLU D 14 -36.08 52.44 -48.58
N VAL D 15 -36.07 52.89 -49.83
CA VAL D 15 -34.81 53.23 -50.51
C VAL D 15 -34.26 54.59 -50.10
N ALA D 16 -32.95 54.76 -50.19
CA ALA D 16 -32.30 56.00 -49.72
C ALA D 16 -32.66 57.21 -50.58
N ALA D 17 -33.10 58.30 -49.95
CA ALA D 17 -33.52 59.54 -50.66
C ALA D 17 -32.45 60.60 -50.72
N VAL D 18 -31.50 60.55 -49.78
CA VAL D 18 -30.38 61.45 -49.80
C VAL D 18 -29.16 60.59 -49.91
N VAL D 19 -28.34 60.88 -50.92
CA VAL D 19 -27.02 60.25 -51.07
C VAL D 19 -25.92 61.26 -50.96
N VAL D 20 -24.94 60.98 -50.13
CA VAL D 20 -23.85 61.92 -49.94
C VAL D 20 -22.59 61.25 -50.39
N VAL D 21 -21.89 61.90 -51.30
CA VAL D 21 -20.57 61.48 -51.76
C VAL D 21 -19.52 62.45 -51.26
N GLY D 22 -18.73 61.98 -50.31
CA GLY D 22 -17.73 62.83 -49.69
C GLY D 22 -16.95 62.21 -48.57
N SER D 23 -16.53 63.07 -47.65
CA SER D 23 -15.47 62.81 -46.72
C SER D 23 -15.95 62.39 -45.33
N CYS D 24 -15.22 61.47 -44.71
CA CYS D 24 -15.24 61.20 -43.28
C CYS D 24 -13.84 61.51 -42.74
N MET D 25 -13.76 62.24 -41.62
CA MET D 25 -12.50 62.56 -40.94
C MET D 25 -12.63 62.46 -39.48
N THR D 26 -11.55 61.99 -38.84
CA THR D 26 -11.44 61.94 -37.41
C THR D 26 -10.80 63.22 -36.88
N ASP D 27 -11.49 63.96 -36.02
CA ASP D 27 -10.94 65.22 -35.45
C ASP D 27 -10.16 64.91 -34.19
N LEU D 28 -8.92 65.38 -34.11
CA LEU D 28 -8.04 65.10 -32.98
C LEU D 28 -7.63 66.42 -32.40
N VAL D 29 -8.13 66.75 -31.21
CA VAL D 29 -7.96 68.12 -30.69
C VAL D 29 -7.24 68.13 -29.33
N SER D 30 -6.19 68.92 -29.25
CA SER D 30 -5.40 69.10 -28.05
C SER D 30 -5.49 70.56 -27.62
N LEU D 31 -5.90 70.83 -26.37
CA LEU D 31 -5.93 72.20 -25.78
C LEU D 31 -4.69 72.46 -24.91
N THR D 32 -4.07 73.60 -25.13
CA THR D 32 -2.80 73.99 -24.51
C THR D 32 -2.95 75.42 -23.98
N SER D 33 -2.01 75.92 -23.19
CA SER D 33 -2.06 77.34 -22.85
C SER D 33 -1.40 78.21 -23.92
N ARG D 34 -0.19 77.84 -24.36
CA ARG D 34 0.44 78.45 -25.53
C ARG D 34 0.56 77.42 -26.68
N LEU D 35 0.62 77.89 -27.92
CA LEU D 35 0.96 77.04 -29.09
C LEU D 35 2.48 76.76 -29.13
N PRO D 36 2.91 75.58 -29.60
CA PRO D 36 4.32 75.24 -29.70
C PRO D 36 5.05 75.80 -30.93
N LYS D 37 6.25 76.34 -30.70
CA LYS D 37 7.19 76.76 -31.77
C LYS D 37 7.94 75.52 -32.31
N THR D 38 8.57 75.63 -33.50
CA THR D 38 9.40 74.55 -34.08
C THR D 38 10.40 73.94 -33.07
N GLY D 39 10.49 72.60 -33.05
CA GLY D 39 11.35 71.88 -32.11
C GLY D 39 10.88 71.76 -30.68
N GLU D 40 9.75 72.37 -30.32
CA GLU D 40 9.28 72.35 -28.93
C GLU D 40 8.39 71.11 -28.66
N THR D 41 8.50 70.58 -27.43
CA THR D 41 7.52 69.66 -26.85
C THR D 41 6.81 70.38 -25.75
N ILE D 42 5.48 70.44 -25.80
CA ILE D 42 4.69 71.11 -24.73
C ILE D 42 3.56 70.21 -24.24
N HIS D 43 3.05 70.51 -23.05
CA HIS D 43 2.06 69.71 -22.40
C HIS D 43 0.77 70.46 -22.46
N GLY D 44 -0.25 69.87 -23.04
CA GLY D 44 -1.58 70.45 -23.01
C GLY D 44 -2.33 69.92 -21.82
N HIS D 45 -3.52 70.45 -21.63
CA HIS D 45 -4.34 70.08 -20.47
C HIS D 45 -5.61 69.32 -20.84
N LYS D 46 -5.91 69.13 -22.11
CA LYS D 46 -7.06 68.33 -22.51
C LYS D 46 -6.99 67.87 -23.96
N PHE D 47 -7.47 66.66 -24.19
CA PHE D 47 -7.57 66.11 -25.49
C PHE D 47 -8.96 65.63 -25.73
N PHE D 48 -9.41 65.78 -26.96
CA PHE D 48 -10.59 65.04 -27.39
C PHE D 48 -10.74 64.76 -28.90
N ILE D 49 -11.48 63.69 -29.13
CA ILE D 49 -11.70 63.08 -30.34
C ILE D 49 -13.21 63.28 -30.81
N GLY D 50 -13.40 63.47 -32.09
CA GLY D 50 -14.73 63.71 -32.66
C GLY D 50 -14.82 63.11 -34.04
N PHE D 51 -16.05 62.79 -34.46
CA PHE D 51 -16.35 62.31 -35.83
C PHE D 51 -16.71 63.51 -36.64
N GLY D 52 -15.96 63.72 -37.70
CA GLY D 52 -16.08 64.92 -38.54
C GLY D 52 -16.03 64.61 -40.01
N GLY D 53 -15.61 65.60 -40.78
CA GLY D 53 -15.69 65.46 -42.24
C GLY D 53 -17.03 66.01 -42.73
N LYS D 54 -16.96 66.90 -43.71
CA LYS D 54 -18.16 67.63 -44.13
C LYS D 54 -19.23 66.68 -44.65
N GLY D 55 -18.81 65.69 -45.41
CA GLY D 55 -19.74 64.78 -45.97
C GLY D 55 -20.50 64.04 -44.91
N ALA D 56 -19.80 63.38 -44.03
CA ALA D 56 -20.45 62.66 -42.96
C ALA D 56 -21.27 63.58 -42.08
N ASN D 57 -20.81 64.80 -41.88
CA ASN D 57 -21.57 65.73 -41.02
C ASN D 57 -22.90 66.02 -41.61
N GLN D 58 -22.91 66.25 -42.92
CA GLN D 58 -24.14 66.62 -43.61
C GLN D 58 -25.06 65.42 -43.62
N CYS D 59 -24.49 64.25 -43.84
CA CYS D 59 -25.27 63.02 -43.86
C CYS D 59 -25.91 62.74 -42.49
N VAL D 60 -25.15 62.96 -41.44
CA VAL D 60 -25.66 62.77 -40.05
C VAL D 60 -26.79 63.73 -39.67
N GLN D 61 -26.68 65.03 -39.99
CA GLN D 61 -27.82 65.89 -39.75
C GLN D 61 -29.09 65.43 -40.51
N ALA D 62 -28.96 65.08 -41.80
CA ALA D 62 -30.10 64.66 -42.60
C ALA D 62 -30.73 63.41 -42.04
N ALA D 63 -29.89 62.43 -41.69
CA ALA D 63 -30.42 61.24 -41.10
C ALA D 63 -31.21 61.48 -39.81
N ARG D 64 -30.71 62.37 -38.96
CA ARG D 64 -31.34 62.65 -37.68
C ARG D 64 -32.65 63.35 -37.82
N LEU D 65 -32.84 64.04 -38.93
CA LEU D 65 -34.15 64.64 -39.22
C LEU D 65 -35.18 63.63 -39.71
N GLY D 66 -34.73 62.42 -40.02
CA GLY D 66 -35.56 61.32 -40.48
C GLY D 66 -35.24 60.84 -41.86
N ALA D 67 -34.30 61.46 -42.55
CA ALA D 67 -33.92 61.01 -43.91
C ALA D 67 -33.29 59.62 -43.91
N MET D 68 -33.64 58.87 -44.94
CA MET D 68 -32.99 57.66 -45.28
C MET D 68 -31.82 58.05 -46.13
N THR D 69 -30.61 57.76 -45.65
CA THR D 69 -29.39 58.28 -46.28
C THR D 69 -28.42 57.16 -46.58
N SER D 70 -27.54 57.40 -47.55
CA SER D 70 -26.45 56.48 -47.88
C SER D 70 -25.21 57.29 -48.06
N MET D 71 -24.14 56.88 -47.38
CA MET D 71 -22.89 57.60 -47.36
C MET D 71 -21.88 56.87 -48.22
N VAL D 72 -21.51 57.53 -49.29
CA VAL D 72 -20.54 57.00 -50.20
C VAL D 72 -19.21 57.69 -49.87
N CYS D 73 -18.24 56.89 -49.44
CA CYS D 73 -16.99 57.45 -48.93
C CYS D 73 -15.97 56.36 -48.82
N LYS D 74 -14.74 56.74 -48.49
CA LYS D 74 -13.68 55.75 -48.26
C LYS D 74 -12.90 56.05 -46.97
N VAL D 75 -12.78 55.03 -46.12
CA VAL D 75 -12.00 55.15 -44.91
C VAL D 75 -10.93 54.11 -44.91
N GLY D 76 -10.09 54.16 -43.89
CA GLY D 76 -9.00 53.21 -43.68
C GLY D 76 -9.39 51.91 -43.04
N LYS D 77 -8.58 50.89 -43.32
CA LYS D 77 -8.65 49.59 -42.63
C LYS D 77 -7.85 49.77 -41.34
N ASP D 78 -8.37 50.60 -40.43
CA ASP D 78 -7.73 50.96 -39.14
C ASP D 78 -8.84 51.21 -38.10
N SER D 79 -8.44 51.43 -36.85
CA SER D 79 -9.39 51.67 -35.74
C SER D 79 -10.31 52.82 -36.03
N PHE D 80 -9.71 53.92 -36.50
CA PHE D 80 -10.50 55.12 -36.79
C PHE D 80 -11.57 54.79 -37.83
N GLY D 81 -11.23 53.94 -38.83
CA GLY D 81 -12.17 53.59 -39.84
C GLY D 81 -13.29 52.73 -39.34
N ASN D 82 -12.96 51.71 -38.56
CA ASN D 82 -14.02 50.82 -38.01
C ASN D 82 -14.96 51.59 -37.12
N ASP D 83 -14.38 52.48 -36.31
CA ASP D 83 -15.14 53.37 -35.48
C ASP D 83 -16.03 54.26 -36.33
N TYR D 84 -15.51 54.82 -37.42
CA TYR D 84 -16.34 55.68 -38.26
C TYR D 84 -17.57 54.93 -38.83
N ILE D 85 -17.33 53.72 -39.32
CA ILE D 85 -18.40 52.87 -39.80
C ILE D 85 -19.44 52.66 -38.73
N GLU D 86 -19.00 52.41 -37.51
CA GLU D 86 -19.92 52.23 -36.39
C GLU D 86 -20.69 53.48 -36.10
N ASN D 87 -20.04 54.65 -36.18
CA ASN D 87 -20.73 55.89 -35.98
C ASN D 87 -21.83 56.07 -37.04
N LEU D 88 -21.56 55.78 -38.31
CA LEU D 88 -22.58 55.94 -39.35
C LEU D 88 -23.76 54.99 -39.05
N LYS D 89 -23.48 53.73 -38.67
CA LYS D 89 -24.55 52.81 -38.35
C LYS D 89 -25.40 53.22 -37.19
N GLN D 90 -24.77 53.81 -36.18
CA GLN D 90 -25.47 54.33 -35.02
C GLN D 90 -26.45 55.46 -35.31
N ASN D 91 -26.17 56.23 -36.36
CA ASN D 91 -27.11 57.24 -36.92
C ASN D 91 -28.08 56.79 -38.02
N ASP D 92 -28.21 55.46 -38.21
CA ASP D 92 -29.06 54.85 -39.27
C ASP D 92 -28.72 55.24 -40.70
N ILE D 93 -27.43 55.40 -40.97
CA ILE D 93 -26.94 55.70 -42.28
C ILE D 93 -26.51 54.41 -42.96
N SER D 94 -26.91 54.21 -44.22
CA SER D 94 -26.47 53.01 -44.98
C SER D 94 -24.96 53.14 -45.28
N THR D 95 -24.22 52.08 -44.98
CA THR D 95 -22.78 52.00 -45.23
C THR D 95 -22.47 51.00 -46.34
N GLU D 96 -23.44 50.75 -47.21
CA GLU D 96 -23.27 49.85 -48.33
C GLU D 96 -22.10 50.25 -49.20
N PHE D 97 -21.90 51.54 -49.38
CA PHE D 97 -20.84 52.08 -50.22
C PHE D 97 -19.87 52.95 -49.42
N THR D 98 -19.68 52.55 -48.16
CA THR D 98 -18.60 53.07 -47.34
C THR D 98 -17.46 52.05 -47.49
N TYR D 99 -16.45 52.39 -48.27
CA TYR D 99 -15.34 51.51 -48.59
C TYR D 99 -14.23 51.61 -47.55
N GLN D 100 -13.49 50.53 -47.34
CA GLN D 100 -12.30 50.54 -46.49
C GLN D 100 -11.08 50.10 -47.27
N THR D 101 -9.93 50.75 -47.08
CA THR D 101 -8.73 50.45 -47.83
C THR D 101 -7.48 50.31 -46.92
N LYS D 102 -6.68 49.29 -47.17
CA LYS D 102 -5.32 49.11 -46.57
C LYS D 102 -4.36 50.21 -47.07
N ASP D 103 -4.65 50.92 -48.17
CA ASP D 103 -3.66 51.78 -48.85
C ASP D 103 -3.50 53.20 -48.28
N ALA D 104 -4.35 53.62 -47.36
CA ALA D 104 -4.16 54.87 -46.63
C ALA D 104 -4.98 54.88 -45.39
N ALA D 105 -4.52 55.68 -44.45
CA ALA D 105 -5.23 55.83 -43.15
C ALA D 105 -6.50 56.66 -43.35
N THR D 106 -7.48 56.41 -42.49
CA THR D 106 -8.67 57.21 -42.41
C THR D 106 -8.22 58.65 -42.25
N GLY D 107 -8.94 59.55 -42.88
CA GLY D 107 -8.58 60.97 -42.90
C GLY D 107 -8.61 61.56 -41.50
N THR D 108 -7.69 62.50 -41.24
CA THR D 108 -7.56 63.09 -39.93
C THR D 108 -7.43 64.59 -39.99
N ALA D 109 -7.88 65.26 -38.94
CA ALA D 109 -7.69 66.70 -38.77
C ALA D 109 -7.13 66.93 -37.37
N SER D 110 -5.82 67.21 -37.30
CA SER D 110 -5.14 67.37 -36.02
C SER D 110 -5.14 68.86 -35.73
N ILE D 111 -5.75 69.22 -34.62
CA ILE D 111 -5.92 70.61 -34.22
C ILE D 111 -5.27 70.82 -32.85
N ILE D 112 -4.51 71.90 -32.73
CA ILE D 112 -3.95 72.38 -31.47
C ILE D 112 -4.48 73.78 -31.18
N VAL D 113 -5.08 73.98 -30.02
CA VAL D 113 -5.78 75.20 -29.71
C VAL D 113 -5.26 75.75 -28.40
N ASN D 114 -4.97 77.05 -28.38
CA ASN D 114 -4.63 77.73 -27.14
C ASN D 114 -5.85 78.31 -26.38
N ASN D 115 -5.57 79.01 -25.28
CA ASN D 115 -6.63 79.52 -24.44
C ASN D 115 -7.41 80.67 -25.01
N GLU D 116 -6.81 81.37 -25.94
CA GLU D 116 -7.43 82.50 -26.62
C GLU D 116 -8.16 82.03 -27.86
N GLY D 117 -8.15 80.73 -28.19
CA GLY D 117 -8.92 80.21 -29.36
C GLY D 117 -8.13 80.13 -30.68
N GLN D 118 -6.90 80.65 -30.70
CA GLN D 118 -5.97 80.55 -31.83
C GLN D 118 -5.47 79.14 -32.02
N ASN D 119 -5.27 78.74 -33.27
CA ASN D 119 -4.95 77.37 -33.52
C ASN D 119 -3.91 77.09 -34.60
N ILE D 120 -3.49 75.84 -34.64
CA ILE D 120 -2.68 75.26 -35.70
C ILE D 120 -3.43 74.03 -36.17
N ILE D 121 -3.61 73.83 -37.46
CA ILE D 121 -4.38 72.66 -37.96
C ILE D 121 -3.60 71.93 -39.02
N VAL D 122 -3.55 70.61 -38.95
CA VAL D 122 -2.91 69.78 -39.98
C VAL D 122 -3.87 68.75 -40.48
N ILE D 123 -4.30 68.87 -41.73
CA ILE D 123 -5.27 67.89 -42.33
C ILE D 123 -4.51 66.86 -43.18
N VAL D 124 -4.84 65.60 -43.00
CA VAL D 124 -4.31 64.56 -43.87
C VAL D 124 -5.51 63.81 -44.40
N ALA D 125 -5.89 64.11 -45.61
CA ALA D 125 -7.12 63.63 -46.19
C ALA D 125 -7.13 62.10 -46.30
N GLY D 126 -5.95 61.49 -46.52
CA GLY D 126 -5.78 60.07 -46.46
C GLY D 126 -6.70 59.31 -47.35
N ALA D 127 -7.46 58.39 -46.76
CA ALA D 127 -8.29 57.50 -47.55
C ALA D 127 -9.34 58.23 -48.37
N ASN D 128 -9.79 59.39 -47.92
CA ASN D 128 -10.77 60.17 -48.67
C ASN D 128 -10.29 60.44 -50.11
N LEU D 129 -9.00 60.63 -50.37
CA LEU D 129 -8.54 60.93 -51.75
C LEU D 129 -8.46 59.71 -52.63
N LEU D 130 -8.66 58.51 -52.07
CA LEU D 130 -8.68 57.29 -52.84
C LEU D 130 -10.08 56.88 -53.25
N LEU D 131 -11.14 57.63 -52.90
CA LEU D 131 -12.48 57.37 -53.43
C LEU D 131 -12.53 57.79 -54.89
N ASN D 132 -12.64 56.81 -55.78
CA ASN D 132 -12.41 57.05 -57.21
C ASN D 132 -13.68 56.82 -58.05
N THR D 133 -13.52 56.96 -59.34
CA THR D 133 -14.64 56.78 -60.27
C THR D 133 -15.24 55.38 -60.33
N GLU D 134 -14.41 54.35 -60.28
CA GLU D 134 -14.92 52.95 -60.18
C GLU D 134 -15.78 52.72 -58.91
N ASP D 135 -15.36 53.30 -57.80
CA ASP D 135 -16.08 53.19 -56.54
C ASP D 135 -17.48 53.80 -56.64
N LEU D 136 -17.59 54.93 -57.33
CA LEU D 136 -18.90 55.54 -57.60
C LEU D 136 -19.80 54.74 -58.52
N ARG D 137 -19.19 54.15 -59.52
CA ARG D 137 -19.93 53.40 -60.54
C ARG D 137 -20.72 52.25 -59.90
N ALA D 138 -20.18 51.61 -58.87
CA ALA D 138 -20.90 50.55 -58.18
C ALA D 138 -22.16 51.04 -57.46
N ALA D 139 -22.15 52.31 -57.06
CA ALA D 139 -23.28 52.92 -56.45
C ALA D 139 -24.31 53.47 -57.40
N ALA D 140 -24.24 53.15 -58.69
CA ALA D 140 -25.06 53.88 -59.69
C ALA D 140 -26.57 53.75 -59.43
N ASN D 141 -26.97 52.59 -58.92
CA ASN D 141 -28.37 52.26 -58.61
C ASN D 141 -28.97 52.98 -57.47
N VAL D 142 -28.27 52.96 -56.38
CA VAL D 142 -28.62 53.83 -55.27
C VAL D 142 -28.66 55.33 -55.66
N ILE D 143 -27.70 55.81 -56.46
CA ILE D 143 -27.68 57.24 -56.88
C ILE D 143 -28.89 57.55 -57.76
N SER D 144 -29.18 56.67 -58.70
CA SER D 144 -30.28 56.94 -59.66
C SER D 144 -31.70 56.85 -59.03
N ARG D 145 -31.82 56.22 -57.85
CA ARG D 145 -33.10 56.14 -57.15
C ARG D 145 -33.24 57.14 -56.03
N ALA D 146 -32.23 57.97 -55.83
CA ALA D 146 -32.29 59.05 -54.81
C ALA D 146 -33.08 60.28 -55.27
N LYS D 147 -33.34 61.18 -54.31
CA LYS D 147 -33.93 62.48 -54.58
C LYS D 147 -32.91 63.58 -54.62
N VAL D 148 -31.90 63.48 -53.77
CA VAL D 148 -30.87 64.47 -53.70
C VAL D 148 -29.49 63.79 -53.52
N MET D 149 -28.52 64.38 -54.21
CA MET D 149 -27.13 64.02 -54.16
C MET D 149 -26.35 65.20 -53.61
N VAL D 150 -25.54 64.97 -52.59
CA VAL D 150 -24.78 66.05 -51.91
C VAL D 150 -23.26 65.81 -52.00
N CYS D 151 -22.52 66.84 -52.36
CA CYS D 151 -21.05 66.77 -52.49
C CYS D 151 -20.36 68.00 -51.97
N GLN D 152 -19.08 67.83 -51.65
CA GLN D 152 -18.24 68.92 -51.22
C GLN D 152 -16.87 68.87 -51.95
N LEU D 153 -15.86 69.55 -51.39
CA LEU D 153 -14.49 69.53 -51.94
C LEU D 153 -13.45 69.01 -50.96
N GLU D 154 -13.79 67.95 -50.24
CA GLU D 154 -12.81 67.29 -49.37
C GLU D 154 -12.35 65.95 -49.95
N ILE D 155 -12.89 65.53 -51.08
CA ILE D 155 -12.44 64.34 -51.80
C ILE D 155 -11.86 64.83 -53.10
N THR D 156 -11.34 63.92 -53.91
CA THR D 156 -10.81 64.32 -55.16
C THR D 156 -11.90 65.11 -55.92
N PRO D 157 -11.57 66.32 -56.40
CA PRO D 157 -12.56 67.07 -57.17
C PRO D 157 -13.16 66.28 -58.34
N ALA D 158 -12.34 65.57 -59.09
CA ALA D 158 -12.83 64.76 -60.21
C ALA D 158 -13.93 63.76 -59.79
N THR D 159 -13.82 63.21 -58.57
CA THR D 159 -14.82 62.26 -58.07
C THR D 159 -16.16 62.98 -57.77
N SER D 160 -16.08 64.13 -57.10
CA SER D 160 -17.28 64.90 -56.83
C SER D 160 -17.98 65.26 -58.15
N LEU D 161 -17.19 65.68 -59.10
CA LEU D 161 -17.67 66.11 -60.39
C LEU D 161 -18.36 64.98 -61.15
N GLU D 162 -17.86 63.77 -61.03
CA GLU D 162 -18.52 62.59 -61.63
C GLU D 162 -19.80 62.24 -60.90
N ALA D 163 -19.78 62.32 -59.58
CA ALA D 163 -20.99 62.11 -58.81
C ALA D 163 -22.13 63.05 -59.24
N LEU D 164 -21.83 64.34 -59.38
CA LEU D 164 -22.82 65.30 -59.82
C LEU D 164 -23.32 64.91 -61.19
N THR D 165 -22.41 64.51 -62.07
CA THR D 165 -22.74 64.17 -63.46
C THR D 165 -23.72 62.98 -63.49
N MET D 166 -23.50 61.99 -62.63
N MET D 166 -23.50 61.99 -62.63
CA MET D 166 -24.36 60.80 -62.58
CA MET D 166 -24.36 60.80 -62.58
C MET D 166 -25.74 61.14 -62.07
C MET D 166 -25.74 61.14 -62.07
N ALA D 167 -25.79 61.94 -61.01
CA ALA D 167 -27.06 62.44 -60.48
C ALA D 167 -27.87 63.21 -61.57
N ARG D 168 -27.21 64.13 -62.26
CA ARG D 168 -27.86 64.88 -63.31
C ARG D 168 -28.49 64.02 -64.38
N ARG D 169 -27.71 63.07 -64.88
CA ARG D 169 -28.10 62.13 -65.96
C ARG D 169 -29.38 61.38 -65.54
N SER D 170 -29.51 61.08 -64.25
CA SER D 170 -30.66 60.36 -63.72
C SER D 170 -31.79 61.25 -63.20
N GLY D 171 -31.73 62.56 -63.43
CA GLY D 171 -32.76 63.49 -62.92
C GLY D 171 -32.78 63.77 -61.41
N VAL D 172 -31.70 63.45 -60.70
CA VAL D 172 -31.55 63.65 -59.29
C VAL D 172 -31.05 65.02 -59.00
N LYS D 173 -31.59 65.61 -57.95
CA LYS D 173 -31.24 66.98 -57.60
C LYS D 173 -29.85 67.07 -57.00
N THR D 174 -29.03 68.01 -57.50
CA THR D 174 -27.65 68.15 -57.06
C THR D 174 -27.45 69.34 -56.09
N LEU D 175 -26.82 69.05 -54.94
CA LEU D 175 -26.59 70.04 -53.88
C LEU D 175 -25.09 70.03 -53.67
N PHE D 176 -24.43 71.12 -54.08
CA PHE D 176 -23.02 71.22 -54.04
C PHE D 176 -22.53 72.34 -53.09
N ASN D 177 -21.59 71.96 -52.24
CA ASN D 177 -21.05 72.81 -51.20
C ASN D 177 -19.56 72.90 -51.43
N PRO D 178 -19.09 73.95 -52.13
CA PRO D 178 -17.67 74.07 -52.52
C PRO D 178 -16.73 74.43 -51.34
N ALA D 179 -16.50 73.45 -50.46
CA ALA D 179 -15.87 73.68 -49.16
C ALA D 179 -14.90 72.58 -48.83
N PRO D 180 -13.66 72.94 -48.41
CA PRO D 180 -13.08 74.28 -48.47
C PRO D 180 -12.91 74.77 -49.94
N ALA D 181 -12.93 76.08 -50.15
CA ALA D 181 -12.99 76.63 -51.46
C ALA D 181 -11.62 76.70 -52.10
N ILE D 182 -11.56 76.45 -53.40
CA ILE D 182 -10.36 76.58 -54.20
C ILE D 182 -10.58 77.80 -55.09
N ALA D 183 -9.54 78.58 -55.28
CA ALA D 183 -9.59 79.73 -56.18
C ALA D 183 -9.97 79.43 -57.66
N ASP D 184 -9.42 78.39 -58.28
CA ASP D 184 -9.69 78.18 -59.67
C ASP D 184 -10.55 76.94 -59.90
N LEU D 185 -11.75 76.99 -59.32
CA LEU D 185 -12.69 75.91 -59.42
C LEU D 185 -13.15 75.62 -60.85
N ASP D 186 -13.13 74.34 -61.23
CA ASP D 186 -13.62 73.89 -62.55
C ASP D 186 -15.06 74.52 -62.74
N PRO D 187 -15.28 75.33 -63.78
CA PRO D 187 -16.62 75.78 -64.06
C PRO D 187 -17.71 74.73 -64.27
N GLN D 188 -17.36 73.48 -64.62
CA GLN D 188 -18.39 72.41 -64.67
C GLN D 188 -19.14 72.26 -63.37
N PHE D 189 -18.52 72.57 -62.26
CA PHE D 189 -19.24 72.49 -61.01
C PHE D 189 -20.49 73.38 -61.07
N TYR D 190 -20.35 74.60 -61.60
CA TYR D 190 -21.42 75.60 -61.50
C TYR D 190 -22.59 75.11 -62.30
N THR D 191 -22.33 74.66 -63.52
CA THR D 191 -23.40 74.15 -64.40
C THR D 191 -24.00 72.82 -63.98
N LEU D 192 -23.33 72.03 -63.14
CA LEU D 192 -23.91 70.83 -62.59
C LEU D 192 -24.60 70.99 -61.27
N SER D 193 -24.69 72.23 -60.78
CA SER D 193 -25.25 72.46 -59.44
C SER D 193 -26.66 73.01 -59.52
N ASP D 194 -27.63 72.22 -59.09
CA ASP D 194 -29.00 72.72 -58.92
C ASP D 194 -29.06 73.70 -57.77
N VAL D 195 -28.34 73.39 -56.71
CA VAL D 195 -28.27 74.25 -55.52
C VAL D 195 -26.82 74.34 -55.10
N PHE D 196 -26.28 75.55 -55.10
CA PHE D 196 -24.87 75.81 -54.82
C PHE D 196 -24.76 76.64 -53.53
N CYS D 197 -24.16 76.08 -52.49
CA CYS D 197 -24.27 76.67 -51.12
C CYS D 197 -22.92 76.79 -50.49
N CYS D 198 -22.50 78.00 -50.14
CA CYS D 198 -21.23 78.21 -49.48
C CYS D 198 -21.31 79.29 -48.38
N ASN D 199 -20.23 79.47 -47.66
CA ASN D 199 -20.16 80.61 -46.73
C ASN D 199 -19.52 81.88 -47.28
N GLU D 200 -19.44 82.91 -46.43
CA GLU D 200 -18.89 84.19 -46.80
C GLU D 200 -17.49 84.12 -47.30
N SER D 201 -16.61 83.50 -46.52
CA SER D 201 -15.18 83.51 -46.88
C SER D 201 -14.91 82.66 -48.10
N GLU D 202 -15.71 81.63 -48.25
CA GLU D 202 -15.67 80.79 -49.47
C GLU D 202 -16.11 81.58 -50.72
N ALA D 203 -17.15 82.40 -50.57
CA ALA D 203 -17.57 83.27 -51.67
C ALA D 203 -16.50 84.33 -52.06
N GLU D 204 -15.72 84.80 -51.08
CA GLU D 204 -14.57 85.64 -51.35
C GLU D 204 -13.57 84.92 -52.26
N ILE D 205 -13.23 83.68 -51.90
CA ILE D 205 -12.23 82.95 -52.63
C ILE D 205 -12.71 82.67 -54.05
N LEU D 206 -13.95 82.26 -54.21
CA LEU D 206 -14.45 81.88 -55.53
C LEU D 206 -14.62 83.01 -56.51
N THR D 207 -14.85 84.20 -55.99
CA THR D 207 -15.24 85.37 -56.80
C THR D 207 -14.21 86.49 -56.82
N GLY D 208 -13.26 86.47 -55.90
CA GLY D 208 -12.29 87.52 -55.73
C GLY D 208 -12.83 88.78 -55.08
N LEU D 209 -14.09 88.77 -54.59
CA LEU D 209 -14.75 89.95 -54.02
C LEU D 209 -14.64 89.95 -52.50
N THR D 210 -14.80 91.11 -51.87
CA THR D 210 -14.88 91.21 -50.42
C THR D 210 -16.33 90.96 -49.98
N VAL D 211 -16.50 90.26 -48.84
CA VAL D 211 -17.84 89.98 -48.28
C VAL D 211 -17.88 90.31 -46.77
N GLY D 212 -18.05 91.60 -46.47
CA GLY D 212 -18.30 92.12 -45.11
C GLY D 212 -19.79 92.02 -44.68
N SER D 213 -20.67 92.74 -45.41
CA SER D 213 -22.14 92.73 -45.16
C SER D 213 -22.97 91.65 -45.91
N ALA D 214 -24.28 91.69 -45.68
CA ALA D 214 -25.26 90.89 -46.42
C ALA D 214 -25.52 91.42 -47.84
N ALA D 215 -25.39 92.73 -48.03
CA ALA D 215 -25.45 93.30 -49.37
C ALA D 215 -24.28 92.81 -50.25
N ASP D 216 -23.08 92.74 -49.67
CA ASP D 216 -21.88 92.26 -50.39
C ASP D 216 -22.08 90.80 -50.81
N ALA D 217 -22.64 90.00 -49.90
CA ALA D 217 -22.89 88.60 -50.16
C ALA D 217 -23.83 88.45 -51.37
N GLY D 218 -24.83 89.33 -51.44
CA GLY D 218 -25.77 89.36 -52.57
C GLY D 218 -25.06 89.57 -53.90
N GLU D 219 -24.10 90.49 -53.91
CA GLU D 219 -23.33 90.77 -55.11
C GLU D 219 -22.42 89.59 -55.49
N ALA D 220 -21.77 88.96 -54.51
CA ALA D 220 -20.95 87.79 -54.78
C ALA D 220 -21.75 86.64 -55.29
N ALA D 221 -22.92 86.46 -54.70
CA ALA D 221 -23.86 85.42 -55.11
C ALA D 221 -24.32 85.57 -56.57
N LEU D 222 -24.52 86.81 -57.00
CA LEU D 222 -24.92 87.10 -58.38
C LEU D 222 -23.84 86.69 -59.39
N VAL D 223 -22.56 86.89 -59.04
CA VAL D 223 -21.45 86.45 -59.87
C VAL D 223 -21.51 84.92 -60.01
N LEU D 224 -21.76 84.21 -58.92
CA LEU D 224 -21.83 82.77 -58.96
C LEU D 224 -23.01 82.25 -59.74
N LEU D 225 -24.14 82.91 -59.59
CA LEU D 225 -25.35 82.60 -60.33
C LEU D 225 -25.10 82.67 -61.85
N LYS D 226 -24.46 83.74 -62.27
CA LYS D 226 -24.18 83.94 -63.69
C LYS D 226 -23.18 83.00 -64.32
N ARG D 227 -22.42 82.31 -63.50
CA ARG D 227 -21.56 81.21 -63.95
C ARG D 227 -22.29 79.90 -64.24
N GLY D 228 -23.59 79.84 -63.93
CA GLY D 228 -24.44 78.73 -64.34
C GLY D 228 -25.23 78.00 -63.27
N CYS D 229 -25.11 78.37 -61.98
CA CYS D 229 -25.87 77.69 -60.92
C CYS D 229 -27.34 78.00 -61.08
N GLN D 230 -28.21 77.03 -60.85
CA GLN D 230 -29.66 77.29 -60.78
C GLN D 230 -30.00 78.17 -59.58
N VAL D 231 -29.47 77.79 -58.40
CA VAL D 231 -29.72 78.45 -57.14
C VAL D 231 -28.41 78.64 -56.39
N VAL D 232 -28.21 79.82 -55.83
CA VAL D 232 -27.08 80.14 -55.02
C VAL D 232 -27.54 80.61 -53.64
N ILE D 233 -26.95 80.00 -52.61
CA ILE D 233 -27.21 80.35 -51.23
C ILE D 233 -25.89 80.64 -50.61
N ILE D 234 -25.77 81.78 -49.94
CA ILE D 234 -24.60 82.07 -49.14
C ILE D 234 -24.93 82.17 -47.64
N THR D 235 -24.34 81.29 -46.81
CA THR D 235 -24.55 81.30 -45.36
C THR D 235 -23.69 82.41 -44.71
N LEU D 236 -24.22 83.02 -43.63
CA LEU D 236 -23.74 84.30 -43.09
C LEU D 236 -23.68 84.28 -41.58
N GLY D 237 -23.44 83.11 -40.99
CA GLY D 237 -23.39 82.98 -39.52
C GLY D 237 -24.65 83.45 -38.82
N ALA D 238 -24.47 84.35 -37.88
CA ALA D 238 -25.58 84.90 -37.10
C ALA D 238 -26.61 85.71 -37.96
N GLU D 239 -26.20 86.14 -39.15
CA GLU D 239 -27.10 86.90 -40.07
C GLU D 239 -28.01 85.98 -40.90
N GLY D 240 -27.86 84.67 -40.76
CA GLY D 240 -28.69 83.73 -41.46
C GLY D 240 -28.11 83.40 -42.82
N CYS D 241 -28.84 83.71 -43.89
CA CYS D 241 -28.36 83.40 -45.25
C CYS D 241 -28.96 84.31 -46.30
N VAL D 242 -28.40 84.25 -47.49
CA VAL D 242 -28.89 84.95 -48.68
C VAL D 242 -29.10 84.00 -49.84
N VAL D 243 -30.21 84.15 -50.57
CA VAL D 243 -30.55 83.26 -51.68
C VAL D 243 -30.92 84.01 -52.96
N LEU D 244 -30.49 83.47 -54.10
CA LEU D 244 -30.87 83.91 -55.42
C LEU D 244 -31.17 82.70 -56.30
N SER D 245 -32.01 82.86 -57.31
CA SER D 245 -32.22 81.81 -58.27
C SER D 245 -32.26 82.37 -59.71
N GLN D 246 -32.19 81.50 -60.73
CA GLN D 246 -32.27 81.95 -62.13
C GLN D 246 -33.64 82.63 -62.39
N THR D 247 -34.72 82.07 -61.83
CA THR D 247 -36.05 82.66 -61.94
C THR D 247 -36.25 83.90 -61.03
N GLU D 248 -35.52 83.99 -59.91
CA GLU D 248 -35.58 85.17 -59.01
C GLU D 248 -34.18 85.68 -58.59
N PRO D 249 -33.48 86.37 -59.53
CA PRO D 249 -32.10 86.81 -59.33
C PRO D 249 -31.89 87.96 -58.36
N GLU D 250 -32.95 88.56 -57.84
CA GLU D 250 -32.75 89.53 -56.81
C GLU D 250 -32.39 88.87 -55.46
N PRO D 251 -31.26 89.28 -54.83
CA PRO D 251 -30.92 88.76 -53.47
C PRO D 251 -32.05 88.85 -52.45
N LYS D 252 -32.35 87.75 -51.80
CA LYS D 252 -33.33 87.67 -50.71
C LYS D 252 -32.55 87.27 -49.42
N HIS D 253 -32.46 88.21 -48.46
CA HIS D 253 -31.82 87.99 -47.14
C HIS D 253 -32.81 87.29 -46.20
N ILE D 254 -32.45 86.12 -45.66
CA ILE D 254 -33.26 85.38 -44.69
C ILE D 254 -32.58 85.48 -43.32
N PRO D 255 -33.05 86.38 -42.43
CA PRO D 255 -32.38 86.43 -41.10
C PRO D 255 -32.80 85.26 -40.21
N THR D 256 -32.19 85.16 -39.03
CA THR D 256 -32.51 84.11 -38.05
C THR D 256 -32.56 84.74 -36.59
N GLU D 257 -33.35 84.15 -35.68
CA GLU D 257 -33.41 84.65 -34.29
C GLU D 257 -31.95 84.53 -33.67
N LYS D 258 -31.54 85.61 -33.02
CA LYS D 258 -30.35 85.70 -32.16
C LYS D 258 -30.43 84.55 -31.13
N VAL D 259 -29.31 83.81 -30.97
CA VAL D 259 -29.10 82.84 -29.84
C VAL D 259 -27.70 82.96 -29.18
N LYS D 260 -27.57 82.58 -27.90
CA LYS D 260 -26.23 82.52 -27.23
C LYS D 260 -25.50 81.30 -27.88
N ALA D 261 -24.59 81.59 -28.81
CA ALA D 261 -23.76 80.62 -29.44
C ALA D 261 -22.77 80.02 -28.46
N VAL D 262 -22.87 78.71 -28.20
CA VAL D 262 -21.86 77.97 -27.43
C VAL D 262 -20.68 77.51 -28.33
N ASP D 263 -21.01 76.95 -29.49
CA ASP D 263 -20.00 76.40 -30.41
C ASP D 263 -20.56 76.24 -31.83
N THR D 264 -20.05 77.08 -32.75
CA THR D 264 -20.52 77.14 -34.11
C THR D 264 -19.85 76.11 -35.06
N THR D 265 -18.96 75.28 -34.54
CA THR D 265 -18.21 74.35 -35.38
C THR D 265 -19.20 73.41 -36.04
N GLY D 266 -19.13 73.30 -37.34
CA GLY D 266 -19.99 72.37 -38.07
C GLY D 266 -21.42 72.82 -38.28
N ALA D 267 -21.70 74.09 -37.97
CA ALA D 267 -23.02 74.67 -38.17
C ALA D 267 -23.39 74.75 -39.64
N GLY D 268 -22.40 75.02 -40.49
CA GLY D 268 -22.65 74.98 -41.94
C GLY D 268 -23.07 73.62 -42.49
N ASP D 269 -22.48 72.58 -41.92
CA ASP D 269 -22.81 71.22 -42.29
C ASP D 269 -24.20 70.85 -41.79
N SER D 270 -24.59 71.32 -40.63
CA SER D 270 -25.98 71.15 -40.15
C SER D 270 -26.95 71.83 -41.11
N PHE D 271 -26.67 73.06 -41.49
CA PHE D 271 -27.53 73.78 -42.42
C PHE D 271 -27.72 72.98 -43.70
N VAL D 272 -26.61 72.55 -44.29
CA VAL D 272 -26.66 71.89 -45.60
C VAL D 272 -27.36 70.54 -45.50
N GLY D 273 -27.13 69.80 -44.40
CA GLY D 273 -27.81 68.53 -44.21
C GLY D 273 -29.31 68.74 -44.09
N ALA D 274 -29.71 69.81 -43.42
CA ALA D 274 -31.11 70.10 -43.25
C ALA D 274 -31.71 70.46 -44.56
N LEU D 275 -31.00 71.26 -45.32
CA LEU D 275 -31.45 71.61 -46.68
C LEU D 275 -31.63 70.37 -47.59
N ALA D 276 -30.69 69.40 -47.52
CA ALA D 276 -30.83 68.11 -48.27
C ALA D 276 -32.07 67.33 -47.86
N PHE D 277 -32.32 67.31 -46.57
CA PHE D 277 -33.53 66.71 -46.03
C PHE D 277 -34.76 67.32 -46.65
N TYR D 278 -34.83 68.66 -46.69
CA TYR D 278 -36.06 69.32 -47.19
C TYR D 278 -36.22 69.21 -48.69
N LEU D 279 -35.12 69.31 -49.43
CA LEU D 279 -35.16 69.06 -50.89
C LEU D 279 -35.65 67.69 -51.26
N ALA D 280 -35.32 66.73 -50.45
CA ALA D 280 -35.72 65.36 -50.70
C ALA D 280 -37.13 64.95 -50.23
N TYR D 281 -37.55 65.40 -49.05
CA TYR D 281 -38.82 64.95 -48.46
C TYR D 281 -39.92 65.97 -48.54
N TYR D 282 -39.56 67.25 -48.76
CA TYR D 282 -40.53 68.33 -48.81
C TYR D 282 -40.34 69.17 -50.09
N PRO D 283 -40.38 68.52 -51.26
CA PRO D 283 -39.98 69.24 -52.49
C PRO D 283 -40.90 70.38 -52.85
N ASN D 284 -42.15 70.34 -52.43
CA ASN D 284 -43.13 71.45 -52.68
C ASN D 284 -43.08 72.70 -51.82
N LEU D 285 -42.30 72.70 -50.75
CA LEU D 285 -42.05 73.92 -49.99
C LEU D 285 -41.35 74.95 -50.85
N SER D 286 -41.67 76.20 -50.63
CA SER D 286 -40.90 77.27 -51.21
C SER D 286 -39.47 77.16 -50.69
N LEU D 287 -38.56 77.75 -51.43
CA LEU D 287 -37.15 77.78 -51.10
C LEU D 287 -36.88 78.60 -49.85
N GLU D 288 -37.54 79.74 -49.78
CA GLU D 288 -37.55 80.62 -48.63
C GLU D 288 -37.94 79.89 -47.31
N ASP D 289 -38.97 79.05 -47.39
CA ASP D 289 -39.44 78.22 -46.30
C ASP D 289 -38.37 77.20 -45.91
N MET D 290 -37.79 76.52 -46.87
CA MET D 290 -36.71 75.53 -46.55
C MET D 290 -35.56 76.16 -45.78
N LEU D 291 -35.21 77.38 -46.17
CA LEU D 291 -34.05 78.03 -45.63
C LEU D 291 -34.35 78.55 -44.24
N ASN D 292 -35.58 78.98 -43.98
CA ASN D 292 -35.98 79.33 -42.63
C ASN D 292 -35.86 78.18 -41.66
N ARG D 293 -36.33 77.03 -42.09
CA ARG D 293 -36.25 75.82 -41.31
C ARG D 293 -34.81 75.34 -41.15
N SER D 294 -34.04 75.47 -42.23
CA SER D 294 -32.66 75.06 -42.20
C SER D 294 -31.87 76.00 -41.24
N ASN D 295 -32.07 77.31 -41.35
CA ASN D 295 -31.49 78.25 -40.45
C ASN D 295 -31.81 77.89 -38.96
N PHE D 296 -33.07 77.54 -38.69
CA PHE D 296 -33.45 77.19 -37.36
C PHE D 296 -32.70 75.96 -36.82
N ILE D 297 -32.62 74.91 -37.61
CA ILE D 297 -31.97 73.67 -37.21
C ILE D 297 -30.49 73.90 -36.95
N ALA D 298 -29.85 74.64 -37.84
CA ALA D 298 -28.41 74.97 -37.68
C ALA D 298 -28.18 75.78 -36.41
N ALA D 299 -29.10 76.68 -36.12
CA ALA D 299 -29.01 77.46 -34.93
C ALA D 299 -29.17 76.64 -33.66
N VAL D 300 -29.92 75.55 -33.70
CA VAL D 300 -29.99 74.65 -32.57
C VAL D 300 -28.61 74.06 -32.30
N SER D 301 -27.92 73.72 -33.38
CA SER D 301 -26.60 73.12 -33.30
C SER D 301 -25.59 74.05 -32.65
N VAL D 302 -25.67 75.35 -32.94
CA VAL D 302 -24.67 76.25 -32.38
C VAL D 302 -24.83 76.42 -30.86
N GLN D 303 -25.95 75.94 -30.29
CA GLN D 303 -26.21 76.05 -28.89
C GLN D 303 -25.60 74.94 -28.09
N ALA D 304 -24.84 74.04 -28.72
CA ALA D 304 -24.11 72.98 -27.99
C ALA D 304 -22.77 72.70 -28.60
N ALA D 305 -21.91 72.12 -27.79
CA ALA D 305 -20.57 71.73 -28.24
C ALA D 305 -20.61 70.43 -29.00
N GLY D 306 -19.53 70.15 -29.74
CA GLY D 306 -19.20 68.82 -30.19
C GLY D 306 -19.48 68.42 -31.65
N THR D 307 -19.77 69.40 -32.54
CA THR D 307 -20.02 69.11 -33.95
C THR D 307 -21.20 68.13 -34.09
N GLN D 308 -20.97 66.89 -34.49
CA GLN D 308 -22.08 65.95 -34.74
C GLN D 308 -22.95 65.78 -33.50
N SER D 309 -22.36 65.77 -32.31
CA SER D 309 -23.19 65.55 -31.12
C SER D 309 -24.06 66.73 -30.76
N SER D 310 -23.82 67.91 -31.33
CA SER D 310 -24.78 69.02 -31.23
C SER D 310 -25.93 69.04 -32.25
N TYR D 311 -25.94 68.14 -33.21
CA TYR D 311 -26.94 68.15 -34.26
C TYR D 311 -28.23 67.56 -33.72
N PRO D 312 -29.37 68.27 -33.79
CA PRO D 312 -30.58 67.82 -33.21
C PRO D 312 -31.25 66.70 -33.97
N TYR D 313 -31.96 65.86 -33.21
CA TYR D 313 -32.86 64.84 -33.74
C TYR D 313 -34.25 65.42 -33.91
N LYS D 314 -34.98 64.80 -34.83
CA LYS D 314 -36.34 65.19 -35.08
C LYS D 314 -37.19 65.22 -33.82
N LYS D 315 -37.11 64.17 -33.01
CA LYS D 315 -37.84 64.04 -31.73
C LYS D 315 -37.60 65.26 -30.79
N ASP D 316 -36.48 65.95 -30.89
CA ASP D 316 -36.21 67.12 -30.05
C ASP D 316 -36.55 68.50 -30.70
N LEU D 317 -37.18 68.51 -31.88
CA LEU D 317 -37.45 69.73 -32.59
C LEU D 317 -38.95 70.02 -32.59
N PRO D 318 -39.31 71.30 -32.67
CA PRO D 318 -40.72 71.61 -32.92
C PRO D 318 -41.39 70.83 -34.09
N LEU D 319 -42.59 70.31 -33.87
CA LEU D 319 -43.33 69.58 -34.89
C LEU D 319 -43.66 70.33 -36.18
N THR D 320 -43.84 71.65 -36.10
CA THR D 320 -44.15 72.46 -37.26
C THR D 320 -43.02 72.47 -38.32
N LEU D 321 -41.78 72.14 -37.94
CA LEU D 321 -40.72 71.98 -38.88
C LEU D 321 -40.91 70.80 -39.81
N PHE D 322 -41.86 69.93 -39.52
CA PHE D 322 -42.11 68.75 -40.33
C PHE D 322 -43.52 68.71 -40.88
N LEU D 323 -44.19 69.85 -40.90
CA LEU D 323 -45.51 69.94 -41.49
C LEU D 323 -45.38 70.66 -42.83
N GLU D 324 -46.28 70.25 -43.76
CA GLU D 324 -46.26 70.55 -45.26
C GLU D 324 -47.46 71.48 -45.68
N GLU E 14 13.22 17.80 -15.23
CA GLU E 14 13.81 19.15 -14.93
C GLU E 14 14.72 19.46 -13.69
N VAL E 15 14.85 20.77 -13.55
CA VAL E 15 15.81 21.39 -12.59
C VAL E 15 15.39 21.51 -11.16
N ALA E 16 16.29 21.42 -10.20
CA ALA E 16 15.90 21.50 -8.80
C ALA E 16 15.42 22.84 -8.40
N ALA E 17 14.26 22.87 -7.75
CA ALA E 17 13.64 24.16 -7.31
C ALA E 17 13.92 24.50 -5.82
N VAL E 18 14.19 23.49 -5.00
CA VAL E 18 14.52 23.67 -3.62
C VAL E 18 15.90 23.10 -3.43
N VAL E 19 16.81 23.92 -2.96
CA VAL E 19 18.14 23.48 -2.59
C VAL E 19 18.32 23.65 -1.05
N VAL E 20 18.77 22.59 -0.37
CA VAL E 20 18.98 22.61 1.03
C VAL E 20 20.47 22.42 1.33
N VAL E 21 21.08 23.41 2.00
CA VAL E 21 22.45 23.34 2.45
C VAL E 21 22.41 23.12 3.95
N GLY E 22 22.77 21.91 4.35
CA GLY E 22 22.81 21.58 5.75
C GLY E 22 23.21 20.16 6.13
N SER E 23 22.63 19.70 7.24
CA SER E 23 23.11 18.56 7.93
C SER E 23 22.39 17.26 7.65
N CYS E 24 23.12 16.15 7.66
CA CYS E 24 22.57 14.82 7.72
C CYS E 24 23.17 14.16 8.95
N MET E 25 22.33 13.49 9.75
CA MET E 25 22.76 12.78 10.92
C MET E 25 22.05 11.48 11.06
N THR E 26 22.76 10.49 11.57
CA THR E 26 22.18 9.22 11.90
C THR E 26 21.73 9.23 13.41
N ASP E 27 20.47 8.90 13.66
CA ASP E 27 19.95 8.83 15.00
C ASP E 27 20.07 7.42 15.50
N LEU E 28 20.68 7.30 16.65
CA LEU E 28 20.96 6.01 17.28
C LEU E 28 20.26 6.00 18.66
N VAL E 29 19.18 5.26 18.79
CA VAL E 29 18.30 5.38 19.96
C VAL E 29 18.21 4.08 20.71
N SER E 30 18.50 4.16 22.00
CA SER E 30 18.39 3.04 22.94
C SER E 30 17.29 3.35 23.93
N LEU E 31 16.28 2.46 24.07
CA LEU E 31 15.27 2.58 25.07
C LEU E 31 15.58 1.75 26.32
N THR E 32 15.38 2.34 27.49
CA THR E 32 15.68 1.74 28.78
C THR E 32 14.54 2.02 29.74
N SER E 33 14.53 1.40 30.89
CA SER E 33 13.48 1.71 31.87
C SER E 33 13.89 2.90 32.69
N ARG E 34 15.13 2.88 33.15
CA ARG E 34 15.71 4.04 33.74
C ARG E 34 16.97 4.49 32.99
N LEU E 35 17.33 5.78 33.14
CA LEU E 35 18.58 6.37 32.58
C LEU E 35 19.78 6.03 33.45
N PRO E 36 20.96 5.88 32.86
CA PRO E 36 22.15 5.50 33.61
C PRO E 36 22.87 6.64 34.26
N LYS E 37 23.31 6.45 35.52
CA LYS E 37 24.19 7.43 36.21
C LYS E 37 25.60 7.20 35.70
N THR E 38 26.47 8.17 35.91
CA THR E 38 27.90 7.97 35.62
C THR E 38 28.54 6.66 36.11
N GLY E 39 29.33 6.04 35.25
CA GLY E 39 29.99 4.79 35.59
C GLY E 39 29.07 3.58 35.55
N GLU E 40 27.77 3.72 35.26
CA GLU E 40 26.85 2.58 35.22
C GLU E 40 26.77 1.95 33.83
N THR E 41 26.61 0.61 33.83
CA THR E 41 26.28 -0.15 32.68
C THR E 41 24.87 -0.64 32.92
N ILE E 42 23.95 -0.34 32.02
CA ILE E 42 22.59 -0.85 32.11
C ILE E 42 22.13 -1.50 30.79
N HIS E 43 21.06 -2.29 30.87
CA HIS E 43 20.55 -3.06 29.77
C HIS E 43 19.24 -2.42 29.35
N GLY E 44 19.13 -2.00 28.10
CA GLY E 44 17.90 -1.50 27.58
C GLY E 44 17.17 -2.65 26.95
N HIS E 45 15.98 -2.37 26.43
CA HIS E 45 15.15 -3.37 25.85
C HIS E 45 14.90 -3.17 24.38
N LYS E 46 15.34 -2.06 23.80
CA LYS E 46 15.14 -1.84 22.35
C LYS E 46 16.09 -0.78 21.80
N PHE E 47 16.56 -1.05 20.58
CA PHE E 47 17.41 -0.11 19.89
C PHE E 47 16.80 0.18 18.55
N PHE E 48 16.87 1.44 18.11
CA PHE E 48 16.65 1.71 16.69
C PHE E 48 17.35 2.90 16.07
N ILE E 49 17.52 2.75 14.75
CA ILE E 49 18.20 3.66 13.84
C ILE E 49 17.21 4.48 13.06
N GLY E 50 17.56 5.72 12.83
CA GLY E 50 16.75 6.57 12.01
C GLY E 50 17.60 7.57 11.26
N PHE E 51 17.03 8.16 10.20
CA PHE E 51 17.71 9.17 9.41
C PHE E 51 17.22 10.50 9.89
N GLY E 52 18.15 11.36 10.31
CA GLY E 52 17.86 12.65 10.89
C GLY E 52 18.71 13.74 10.38
N GLY E 53 18.84 14.80 11.16
CA GLY E 53 19.53 16.02 10.70
C GLY E 53 18.50 16.98 10.08
N LYS E 54 18.55 18.24 10.51
CA LYS E 54 17.53 19.21 10.16
C LYS E 54 17.47 19.48 8.68
N GLY E 55 18.65 19.55 8.06
CA GLY E 55 18.74 19.81 6.63
C GLY E 55 18.07 18.69 5.86
N ALA E 56 18.48 17.44 6.11
CA ALA E 56 17.91 16.33 5.38
C ALA E 56 16.44 16.20 5.69
N ASN E 57 16.05 16.48 6.92
CA ASN E 57 14.64 16.33 7.28
C ASN E 57 13.79 17.27 6.46
N GLN E 58 14.24 18.49 6.32
CA GLN E 58 13.48 19.51 5.59
C GLN E 58 13.43 19.17 4.14
N CYS E 59 14.57 18.74 3.64
CA CYS E 59 14.66 18.31 2.27
C CYS E 59 13.72 17.13 1.96
N VAL E 60 13.70 16.14 2.85
CA VAL E 60 12.79 14.99 2.68
C VAL E 60 11.31 15.43 2.65
N GLN E 61 10.88 16.28 3.57
CA GLN E 61 9.45 16.66 3.53
C GLN E 61 9.10 17.35 2.24
N ALA E 62 9.97 18.24 1.79
CA ALA E 62 9.73 18.99 0.55
C ALA E 62 9.66 18.01 -0.62
N ALA E 63 10.55 17.02 -0.66
CA ALA E 63 10.55 16.06 -1.78
C ALA E 63 9.33 15.23 -1.84
N ARG E 64 8.87 14.81 -0.70
CA ARG E 64 7.63 13.99 -0.59
C ARG E 64 6.35 14.72 -0.95
N LEU E 65 6.36 16.04 -0.89
CA LEU E 65 5.25 16.83 -1.37
C LEU E 65 5.25 16.97 -2.89
N GLY E 66 6.36 16.59 -3.50
CA GLY E 66 6.53 16.66 -4.93
C GLY E 66 7.66 17.55 -5.40
N ALA E 67 8.37 18.22 -4.48
CA ALA E 67 9.47 19.09 -4.88
C ALA E 67 10.64 18.34 -5.47
N MET E 68 11.23 18.96 -6.46
CA MET E 68 12.51 18.57 -6.93
C MET E 68 13.52 19.23 -6.09
N THR E 69 14.36 18.44 -5.46
CA THR E 69 15.26 18.97 -4.46
C THR E 69 16.69 18.53 -4.72
N SER E 70 17.65 19.27 -4.14
CA SER E 70 19.05 18.92 -4.17
C SER E 70 19.61 19.21 -2.79
N MET E 71 20.29 18.20 -2.21
CA MET E 71 20.81 18.22 -0.83
C MET E 71 22.31 18.42 -0.88
N VAL E 72 22.76 19.56 -0.37
CA VAL E 72 24.17 19.90 -0.32
C VAL E 72 24.60 19.66 1.10
N CYS E 73 25.45 18.65 1.29
CA CYS E 73 25.82 18.23 2.60
C CYS E 73 27.06 17.41 2.54
N LYS E 74 27.59 17.04 3.70
CA LYS E 74 28.75 16.18 3.77
C LYS E 74 28.55 15.07 4.78
N VAL E 75 28.71 13.84 4.31
CA VAL E 75 28.71 12.67 5.16
C VAL E 75 30.08 11.95 5.08
N GLY E 76 30.19 10.89 5.88
CA GLY E 76 31.36 10.08 6.00
C GLY E 76 31.44 9.01 4.98
N LYS E 77 32.68 8.59 4.76
CA LYS E 77 32.93 7.45 3.96
C LYS E 77 32.88 6.16 4.80
N ASP E 78 31.68 5.82 5.21
CA ASP E 78 31.42 4.76 6.13
C ASP E 78 30.03 4.22 5.78
N SER E 79 29.63 3.16 6.49
CA SER E 79 28.28 2.57 6.33
C SER E 79 27.14 3.58 6.50
N PHE E 80 27.20 4.39 7.55
CA PHE E 80 26.15 5.34 7.84
C PHE E 80 26.01 6.32 6.70
N GLY E 81 27.12 6.75 6.14
CA GLY E 81 27.13 7.64 5.02
C GLY E 81 26.58 7.06 3.73
N ASN E 82 27.00 5.85 3.37
CA ASN E 82 26.42 5.20 2.21
C ASN E 82 24.93 4.99 2.35
N ASP E 83 24.53 4.55 3.56
CA ASP E 83 23.10 4.39 3.88
C ASP E 83 22.34 5.75 3.73
N TYR E 84 22.94 6.85 4.21
CA TYR E 84 22.29 8.14 4.11
C TYR E 84 22.07 8.52 2.64
N ILE E 85 23.11 8.40 1.83
CA ILE E 85 23.02 8.62 0.41
C ILE E 85 21.90 7.79 -0.22
N GLU E 86 21.77 6.54 0.17
CA GLU E 86 20.72 5.71 -0.28
C GLU E 86 19.36 6.18 0.19
N ASN E 87 19.28 6.68 1.42
CA ASN E 87 18.01 7.25 1.92
C ASN E 87 17.57 8.47 1.12
N LEU E 88 18.52 9.35 0.80
CA LEU E 88 18.20 10.50 -0.01
C LEU E 88 17.71 10.06 -1.41
N LYS E 89 18.40 9.12 -2.03
CA LYS E 89 17.96 8.66 -3.34
C LYS E 89 16.58 8.04 -3.33
N GLN E 90 16.27 7.31 -2.25
CA GLN E 90 14.97 6.66 -2.07
C GLN E 90 13.81 7.64 -1.98
N ASN E 91 14.08 8.84 -1.50
CA ASN E 91 13.11 9.95 -1.55
C ASN E 91 13.23 10.92 -2.73
N ASP E 92 13.89 10.51 -3.80
CA ASP E 92 14.08 11.33 -5.07
C ASP E 92 14.78 12.65 -4.91
N ILE E 93 15.74 12.71 -4.00
CA ILE E 93 16.53 13.88 -3.76
C ILE E 93 17.81 13.75 -4.57
N SER E 94 18.23 14.81 -5.23
CA SER E 94 19.52 14.79 -5.94
C SER E 94 20.65 14.80 -4.92
N THR E 95 21.62 13.93 -5.15
CA THR E 95 22.81 13.79 -4.29
C THR E 95 24.06 14.24 -5.04
N GLU E 96 23.89 15.08 -6.06
CA GLU E 96 25.01 15.61 -6.87
C GLU E 96 26.05 16.33 -6.02
N PHE E 97 25.61 17.01 -4.97
CA PHE E 97 26.49 17.69 -4.07
C PHE E 97 26.36 17.19 -2.63
N THR E 98 26.13 15.89 -2.47
CA THR E 98 26.26 15.21 -1.20
C THR E 98 27.65 14.64 -1.23
N TYR E 99 28.55 15.26 -0.48
CA TYR E 99 29.97 14.88 -0.47
C TYR E 99 30.24 13.79 0.58
N GLN E 100 31.24 12.94 0.33
CA GLN E 100 31.67 11.95 1.29
C GLN E 100 33.16 12.15 1.61
N THR E 101 33.55 12.06 2.88
CA THR E 101 34.92 12.30 3.27
C THR E 101 35.44 11.16 4.18
N LYS E 102 36.67 10.76 3.93
CA LYS E 102 37.46 9.91 4.84
C LYS E 102 37.87 10.62 6.17
N ASP E 103 37.84 11.95 6.23
CA ASP E 103 38.38 12.69 7.37
C ASP E 103 37.52 12.67 8.63
N ALA E 104 36.26 12.22 8.56
CA ALA E 104 35.39 12.19 9.75
C ALA E 104 34.28 11.28 9.49
N ALA E 105 33.69 10.76 10.54
CA ALA E 105 32.50 9.94 10.44
C ALA E 105 31.27 10.81 10.14
N THR E 106 30.29 10.18 9.50
CA THR E 106 28.97 10.75 9.35
C THR E 106 28.47 11.18 10.70
N GLY E 107 27.79 12.31 10.75
CA GLY E 107 27.29 12.87 11.94
C GLY E 107 26.42 11.85 12.66
N THR E 108 26.47 11.86 13.99
CA THR E 108 25.58 11.01 14.84
C THR E 108 24.90 11.74 16.00
N ALA E 109 23.70 11.26 16.35
CA ALA E 109 22.95 11.72 17.53
C ALA E 109 22.60 10.48 18.35
N SER E 110 23.34 10.24 19.44
CA SER E 110 23.14 9.08 20.27
C SER E 110 22.20 9.51 21.39
N ILE E 111 21.07 8.83 21.43
CA ILE E 111 20.00 9.17 22.35
C ILE E 111 19.76 7.95 23.26
N ILE E 112 19.60 8.19 24.57
CA ILE E 112 19.09 7.19 25.49
C ILE E 112 17.78 7.69 26.08
N VAL E 113 16.72 6.89 26.03
CA VAL E 113 15.40 7.35 26.42
C VAL E 113 14.74 6.37 27.35
N ASN E 114 14.19 6.92 28.41
CA ASN E 114 13.50 6.08 29.37
C ASN E 114 12.02 5.96 29.01
N ASN E 115 11.29 5.26 29.89
CA ASN E 115 9.86 4.96 29.61
C ASN E 115 8.95 6.18 29.63
N GLU E 116 9.38 7.23 30.34
CA GLU E 116 8.59 8.42 30.56
C GLU E 116 8.92 9.39 29.49
N GLY E 117 9.83 9.06 28.59
CA GLY E 117 10.24 9.99 27.53
C GLY E 117 11.45 10.90 27.80
N GLN E 118 11.97 10.93 29.04
CA GLN E 118 13.18 11.72 29.43
C GLN E 118 14.41 11.14 28.87
N ASN E 119 15.35 11.99 28.52
CA ASN E 119 16.50 11.50 27.75
C ASN E 119 17.85 12.11 28.03
N ILE E 120 18.88 11.49 27.45
CA ILE E 120 20.26 11.94 27.44
C ILE E 120 20.74 11.91 26.02
N ILE E 121 21.35 12.96 25.51
CA ILE E 121 21.67 13.01 24.07
C ILE E 121 23.11 13.41 23.90
N VAL E 122 23.82 12.77 23.00
CA VAL E 122 25.19 13.13 22.65
C VAL E 122 25.38 13.28 21.16
N ILE E 123 25.59 14.51 20.69
CA ILE E 123 25.70 14.78 19.28
C ILE E 123 27.16 14.84 18.90
N VAL E 124 27.53 14.20 17.83
CA VAL E 124 28.80 14.39 17.24
C VAL E 124 28.58 14.75 15.75
N ALA E 125 28.68 16.04 15.46
CA ALA E 125 28.35 16.58 14.15
C ALA E 125 29.22 15.94 13.05
N GLY E 126 30.46 15.57 13.38
CA GLY E 126 31.33 14.86 12.45
C GLY E 126 31.49 15.52 11.07
N ALA E 127 31.14 14.79 10.02
CA ALA E 127 31.40 15.22 8.67
C ALA E 127 30.66 16.47 8.30
N ASN E 128 29.53 16.69 8.92
CA ASN E 128 28.82 17.97 8.73
C ASN E 128 29.64 19.25 8.93
N LEU E 129 30.59 19.26 9.88
CA LEU E 129 31.40 20.43 10.12
C LEU E 129 32.55 20.60 9.15
N LEU E 130 32.76 19.61 8.30
CA LEU E 130 33.70 19.74 7.20
C LEU E 130 33.10 20.24 5.89
N LEU E 131 31.80 20.55 5.82
CA LEU E 131 31.22 21.18 4.60
C LEU E 131 31.65 22.65 4.56
N ASN E 132 32.48 23.02 3.58
CA ASN E 132 33.14 24.31 3.59
C ASN E 132 32.69 25.23 2.38
N THR E 133 33.31 26.43 2.25
CA THR E 133 33.03 27.46 1.17
C THR E 133 33.41 26.88 -0.22
N GLU E 134 34.49 26.10 -0.34
CA GLU E 134 34.81 25.44 -1.63
C GLU E 134 33.78 24.43 -2.13
N ASP E 135 33.29 23.62 -1.21
CA ASP E 135 32.26 22.65 -1.52
C ASP E 135 30.99 23.34 -2.08
N LEU E 136 30.61 24.47 -1.47
CA LEU E 136 29.49 25.26 -1.96
C LEU E 136 29.72 25.89 -3.36
N ARG E 137 30.94 26.36 -3.64
CA ARG E 137 31.27 27.02 -4.92
C ARG E 137 30.93 26.10 -6.05
N ALA E 138 31.23 24.83 -5.90
CA ALA E 138 30.94 23.84 -6.97
C ALA E 138 29.41 23.74 -7.29
N ALA E 139 28.57 24.01 -6.29
CA ALA E 139 27.13 23.98 -6.42
C ALA E 139 26.53 25.33 -6.81
N ALA E 140 27.33 26.29 -7.30
CA ALA E 140 26.81 27.62 -7.63
C ALA E 140 25.69 27.65 -8.67
N ASN E 141 25.79 26.77 -9.66
CA ASN E 141 24.82 26.71 -10.69
C ASN E 141 23.49 26.17 -10.30
N VAL E 142 23.48 25.00 -9.65
CA VAL E 142 22.27 24.46 -9.05
C VAL E 142 21.62 25.49 -8.14
N ILE E 143 22.43 26.17 -7.34
CA ILE E 143 21.89 27.18 -6.45
C ILE E 143 21.25 28.34 -7.24
N SER E 144 21.93 28.83 -8.29
CA SER E 144 21.44 29.98 -8.99
C SER E 144 20.18 29.72 -9.83
N ARG E 145 19.91 28.48 -10.13
CA ARG E 145 18.69 28.11 -10.87
C ARG E 145 17.51 27.66 -10.00
N ALA E 146 17.70 27.62 -8.70
CA ALA E 146 16.65 27.24 -7.77
C ALA E 146 15.68 28.38 -7.50
N LYS E 147 14.59 28.03 -6.84
CA LYS E 147 13.59 28.97 -6.37
C LYS E 147 13.81 29.32 -4.89
N VAL E 148 14.21 28.34 -4.11
CA VAL E 148 14.42 28.51 -2.68
C VAL E 148 15.67 27.81 -2.20
N MET E 149 16.35 28.48 -1.31
CA MET E 149 17.52 27.98 -0.66
C MET E 149 17.22 27.91 0.85
N VAL E 150 17.41 26.74 1.45
CA VAL E 150 17.09 26.49 2.86
C VAL E 150 18.37 26.17 3.68
N CYS E 151 18.56 26.85 4.79
CA CYS E 151 19.69 26.59 5.69
C CYS E 151 19.27 26.57 7.17
N GLN E 152 20.13 25.91 7.96
CA GLN E 152 20.00 25.90 9.40
C GLN E 152 21.37 26.17 10.08
N LEU E 153 21.48 25.83 11.36
CA LEU E 153 22.72 26.04 12.14
C LEU E 153 23.33 24.76 12.69
N GLU E 154 23.29 23.68 11.91
CA GLU E 154 23.94 22.42 12.33
C GLU E 154 25.24 22.18 11.58
N ILE E 155 25.60 23.06 10.65
CA ILE E 155 26.85 22.98 9.95
C ILE E 155 27.59 24.21 10.42
N THR E 156 28.81 24.39 9.94
CA THR E 156 29.59 25.58 10.25
C THR E 156 28.75 26.88 9.83
N PRO E 157 28.49 27.75 10.76
CA PRO E 157 27.76 28.96 10.46
C PRO E 157 28.30 29.73 9.29
N ALA E 158 29.61 29.86 9.17
CA ALA E 158 30.19 30.54 8.00
C ALA E 158 29.70 29.92 6.62
N THR E 159 29.46 28.60 6.58
CA THR E 159 29.05 27.95 5.40
C THR E 159 27.62 28.29 5.09
N SER E 160 26.75 28.22 6.09
CA SER E 160 25.34 28.61 5.87
C SER E 160 25.24 30.07 5.37
N LEU E 161 26.03 30.93 5.97
CA LEU E 161 26.03 32.32 5.65
C LEU E 161 26.46 32.57 4.22
N GLU E 162 27.44 31.80 3.74
CA GLU E 162 27.89 31.91 2.32
C GLU E 162 26.78 31.39 1.40
N ALA E 163 26.14 30.30 1.80
CA ALA E 163 25.04 29.77 1.06
C ALA E 163 23.95 30.84 0.86
N LEU E 164 23.60 31.55 1.93
CA LEU E 164 22.54 32.60 1.86
C LEU E 164 22.97 33.75 0.99
N THR E 165 24.27 34.10 1.07
CA THR E 165 24.85 35.13 0.24
C THR E 165 24.78 34.78 -1.27
N MET E 166 25.08 33.53 -1.63
N MET E 166 25.08 33.53 -1.63
CA MET E 166 25.04 33.09 -3.02
CA MET E 166 25.04 33.09 -3.02
C MET E 166 23.64 33.15 -3.55
C MET E 166 23.63 33.14 -3.55
N ALA E 167 22.70 32.66 -2.75
CA ALA E 167 21.29 32.67 -3.14
C ALA E 167 20.81 34.10 -3.37
N ARG E 168 21.16 34.99 -2.47
CA ARG E 168 20.74 36.37 -2.63
C ARG E 168 21.25 37.05 -3.89
N ARG E 169 22.53 36.88 -4.13
CA ARG E 169 23.19 37.41 -5.31
C ARG E 169 22.46 36.95 -6.61
N SER E 170 21.97 35.72 -6.60
CA SER E 170 21.27 35.11 -7.71
C SER E 170 19.72 35.25 -7.66
N GLY E 171 19.20 36.08 -6.76
CA GLY E 171 17.76 36.37 -6.71
C GLY E 171 16.91 35.25 -6.16
N VAL E 172 17.56 34.28 -5.51
CA VAL E 172 16.89 33.10 -5.01
C VAL E 172 16.40 33.36 -3.63
N LYS E 173 15.21 32.87 -3.34
CA LYS E 173 14.58 33.14 -2.05
C LYS E 173 15.23 32.37 -0.94
N THR E 174 15.53 33.08 0.15
CA THR E 174 16.25 32.49 1.27
C THR E 174 15.30 32.15 2.37
N LEU E 175 15.35 30.90 2.83
CA LEU E 175 14.58 30.43 3.96
C LEU E 175 15.61 29.96 5.02
N PHE E 176 15.69 30.68 6.14
CA PHE E 176 16.65 30.39 7.19
C PHE E 176 15.94 29.99 8.52
N ASN E 177 16.40 28.89 9.07
CA ASN E 177 15.92 28.30 10.27
C ASN E 177 17.14 28.27 11.27
N PRO E 178 17.26 29.29 12.14
CA PRO E 178 18.39 29.37 13.09
C PRO E 178 18.28 28.35 14.24
N ALA E 179 18.53 27.09 13.91
CA ALA E 179 18.30 25.94 14.80
C ALA E 179 19.40 24.91 14.76
N PRO E 180 19.93 24.50 15.95
CA PRO E 180 19.72 25.09 17.29
C PRO E 180 20.31 26.54 17.39
N ALA E 181 19.73 27.35 18.27
CA ALA E 181 20.01 28.76 18.25
C ALA E 181 21.26 29.07 19.02
N ILE E 182 22.00 30.06 18.56
CA ILE E 182 23.14 30.59 19.22
C ILE E 182 22.80 32.02 19.70
N ALA E 183 23.28 32.38 20.91
CA ALA E 183 23.01 33.69 21.50
C ALA E 183 23.50 34.86 20.64
N ASP E 184 24.71 34.78 20.08
CA ASP E 184 25.32 35.98 19.45
C ASP E 184 25.43 35.83 17.97
N LEU E 185 24.31 35.52 17.37
CA LEU E 185 24.23 35.22 15.99
C LEU E 185 24.71 36.40 15.15
N ASP E 186 25.53 36.13 14.13
CA ASP E 186 25.98 37.17 13.18
C ASP E 186 24.76 37.90 12.57
N PRO E 187 24.72 39.22 12.61
CA PRO E 187 23.52 39.94 12.14
C PRO E 187 23.33 39.86 10.69
N GLN E 188 24.38 39.47 9.95
CA GLN E 188 24.18 39.20 8.51
C GLN E 188 23.14 38.17 8.24
N PHE E 189 22.96 37.21 9.14
CA PHE E 189 21.91 36.23 8.96
C PHE E 189 20.56 36.89 8.81
N TYR E 190 20.30 37.93 9.60
CA TYR E 190 18.98 38.53 9.56
C TYR E 190 18.72 39.22 8.21
N THR E 191 19.67 40.03 7.75
CA THR E 191 19.56 40.79 6.53
C THR E 191 19.62 39.93 5.28
N LEU E 192 20.17 38.72 5.38
CA LEU E 192 20.11 37.77 4.28
C LEU E 192 18.89 36.84 4.25
N SER E 193 17.96 37.02 5.15
CA SER E 193 16.83 36.08 5.29
C SER E 193 15.57 36.67 4.74
N ASP E 194 15.07 36.11 3.63
CA ASP E 194 13.74 36.51 3.07
C ASP E 194 12.62 35.96 3.97
N VAL E 195 12.85 34.77 4.52
CA VAL E 195 11.95 34.19 5.48
C VAL E 195 12.77 33.57 6.61
N PHE E 196 12.53 34.03 7.83
CA PHE E 196 13.25 33.61 9.02
C PHE E 196 12.30 32.88 9.97
N CYS E 197 12.53 31.60 10.24
CA CYS E 197 11.55 30.75 10.91
C CYS E 197 12.20 30.00 12.02
N CYS E 198 11.71 30.18 13.25
CA CYS E 198 12.26 29.48 14.42
C CYS E 198 11.14 29.15 15.46
N ASN E 199 11.48 28.38 16.47
CA ASN E 199 10.50 28.05 17.50
C ASN E 199 10.58 29.03 18.71
N GLU E 200 9.73 28.78 19.70
CA GLU E 200 9.64 29.60 20.86
C GLU E 200 10.94 29.68 21.62
N SER E 201 11.52 28.55 21.98
CA SER E 201 12.69 28.60 22.82
C SER E 201 13.88 29.21 22.07
N GLU E 202 13.92 28.98 20.77
CA GLU E 202 14.95 29.58 19.93
C GLU E 202 14.83 31.14 19.88
N ALA E 203 13.61 31.62 19.80
CA ALA E 203 13.38 33.03 19.89
C ALA E 203 13.82 33.64 21.26
N GLU E 204 13.69 32.88 22.34
CA GLU E 204 14.18 33.32 23.63
C GLU E 204 15.65 33.56 23.56
N ILE E 205 16.36 32.60 22.98
CA ILE E 205 17.81 32.66 22.92
C ILE E 205 18.28 33.81 22.04
N LEU E 206 17.66 33.99 20.90
CA LEU E 206 18.07 35.06 20.00
C LEU E 206 17.76 36.49 20.43
N THR E 207 16.73 36.67 21.24
CA THR E 207 16.25 37.98 21.64
C THR E 207 16.43 38.31 23.12
N GLY E 208 16.72 37.32 23.95
CA GLY E 208 16.81 37.52 25.40
C GLY E 208 15.47 37.72 26.11
N LEU E 209 14.35 37.50 25.42
CA LEU E 209 13.00 37.69 25.97
C LEU E 209 12.41 36.38 26.40
N THR E 210 11.40 36.42 27.25
CA THR E 210 10.62 35.22 27.60
C THR E 210 9.52 35.00 26.59
N VAL E 211 9.24 33.73 26.28
CA VAL E 211 8.16 33.40 25.36
C VAL E 211 7.27 32.27 25.91
N GLY E 212 6.32 32.67 26.76
CA GLY E 212 5.25 31.80 27.32
C GLY E 212 4.05 31.69 26.37
N SER E 213 3.38 32.82 26.14
CA SER E 213 2.20 32.90 25.24
C SER E 213 2.49 33.21 23.74
N ALA E 214 1.41 33.30 22.98
CA ALA E 214 1.47 33.70 21.57
C ALA E 214 1.68 35.21 21.48
N ALA E 215 1.20 35.96 22.47
CA ALA E 215 1.41 37.43 22.49
C ALA E 215 2.87 37.75 22.72
N ASP E 216 3.51 36.96 23.58
CA ASP E 216 4.96 37.07 23.80
C ASP E 216 5.76 36.78 22.54
N ALA E 217 5.36 35.74 21.82
CA ALA E 217 6.02 35.36 20.58
C ALA E 217 5.96 36.50 19.59
N GLY E 218 4.81 37.17 19.53
CA GLY E 218 4.63 38.34 18.64
C GLY E 218 5.65 39.43 18.92
N GLU E 219 5.89 39.71 20.20
CA GLU E 219 6.86 40.72 20.62
C GLU E 219 8.26 40.29 20.27
N ALA E 220 8.61 39.03 20.48
CA ALA E 220 9.93 38.54 20.14
C ALA E 220 10.18 38.60 18.64
N ALA E 221 9.17 38.20 17.88
CA ALA E 221 9.19 38.23 16.42
C ALA E 221 9.39 39.62 15.88
N LEU E 222 8.82 40.63 16.56
CA LEU E 222 9.01 42.08 16.18
C LEU E 222 10.50 42.52 16.31
N VAL E 223 11.18 42.02 17.35
CA VAL E 223 12.59 42.34 17.56
C VAL E 223 13.37 41.77 16.39
N LEU E 224 13.08 40.54 16.04
CA LEU E 224 13.81 39.88 14.95
C LEU E 224 13.55 40.54 13.61
N LEU E 225 12.32 40.97 13.40
CA LEU E 225 11.94 41.69 12.17
C LEU E 225 12.76 42.94 12.00
N LYS E 226 12.87 43.69 13.09
CA LYS E 226 13.62 44.97 13.05
C LYS E 226 15.10 44.84 12.80
N ARG E 227 15.64 43.64 13.00
CA ARG E 227 17.05 43.37 12.78
C ARG E 227 17.32 43.10 11.29
N GLY E 228 16.28 43.06 10.46
CA GLY E 228 16.41 43.11 9.03
C GLY E 228 15.70 42.03 8.21
N CYS E 229 15.04 41.10 8.89
CA CYS E 229 14.37 40.00 8.20
C CYS E 229 13.20 40.54 7.42
N GLN E 230 12.95 40.01 6.23
CA GLN E 230 11.76 40.38 5.46
C GLN E 230 10.48 39.82 6.11
N VAL E 231 10.55 38.55 6.52
CA VAL E 231 9.46 37.86 7.13
C VAL E 231 9.97 37.11 8.33
N VAL E 232 9.23 37.16 9.46
CA VAL E 232 9.53 36.34 10.64
C VAL E 232 8.35 35.45 11.01
N ILE E 233 8.62 34.16 11.18
CA ILE E 233 7.61 33.19 11.57
C ILE E 233 8.14 32.49 12.80
N ILE E 234 7.32 32.43 13.86
CA ILE E 234 7.66 31.65 15.02
C ILE E 234 6.69 30.50 15.20
N THR E 235 7.19 29.28 15.23
CA THR E 235 6.37 28.12 15.46
C THR E 235 6.09 27.97 16.92
N LEU E 236 4.92 27.43 17.24
CA LEU E 236 4.39 27.40 18.61
C LEU E 236 3.72 26.08 18.94
N GLY E 237 4.20 24.99 18.42
CA GLY E 237 3.70 23.65 18.78
C GLY E 237 2.24 23.50 18.45
N ALA E 238 1.47 23.09 19.44
CA ALA E 238 0.02 22.92 19.28
C ALA E 238 -0.73 24.22 19.01
N GLU E 239 -0.13 25.36 19.33
CA GLU E 239 -0.74 26.66 19.03
C GLU E 239 -0.55 27.13 17.56
N GLY E 240 0.19 26.37 16.75
CA GLY E 240 0.36 26.70 15.35
C GLY E 240 1.55 27.58 15.15
N CYS E 241 1.36 28.76 14.59
CA CYS E 241 2.49 29.71 14.38
C CYS E 241 2.07 31.18 14.34
N VAL E 242 3.05 32.07 14.41
CA VAL E 242 2.85 33.48 14.34
C VAL E 242 3.71 34.07 13.27
N VAL E 243 3.15 35.00 12.51
CA VAL E 243 3.88 35.60 11.37
C VAL E 243 3.80 37.13 11.35
N LEU E 244 4.92 37.76 10.97
CA LEU E 244 5.03 39.18 10.72
C LEU E 244 5.84 39.42 9.42
N SER E 245 5.62 40.53 8.75
CA SER E 245 6.44 40.92 7.61
C SER E 245 6.72 42.42 7.61
N GLN E 246 7.69 42.85 6.80
CA GLN E 246 8.02 44.26 6.77
C GLN E 246 6.78 45.08 6.38
N THR E 247 6.01 44.55 5.44
CA THR E 247 4.80 45.19 4.93
C THR E 247 3.62 45.07 5.89
N GLU E 248 3.58 43.96 6.66
CA GLU E 248 2.54 43.76 7.66
C GLU E 248 3.12 43.37 9.03
N PRO E 249 3.69 44.36 9.76
CA PRO E 249 4.40 44.12 11.01
C PRO E 249 3.54 43.79 12.21
N GLU E 250 2.22 43.87 12.08
CA GLU E 250 1.40 43.40 13.15
C GLU E 250 1.39 41.86 13.24
N PRO E 251 1.68 41.30 14.44
CA PRO E 251 1.59 39.85 14.60
C PRO E 251 0.25 39.25 14.12
N LYS E 252 0.33 38.21 13.30
CA LYS E 252 -0.83 37.41 12.91
C LYS E 252 -0.66 35.94 13.44
N HIS E 253 -1.53 35.55 14.39
CA HIS E 253 -1.53 34.21 14.96
C HIS E 253 -2.33 33.27 14.06
N ILE E 254 -1.71 32.20 13.59
CA ILE E 254 -2.37 31.14 12.74
C ILE E 254 -2.56 29.86 13.55
N PRO E 255 -3.79 29.61 14.07
CA PRO E 255 -3.92 28.40 14.92
C PRO E 255 -4.04 27.17 14.03
N THR E 256 -4.08 25.98 14.66
CA THR E 256 -4.16 24.71 13.94
C THR E 256 -5.14 23.78 14.67
N GLU E 257 -5.79 22.89 13.95
CA GLU E 257 -6.69 21.93 14.56
C GLU E 257 -5.92 21.05 15.60
N LYS E 258 -6.53 20.89 16.79
CA LYS E 258 -6.13 19.96 17.86
C LYS E 258 -6.09 18.51 17.29
N VAL E 259 -4.99 17.79 17.58
CA VAL E 259 -4.84 16.35 17.25
C VAL E 259 -4.17 15.58 18.41
N LYS E 260 -4.42 14.26 18.49
CA LYS E 260 -3.71 13.35 19.44
C LYS E 260 -2.27 13.23 18.91
N ALA E 261 -1.35 13.96 19.54
CA ALA E 261 0.09 13.92 19.22
C ALA E 261 0.69 12.61 19.69
N VAL E 262 1.17 11.79 18.76
CA VAL E 262 1.91 10.56 19.09
C VAL E 262 3.41 10.85 19.30
N ASP E 263 3.99 11.62 18.40
CA ASP E 263 5.43 11.96 18.47
C ASP E 263 5.79 13.22 17.66
N THR E 264 6.15 14.30 18.37
CA THR E 264 6.39 15.63 17.75
C THR E 264 7.80 15.82 17.23
N THR E 265 8.63 14.78 17.31
CA THR E 265 10.04 14.89 17.00
C THR E 265 10.11 15.17 15.51
N GLY E 266 10.85 16.23 15.15
CA GLY E 266 11.00 16.63 13.77
C GLY E 266 9.81 17.33 13.14
N ALA E 267 8.84 17.75 13.96
CA ALA E 267 7.68 18.45 13.43
C ALA E 267 8.04 19.81 12.85
N GLY E 268 9.00 20.49 13.49
CA GLY E 268 9.49 21.77 12.98
C GLY E 268 10.12 21.65 11.60
N ASP E 269 10.82 20.55 11.37
CA ASP E 269 11.44 20.29 10.14
C ASP E 269 10.39 19.96 9.04
N SER E 270 9.32 19.24 9.40
CA SER E 270 8.20 19.05 8.48
C SER E 270 7.57 20.41 8.08
N PHE E 271 7.35 21.28 9.06
CA PHE E 271 6.79 22.58 8.79
C PHE E 271 7.64 23.32 7.80
N VAL E 272 8.94 23.37 8.09
CA VAL E 272 9.84 24.21 7.26
C VAL E 272 9.98 23.63 5.84
N GLY E 273 10.01 22.32 5.73
CA GLY E 273 10.12 21.71 4.46
C GLY E 273 8.88 21.97 3.63
N ALA E 274 7.74 21.93 4.27
CA ALA E 274 6.48 22.24 3.59
C ALA E 274 6.46 23.66 3.11
N LEU E 275 6.90 24.54 4.00
CA LEU E 275 7.00 25.94 3.60
C LEU E 275 7.91 26.14 2.36
N ALA E 276 9.06 25.47 2.33
CA ALA E 276 9.96 25.57 1.18
C ALA E 276 9.30 25.10 -0.16
N PHE E 277 8.52 24.03 -0.02
CA PHE E 277 7.71 23.54 -1.08
C PHE E 277 6.76 24.59 -1.63
N TYR E 278 6.05 25.25 -0.74
CA TYR E 278 5.08 26.24 -1.19
C TYR E 278 5.75 27.47 -1.78
N LEU E 279 6.82 27.95 -1.15
CA LEU E 279 7.53 29.15 -1.66
C LEU E 279 7.99 28.91 -3.08
N ALA E 280 8.41 27.69 -3.35
CA ALA E 280 8.99 27.36 -4.58
C ALA E 280 7.99 27.04 -5.69
N TYR E 281 6.93 26.28 -5.37
CA TYR E 281 5.94 25.83 -6.36
C TYR E 281 4.59 26.62 -6.38
N TYR E 282 4.24 27.33 -5.29
CA TYR E 282 3.00 28.10 -5.19
C TYR E 282 3.29 29.54 -4.79
N PRO E 283 4.21 30.21 -5.51
CA PRO E 283 4.65 31.52 -5.04
C PRO E 283 3.55 32.59 -4.94
N ASN E 284 2.46 32.44 -5.72
CA ASN E 284 1.27 33.34 -5.64
C ASN E 284 0.32 33.22 -4.46
N LEU E 285 0.40 32.14 -3.68
CA LEU E 285 -0.40 32.01 -2.48
C LEU E 285 -0.02 33.11 -1.47
N SER E 286 -1.02 33.58 -0.71
CA SER E 286 -0.74 34.48 0.41
C SER E 286 0.13 33.69 1.37
N LEU E 287 0.83 34.43 2.20
CA LEU E 287 1.69 33.86 3.24
C LEU E 287 0.87 33.10 4.32
N GLU E 288 -0.24 33.70 4.71
CA GLU E 288 -1.18 33.11 5.62
C GLU E 288 -1.66 31.73 5.14
N ASP E 289 -1.95 31.64 3.84
CA ASP E 289 -2.36 30.40 3.22
C ASP E 289 -1.23 29.35 3.30
N MET E 290 0.01 29.73 2.92
CA MET E 290 1.14 28.81 2.98
C MET E 290 1.33 28.23 4.38
N LEU E 291 1.13 29.07 5.40
CA LEU E 291 1.34 28.67 6.76
C LEU E 291 0.21 27.80 7.28
N ASN E 292 -1.02 28.04 6.86
CA ASN E 292 -2.07 27.08 7.16
C ASN E 292 -1.79 25.69 6.66
N ARG E 293 -1.37 25.62 5.42
CA ARG E 293 -1.07 24.33 4.79
C ARG E 293 0.15 23.68 5.44
N SER E 294 1.13 24.50 5.79
CA SER E 294 2.35 24.02 6.37
C SER E 294 2.06 23.51 7.82
N ASN E 295 1.27 24.26 8.62
CA ASN E 295 0.74 23.75 9.88
C ASN E 295 0.04 22.41 9.74
N PHE E 296 -0.83 22.28 8.74
CA PHE E 296 -1.57 21.04 8.54
C PHE E 296 -0.66 19.85 8.26
N ILE E 297 0.28 20.03 7.40
CA ILE E 297 1.20 19.00 7.06
C ILE E 297 2.04 18.58 8.29
N ALA E 298 2.57 19.55 9.02
CA ALA E 298 3.38 19.25 10.22
C ALA E 298 2.56 18.51 11.23
N ALA E 299 1.29 18.88 11.32
CA ALA E 299 0.38 18.22 12.24
C ALA E 299 0.14 16.77 11.84
N VAL E 300 0.19 16.45 10.54
CA VAL E 300 0.07 15.03 10.12
C VAL E 300 1.24 14.25 10.70
N SER E 301 2.39 14.90 10.67
CA SER E 301 3.66 14.28 11.13
C SER E 301 3.68 14.00 12.61
N VAL E 302 3.04 14.86 13.40
CA VAL E 302 2.97 14.58 14.86
C VAL E 302 2.07 13.39 15.20
N GLN E 303 1.27 12.91 14.26
CA GLN E 303 0.41 11.78 14.51
C GLN E 303 1.04 10.43 14.35
N ALA E 304 2.32 10.39 14.02
CA ALA E 304 3.05 9.10 13.87
C ALA E 304 4.46 9.22 14.43
N ALA E 305 5.00 8.07 14.81
CA ALA E 305 6.38 8.01 15.28
C ALA E 305 7.37 8.09 14.11
N GLY E 306 8.62 8.43 14.44
CA GLY E 306 9.81 8.08 13.61
C GLY E 306 10.47 9.17 12.77
N THR E 307 10.15 10.44 13.06
CA THR E 307 10.75 11.60 12.38
C THR E 307 10.48 11.50 10.89
N GLN E 308 11.49 11.20 10.04
CA GLN E 308 11.26 11.18 8.59
C GLN E 308 10.19 10.20 8.19
N SER E 309 10.10 9.05 8.84
CA SER E 309 9.07 8.09 8.43
C SER E 309 7.63 8.53 8.80
N SER E 310 7.46 9.53 9.67
CA SER E 310 6.12 10.18 9.85
C SER E 310 5.75 11.31 8.88
N TYR E 311 6.67 11.73 8.01
CA TYR E 311 6.41 12.85 7.11
C TYR E 311 5.54 12.37 5.96
N PRO E 312 4.38 12.98 5.76
CA PRO E 312 3.44 12.49 4.72
C PRO E 312 3.87 12.74 3.30
N TYR E 313 3.43 11.83 2.43
CA TYR E 313 3.56 11.99 0.99
C TYR E 313 2.37 12.74 0.48
N LYS E 314 2.58 13.39 -0.64
CA LYS E 314 1.50 14.02 -1.36
C LYS E 314 0.28 13.10 -1.59
N LYS E 315 0.51 11.90 -2.09
CA LYS E 315 -0.59 10.95 -2.34
C LYS E 315 -1.46 10.65 -1.09
N ASP E 316 -0.93 10.85 0.11
CA ASP E 316 -1.69 10.64 1.35
C ASP E 316 -2.34 11.90 1.96
N LEU E 317 -2.30 13.02 1.25
CA LEU E 317 -2.81 14.26 1.74
C LEU E 317 -4.02 14.70 0.95
N PRO E 318 -4.92 15.44 1.60
CA PRO E 318 -6.02 16.08 0.84
C PRO E 318 -5.61 16.87 -0.40
N LEU E 319 -6.32 16.67 -1.50
CA LEU E 319 -5.98 17.33 -2.77
C LEU E 319 -5.95 18.84 -2.76
N THR E 320 -6.77 19.45 -1.92
CA THR E 320 -6.93 20.88 -1.86
C THR E 320 -5.64 21.55 -1.36
N LEU E 321 -4.76 20.83 -0.68
CA LEU E 321 -3.45 21.34 -0.34
C LEU E 321 -2.57 21.62 -1.53
N PHE E 322 -2.95 21.16 -2.71
CA PHE E 322 -2.16 21.33 -3.92
C PHE E 322 -2.91 22.08 -5.02
N LEU E 323 -3.99 22.77 -4.64
CA LEU E 323 -4.78 23.60 -5.54
C LEU E 323 -4.68 25.08 -5.19
N GLU E 324 -5.03 25.90 -6.22
CA GLU E 324 -5.30 27.37 -6.27
C GLU E 324 -3.87 27.96 -6.39
N VAL F 15 36.11 -28.85 7.05
CA VAL F 15 35.13 -28.96 8.22
C VAL F 15 35.49 -28.11 9.42
N ALA F 16 34.52 -27.38 9.97
CA ALA F 16 34.79 -26.51 11.13
C ALA F 16 35.12 -27.27 12.46
N ALA F 17 36.26 -26.89 13.07
CA ALA F 17 36.75 -27.55 14.28
C ALA F 17 36.40 -26.80 15.56
N VAL F 18 36.20 -25.48 15.44
CA VAL F 18 35.74 -24.67 16.56
C VAL F 18 34.37 -24.08 16.22
N VAL F 19 33.37 -24.33 17.07
CA VAL F 19 32.04 -23.77 16.86
C VAL F 19 31.75 -22.89 18.02
N VAL F 20 31.31 -21.66 17.74
CA VAL F 20 31.00 -20.72 18.81
C VAL F 20 29.55 -20.41 18.74
N VAL F 21 28.83 -20.64 19.82
CA VAL F 21 27.40 -20.30 19.91
C VAL F 21 27.26 -19.11 20.87
N GLY F 22 26.95 -17.94 20.33
CA GLY F 22 26.91 -16.75 21.15
C GLY F 22 26.64 -15.48 20.41
N SER F 23 27.19 -14.39 20.93
CA SER F 23 26.72 -13.04 20.65
C SER F 23 27.56 -12.24 19.66
N CYS F 24 26.88 -11.44 18.85
CA CYS F 24 27.51 -10.44 18.03
C CYS F 24 26.88 -9.16 18.46
N MET F 25 27.70 -8.13 18.70
CA MET F 25 27.23 -6.79 19.01
C MET F 25 28.01 -5.73 18.30
N THR F 26 27.29 -4.67 17.92
CA THR F 26 27.93 -3.49 17.34
C THR F 26 28.24 -2.49 18.44
N ASP F 27 29.51 -2.06 18.54
CA ASP F 27 29.92 -1.09 19.52
C ASP F 27 29.80 0.30 18.94
N LEU F 28 29.07 1.18 19.62
CA LEU F 28 28.83 2.56 19.15
C LEU F 28 29.38 3.55 20.16
N VAL F 29 30.48 4.21 19.85
CA VAL F 29 31.27 4.90 20.87
C VAL F 29 31.37 6.37 20.57
N SER F 30 31.01 7.19 21.54
CA SER F 30 31.12 8.63 21.45
C SER F 30 32.08 9.13 22.53
N LEU F 31 33.09 9.90 22.16
CA LEU F 31 33.99 10.52 23.10
C LEU F 31 33.58 11.97 23.37
N THR F 32 33.58 12.38 24.65
CA THR F 32 33.18 13.71 25.07
C THR F 32 34.18 14.22 26.07
N SER F 33 34.10 15.48 26.47
CA SER F 33 35.00 15.93 27.52
C SER F 33 34.42 15.59 28.88
N ARG F 34 33.14 15.90 29.07
CA ARG F 34 32.46 15.46 30.26
C ARG F 34 31.28 14.54 29.87
N LEU F 35 30.82 13.71 30.79
CA LEU F 35 29.63 12.90 30.64
C LEU F 35 28.36 13.71 30.87
N PRO F 36 27.24 13.38 30.18
CA PRO F 36 26.00 14.13 30.30
C PRO F 36 25.09 13.69 31.45
N LYS F 37 24.52 14.68 32.14
CA LYS F 37 23.51 14.42 33.15
C LYS F 37 22.17 14.19 32.49
N THR F 38 21.23 13.62 33.20
CA THR F 38 19.82 13.52 32.73
C THR F 38 19.28 14.82 32.12
N GLY F 39 18.62 14.66 30.97
CA GLY F 39 18.03 15.80 30.22
C GLY F 39 19.02 16.66 29.47
N GLU F 40 20.33 16.37 29.53
CA GLU F 40 21.33 17.17 28.83
C GLU F 40 21.56 16.66 27.40
N THR F 41 21.77 17.62 26.49
CA THR F 41 22.32 17.39 25.20
C THR F 41 23.73 17.97 25.20
N ILE F 42 24.73 17.15 24.89
CA ILE F 42 26.13 17.62 24.77
C ILE F 42 26.74 17.18 23.42
N HIS F 43 27.81 17.84 23.07
CA HIS F 43 28.51 17.62 21.83
C HIS F 43 29.83 16.93 22.14
N GLY F 44 30.05 15.78 21.54
CA GLY F 44 31.33 15.08 21.67
C GLY F 44 32.18 15.44 20.50
N HIS F 45 33.39 14.93 20.50
CA HIS F 45 34.40 15.31 19.51
C HIS F 45 34.81 14.18 18.61
N LYS F 46 34.34 12.98 18.91
CA LYS F 46 34.62 11.87 18.04
C LYS F 46 33.59 10.74 18.25
N PHE F 47 33.25 10.08 17.15
CA PHE F 47 32.43 8.90 17.16
C PHE F 47 33.08 7.76 16.42
N PHE F 48 32.95 6.52 16.95
CA PHE F 48 33.32 5.37 16.15
C PHE F 48 32.60 4.09 16.45
N ILE F 49 32.58 3.28 15.39
CA ILE F 49 32.01 1.98 15.35
C ILE F 49 33.04 0.89 15.50
N GLY F 50 32.66 -0.20 16.14
CA GLY F 50 33.46 -1.43 16.18
C GLY F 50 32.61 -2.70 16.22
N PHE F 51 33.23 -3.85 15.82
CA PHE F 51 32.60 -5.14 15.87
C PHE F 51 32.97 -5.82 17.18
N GLY F 52 31.97 -6.14 17.99
CA GLY F 52 32.14 -6.72 19.28
C GLY F 52 31.20 -7.86 19.58
N GLY F 53 30.92 -8.10 20.84
CA GLY F 53 30.24 -9.29 21.29
C GLY F 53 31.28 -10.37 21.66
N LYS F 54 31.14 -10.99 22.83
CA LYS F 54 32.11 -11.98 23.27
C LYS F 54 32.22 -13.18 22.41
N GLY F 55 31.09 -13.68 21.89
CA GLY F 55 31.07 -14.81 21.00
C GLY F 55 31.86 -14.55 19.73
N ALA F 56 31.49 -13.51 19.00
CA ALA F 56 32.22 -13.18 17.80
C ALA F 56 33.70 -12.87 18.09
N ASN F 57 33.99 -12.24 19.21
CA ASN F 57 35.36 -11.90 19.51
C ASN F 57 36.21 -13.13 19.62
N GLN F 58 35.69 -14.08 20.37
CA GLN F 58 36.41 -15.32 20.57
C GLN F 58 36.57 -16.07 19.25
N CYS F 59 35.52 -16.07 18.46
CA CYS F 59 35.57 -16.73 17.18
C CYS F 59 36.61 -16.11 16.28
N VAL F 60 36.69 -14.78 16.32
CA VAL F 60 37.63 -14.06 15.47
C VAL F 60 39.08 -14.37 15.86
N GLN F 61 39.41 -14.38 17.14
CA GLN F 61 40.76 -14.74 17.52
C GLN F 61 41.17 -16.17 17.10
N ALA F 62 40.26 -17.13 17.30
CA ALA F 62 40.50 -18.49 16.91
C ALA F 62 40.72 -18.59 15.39
N ALA F 63 39.87 -17.92 14.59
CA ALA F 63 40.02 -17.95 13.14
C ALA F 63 41.33 -17.38 12.67
N ARG F 64 41.75 -16.28 13.29
CA ARG F 64 43.02 -15.66 12.94
C ARG F 64 44.25 -16.49 13.28
N LEU F 65 44.14 -17.43 14.21
CA LEU F 65 45.20 -18.37 14.52
C LEU F 65 45.28 -19.54 13.55
N GLY F 66 44.26 -19.64 12.70
CA GLY F 66 44.23 -20.62 11.63
C GLY F 66 43.08 -21.60 11.81
N ALA F 67 42.27 -21.47 12.87
CA ALA F 67 41.14 -22.34 13.03
C ALA F 67 40.09 -22.17 11.96
N MET F 68 39.52 -23.29 11.57
CA MET F 68 38.32 -23.34 10.77
C MET F 68 37.21 -23.20 11.81
N THR F 69 36.45 -22.10 11.71
CA THR F 69 35.41 -21.80 12.69
C THR F 69 34.05 -21.63 12.05
N SER F 70 33.00 -21.78 12.87
CA SER F 70 31.57 -21.50 12.45
C SER F 70 30.96 -20.74 13.61
N MET F 71 30.35 -19.59 13.29
CA MET F 71 29.70 -18.71 14.27
C MET F 71 28.20 -18.92 14.20
N VAL F 72 27.65 -19.46 15.29
CA VAL F 72 26.20 -19.63 15.39
C VAL F 72 25.67 -18.49 16.23
N CYS F 73 24.87 -17.64 15.60
CA CYS F 73 24.43 -16.45 16.25
C CYS F 73 23.23 -15.90 15.51
N LYS F 74 22.63 -14.85 16.07
CA LYS F 74 21.55 -14.15 15.42
C LYS F 74 21.73 -12.66 15.44
N VAL F 75 21.66 -12.08 14.26
CA VAL F 75 21.68 -10.64 14.10
C VAL F 75 20.38 -10.15 13.45
N GLY F 76 20.30 -8.83 13.32
CA GLY F 76 19.16 -8.18 12.68
C GLY F 76 19.21 -8.16 11.15
N LYS F 77 18.04 -8.04 10.55
CA LYS F 77 17.86 -7.69 9.15
C LYS F 77 17.99 -6.15 9.04
N ASP F 78 19.18 -5.63 9.24
CA ASP F 78 19.46 -4.24 9.20
C ASP F 78 20.90 -4.06 8.69
N SER F 79 21.32 -2.80 8.55
CA SER F 79 22.72 -2.45 8.17
C SER F 79 23.77 -3.09 9.11
N PHE F 80 23.59 -2.93 10.42
CA PHE F 80 24.54 -3.46 11.38
C PHE F 80 24.71 -4.95 11.18
N GLY F 81 23.60 -5.64 10.96
CA GLY F 81 23.63 -7.03 10.75
C GLY F 81 24.36 -7.44 9.49
N ASN F 82 24.04 -6.82 8.37
CA ASN F 82 24.75 -7.13 7.10
C ASN F 82 26.24 -6.88 7.19
N ASP F 83 26.58 -5.76 7.81
CA ASP F 83 27.96 -5.44 8.10
C ASP F 83 28.62 -6.52 8.99
N TYR F 84 27.90 -7.00 10.01
CA TYR F 84 28.46 -8.00 10.90
C TYR F 84 28.76 -9.29 10.12
N ILE F 85 27.81 -9.73 9.32
CA ILE F 85 28.01 -10.86 8.46
C ILE F 85 29.28 -10.69 7.59
N GLU F 86 29.46 -9.50 7.05
CA GLU F 86 30.62 -9.22 6.22
C GLU F 86 31.91 -9.24 7.04
N ASN F 87 31.89 -8.72 8.27
CA ASN F 87 33.02 -8.82 9.15
C ASN F 87 33.41 -10.28 9.47
N LEU F 88 32.44 -11.15 9.73
CA LEU F 88 32.75 -12.55 9.93
C LEU F 88 33.35 -13.16 8.66
N LYS F 89 32.77 -12.89 7.51
CA LYS F 89 33.35 -13.44 6.27
C LYS F 89 34.77 -13.01 6.04
N GLN F 90 35.04 -11.75 6.34
CA GLN F 90 36.37 -11.16 6.13
C GLN F 90 37.47 -11.81 6.99
N ASN F 91 37.06 -12.40 8.12
CA ASN F 91 37.89 -13.23 8.96
C ASN F 91 37.74 -14.72 8.73
N ASP F 92 37.19 -15.12 7.59
CA ASP F 92 37.09 -16.56 7.17
C ASP F 92 36.28 -17.47 8.10
N ILE F 93 35.28 -16.89 8.70
CA ILE F 93 34.43 -17.57 9.56
C ILE F 93 33.26 -18.01 8.75
N SER F 94 32.83 -19.24 8.96
CA SER F 94 31.59 -19.73 8.33
C SER F 94 30.36 -19.01 8.97
N THR F 95 29.47 -18.53 8.10
CA THR F 95 28.24 -17.85 8.51
C THR F 95 27.02 -18.70 8.10
N GLU F 96 27.22 -20.02 7.89
CA GLU F 96 26.14 -21.01 7.49
C GLU F 96 24.99 -20.89 8.54
N PHE F 97 25.32 -20.69 9.83
CA PHE F 97 24.34 -20.56 10.91
C PHE F 97 24.35 -19.24 11.66
N THR F 98 24.65 -18.19 10.91
CA THR F 98 24.46 -16.81 11.36
C THR F 98 23.11 -16.39 10.79
N TYR F 99 22.09 -16.34 11.67
CA TYR F 99 20.71 -16.06 11.31
C TYR F 99 20.44 -14.55 11.31
N GLN F 100 19.53 -14.11 10.44
CA GLN F 100 19.10 -12.73 10.43
C GLN F 100 17.61 -12.70 10.71
N THR F 101 17.14 -11.78 11.55
CA THR F 101 15.71 -11.65 11.88
C THR F 101 15.16 -10.20 11.75
N LYS F 102 13.95 -10.09 11.16
CA LYS F 102 13.12 -8.83 11.09
C LYS F 102 12.62 -8.48 12.53
N ASP F 103 12.64 -9.40 13.51
CA ASP F 103 11.94 -9.20 14.79
C ASP F 103 12.73 -8.39 15.85
N ALA F 104 14.03 -8.12 15.64
CA ALA F 104 14.78 -7.26 16.55
C ALA F 104 16.01 -6.77 15.87
N ALA F 105 16.51 -5.64 16.37
CA ALA F 105 17.76 -5.09 15.85
C ALA F 105 18.94 -5.91 16.31
N THR F 106 19.99 -5.89 15.49
CA THR F 106 21.29 -6.43 15.85
C THR F 106 21.66 -5.85 17.19
N GLY F 107 22.25 -6.63 18.06
CA GLY F 107 22.61 -6.17 19.36
C GLY F 107 23.52 -4.97 19.32
N THR F 108 23.36 -4.08 20.29
CA THR F 108 24.19 -2.85 20.39
C THR F 108 24.75 -2.57 21.80
N ALA F 109 25.92 -1.98 21.85
CA ALA F 109 26.51 -1.47 23.05
C ALA F 109 26.81 0.00 22.77
N SER F 110 25.98 0.91 23.27
CA SER F 110 26.21 2.34 23.14
C SER F 110 27.03 2.83 24.34
N ILE F 111 28.19 3.39 24.06
CA ILE F 111 29.16 3.78 25.06
C ILE F 111 29.42 5.27 24.91
N ILE F 112 29.43 5.99 26.01
CA ILE F 112 29.87 7.37 26.03
C ILE F 112 31.09 7.47 26.99
N VAL F 113 32.22 8.02 26.50
CA VAL F 113 33.48 8.03 27.24
C VAL F 113 34.04 9.44 27.38
N ASN F 114 34.41 9.81 28.59
CA ASN F 114 35.04 11.08 28.80
C ASN F 114 36.57 11.02 28.70
N ASN F 115 37.23 12.16 28.93
CA ASN F 115 38.67 12.23 28.71
C ASN F 115 39.48 11.41 29.68
N GLU F 116 38.91 11.10 30.84
CA GLU F 116 39.59 10.43 31.94
C GLU F 116 39.29 8.99 31.84
N GLY F 117 38.56 8.57 30.83
CA GLY F 117 38.28 7.17 30.63
C GLY F 117 37.01 6.61 31.30
N GLN F 118 36.33 7.40 32.13
CA GLN F 118 35.05 7.05 32.77
C GLN F 118 33.93 7.00 31.72
N ASN F 119 33.00 6.10 31.90
CA ASN F 119 31.97 5.90 30.92
C ASN F 119 30.56 5.64 31.43
N ILE F 120 29.65 5.69 30.49
CA ILE F 120 28.25 5.27 30.62
C ILE F 120 27.94 4.28 29.46
N ILE F 121 27.36 3.12 29.76
CA ILE F 121 27.16 2.07 28.76
C ILE F 121 25.75 1.61 28.82
N VAL F 122 25.15 1.47 27.67
CA VAL F 122 23.78 0.92 27.54
C VAL F 122 23.79 -0.19 26.52
N ILE F 123 23.59 -1.41 27.02
CA ILE F 123 23.52 -2.57 26.17
C ILE F 123 22.10 -2.93 25.82
N VAL F 124 21.86 -3.21 24.54
CA VAL F 124 20.58 -3.75 24.10
C VAL F 124 20.92 -5.02 23.33
N ALA F 125 20.69 -6.16 23.96
CA ALA F 125 21.07 -7.45 23.40
C ALA F 125 20.36 -7.77 22.07
N GLY F 126 19.10 -7.33 21.94
CA GLY F 126 18.38 -7.39 20.70
C GLY F 126 18.27 -8.77 20.12
N ALA F 127 18.70 -8.91 18.86
CA ALA F 127 18.58 -10.15 18.13
C ALA F 127 19.29 -11.33 18.78
N ASN F 128 20.36 -11.07 19.50
CA ASN F 128 21.05 -12.10 20.28
C ASN F 128 20.13 -12.89 21.21
N LEU F 129 19.10 -12.28 21.81
CA LEU F 129 18.17 -13.01 22.69
C LEU F 129 17.18 -13.89 21.94
N LEU F 130 17.13 -13.76 20.62
CA LEU F 130 16.18 -14.55 19.82
C LEU F 130 16.80 -15.78 19.21
N LEU F 131 18.08 -16.03 19.47
CA LEU F 131 18.69 -17.31 19.08
C LEU F 131 18.17 -18.41 19.97
N ASN F 132 17.41 -19.31 19.39
CA ASN F 132 16.63 -20.22 20.17
C ASN F 132 17.03 -21.68 19.90
N THR F 133 16.30 -22.60 20.52
CA THR F 133 16.63 -24.02 20.43
C THR F 133 16.45 -24.62 19.02
N GLU F 134 15.42 -24.20 18.27
CA GLU F 134 15.22 -24.62 16.84
C GLU F 134 16.40 -24.18 15.95
N ASP F 135 16.89 -22.96 16.17
CA ASP F 135 18.05 -22.45 15.44
C ASP F 135 19.30 -23.31 15.66
N LEU F 136 19.53 -23.75 16.90
CA LEU F 136 20.62 -24.67 17.22
C LEU F 136 20.49 -26.07 16.62
N ARG F 137 19.28 -26.58 16.63
CA ARG F 137 19.02 -27.91 16.13
C ARG F 137 19.43 -28.03 14.63
N ALA F 138 19.24 -26.99 13.82
CA ALA F 138 19.67 -26.98 12.40
C ALA F 138 21.19 -27.07 12.24
N ALA F 139 21.92 -26.59 13.25
CA ALA F 139 23.38 -26.72 13.30
C ALA F 139 23.89 -28.00 13.97
N ALA F 140 23.05 -29.01 14.19
CA ALA F 140 23.49 -30.23 14.91
C ALA F 140 24.72 -30.93 14.28
N ASN F 141 24.78 -30.91 12.95
CA ASN F 141 25.81 -31.62 12.16
C ASN F 141 27.13 -30.96 12.21
N VAL F 142 27.14 -29.67 11.98
CA VAL F 142 28.34 -28.89 12.27
C VAL F 142 28.84 -28.99 13.73
N ILE F 143 27.94 -28.96 14.70
CA ILE F 143 28.31 -29.14 16.09
C ILE F 143 28.88 -30.52 16.38
N SER F 144 28.21 -31.57 15.89
CA SER F 144 28.68 -32.95 16.17
C SER F 144 30.04 -33.35 15.46
N ARG F 145 30.43 -32.64 14.41
CA ARG F 145 31.71 -32.83 13.73
C ARG F 145 32.83 -31.86 14.17
N ALA F 146 32.54 -30.97 15.11
CA ALA F 146 33.56 -30.10 15.69
C ALA F 146 34.45 -30.78 16.75
N LYS F 147 35.52 -30.09 17.11
CA LYS F 147 36.39 -30.47 18.21
C LYS F 147 36.10 -29.71 19.51
N VAL F 148 35.81 -28.41 19.38
CA VAL F 148 35.46 -27.62 20.56
C VAL F 148 34.24 -26.71 20.28
N MET F 149 33.46 -26.58 21.32
CA MET F 149 32.26 -25.76 21.32
C MET F 149 32.42 -24.72 22.40
N VAL F 150 32.22 -23.46 22.04
CA VAL F 150 32.49 -22.31 22.94
C VAL F 150 31.19 -21.51 23.19
N CYS F 151 30.90 -21.20 24.45
CA CYS F 151 29.73 -20.43 24.79
C CYS F 151 30.02 -19.43 25.86
N GLN F 152 29.13 -18.41 25.91
CA GLN F 152 29.16 -17.38 26.96
C GLN F 152 27.74 -17.12 27.52
N LEU F 153 27.57 -15.99 28.22
CA LEU F 153 26.28 -15.60 28.76
C LEU F 153 25.78 -14.27 28.25
N GLU F 154 25.93 -14.03 26.96
CA GLU F 154 25.33 -12.85 26.32
C GLU F 154 24.11 -13.24 25.46
N ILE F 155 23.75 -14.51 25.38
CA ILE F 155 22.57 -14.93 24.71
C ILE F 155 21.68 -15.51 25.77
N THR F 156 20.49 -15.98 25.39
CA THR F 156 19.61 -16.63 26.33
C THR F 156 20.36 -17.80 27.03
N PRO F 157 20.39 -17.81 28.37
CA PRO F 157 21.07 -18.91 29.05
C PRO F 157 20.61 -20.30 28.59
N ALA F 158 19.33 -20.49 28.44
CA ALA F 158 18.77 -21.78 28.00
C ALA F 158 19.34 -22.24 26.67
N THR F 159 19.66 -21.30 25.79
CA THR F 159 20.24 -21.64 24.49
C THR F 159 21.69 -22.12 24.64
N SER F 160 22.49 -21.39 25.43
CA SER F 160 23.88 -21.80 25.71
C SER F 160 23.90 -23.19 26.35
N LEU F 161 22.99 -23.41 27.27
CA LEU F 161 22.91 -24.64 27.98
C LEU F 161 22.57 -25.81 27.05
N GLU F 162 21.70 -25.58 26.09
CA GLU F 162 21.37 -26.61 25.06
C GLU F 162 22.54 -26.87 24.09
N ALA F 163 23.22 -25.80 23.67
CA ALA F 163 24.46 -25.94 22.91
C ALA F 163 25.54 -26.83 23.63
N LEU F 164 25.76 -26.60 24.95
CA LEU F 164 26.66 -27.43 25.72
C LEU F 164 26.22 -28.89 25.74
N THR F 165 24.91 -29.08 25.92
CA THR F 165 24.30 -30.41 26.01
C THR F 165 24.47 -31.17 24.71
N MET F 166 24.29 -30.50 23.57
CA MET F 166 24.49 -31.15 22.24
C MET F 166 25.95 -31.54 21.96
N ALA F 167 26.87 -30.63 22.28
CA ALA F 167 28.28 -30.92 22.21
C ALA F 167 28.66 -32.12 23.09
N ARG F 168 28.22 -32.14 24.36
CA ARG F 168 28.50 -33.28 25.27
C ARG F 168 28.06 -34.64 24.71
N ARG F 169 26.82 -34.68 24.22
CA ARG F 169 26.20 -35.85 23.65
C ARG F 169 27.03 -36.40 22.49
N SER F 170 27.62 -35.50 21.68
CA SER F 170 28.43 -35.86 20.51
C SER F 170 29.95 -36.01 20.83
N GLY F 171 30.35 -36.01 22.11
CA GLY F 171 31.76 -36.14 22.47
C GLY F 171 32.67 -34.95 22.14
N VAL F 172 32.05 -33.79 21.90
CA VAL F 172 32.74 -32.55 21.59
C VAL F 172 33.11 -31.77 22.88
N LYS F 173 34.30 -31.20 22.89
CA LYS F 173 34.85 -30.55 24.07
C LYS F 173 34.17 -29.21 24.32
N THR F 174 33.75 -28.98 25.57
CA THR F 174 32.99 -27.76 25.90
C THR F 174 33.86 -26.78 26.62
N LEU F 175 33.86 -25.55 26.09
CA LEU F 175 34.61 -24.44 26.67
C LEU F 175 33.61 -23.33 26.99
N PHE F 176 33.47 -23.04 28.27
CA PHE F 176 32.42 -22.13 28.74
C PHE F 176 33.01 -20.98 29.47
N ASN F 177 32.55 -19.81 29.09
CA ASN F 177 32.99 -18.55 29.64
C ASN F 177 31.78 -17.81 30.22
N PRO F 178 31.55 -17.93 31.56
CA PRO F 178 30.34 -17.38 32.17
C PRO F 178 30.48 -15.85 32.31
N ALA F 179 30.31 -15.15 31.19
CA ALA F 179 30.53 -13.70 31.11
C ALA F 179 29.50 -12.97 30.25
N PRO F 180 28.94 -11.83 30.74
CA PRO F 180 28.99 -11.40 32.13
C PRO F 180 28.33 -12.41 33.09
N ALA F 181 28.82 -12.40 34.31
CA ALA F 181 28.39 -13.40 35.28
C ALA F 181 27.04 -13.06 35.93
N ILE F 182 26.24 -14.10 36.18
CA ILE F 182 25.00 -14.03 36.97
C ILE F 182 25.20 -14.72 38.34
N ALA F 183 24.64 -14.13 39.39
CA ALA F 183 24.79 -14.68 40.74
C ALA F 183 24.29 -16.11 40.88
N ASP F 184 23.14 -16.41 40.31
CA ASP F 184 22.53 -17.70 40.62
C ASP F 184 22.48 -18.62 39.40
N LEU F 185 23.68 -18.85 38.89
CA LEU F 185 23.87 -19.62 37.68
C LEU F 185 23.37 -21.06 37.84
N ASP F 186 22.61 -21.54 36.85
CA ASP F 186 22.12 -22.94 36.80
C ASP F 186 23.37 -23.87 37.01
N PRO F 187 23.33 -24.78 38.01
CA PRO F 187 24.46 -25.70 38.21
C PRO F 187 24.73 -26.69 37.09
N GLN F 188 23.76 -26.92 36.20
CA GLN F 188 24.06 -27.66 34.93
C GLN F 188 25.23 -27.09 34.11
N PHE F 189 25.41 -25.78 34.14
CA PHE F 189 26.54 -25.17 33.45
C PHE F 189 27.87 -25.77 33.96
N TYR F 190 28.01 -25.97 35.26
CA TYR F 190 29.27 -26.46 35.78
C TYR F 190 29.55 -27.88 35.27
N THR F 191 28.55 -28.76 35.40
CA THR F 191 28.72 -30.19 35.03
C THR F 191 28.84 -30.41 33.54
N LEU F 192 28.38 -29.46 32.73
CA LEU F 192 28.54 -29.53 31.25
C LEU F 192 29.81 -28.84 30.71
N SER F 193 30.69 -28.34 31.60
CA SER F 193 31.87 -27.59 31.20
C SER F 193 33.15 -28.41 31.34
N ASP F 194 33.74 -28.78 30.22
CA ASP F 194 35.03 -29.48 30.23
C ASP F 194 36.10 -28.48 30.65
N VAL F 195 35.94 -27.24 30.18
CA VAL F 195 36.81 -26.14 30.57
C VAL F 195 35.97 -24.91 30.90
N PHE F 196 36.13 -24.40 32.12
CA PHE F 196 35.34 -23.30 32.62
C PHE F 196 36.27 -22.14 32.93
N CYS F 197 36.09 -21.03 32.20
CA CYS F 197 37.08 -19.93 32.23
C CYS F 197 36.43 -18.59 32.46
N CYS F 198 36.85 -17.87 33.49
CA CYS F 198 36.30 -16.57 33.79
C CYS F 198 37.35 -15.63 34.37
N ASN F 199 37.00 -14.37 34.55
CA ASN F 199 37.91 -13.41 35.19
C ASN F 199 37.66 -13.28 36.70
N GLU F 200 38.48 -12.43 37.32
CA GLU F 200 38.45 -12.21 38.79
C GLU F 200 37.07 -11.73 39.31
N SER F 201 36.53 -10.65 38.72
CA SER F 201 35.26 -10.06 39.17
C SER F 201 34.10 -11.01 38.95
N GLU F 202 34.18 -11.79 37.88
CA GLU F 202 33.19 -12.85 37.60
C GLU F 202 33.20 -14.00 38.62
N ALA F 203 34.39 -14.40 39.03
CA ALA F 203 34.53 -15.39 40.10
C ALA F 203 33.96 -14.90 41.44
N GLU F 204 34.08 -13.59 41.71
CA GLU F 204 33.48 -12.98 42.91
C GLU F 204 31.98 -13.15 42.90
N ILE F 205 31.37 -12.87 41.75
CA ILE F 205 29.93 -12.96 41.60
C ILE F 205 29.46 -14.43 41.69
N LEU F 206 30.15 -15.35 41.04
CA LEU F 206 29.71 -16.76 41.06
C LEU F 206 29.86 -17.51 42.39
N THR F 207 30.81 -17.07 43.21
CA THR F 207 31.18 -17.77 44.47
C THR F 207 30.84 -17.01 45.75
N GLY F 208 30.60 -15.71 45.64
CA GLY F 208 30.42 -14.85 46.79
C GLY F 208 31.69 -14.48 47.52
N LEU F 209 32.86 -14.81 46.98
CA LEU F 209 34.17 -14.61 47.65
C LEU F 209 34.84 -13.36 47.12
N THR F 210 35.77 -12.79 47.90
CA THR F 210 36.61 -11.69 47.43
C THR F 210 37.79 -12.27 46.64
N VAL F 211 38.18 -11.58 45.55
CA VAL F 211 39.36 -11.97 44.74
C VAL F 211 40.32 -10.75 44.47
N GLY F 212 41.15 -10.45 45.47
CA GLY F 212 42.24 -9.45 45.38
C GLY F 212 43.50 -10.04 44.75
N SER F 213 44.12 -11.02 45.44
CA SER F 213 45.35 -11.70 44.96
C SER F 213 45.13 -12.93 44.01
N ALA F 214 46.26 -13.53 43.60
CA ALA F 214 46.26 -14.81 42.91
C ALA F 214 45.95 -16.00 43.84
N ALA F 215 46.32 -15.90 45.12
CA ALA F 215 45.99 -16.93 46.11
C ALA F 215 44.46 -16.99 46.29
N ASP F 216 43.80 -15.82 46.33
CA ASP F 216 42.33 -15.75 46.48
C ASP F 216 41.66 -16.38 45.28
N ALA F 217 42.19 -16.10 44.09
CA ALA F 217 41.65 -16.67 42.86
C ALA F 217 41.71 -18.20 42.85
N GLY F 218 42.81 -18.74 43.39
CA GLY F 218 42.95 -20.20 43.63
C GLY F 218 41.85 -20.79 44.49
N GLU F 219 41.51 -20.10 45.58
CA GLU F 219 40.42 -20.54 46.47
C GLU F 219 39.06 -20.44 45.83
N ALA F 220 38.81 -19.37 45.07
CA ALA F 220 37.52 -19.23 44.32
C ALA F 220 37.36 -20.29 43.26
N ALA F 221 38.47 -20.54 42.57
CA ALA F 221 38.55 -21.59 41.54
C ALA F 221 38.24 -23.00 42.11
N LEU F 222 38.70 -23.28 43.33
CA LEU F 222 38.42 -24.56 43.97
C LEU F 222 36.92 -24.78 44.23
N VAL F 223 36.21 -23.72 44.64
CA VAL F 223 34.76 -23.77 44.85
C VAL F 223 34.08 -24.13 43.54
N LEU F 224 34.51 -23.49 42.45
CA LEU F 224 33.94 -23.74 41.10
C LEU F 224 34.22 -25.14 40.56
N LEU F 225 35.43 -25.61 40.82
CA LEU F 225 35.82 -26.99 40.51
C LEU F 225 34.90 -28.01 41.20
N LYS F 226 34.70 -27.83 42.51
CA LYS F 226 33.89 -28.78 43.29
C LYS F 226 32.40 -28.80 42.91
N ARG F 227 31.94 -27.76 42.17
CA ARG F 227 30.56 -27.74 41.62
C ARG F 227 30.40 -28.59 40.34
N GLY F 228 31.50 -29.14 39.82
CA GLY F 228 31.46 -30.16 38.78
C GLY F 228 32.27 -29.89 37.51
N CYS F 229 32.98 -28.77 37.43
CA CYS F 229 33.78 -28.48 36.23
C CYS F 229 34.94 -29.47 36.17
N GLN F 230 35.30 -29.94 34.98
CA GLN F 230 36.58 -30.69 34.77
C GLN F 230 37.83 -29.84 35.02
N VAL F 231 37.85 -28.65 34.41
CA VAL F 231 38.95 -27.71 34.49
C VAL F 231 38.45 -26.29 34.74
N VAL F 232 39.12 -25.57 35.64
CA VAL F 232 38.77 -24.20 35.96
C VAL F 232 39.97 -23.34 35.76
N ILE F 233 39.78 -22.29 34.96
CA ILE F 233 40.82 -21.27 34.72
C ILE F 233 40.27 -19.92 35.11
N ILE F 234 41.02 -19.18 35.91
CA ILE F 234 40.67 -17.82 36.19
C ILE F 234 41.69 -16.82 35.67
N THR F 235 41.26 -15.91 34.77
CA THR F 235 42.17 -14.90 34.20
C THR F 235 42.34 -13.76 35.17
N LEU F 236 43.53 -13.17 35.17
CA LEU F 236 43.99 -12.23 36.20
C LEU F 236 44.68 -11.00 35.63
N GLY F 237 44.28 -10.55 34.45
CA GLY F 237 44.91 -9.37 33.81
C GLY F 237 46.40 -9.49 33.57
N ALA F 238 47.14 -8.51 34.07
CA ALA F 238 48.62 -8.52 34.04
C ALA F 238 49.32 -9.69 34.81
N GLU F 239 48.62 -10.33 35.75
CA GLU F 239 49.13 -11.49 36.49
C GLU F 239 48.97 -12.83 35.75
N GLY F 240 48.33 -12.82 34.57
CA GLY F 240 48.23 -14.01 33.77
C GLY F 240 47.00 -14.78 34.10
N CYS F 241 47.16 -16.02 34.53
CA CYS F 241 46.02 -16.82 34.92
C CYS F 241 46.32 -17.88 35.99
N VAL F 242 45.26 -18.49 36.54
CA VAL F 242 45.36 -19.62 37.46
C VAL F 242 44.53 -20.79 36.97
N VAL F 243 45.05 -22.01 37.10
CA VAL F 243 44.35 -23.22 36.62
C VAL F 243 44.31 -24.35 37.66
N LEU F 244 43.19 -25.08 37.70
CA LEU F 244 42.99 -26.28 38.51
C LEU F 244 42.23 -27.31 37.68
N SER F 245 42.40 -28.59 37.98
CA SER F 245 41.64 -29.64 37.29
C SER F 245 41.23 -30.71 38.28
N GLN F 246 40.34 -31.58 37.87
CA GLN F 246 39.87 -32.66 38.76
C GLN F 246 41.03 -33.57 39.12
N THR F 247 41.89 -33.86 38.12
CA THR F 247 43.11 -34.67 38.36
C THR F 247 44.24 -33.90 39.10
N GLU F 248 44.28 -32.56 38.96
CA GLU F 248 45.29 -31.73 39.65
C GLU F 248 44.69 -30.50 40.32
N PRO F 249 43.99 -30.70 41.44
CA PRO F 249 43.22 -29.65 42.09
C PRO F 249 44.05 -28.57 42.77
N GLU F 250 45.36 -28.71 42.86
CA GLU F 250 46.11 -27.65 43.49
C GLU F 250 46.26 -26.48 42.52
N PRO F 251 45.98 -25.25 43.00
CA PRO F 251 46.12 -24.08 42.11
C PRO F 251 47.53 -23.94 41.46
N LYS F 252 47.59 -23.75 40.13
CA LYS F 252 48.86 -23.50 39.38
C LYS F 252 48.76 -22.08 38.77
N HIS F 253 49.57 -21.14 39.30
CA HIS F 253 49.62 -19.77 38.83
C HIS F 253 50.54 -19.71 37.59
N ILE F 254 50.05 -19.20 36.44
CA ILE F 254 50.84 -19.03 35.21
C ILE F 254 51.03 -17.54 34.94
N PRO F 255 52.19 -16.98 35.28
CA PRO F 255 52.36 -15.53 35.04
C PRO F 255 52.64 -15.26 33.58
N THR F 256 52.77 -13.99 33.24
CA THR F 256 53.00 -13.57 31.86
C THR F 256 53.97 -12.39 31.83
N GLU F 257 54.74 -12.24 30.74
CA GLU F 257 55.75 -11.14 30.64
C GLU F 257 55.02 -9.78 30.64
N LYS F 258 55.57 -8.87 31.44
CA LYS F 258 55.17 -7.46 31.51
C LYS F 258 55.26 -6.87 30.10
N VAL F 259 54.23 -6.12 29.70
CA VAL F 259 54.25 -5.31 28.47
C VAL F 259 53.62 -3.93 28.72
N LYS F 260 53.97 -2.93 27.89
CA LYS F 260 53.25 -1.61 27.87
C LYS F 260 51.83 -1.82 27.25
N ALA F 261 50.83 -1.91 28.13
CA ALA F 261 49.42 -2.07 27.74
C ALA F 261 48.92 -0.77 27.10
N VAL F 262 48.57 -0.80 25.81
CA VAL F 262 47.88 0.30 25.14
C VAL F 262 46.35 0.22 25.41
N ASP F 263 45.75 -0.97 25.24
CA ASP F 263 44.28 -1.15 25.36
C ASP F 263 43.88 -2.60 25.62
N THR F 264 43.42 -2.88 26.85
CA THR F 264 43.10 -4.23 27.29
C THR F 264 41.69 -4.73 26.87
N THR F 265 40.93 -3.88 26.16
CA THR F 265 39.53 -4.18 25.88
C THR F 265 39.48 -5.44 25.01
N GLY F 266 38.71 -6.43 25.43
CA GLY F 266 38.57 -7.67 24.70
C GLY F 266 39.75 -8.60 24.81
N ALA F 267 40.64 -8.34 25.75
CA ALA F 267 41.77 -9.23 25.98
C ALA F 267 41.31 -10.62 26.47
N GLY F 268 40.27 -10.65 27.30
CA GLY F 268 39.74 -11.94 27.78
C GLY F 268 39.22 -12.80 26.65
N ASP F 269 38.61 -12.15 25.67
CA ASP F 269 38.06 -12.84 24.52
C ASP F 269 39.19 -13.35 23.62
N SER F 270 40.27 -12.60 23.50
CA SER F 270 41.46 -13.12 22.84
C SER F 270 42.00 -14.38 23.54
N PHE F 271 42.12 -14.33 24.86
CA PHE F 271 42.61 -15.47 25.63
C PHE F 271 41.74 -16.72 25.39
N VAL F 272 40.41 -16.56 25.45
CA VAL F 272 39.53 -17.71 25.30
C VAL F 272 39.47 -18.23 23.91
N GLY F 273 39.53 -17.36 22.92
CA GLY F 273 39.61 -17.79 21.53
C GLY F 273 40.88 -18.57 21.30
N ALA F 274 42.00 -18.11 21.88
CA ALA F 274 43.27 -18.80 21.68
C ALA F 274 43.25 -20.17 22.33
N LEU F 275 42.67 -20.23 23.53
CA LEU F 275 42.46 -21.52 24.20
C LEU F 275 41.60 -22.53 23.37
N ALA F 276 40.52 -22.06 22.75
CA ALA F 276 39.72 -22.89 21.84
C ALA F 276 40.56 -23.43 20.69
N PHE F 277 41.40 -22.56 20.12
CA PHE F 277 42.29 -22.95 19.01
C PHE F 277 43.14 -24.11 19.45
N TYR F 278 43.72 -24.00 20.65
CA TYR F 278 44.68 -25.03 21.09
C TYR F 278 43.98 -26.32 21.46
N LEU F 279 42.82 -26.20 22.12
CA LEU F 279 42.04 -27.38 22.44
C LEU F 279 41.66 -28.19 21.20
N ALA F 280 41.35 -27.49 20.15
CA ALA F 280 40.92 -28.10 18.91
C ALA F 280 42.03 -28.65 18.02
N TYR F 281 43.13 -27.93 17.88
CA TYR F 281 44.19 -28.33 16.96
C TYR F 281 45.43 -28.96 17.64
N TYR F 282 45.63 -28.70 18.93
CA TYR F 282 46.80 -29.17 19.67
C TYR F 282 46.32 -29.88 20.93
N PRO F 283 45.38 -30.84 20.79
CA PRO F 283 44.83 -31.51 21.98
C PRO F 283 45.84 -32.23 22.92
N ASN F 284 46.99 -32.68 22.39
CA ASN F 284 48.03 -33.34 23.19
C ASN F 284 48.89 -32.52 24.06
N LEU F 285 48.89 -31.24 23.83
CA LEU F 285 49.75 -30.40 24.64
C LEU F 285 49.24 -30.35 26.07
N SER F 286 50.15 -30.14 27.01
CA SER F 286 49.78 -29.97 28.38
C SER F 286 48.94 -28.71 28.49
N LEU F 287 48.15 -28.67 29.54
CA LEU F 287 47.24 -27.55 29.79
C LEU F 287 48.05 -26.28 30.14
N GLU F 288 49.09 -26.47 30.93
CA GLU F 288 50.03 -25.41 31.30
C GLU F 288 50.68 -24.72 30.08
N ASP F 289 51.04 -25.54 29.12
CA ASP F 289 51.56 -25.08 27.83
C ASP F 289 50.49 -24.28 27.02
N MET F 290 49.25 -24.79 26.90
CA MET F 290 48.15 -24.05 26.22
C MET F 290 47.91 -22.67 26.83
N LEU F 291 47.97 -22.58 28.14
CA LEU F 291 47.73 -21.34 28.85
C LEU F 291 48.87 -20.37 28.75
N ASN F 292 50.11 -20.85 28.70
CA ASN F 292 51.25 -19.95 28.35
C ASN F 292 51.13 -19.28 27.00
N ARG F 293 50.76 -20.07 26.01
CA ARG F 293 50.56 -19.60 24.66
C ARG F 293 49.36 -18.67 24.57
N SER F 294 48.30 -19.02 25.29
CA SER F 294 47.11 -18.21 25.29
C SER F 294 47.32 -16.87 25.99
N ASN F 295 48.01 -16.90 27.11
CA ASN F 295 48.52 -15.66 27.74
C ASN F 295 49.29 -14.79 26.77
N PHE F 296 50.20 -15.41 26.03
CA PHE F 296 51.06 -14.63 25.12
C PHE F 296 50.30 -13.95 24.03
N ILE F 297 49.38 -14.69 23.43
CA ILE F 297 48.55 -14.14 22.38
C ILE F 297 47.67 -13.00 22.89
N ALA F 298 47.06 -13.17 24.05
CA ALA F 298 46.20 -12.11 24.64
C ALA F 298 47.01 -10.88 24.95
N ALA F 299 48.23 -11.11 25.42
CA ALA F 299 49.17 -10.03 25.68
C ALA F 299 49.60 -9.25 24.42
N VAL F 300 49.68 -9.92 23.26
CA VAL F 300 49.85 -9.18 22.01
C VAL F 300 48.66 -8.23 21.79
N SER F 301 47.44 -8.70 22.08
CA SER F 301 46.23 -7.90 21.83
C SER F 301 46.18 -6.67 22.68
N VAL F 302 46.70 -6.75 23.90
CA VAL F 302 46.67 -5.54 24.78
C VAL F 302 47.64 -4.44 24.31
N GLN F 303 48.52 -4.78 23.36
CA GLN F 303 49.49 -3.83 22.82
C GLN F 303 48.97 -2.97 21.68
N ALA F 304 47.71 -3.12 21.33
CA ALA F 304 47.10 -2.27 20.31
C ALA F 304 45.62 -1.96 20.65
N ALA F 305 45.13 -0.88 20.07
CA ALA F 305 43.74 -0.46 20.25
C ALA F 305 42.82 -1.25 19.35
N GLY F 306 41.54 -1.23 19.69
CA GLY F 306 40.46 -1.56 18.74
C GLY F 306 39.75 -2.90 18.89
N THR F 307 39.94 -3.61 20.03
CA THR F 307 39.28 -4.95 20.27
C THR F 307 39.65 -5.95 19.12
N GLN F 308 38.74 -6.30 18.23
CA GLN F 308 39.05 -7.28 17.20
C GLN F 308 40.20 -6.91 16.33
N SER F 309 40.33 -5.64 16.03
CA SER F 309 41.46 -5.27 15.20
C SER F 309 42.85 -5.39 15.89
N SER F 310 42.92 -5.48 17.20
CA SER F 310 44.16 -5.80 17.88
C SER F 310 44.50 -7.28 17.97
N TYR F 311 43.62 -8.16 17.55
CA TYR F 311 43.85 -9.59 17.70
C TYR F 311 44.81 -10.06 16.66
N PRO F 312 45.92 -10.69 17.06
CA PRO F 312 46.97 -11.06 16.08
C PRO F 312 46.61 -12.23 15.17
N TYR F 313 47.14 -12.15 13.95
CA TYR F 313 47.09 -13.27 13.03
C TYR F 313 48.29 -14.19 13.31
N LYS F 314 48.11 -15.44 12.93
CA LYS F 314 49.17 -16.42 12.93
C LYS F 314 50.45 -15.91 12.28
N LYS F 315 50.35 -15.39 11.05
CA LYS F 315 51.53 -14.91 10.34
C LYS F 315 52.34 -13.86 11.13
N ASP F 316 51.73 -13.12 12.04
CA ASP F 316 52.43 -12.09 12.83
C ASP F 316 52.89 -12.61 14.22
N LEU F 317 52.80 -13.93 14.49
CA LEU F 317 53.21 -14.49 15.74
C LEU F 317 54.44 -15.46 15.62
N PRO F 318 55.17 -15.69 16.73
CA PRO F 318 56.31 -16.54 16.71
C PRO F 318 55.92 -17.93 16.33
N LEU F 319 56.71 -18.55 15.48
CA LEU F 319 56.37 -19.83 14.96
C LEU F 319 56.29 -20.97 15.94
N THR F 320 57.01 -20.82 17.04
CA THR F 320 57.04 -21.83 18.12
C THR F 320 55.70 -21.93 18.83
N LEU F 321 54.83 -20.91 18.74
CA LEU F 321 53.44 -21.04 19.21
C LEU F 321 52.60 -22.05 18.42
N PHE F 322 53.09 -22.52 17.28
CA PHE F 322 52.38 -23.47 16.46
C PHE F 322 53.12 -24.80 16.30
N LEU F 323 54.10 -25.07 17.17
CA LEU F 323 54.87 -26.31 17.13
C LEU F 323 54.56 -27.13 18.36
N GLU F 324 54.71 -28.45 18.24
CA GLU F 324 54.67 -29.40 19.38
C GLU F 324 55.91 -30.23 19.41
N HIS F 325 56.48 -30.56 20.57
CA HIS F 325 57.58 -31.58 20.62
C HIS F 325 57.04 -33.03 20.52
N HIS F 326 57.86 -33.99 20.04
CA HIS F 326 57.71 -35.45 20.30
C HIS F 326 58.10 -35.74 21.77
N GLU G 14 9.17 -2.11 -0.65
CA GLU G 14 7.85 -1.39 -0.49
C GLU G 14 7.39 -0.75 -1.85
N VAL G 15 8.32 -0.48 -2.74
CA VAL G 15 8.02 0.21 -4.03
C VAL G 15 7.37 -0.64 -5.12
N ALA G 16 6.48 -0.09 -5.93
CA ALA G 16 5.83 -0.87 -6.92
C ALA G 16 6.79 -1.33 -8.03
N ALA G 17 6.77 -2.64 -8.34
CA ALA G 17 7.64 -3.22 -9.36
C ALA G 17 6.95 -3.44 -10.71
N VAL G 18 5.60 -3.54 -10.71
CA VAL G 18 4.80 -3.64 -11.91
C VAL G 18 3.88 -2.47 -11.96
N VAL G 19 3.97 -1.71 -13.04
CA VAL G 19 3.03 -0.60 -13.29
C VAL G 19 2.24 -0.93 -14.53
N VAL G 20 0.92 -0.83 -14.41
CA VAL G 20 0.03 -1.09 -15.52
C VAL G 20 -0.69 0.19 -15.89
N VAL G 21 -0.54 0.64 -17.13
CA VAL G 21 -1.26 1.80 -17.64
C VAL G 21 -2.31 1.33 -18.65
N GLY G 22 -3.55 1.41 -18.25
CA GLY G 22 -4.60 0.88 -19.06
C GLY G 22 -5.99 0.98 -18.46
N SER G 23 -6.82 0.03 -18.82
CA SER G 23 -8.24 0.15 -18.72
C SER G 23 -8.83 -0.59 -17.54
N CYS G 24 -9.87 -0.02 -16.97
CA CYS G 24 -10.81 -0.73 -16.08
C CYS G 24 -12.20 -0.62 -16.72
N MET G 25 -12.92 -1.73 -16.78
CA MET G 25 -14.25 -1.76 -17.31
C MET G 25 -15.12 -2.66 -16.53
N THR G 26 -16.40 -2.31 -16.48
CA THR G 26 -17.39 -3.16 -15.90
C THR G 26 -17.98 -4.02 -16.99
N ASP G 27 -17.95 -5.35 -16.83
CA ASP G 27 -18.56 -6.27 -17.81
C ASP G 27 -20.02 -6.56 -17.43
N LEU G 28 -20.92 -6.37 -18.38
CA LEU G 28 -22.34 -6.54 -18.17
C LEU G 28 -22.81 -7.60 -19.14
N VAL G 29 -23.11 -8.78 -18.65
CA VAL G 29 -23.34 -9.97 -19.55
C VAL G 29 -24.76 -10.55 -19.39
N SER G 30 -25.46 -10.67 -20.50
CA SER G 30 -26.80 -11.25 -20.58
C SER G 30 -26.77 -12.51 -21.46
N LEU G 31 -27.22 -13.66 -20.94
CA LEU G 31 -27.30 -14.90 -21.70
C LEU G 31 -28.72 -15.13 -22.23
N THR G 32 -28.84 -15.51 -23.50
CA THR G 32 -30.10 -15.66 -24.21
C THR G 32 -30.06 -16.94 -25.01
N SER G 33 -31.16 -17.38 -25.58
CA SER G 33 -31.09 -18.54 -26.43
C SER G 33 -30.69 -18.14 -27.83
N ARG G 34 -31.33 -17.11 -28.35
CA ARG G 34 -30.89 -16.55 -29.61
C ARG G 34 -30.48 -15.09 -29.39
N LEU G 35 -29.67 -14.54 -30.30
CA LEU G 35 -29.35 -13.13 -30.35
C LEU G 35 -30.44 -12.29 -30.99
N PRO G 36 -30.56 -11.01 -30.58
CA PRO G 36 -31.69 -10.18 -31.08
C PRO G 36 -31.39 -9.41 -32.36
N LYS G 37 -32.35 -9.38 -33.27
CA LYS G 37 -32.28 -8.56 -34.50
C LYS G 37 -32.67 -7.14 -34.18
N THR G 38 -32.35 -6.21 -35.07
CA THR G 38 -32.80 -4.83 -34.93
C THR G 38 -34.28 -4.70 -34.56
N GLY G 39 -34.58 -3.80 -33.62
CA GLY G 39 -35.96 -3.52 -33.20
C GLY G 39 -36.59 -4.60 -32.33
N GLU G 40 -35.86 -5.70 -32.02
CA GLU G 40 -36.41 -6.77 -31.21
C GLU G 40 -36.15 -6.52 -29.71
N THR G 41 -37.14 -6.91 -28.89
CA THR G 41 -37.00 -7.08 -27.45
C THR G 41 -37.07 -8.56 -27.18
N ILE G 42 -36.03 -9.14 -26.57
CA ILE G 42 -36.05 -10.55 -26.18
C ILE G 42 -35.72 -10.70 -24.69
N HIS G 43 -36.03 -11.86 -24.14
CA HIS G 43 -35.84 -12.18 -22.76
C HIS G 43 -34.73 -13.19 -22.64
N GLY G 44 -33.72 -12.89 -21.86
CA GLY G 44 -32.65 -13.81 -21.63
C GLY G 44 -32.98 -14.54 -20.37
N HIS G 45 -32.12 -15.47 -20.00
CA HIS G 45 -32.32 -16.29 -18.83
C HIS G 45 -31.32 -16.06 -17.71
N LYS G 46 -30.27 -15.27 -17.95
CA LYS G 46 -29.30 -14.97 -16.88
C LYS G 46 -28.51 -13.69 -17.18
N PHE G 47 -28.25 -12.94 -16.13
CA PHE G 47 -27.42 -11.77 -16.21
C PHE G 47 -26.30 -11.87 -15.20
N PHE G 48 -25.12 -11.40 -15.57
CA PHE G 48 -24.12 -11.13 -14.55
C PHE G 48 -23.10 -10.02 -14.82
N ILE G 49 -22.59 -9.49 -13.71
CA ILE G 49 -21.59 -8.46 -13.62
C ILE G 49 -20.18 -9.00 -13.32
N GLY G 50 -19.18 -8.35 -13.86
CA GLY G 50 -17.77 -8.69 -13.54
C GLY G 50 -16.89 -7.44 -13.59
N PHE G 51 -15.79 -7.44 -12.84
CA PHE G 51 -14.76 -6.42 -12.92
C PHE G 51 -13.84 -6.91 -13.99
N GLY G 52 -13.66 -6.08 -15.02
CA GLY G 52 -12.94 -6.43 -16.19
C GLY G 52 -12.04 -5.30 -16.68
N GLY G 53 -11.74 -5.31 -17.97
CA GLY G 53 -10.74 -4.38 -18.53
C GLY G 53 -9.37 -5.02 -18.49
N LYS G 54 -8.69 -5.01 -19.63
CA LYS G 54 -7.48 -5.82 -19.78
C LYS G 54 -6.39 -5.37 -18.86
N GLY G 55 -6.28 -4.07 -18.71
CA GLY G 55 -5.32 -3.46 -17.81
C GLY G 55 -5.54 -3.95 -16.39
N ALA G 56 -6.73 -3.75 -15.84
CA ALA G 56 -6.98 -4.19 -14.47
C ALA G 56 -6.83 -5.70 -14.33
N ASN G 57 -7.17 -6.45 -15.38
CA ASN G 57 -7.14 -7.89 -15.24
C ASN G 57 -5.73 -8.34 -15.08
N GLN G 58 -4.86 -7.79 -15.88
CA GLN G 58 -3.48 -8.13 -15.83
C GLN G 58 -2.89 -7.71 -14.46
N CYS G 59 -3.24 -6.52 -14.02
CA CYS G 59 -2.74 -6.02 -12.81
C CYS G 59 -3.18 -6.91 -11.65
N VAL G 60 -4.43 -7.35 -11.68
CA VAL G 60 -4.96 -8.23 -10.62
C VAL G 60 -4.24 -9.59 -10.56
N GLN G 61 -4.00 -10.22 -11.69
CA GLN G 61 -3.25 -11.48 -11.67
C GLN G 61 -1.83 -11.30 -11.12
N ALA G 62 -1.16 -10.24 -11.53
CA ALA G 62 0.19 -9.98 -11.00
C ALA G 62 0.18 -9.77 -9.48
N ALA G 63 -0.77 -8.96 -8.99
CA ALA G 63 -0.85 -8.69 -7.57
C ALA G 63 -1.10 -9.94 -6.77
N ARG G 64 -1.96 -10.80 -7.25
CA ARG G 64 -2.28 -12.04 -6.54
C ARG G 64 -1.11 -13.02 -6.44
N LEU G 65 -0.18 -12.90 -7.36
CA LEU G 65 1.03 -13.69 -7.35
C LEU G 65 2.06 -13.14 -6.34
N GLY G 66 1.81 -11.94 -5.81
CA GLY G 66 2.64 -11.34 -4.80
C GLY G 66 3.24 -10.06 -5.28
N ALA G 67 2.99 -9.62 -6.52
CA ALA G 67 3.58 -8.37 -6.99
C ALA G 67 2.99 -7.17 -6.28
N MET G 68 3.86 -6.21 -6.08
CA MET G 68 3.51 -4.87 -5.67
C MET G 68 3.23 -4.14 -6.96
N THR G 69 1.98 -3.73 -7.13
CA THR G 69 1.54 -3.15 -8.37
C THR G 69 0.93 -1.80 -8.17
N SER G 70 0.88 -1.02 -9.24
CA SER G 70 0.21 0.31 -9.27
C SER G 70 -0.55 0.38 -10.59
N MET G 71 -1.85 0.67 -10.49
CA MET G 71 -2.75 0.73 -11.63
C MET G 71 -3.01 2.23 -12.00
N VAL G 72 -2.51 2.62 -13.16
CA VAL G 72 -2.66 3.96 -13.68
C VAL G 72 -3.82 3.87 -14.68
N CYS G 73 -4.94 4.50 -14.34
CA CYS G 73 -6.15 4.36 -15.12
C CYS G 73 -7.10 5.49 -14.73
N LYS G 74 -8.22 5.56 -15.45
CA LYS G 74 -9.27 6.56 -15.17
C LYS G 74 -10.65 5.93 -15.22
N VAL G 75 -11.37 6.13 -14.14
CA VAL G 75 -12.74 5.71 -14.04
C VAL G 75 -13.63 6.90 -13.77
N GLY G 76 -14.93 6.61 -13.74
CA GLY G 76 -15.96 7.61 -13.54
C GLY G 76 -16.18 7.92 -12.10
N LYS G 77 -16.71 9.09 -11.90
CA LYS G 77 -17.26 9.47 -10.64
C LYS G 77 -18.72 8.99 -10.52
N ASP G 78 -18.87 7.68 -10.43
CA ASP G 78 -20.17 6.97 -10.40
C ASP G 78 -19.99 5.69 -9.55
N SER G 79 -21.05 4.92 -9.38
CA SER G 79 -21.06 3.66 -8.60
C SER G 79 -20.07 2.67 -9.12
N PHE G 80 -20.12 2.43 -10.42
CA PHE G 80 -19.21 1.50 -11.03
C PHE G 80 -17.73 1.87 -10.72
N GLY G 81 -17.41 3.16 -10.76
CA GLY G 81 -16.08 3.64 -10.48
C GLY G 81 -15.64 3.42 -9.05
N ASN G 82 -16.49 3.81 -8.11
CA ASN G 82 -16.19 3.61 -6.69
C ASN G 82 -16.03 2.15 -6.31
N ASP G 83 -16.90 1.33 -6.87
CA ASP G 83 -16.77 -0.12 -6.83
C ASP G 83 -15.48 -0.67 -7.47
N TYR G 84 -15.07 -0.14 -8.62
CA TYR G 84 -13.79 -0.55 -9.22
C TYR G 84 -12.61 -0.21 -8.30
N ILE G 85 -12.58 1.01 -7.76
CA ILE G 85 -11.53 1.45 -6.84
C ILE G 85 -11.45 0.47 -5.65
N GLU G 86 -12.60 0.07 -5.16
CA GLU G 86 -12.66 -0.85 -4.06
C GLU G 86 -12.17 -2.20 -4.45
N ASN G 87 -12.49 -2.63 -5.64
CA ASN G 87 -11.95 -3.91 -6.14
C ASN G 87 -10.44 -3.89 -6.21
N LEU G 88 -9.86 -2.81 -6.70
CA LEU G 88 -8.42 -2.73 -6.79
C LEU G 88 -7.81 -2.78 -5.38
N LYS G 89 -8.37 -2.03 -4.45
CA LYS G 89 -7.83 -2.05 -3.07
C LYS G 89 -7.86 -3.41 -2.43
N GLN G 90 -8.93 -4.12 -2.68
CA GLN G 90 -9.15 -5.42 -2.19
C GLN G 90 -8.12 -6.45 -2.68
N ASN G 91 -7.54 -6.22 -3.85
CA ASN G 91 -6.42 -7.01 -4.35
C ASN G 91 -5.05 -6.41 -4.12
N ASP G 92 -4.96 -5.48 -3.16
CA ASP G 92 -3.69 -4.82 -2.80
C ASP G 92 -2.92 -4.10 -3.91
N ILE G 93 -3.68 -3.49 -4.78
CA ILE G 93 -3.17 -2.69 -5.88
C ILE G 93 -3.19 -1.21 -5.47
N SER G 94 -2.11 -0.51 -5.71
CA SER G 94 -2.03 0.91 -5.40
C SER G 94 -2.93 1.65 -6.38
N THR G 95 -3.80 2.50 -5.83
CA THR G 95 -4.72 3.34 -6.56
C THR G 95 -4.28 4.83 -6.52
N GLU G 96 -2.99 5.09 -6.28
CA GLU G 96 -2.44 6.42 -6.26
C GLU G 96 -2.74 7.19 -7.51
N PHE G 97 -2.66 6.51 -8.65
CA PHE G 97 -2.85 7.11 -9.95
C PHE G 97 -4.07 6.51 -10.68
N THR G 98 -5.07 6.10 -9.90
CA THR G 98 -6.39 5.73 -10.40
C THR G 98 -7.23 6.98 -10.25
N TYR G 99 -7.46 7.64 -11.36
CA TYR G 99 -8.18 8.90 -11.40
C TYR G 99 -9.68 8.66 -11.53
N GLN G 100 -10.49 9.57 -10.98
CA GLN G 100 -11.96 9.62 -11.16
C GLN G 100 -12.39 10.92 -11.83
N THR G 101 -13.30 10.88 -12.81
CA THR G 101 -13.71 12.08 -13.53
C THR G 101 -15.25 12.16 -13.63
N LYS G 102 -15.77 13.35 -13.43
CA LYS G 102 -17.16 13.67 -13.73
C LYS G 102 -17.49 13.70 -15.22
N ASP G 103 -16.49 13.80 -16.09
CA ASP G 103 -16.71 14.06 -17.53
C ASP G 103 -17.17 12.83 -18.35
N ALA G 104 -17.14 11.64 -17.76
CA ALA G 104 -17.60 10.46 -18.45
C ALA G 104 -17.84 9.37 -17.47
N ALA G 105 -18.68 8.42 -17.87
CA ALA G 105 -18.92 7.20 -17.07
C ALA G 105 -17.76 6.24 -17.12
N THR G 106 -17.59 5.50 -16.04
CA THR G 106 -16.70 4.35 -16.04
C THR G 106 -17.00 3.45 -17.25
N GLY G 107 -15.96 2.88 -17.85
CA GLY G 107 -16.07 2.10 -19.05
C GLY G 107 -16.96 0.94 -18.82
N THR G 108 -17.71 0.59 -19.85
CA THR G 108 -18.57 -0.60 -19.82
C THR G 108 -18.38 -1.46 -21.04
N ALA G 109 -18.58 -2.74 -20.87
CA ALA G 109 -18.64 -3.71 -22.01
C ALA G 109 -19.92 -4.48 -21.85
N SER G 110 -20.90 -4.16 -22.66
CA SER G 110 -22.17 -4.85 -22.64
C SER G 110 -22.13 -5.99 -23.67
N ILE G 111 -22.32 -7.20 -23.17
CA ILE G 111 -22.19 -8.42 -23.95
C ILE G 111 -23.48 -9.19 -23.90
N ILE G 112 -23.94 -9.64 -25.06
CA ILE G 112 -25.08 -10.53 -25.16
C ILE G 112 -24.55 -11.85 -25.78
N VAL G 113 -24.81 -12.98 -25.14
CA VAL G 113 -24.31 -14.29 -25.55
C VAL G 113 -25.43 -15.30 -25.75
N ASN G 114 -25.41 -16.03 -26.86
CA ASN G 114 -26.35 -17.08 -27.04
C ASN G 114 -25.85 -18.44 -26.54
N ASN G 115 -26.66 -19.49 -26.75
CA ASN G 115 -26.31 -20.82 -26.23
C ASN G 115 -25.13 -21.47 -26.89
N GLU G 116 -24.78 -21.05 -28.11
CA GLU G 116 -23.71 -21.61 -28.91
C GLU G 116 -22.45 -20.82 -28.67
N GLY G 117 -22.48 -19.80 -27.83
CA GLY G 117 -21.29 -19.03 -27.53
C GLY G 117 -21.04 -17.81 -28.42
N GLN G 118 -21.83 -17.61 -29.47
CA GLN G 118 -21.81 -16.40 -30.33
C GLN G 118 -22.37 -15.17 -29.65
N ASN G 119 -21.78 -14.01 -29.94
CA ASN G 119 -22.09 -12.82 -29.17
C ASN G 119 -22.16 -11.54 -29.92
N ILE G 120 -22.71 -10.53 -29.24
CA ILE G 120 -22.76 -9.17 -29.67
C ILE G 120 -22.15 -8.36 -28.55
N ILE G 121 -21.21 -7.47 -28.84
CA ILE G 121 -20.55 -6.71 -27.79
C ILE G 121 -20.62 -5.24 -28.12
N VAL G 122 -20.94 -4.41 -27.13
CA VAL G 122 -20.88 -2.95 -27.28
C VAL G 122 -20.00 -2.42 -26.18
N ILE G 123 -18.86 -1.89 -26.54
CA ILE G 123 -17.97 -1.23 -25.60
C ILE G 123 -18.19 0.31 -25.57
N VAL G 124 -18.25 0.87 -24.38
CA VAL G 124 -18.26 2.30 -24.22
C VAL G 124 -17.13 2.54 -23.29
N ALA G 125 -16.04 2.95 -23.88
CA ALA G 125 -14.77 2.96 -23.21
C ALA G 125 -14.81 4.04 -22.16
N GLY G 126 -15.64 5.06 -22.41
CA GLY G 126 -15.93 6.09 -21.39
C GLY G 126 -14.75 6.77 -20.81
N ALA G 127 -14.63 6.68 -19.51
CA ALA G 127 -13.57 7.39 -18.79
C ALA G 127 -12.17 6.91 -19.19
N ASN G 128 -12.03 5.64 -19.58
CA ASN G 128 -10.75 5.16 -20.08
C ASN G 128 -10.13 6.03 -21.18
N LEU G 129 -10.93 6.65 -22.06
CA LEU G 129 -10.36 7.47 -23.14
C LEU G 129 -9.93 8.82 -22.72
N LEU G 130 -10.25 9.20 -21.49
CA LEU G 130 -9.84 10.52 -20.91
C LEU G 130 -8.56 10.42 -20.13
N LEU G 131 -7.94 9.23 -20.00
CA LEU G 131 -6.58 9.13 -19.40
C LEU G 131 -5.62 9.72 -20.40
N ASN G 132 -5.04 10.85 -20.05
CA ASN G 132 -4.20 11.61 -21.02
C ASN G 132 -2.65 11.70 -20.62
N THR G 133 -1.85 12.44 -21.43
CA THR G 133 -0.34 12.59 -21.24
C THR G 133 -0.06 13.33 -19.89
N GLU G 134 -0.85 14.33 -19.48
CA GLU G 134 -0.68 14.98 -18.13
C GLU G 134 -0.91 14.04 -16.93
N ASP G 135 -1.95 13.19 -17.03
CA ASP G 135 -2.19 12.20 -15.99
C ASP G 135 -0.98 11.24 -15.81
N LEU G 136 -0.33 10.82 -16.90
CA LEU G 136 0.84 9.96 -16.83
C LEU G 136 2.01 10.69 -16.21
N ARG G 137 2.17 11.97 -16.53
CA ARG G 137 3.38 12.80 -16.11
C ARG G 137 3.47 12.77 -14.61
N ALA G 138 2.34 12.85 -13.93
CA ALA G 138 2.32 12.81 -12.46
C ALA G 138 2.88 11.50 -11.91
N ALA G 139 2.76 10.43 -12.67
CA ALA G 139 3.23 9.15 -12.25
C ALA G 139 4.67 8.85 -12.62
N ALA G 140 5.43 9.84 -13.06
CA ALA G 140 6.74 9.61 -13.66
C ALA G 140 7.71 8.93 -12.74
N ASN G 141 7.59 9.25 -11.48
CA ASN G 141 8.45 8.67 -10.48
C ASN G 141 8.17 7.22 -10.09
N VAL G 142 6.91 6.86 -9.85
CA VAL G 142 6.52 5.47 -9.77
C VAL G 142 7.05 4.72 -11.02
N ILE G 143 6.88 5.29 -12.21
CA ILE G 143 7.15 4.55 -13.47
C ILE G 143 8.65 4.31 -13.56
N SER G 144 9.44 5.33 -13.25
CA SER G 144 10.90 5.20 -13.35
C SER G 144 11.56 4.26 -12.29
N ARG G 145 10.87 3.97 -11.18
CA ARG G 145 11.36 3.01 -10.18
C ARG G 145 10.83 1.62 -10.33
N ALA G 146 9.97 1.40 -11.33
CA ALA G 146 9.41 0.07 -11.56
C ALA G 146 10.38 -0.85 -12.26
N LYS G 147 10.01 -2.12 -12.30
CA LYS G 147 10.70 -3.13 -13.11
C LYS G 147 10.04 -3.39 -14.49
N VAL G 148 8.72 -3.31 -14.53
CA VAL G 148 7.96 -3.54 -15.73
C VAL G 148 6.81 -2.60 -15.85
N MET G 149 6.57 -2.20 -17.07
CA MET G 149 5.48 -1.40 -17.45
C MET G 149 4.62 -2.22 -18.45
N VAL G 150 3.34 -2.33 -18.21
CA VAL G 150 2.44 -3.11 -19.01
C VAL G 150 1.33 -2.19 -19.66
N CYS G 151 1.10 -2.32 -20.98
CA CYS G 151 0.08 -1.58 -21.70
C CYS G 151 -0.70 -2.44 -22.72
N GLN G 152 -1.89 -1.96 -23.03
CA GLN G 152 -2.73 -2.55 -24.02
C GLN G 152 -3.30 -1.48 -24.99
N LEU G 153 -4.35 -1.84 -25.71
CA LEU G 153 -5.00 -0.93 -26.66
C LEU G 153 -6.48 -0.69 -26.34
N GLU G 154 -6.82 -0.58 -25.07
CA GLU G 154 -8.16 -0.20 -24.67
C GLU G 154 -8.21 1.25 -24.21
N ILE G 155 -7.09 1.96 -24.12
CA ILE G 155 -7.08 3.39 -23.78
C ILE G 155 -6.59 4.09 -25.05
N THR G 156 -6.48 5.42 -25.01
CA THR G 156 -6.04 6.18 -26.17
C THR G 156 -4.66 5.62 -26.56
N PRO G 157 -4.51 5.13 -27.81
CA PRO G 157 -3.21 4.65 -28.22
C PRO G 157 -2.07 5.64 -27.86
N ALA G 158 -2.26 6.96 -28.10
CA ALA G 158 -1.21 7.98 -27.82
C ALA G 158 -0.76 7.96 -26.35
N THR G 159 -1.64 7.60 -25.43
CA THR G 159 -1.29 7.49 -24.05
C THR G 159 -0.46 6.26 -23.73
N SER G 160 -0.87 5.10 -24.23
CA SER G 160 -0.06 3.89 -24.08
C SER G 160 1.34 4.13 -24.66
N LEU G 161 1.42 4.77 -25.82
CA LEU G 161 2.66 5.06 -26.54
C LEU G 161 3.58 5.91 -25.72
N GLU G 162 3.03 6.90 -25.04
CA GLU G 162 3.80 7.77 -24.13
C GLU G 162 4.25 7.01 -22.88
N ALA G 163 3.37 6.19 -22.31
CA ALA G 163 3.75 5.31 -21.18
C ALA G 163 4.96 4.39 -21.53
N LEU G 164 4.91 3.75 -22.71
CA LEU G 164 6.02 2.94 -23.16
C LEU G 164 7.30 3.78 -23.27
N THR G 165 7.15 5.00 -23.83
CA THR G 165 8.30 5.88 -24.08
C THR G 165 8.95 6.29 -22.75
N MET G 166 8.15 6.59 -21.71
CA MET G 166 8.66 6.94 -20.34
C MET G 166 9.40 5.80 -19.67
N ALA G 167 8.81 4.62 -19.78
CA ALA G 167 9.47 3.41 -19.31
C ALA G 167 10.81 3.17 -19.98
N ARG G 168 10.83 3.25 -21.30
CA ARG G 168 12.09 3.04 -22.03
C ARG G 168 13.21 3.97 -21.58
N ARG G 169 12.87 5.23 -21.47
CA ARG G 169 13.79 6.28 -21.11
C ARG G 169 14.44 5.95 -19.79
N SER G 170 13.67 5.35 -18.90
CA SER G 170 14.14 5.08 -17.51
C SER G 170 14.69 3.66 -17.39
N GLY G 171 14.90 2.95 -18.51
CA GLY G 171 15.39 1.56 -18.48
C GLY G 171 14.45 0.47 -18.02
N VAL G 172 13.18 0.79 -17.93
CA VAL G 172 12.17 -0.10 -17.43
C VAL G 172 11.68 -1.01 -18.55
N LYS G 173 11.42 -2.26 -18.21
CA LYS G 173 11.06 -3.23 -19.20
C LYS G 173 9.60 -3.08 -19.68
N THR G 174 9.40 -3.11 -20.98
CA THR G 174 8.10 -2.84 -21.53
C THR G 174 7.45 -4.14 -21.97
N LEU G 175 6.22 -4.33 -21.52
CA LEU G 175 5.42 -5.46 -21.91
C LEU G 175 4.14 -4.93 -22.57
N PHE G 176 3.96 -5.21 -23.83
CA PHE G 176 2.88 -4.64 -24.63
C PHE G 176 2.01 -5.73 -25.21
N ASN G 177 0.72 -5.53 -25.05
CA ASN G 177 -0.32 -6.48 -25.43
C ASN G 177 -1.24 -5.71 -26.37
N PRO G 178 -1.05 -5.85 -27.72
CA PRO G 178 -1.86 -5.12 -28.69
C PRO G 178 -3.31 -5.66 -28.85
N ALA G 179 -4.15 -5.38 -27.85
CA ALA G 179 -5.45 -5.99 -27.72
C ALA G 179 -6.47 -4.99 -27.24
N PRO G 180 -7.62 -4.88 -27.94
CA PRO G 180 -7.94 -5.56 -29.21
C PRO G 180 -7.06 -4.97 -30.34
N ALA G 181 -6.78 -5.78 -31.34
CA ALA G 181 -5.83 -5.42 -32.38
C ALA G 181 -6.43 -4.51 -33.43
N ILE G 182 -5.63 -3.55 -33.85
CA ILE G 182 -5.96 -2.63 -34.91
C ILE G 182 -5.12 -3.07 -36.12
N ALA G 183 -5.73 -3.01 -37.30
CA ALA G 183 -5.01 -3.31 -38.56
C ALA G 183 -3.78 -2.44 -38.84
N ASP G 184 -3.84 -1.13 -38.66
CA ASP G 184 -2.70 -0.32 -39.10
C ASP G 184 -1.91 0.32 -37.96
N LEU G 185 -1.43 -0.56 -37.08
CA LEU G 185 -0.87 -0.17 -35.82
C LEU G 185 0.36 0.68 -36.03
N ASP G 186 0.49 1.77 -35.26
CA ASP G 186 1.65 2.63 -35.31
C ASP G 186 2.89 1.71 -35.13
N PRO G 187 3.83 1.72 -36.11
CA PRO G 187 5.04 0.94 -35.89
C PRO G 187 5.89 1.26 -34.65
N GLN G 188 5.76 2.48 -34.08
CA GLN G 188 6.45 2.81 -32.84
C GLN G 188 6.16 1.80 -31.74
N PHE G 189 4.97 1.21 -31.76
CA PHE G 189 4.64 0.21 -30.80
C PHE G 189 5.58 -1.03 -30.86
N TYR G 190 5.97 -1.47 -32.07
CA TYR G 190 6.86 -2.55 -32.22
C TYR G 190 8.21 -2.20 -31.59
N THR G 191 8.81 -1.08 -31.98
CA THR G 191 10.17 -0.73 -31.55
C THR G 191 10.25 -0.33 -30.05
N LEU G 192 9.14 0.07 -29.42
CA LEU G 192 9.11 0.34 -27.97
C LEU G 192 8.77 -0.87 -27.08
N SER G 193 8.63 -2.05 -27.69
CA SER G 193 8.21 -3.26 -26.97
C SER G 193 9.37 -4.20 -26.76
N ASP G 194 9.72 -4.38 -25.48
CA ASP G 194 10.72 -5.38 -25.12
C ASP G 194 10.10 -6.75 -25.33
N VAL G 195 8.83 -6.81 -24.98
CA VAL G 195 8.08 -8.05 -25.05
C VAL G 195 6.72 -7.73 -25.63
N PHE G 196 6.41 -8.37 -26.75
CA PHE G 196 5.20 -8.12 -27.52
C PHE G 196 4.37 -9.38 -27.52
N CYS G 197 3.20 -9.34 -26.88
CA CYS G 197 2.41 -10.58 -26.63
C CYS G 197 0.98 -10.44 -27.08
N CYS G 198 0.53 -11.33 -27.98
CA CYS G 198 -0.85 -11.30 -28.48
C CYS G 198 -1.39 -12.68 -28.80
N ASN G 199 -2.69 -12.78 -29.04
CA ASN G 199 -3.27 -14.05 -29.37
C ASN G 199 -3.37 -14.27 -30.89
N GLU G 200 -3.90 -15.44 -31.27
CA GLU G 200 -3.88 -15.91 -32.65
C GLU G 200 -4.63 -14.96 -33.53
N SER G 201 -5.85 -14.60 -33.14
CA SER G 201 -6.68 -13.79 -34.03
C SER G 201 -6.16 -12.37 -34.11
N GLU G 202 -5.52 -11.92 -33.06
CA GLU G 202 -4.82 -10.63 -33.08
C GLU G 202 -3.61 -10.61 -34.04
N ALA G 203 -2.84 -11.71 -34.05
CA ALA G 203 -1.73 -11.85 -34.99
C ALA G 203 -2.21 -11.87 -36.45
N GLU G 204 -3.39 -12.45 -36.70
CA GLU G 204 -4.05 -12.41 -38.05
C GLU G 204 -4.30 -10.97 -38.48
N ILE G 205 -4.86 -10.16 -37.57
CA ILE G 205 -5.17 -8.78 -37.88
C ILE G 205 -3.87 -7.98 -38.12
N LEU G 206 -2.85 -8.17 -37.26
CA LEU G 206 -1.62 -7.33 -37.34
C LEU G 206 -0.71 -7.66 -38.52
N THR G 207 -0.77 -8.90 -39.00
CA THR G 207 0.12 -9.42 -40.11
C THR G 207 -0.56 -9.80 -41.39
N GLY G 208 -1.87 -9.92 -41.38
CA GLY G 208 -2.64 -10.23 -42.59
C GLY G 208 -2.60 -11.72 -42.93
N LEU G 209 -2.01 -12.54 -42.05
CA LEU G 209 -1.75 -13.98 -42.29
C LEU G 209 -2.78 -14.80 -41.58
N THR G 210 -3.00 -16.03 -42.02
CA THR G 210 -3.94 -16.94 -41.39
C THR G 210 -3.18 -17.65 -40.31
N VAL G 211 -3.83 -17.90 -39.18
CA VAL G 211 -3.20 -18.61 -38.03
C VAL G 211 -4.09 -19.75 -37.46
N GLY G 212 -4.05 -20.87 -38.16
CA GLY G 212 -4.76 -22.12 -37.78
C GLY G 212 -3.93 -22.94 -36.80
N SER G 213 -2.74 -23.41 -37.25
CA SER G 213 -1.80 -24.20 -36.40
C SER G 213 -0.77 -23.36 -35.57
N ALA G 214 0.09 -24.08 -34.84
CA ALA G 214 1.22 -23.51 -34.10
C ALA G 214 2.40 -23.19 -35.03
N ALA G 215 2.52 -23.94 -36.14
CA ALA G 215 3.48 -23.56 -37.19
C ALA G 215 3.15 -22.20 -37.82
N ASP G 216 1.86 -21.97 -38.11
CA ASP G 216 1.39 -20.72 -38.71
C ASP G 216 1.70 -19.56 -37.74
N ALA G 217 1.47 -19.79 -36.45
CA ALA G 217 1.75 -18.78 -35.46
C ALA G 217 3.21 -18.40 -35.39
N GLY G 218 4.07 -19.39 -35.57
CA GLY G 218 5.51 -19.15 -35.70
C GLY G 218 5.91 -18.24 -36.84
N GLU G 219 5.30 -18.47 -37.99
CA GLU G 219 5.50 -17.58 -39.12
C GLU G 219 4.97 -16.15 -38.87
N ALA G 220 3.79 -16.01 -38.29
CA ALA G 220 3.21 -14.69 -38.02
C ALA G 220 4.04 -13.93 -37.01
N ALA G 221 4.53 -14.65 -36.01
CA ALA G 221 5.45 -14.14 -35.00
C ALA G 221 6.79 -13.65 -35.55
N LEU G 222 7.28 -14.33 -36.58
CA LEU G 222 8.46 -13.86 -37.31
C LEU G 222 8.29 -12.51 -38.07
N VAL G 223 7.12 -12.30 -38.67
CA VAL G 223 6.78 -11.01 -39.29
C VAL G 223 6.80 -9.87 -38.22
N LEU G 224 6.24 -10.14 -37.09
CA LEU G 224 6.19 -9.15 -36.07
C LEU G 224 7.58 -8.85 -35.55
N LEU G 225 8.39 -9.89 -35.43
CA LEU G 225 9.70 -9.73 -34.89
C LEU G 225 10.48 -8.76 -35.76
N LYS G 226 10.40 -9.00 -37.07
CA LYS G 226 11.12 -8.23 -38.07
C LYS G 226 10.65 -6.78 -38.28
N ARG G 227 9.50 -6.43 -37.69
CA ARG G 227 9.10 -5.00 -37.47
C ARG G 227 9.74 -4.26 -36.27
N GLY G 228 10.50 -4.96 -35.40
CA GLY G 228 11.33 -4.33 -34.37
C GLY G 228 11.13 -4.79 -32.95
N CYS G 229 10.27 -5.76 -32.71
CA CYS G 229 10.12 -6.24 -31.35
C CYS G 229 11.34 -7.01 -30.90
N GLN G 230 11.73 -6.89 -29.62
CA GLN G 230 12.77 -7.75 -29.06
C GLN G 230 12.29 -9.20 -29.01
N VAL G 231 11.13 -9.40 -28.43
CA VAL G 231 10.58 -10.67 -28.11
C VAL G 231 9.13 -10.72 -28.46
N VAL G 232 8.72 -11.80 -29.10
CA VAL G 232 7.36 -11.97 -29.57
C VAL G 232 6.85 -13.27 -29.03
N ILE G 233 5.68 -13.19 -28.34
CA ILE G 233 5.01 -14.34 -27.82
C ILE G 233 3.60 -14.32 -28.40
N ILE G 234 3.17 -15.46 -28.94
CA ILE G 234 1.78 -15.61 -29.37
C ILE G 234 1.05 -16.69 -28.59
N THR G 235 -0.04 -16.32 -27.89
CA THR G 235 -0.81 -17.26 -27.11
C THR G 235 -1.76 -18.02 -28.00
N LEU G 236 -1.99 -19.29 -27.65
CA LEU G 236 -2.64 -20.27 -28.56
C LEU G 236 -3.71 -21.10 -27.86
N GLY G 237 -4.41 -20.53 -26.89
CA GLY G 237 -5.40 -21.29 -26.09
C GLY G 237 -4.88 -22.58 -25.47
N ALA G 238 -5.55 -23.69 -25.78
CA ALA G 238 -5.18 -25.01 -25.28
C ALA G 238 -3.82 -25.52 -25.77
N GLU G 239 -3.30 -24.93 -26.83
CA GLU G 239 -1.97 -25.27 -27.38
C GLU G 239 -0.81 -24.50 -26.69
N GLY G 240 -1.11 -23.65 -25.74
CA GLY G 240 -0.07 -23.00 -24.97
C GLY G 240 0.37 -21.70 -25.66
N CYS G 241 1.65 -21.59 -26.01
CA CYS G 241 2.15 -20.42 -26.65
C CYS G 241 3.36 -20.69 -27.49
N VAL G 242 3.71 -19.69 -28.30
CA VAL G 242 4.91 -19.71 -29.13
C VAL G 242 5.76 -18.48 -28.89
N VAL G 243 7.08 -18.64 -28.83
CA VAL G 243 7.98 -17.54 -28.57
C VAL G 243 9.15 -17.48 -29.53
N LEU G 244 9.55 -16.26 -29.89
CA LEU G 244 10.77 -16.04 -30.60
C LEU G 244 11.44 -14.71 -30.10
N SER G 245 12.73 -14.59 -30.28
CA SER G 245 13.45 -13.37 -29.87
C SER G 245 14.45 -12.95 -30.94
N GLN G 246 14.98 -11.74 -30.83
CA GLN G 246 16.01 -11.30 -31.78
C GLN G 246 17.22 -12.27 -31.73
N THR G 247 17.62 -12.68 -30.51
CA THR G 247 18.79 -13.56 -30.30
C THR G 247 18.44 -15.00 -30.62
N GLU G 248 17.16 -15.40 -30.49
CA GLU G 248 16.73 -16.75 -30.88
C GLU G 248 15.47 -16.78 -31.77
N PRO G 249 15.64 -16.45 -33.07
CA PRO G 249 14.47 -16.19 -33.92
C PRO G 249 13.73 -17.44 -34.34
N GLU G 250 14.23 -18.60 -33.97
CA GLU G 250 13.53 -19.79 -34.36
C GLU G 250 12.32 -20.00 -33.45
N PRO G 251 11.12 -20.27 -34.03
CA PRO G 251 9.93 -20.46 -33.19
C PRO G 251 10.08 -21.59 -32.21
N LYS G 252 9.71 -21.33 -30.96
CA LYS G 252 9.74 -22.34 -29.91
C LYS G 252 8.29 -22.48 -29.40
N HIS G 253 7.71 -23.65 -29.65
CA HIS G 253 6.38 -23.98 -29.19
C HIS G 253 6.44 -24.49 -27.74
N ILE G 254 5.71 -23.85 -26.81
CA ILE G 254 5.61 -24.26 -25.41
C ILE G 254 4.18 -24.81 -25.16
N PRO G 255 4.00 -26.15 -25.23
CA PRO G 255 2.66 -26.68 -24.94
C PRO G 255 2.33 -26.57 -23.47
N THR G 256 1.10 -26.94 -23.15
CA THR G 256 0.61 -26.92 -21.76
C THR G 256 -0.26 -28.14 -21.49
N GLU G 257 -0.26 -28.58 -20.24
CA GLU G 257 -1.04 -29.79 -19.87
C GLU G 257 -2.55 -29.58 -20.15
N LYS G 258 -3.16 -30.58 -20.78
CA LYS G 258 -4.57 -30.63 -21.07
C LYS G 258 -5.38 -30.54 -19.74
N VAL G 259 -6.41 -29.67 -19.70
CA VAL G 259 -7.34 -29.55 -18.59
C VAL G 259 -8.78 -29.39 -19.07
N LYS G 260 -9.75 -29.77 -18.22
CA LYS G 260 -11.21 -29.53 -18.52
C LYS G 260 -11.46 -28.00 -18.33
N ALA G 261 -11.52 -27.28 -19.45
CA ALA G 261 -11.79 -25.83 -19.47
C ALA G 261 -13.22 -25.54 -19.09
N VAL G 262 -13.43 -24.85 -17.98
CA VAL G 262 -14.77 -24.41 -17.58
C VAL G 262 -15.08 -23.10 -18.27
N ASP G 263 -14.12 -22.18 -18.25
CA ASP G 263 -14.33 -20.82 -18.78
C ASP G 263 -13.02 -20.09 -19.07
N THR G 264 -12.74 -19.88 -20.35
CA THR G 264 -11.45 -19.31 -20.79
C THR G 264 -11.43 -17.78 -20.82
N THR G 265 -12.52 -17.14 -20.40
CA THR G 265 -12.65 -15.68 -20.50
C THR G 265 -11.56 -15.07 -19.62
N GLY G 266 -10.76 -14.19 -20.21
CA GLY G 266 -9.71 -13.49 -19.46
C GLY G 266 -8.46 -14.31 -19.21
N ALA G 267 -8.37 -15.45 -19.87
CA ALA G 267 -7.21 -16.30 -19.69
C ALA G 267 -5.95 -15.63 -20.27
N GLY G 268 -6.10 -14.90 -21.37
CA GLY G 268 -4.96 -14.13 -21.90
C GLY G 268 -4.40 -13.10 -20.92
N ASP G 269 -5.30 -12.45 -20.20
CA ASP G 269 -4.89 -11.46 -19.24
C ASP G 269 -4.21 -12.10 -18.04
N SER G 270 -4.67 -13.26 -17.59
CA SER G 270 -3.96 -14.02 -16.59
C SER G 270 -2.53 -14.33 -17.05
N PHE G 271 -2.39 -14.79 -18.30
CA PHE G 271 -1.07 -15.13 -18.84
C PHE G 271 -0.16 -13.93 -18.80
N VAL G 272 -0.67 -12.80 -19.22
CA VAL G 272 0.17 -11.59 -19.34
C VAL G 272 0.52 -10.96 -18.00
N GLY G 273 -0.44 -10.97 -17.07
CA GLY G 273 -0.18 -10.58 -15.71
C GLY G 273 0.86 -11.47 -15.04
N ALA G 274 0.78 -12.77 -15.28
CA ALA G 274 1.80 -13.71 -14.75
C ALA G 274 3.19 -13.43 -15.33
N LEU G 275 3.21 -13.18 -16.62
CA LEU G 275 4.45 -12.84 -17.27
C LEU G 275 5.09 -11.54 -16.74
N ALA G 276 4.25 -10.52 -16.48
CA ALA G 276 4.74 -9.31 -15.84
C ALA G 276 5.36 -9.61 -14.46
N PHE G 277 4.68 -10.48 -13.70
CA PHE G 277 5.16 -10.89 -12.40
C PHE G 277 6.55 -11.48 -12.49
N TYR G 278 6.73 -12.41 -13.43
CA TYR G 278 8.04 -13.04 -13.58
C TYR G 278 9.15 -12.11 -14.12
N LEU G 279 8.83 -11.26 -15.08
CA LEU G 279 9.80 -10.29 -15.60
C LEU G 279 10.32 -9.37 -14.51
N ALA G 280 9.44 -9.01 -13.60
CA ALA G 280 9.75 -8.11 -12.52
C ALA G 280 10.47 -8.72 -11.34
N TYR G 281 10.07 -9.91 -10.92
CA TYR G 281 10.64 -10.48 -9.70
C TYR G 281 11.62 -11.62 -9.93
N TYR G 282 11.55 -12.24 -11.10
CA TYR G 282 12.40 -13.37 -11.45
C TYR G 282 13.15 -13.08 -12.79
N PRO G 283 13.85 -11.92 -12.87
CA PRO G 283 14.44 -11.52 -14.18
C PRO G 283 15.47 -12.47 -14.75
N ASN G 284 16.14 -13.23 -13.90
CA ASN G 284 17.11 -14.25 -14.35
C ASN G 284 16.64 -15.61 -14.86
N LEU G 285 15.37 -15.94 -14.68
CA LEU G 285 14.78 -17.13 -15.30
C LEU G 285 14.85 -17.05 -16.81
N SER G 286 15.05 -18.19 -17.45
CA SER G 286 14.98 -18.25 -18.89
C SER G 286 13.56 -17.87 -19.27
N LEU G 287 13.43 -17.40 -20.48
CA LEU G 287 12.17 -16.98 -21.01
C LEU G 287 11.23 -18.20 -21.09
N GLU G 288 11.78 -19.31 -21.53
CA GLU G 288 11.05 -20.57 -21.68
C GLU G 288 10.40 -20.99 -20.36
N ASP G 289 11.17 -20.82 -19.30
CA ASP G 289 10.73 -21.12 -17.94
C ASP G 289 9.60 -20.17 -17.52
N MET G 290 9.74 -18.88 -17.75
CA MET G 290 8.67 -17.93 -17.44
C MET G 290 7.37 -18.28 -18.12
N LEU G 291 7.48 -18.69 -19.39
CA LEU G 291 6.29 -18.99 -20.19
C LEU G 291 5.65 -20.30 -19.75
N ASN G 292 6.45 -21.26 -19.33
CA ASN G 292 5.87 -22.50 -18.71
C ASN G 292 5.05 -22.21 -17.47
N ARG G 293 5.60 -21.37 -16.61
CA ARG G 293 4.91 -20.95 -15.39
C ARG G 293 3.67 -20.08 -15.70
N SER G 294 3.80 -19.22 -16.71
CA SER G 294 2.70 -18.34 -17.12
C SER G 294 1.57 -19.12 -17.77
N ASN G 295 1.91 -20.07 -18.63
CA ASN G 295 0.93 -21.06 -19.11
C ASN G 295 0.21 -21.75 -17.96
N PHE G 296 0.97 -22.26 -16.98
CA PHE G 296 0.37 -23.05 -15.88
C PHE G 296 -0.63 -22.23 -15.07
N ILE G 297 -0.26 -20.99 -14.76
CA ILE G 297 -1.12 -20.10 -14.06
C ILE G 297 -2.42 -19.79 -14.88
N ALA G 298 -2.29 -19.49 -16.18
CA ALA G 298 -3.44 -19.16 -17.01
C ALA G 298 -4.36 -20.36 -17.13
N ALA G 299 -3.77 -21.53 -17.20
CA ALA G 299 -4.53 -22.77 -17.24
C ALA G 299 -5.29 -23.04 -15.94
N VAL G 300 -4.76 -22.62 -14.79
CA VAL G 300 -5.55 -22.67 -13.58
C VAL G 300 -6.84 -21.79 -13.75
N SER G 301 -6.68 -20.62 -14.35
CA SER G 301 -7.80 -19.65 -14.50
C SER G 301 -8.89 -20.16 -15.40
N VAL G 302 -8.53 -20.95 -16.42
CA VAL G 302 -9.57 -21.55 -17.27
C VAL G 302 -10.41 -22.61 -16.58
N GLN G 303 -9.98 -23.08 -15.42
CA GLN G 303 -10.73 -24.11 -14.70
C GLN G 303 -11.89 -23.60 -13.86
N ALA G 304 -12.13 -22.30 -13.87
CA ALA G 304 -13.20 -21.70 -13.08
C ALA G 304 -13.82 -20.52 -13.81
N ALA G 305 -15.06 -20.22 -13.45
CA ALA G 305 -15.78 -19.13 -14.03
C ALA G 305 -15.37 -17.81 -13.41
N GLY G 306 -15.66 -16.71 -14.12
CA GLY G 306 -15.75 -15.38 -13.53
C GLY G 306 -14.63 -14.38 -13.81
N THR G 307 -13.75 -14.67 -14.77
CA THR G 307 -12.64 -13.77 -15.12
C THR G 307 -11.72 -13.51 -13.92
N GLN G 308 -11.76 -12.30 -13.32
CA GLN G 308 -10.87 -12.01 -12.19
C GLN G 308 -11.03 -13.01 -11.05
N SER G 309 -12.25 -13.42 -10.77
CA SER G 309 -12.42 -14.34 -9.62
C SER G 309 -11.84 -15.72 -9.88
N SER G 310 -11.54 -16.09 -11.15
CA SER G 310 -10.84 -17.33 -11.44
C SER G 310 -9.30 -17.26 -11.39
N TYR G 311 -8.75 -16.07 -11.19
CA TYR G 311 -7.31 -15.90 -11.19
C TYR G 311 -6.73 -16.37 -9.86
N PRO G 312 -5.78 -17.31 -9.88
CA PRO G 312 -5.27 -17.89 -8.63
C PRO G 312 -4.35 -17.01 -7.84
N TYR G 313 -4.38 -17.21 -6.54
CA TYR G 313 -3.46 -16.56 -5.62
C TYR G 313 -2.24 -17.44 -5.51
N LYS G 314 -1.16 -16.82 -5.13
CA LYS G 314 0.04 -17.53 -4.80
C LYS G 314 -0.15 -18.68 -3.80
N LYS G 315 -0.82 -18.40 -2.68
CA LYS G 315 -1.05 -19.44 -1.64
C LYS G 315 -1.69 -20.70 -2.24
N ASP G 316 -2.43 -20.59 -3.34
CA ASP G 316 -3.15 -21.75 -3.95
C ASP G 316 -2.38 -22.44 -5.09
N LEU G 317 -1.12 -22.06 -5.30
CA LEU G 317 -0.32 -22.57 -6.37
C LEU G 317 0.89 -23.34 -5.87
N PRO G 318 1.45 -24.22 -6.71
CA PRO G 318 2.59 -25.06 -6.31
C PRO G 318 3.79 -24.20 -5.99
N LEU G 319 4.50 -24.52 -4.92
CA LEU G 319 5.54 -23.66 -4.46
C LEU G 319 6.71 -23.49 -5.38
N THR G 320 6.92 -24.48 -6.22
CA THR G 320 8.00 -24.46 -7.22
C THR G 320 7.82 -23.40 -8.29
N LEU G 321 6.61 -22.87 -8.49
CA LEU G 321 6.41 -21.70 -9.30
C LEU G 321 7.00 -20.40 -8.76
N PHE G 322 7.45 -20.40 -7.50
CA PHE G 322 8.11 -19.27 -6.90
C PHE G 322 9.56 -19.51 -6.45
N LEU G 323 10.20 -20.54 -6.99
CA LEU G 323 11.57 -20.88 -6.71
C LEU G 323 12.40 -20.67 -7.94
N GLU G 324 13.67 -20.39 -7.72
CA GLU G 324 14.72 -20.39 -8.73
C GLU G 324 15.94 -21.19 -8.31
N HIS G 325 16.60 -21.90 -9.22
CA HIS G 325 17.98 -22.33 -8.96
C HIS G 325 18.89 -21.08 -9.13
N HIS G 326 20.10 -20.91 -8.69
CA HIS G 326 21.15 -21.89 -8.66
C HIS G 326 22.09 -21.49 -7.50
N HIS G 327 21.49 -21.22 -6.31
CA HIS G 327 22.15 -20.99 -4.94
C HIS G 327 23.50 -21.80 -4.66
N GLU H 14 -49.83 7.04 9.70
CA GLU H 14 -49.14 7.11 8.36
C GLU H 14 -49.18 5.78 7.56
N VAL H 15 -50.39 5.32 7.25
CA VAL H 15 -50.59 4.11 6.43
C VAL H 15 -50.58 4.23 4.92
N ALA H 16 -50.00 3.26 4.22
CA ALA H 16 -49.90 3.34 2.78
C ALA H 16 -51.26 3.23 2.05
N ALA H 17 -51.53 4.18 1.15
CA ALA H 17 -52.80 4.24 0.42
C ALA H 17 -52.73 3.65 -0.99
N VAL H 18 -51.53 3.63 -1.57
CA VAL H 18 -51.29 3.00 -2.85
C VAL H 18 -50.29 1.88 -2.62
N VAL H 19 -50.67 0.66 -2.99
CA VAL H 19 -49.77 -0.49 -2.94
C VAL H 19 -49.54 -0.96 -4.36
N VAL H 20 -48.27 -1.10 -4.74
CA VAL H 20 -47.92 -1.59 -6.09
C VAL H 20 -47.23 -2.94 -5.99
N VAL H 21 -47.78 -3.95 -6.64
CA VAL H 21 -47.16 -5.28 -6.68
C VAL H 21 -46.63 -5.49 -8.08
N GLY H 22 -45.30 -5.52 -8.23
CA GLY H 22 -44.74 -5.62 -9.53
C GLY H 22 -43.21 -5.54 -9.58
N SER H 23 -42.72 -5.03 -10.70
CA SER H 23 -41.35 -5.17 -11.12
C SER H 23 -40.44 -3.98 -10.83
N CYS H 24 -39.19 -4.26 -10.46
CA CYS H 24 -38.08 -3.31 -10.45
C CYS H 24 -37.01 -3.83 -11.37
N MET H 25 -36.49 -2.98 -12.23
CA MET H 25 -35.46 -3.32 -13.17
C MET H 25 -34.46 -2.22 -13.34
N THR H 26 -33.20 -2.59 -13.50
CA THR H 26 -32.16 -1.68 -13.78
C THR H 26 -31.99 -1.54 -15.27
N ASP H 27 -32.05 -0.32 -15.78
CA ASP H 27 -31.89 -0.06 -17.20
C ASP H 27 -30.43 0.27 -17.50
N LEU H 28 -29.88 -0.42 -18.49
CA LEU H 28 -28.45 -0.30 -18.84
C LEU H 28 -28.38 0.10 -20.29
N VAL H 29 -28.03 1.34 -20.58
CA VAL H 29 -28.23 1.88 -21.90
C VAL H 29 -26.92 2.30 -22.53
N SER H 30 -26.65 1.80 -23.73
CA SER H 30 -25.48 2.14 -24.51
C SER H 30 -25.91 2.82 -25.81
N LEU H 31 -25.37 4.00 -26.12
CA LEU H 31 -25.65 4.68 -27.39
C LEU H 31 -24.51 4.46 -28.37
N THR H 32 -24.86 4.17 -29.61
CA THR H 32 -23.90 3.87 -30.66
C THR H 32 -24.28 4.60 -31.91
N SER H 33 -23.47 4.56 -32.94
CA SER H 33 -23.89 5.13 -34.23
C SER H 33 -24.69 4.15 -35.04
N ARG H 34 -24.17 2.95 -35.19
CA ARG H 34 -24.94 1.87 -35.77
C ARG H 34 -25.14 0.74 -34.73
N LEU H 35 -26.18 -0.08 -34.91
CA LEU H 35 -26.40 -1.29 -34.10
C LEU H 35 -25.50 -2.44 -34.55
N PRO H 36 -25.10 -3.33 -33.66
CA PRO H 36 -24.16 -4.42 -34.01
C PRO H 36 -24.85 -5.66 -34.60
N LYS H 37 -24.27 -6.22 -35.67
CA LYS H 37 -24.65 -7.53 -36.22
C LYS H 37 -24.01 -8.64 -35.35
N THR H 38 -24.52 -9.86 -35.47
CA THR H 38 -23.92 -11.02 -34.80
C THR H 38 -22.42 -11.12 -34.93
N GLY H 39 -21.74 -11.41 -33.81
CA GLY H 39 -20.27 -11.58 -33.79
C GLY H 39 -19.50 -10.28 -33.82
N GLU H 40 -20.17 -9.12 -33.90
CA GLU H 40 -19.48 -7.84 -33.97
C GLU H 40 -19.25 -7.28 -32.58
N THR H 41 -18.10 -6.62 -32.45
CA THR H 41 -17.80 -5.78 -31.35
C THR H 41 -17.83 -4.38 -31.89
N ILE H 42 -18.66 -3.50 -31.33
CA ILE H 42 -18.63 -2.07 -31.68
C ILE H 42 -18.49 -1.14 -30.45
N HIS H 43 -18.05 0.08 -30.69
CA HIS H 43 -17.76 1.05 -29.67
C HIS H 43 -18.88 2.04 -29.72
N GLY H 44 -19.58 2.21 -28.61
CA GLY H 44 -20.53 3.27 -28.48
C GLY H 44 -19.89 4.49 -27.87
N HIS H 45 -20.65 5.58 -27.79
CA HIS H 45 -20.10 6.87 -27.35
C HIS H 45 -20.66 7.33 -26.02
N LYS H 46 -21.64 6.62 -25.49
CA LYS H 46 -22.20 6.99 -24.17
C LYS H 46 -22.94 5.80 -23.51
N PHE H 47 -22.78 5.68 -22.19
CA PHE H 47 -23.48 4.71 -21.41
C PHE H 47 -24.20 5.38 -20.27
N PHE H 48 -25.43 4.94 -19.98
CA PHE H 48 -26.04 5.28 -18.70
C PHE H 48 -26.99 4.29 -18.09
N ILE H 49 -27.07 4.41 -16.79
CA ILE H 49 -27.90 3.65 -15.88
C ILE H 49 -29.16 4.40 -15.46
N GLY H 50 -30.25 3.69 -15.30
CA GLY H 50 -31.46 4.24 -14.80
C GLY H 50 -32.24 3.23 -14.01
N PHE H 51 -33.17 3.72 -13.18
CA PHE H 51 -34.05 2.85 -12.38
C PHE H 51 -35.35 2.72 -13.14
N GLY H 52 -35.78 1.51 -13.46
CA GLY H 52 -36.92 1.24 -14.31
C GLY H 52 -37.75 0.11 -13.79
N GLY H 53 -38.50 -0.55 -14.67
CA GLY H 53 -39.52 -1.50 -14.24
C GLY H 53 -40.88 -0.79 -14.05
N LYS H 54 -41.94 -1.36 -14.64
CA LYS H 54 -43.23 -0.65 -14.67
C LYS H 54 -43.79 -0.41 -13.29
N GLY H 55 -43.64 -1.42 -12.45
CA GLY H 55 -44.14 -1.37 -11.11
C GLY H 55 -43.49 -0.21 -10.36
N ALA H 56 -42.16 -0.20 -10.27
CA ALA H 56 -41.51 0.86 -9.58
C ALA H 56 -41.74 2.18 -10.21
N ASN H 57 -41.84 2.21 -11.51
CA ASN H 57 -42.10 3.52 -12.19
C ASN H 57 -43.43 4.16 -11.76
N GLN H 58 -44.46 3.34 -11.72
CA GLN H 58 -45.80 3.78 -11.36
C GLN H 58 -45.80 4.16 -9.89
N CYS H 59 -45.12 3.37 -9.05
CA CYS H 59 -45.01 3.69 -7.68
C CYS H 59 -44.28 5.02 -7.44
N VAL H 60 -43.18 5.26 -8.15
CA VAL H 60 -42.43 6.50 -8.02
C VAL H 60 -43.31 7.70 -8.41
N GLN H 61 -44.06 7.66 -9.52
CA GLN H 61 -44.85 8.84 -9.92
C GLN H 61 -45.87 9.16 -8.86
N ALA H 62 -46.51 8.12 -8.32
CA ALA H 62 -47.52 8.32 -7.28
C ALA H 62 -46.91 8.92 -6.01
N ALA H 63 -45.76 8.41 -5.61
CA ALA H 63 -45.11 8.93 -4.43
C ALA H 63 -44.77 10.40 -4.60
N ARG H 64 -44.33 10.79 -5.76
CA ARG H 64 -43.87 12.19 -6.00
C ARG H 64 -44.98 13.16 -6.04
N LEU H 65 -46.16 12.66 -6.27
CA LEU H 65 -47.37 13.49 -6.21
C LEU H 65 -47.83 13.68 -4.76
N GLY H 66 -47.24 12.92 -3.82
CA GLY H 66 -47.57 13.00 -2.42
C GLY H 66 -48.17 11.75 -1.84
N ALA H 67 -48.42 10.71 -2.65
CA ALA H 67 -48.93 9.44 -2.12
C ALA H 67 -47.97 8.72 -1.19
N MET H 68 -48.58 8.10 -0.20
CA MET H 68 -47.93 7.20 0.65
C MET H 68 -48.05 5.88 0.01
N THR H 69 -46.92 5.29 -0.33
CA THR H 69 -46.92 4.08 -1.17
C THR H 69 -46.14 2.99 -0.51
N SER H 70 -46.42 1.76 -0.95
CA SER H 70 -45.59 0.56 -0.55
C SER H 70 -45.35 -0.26 -1.79
N MET H 71 -44.11 -0.61 -2.03
CA MET H 71 -43.68 -1.39 -3.22
C MET H 71 -43.43 -2.82 -2.83
N VAL H 72 -44.27 -3.71 -3.33
CA VAL H 72 -44.12 -5.14 -3.11
C VAL H 72 -43.44 -5.70 -4.35
N CYS H 73 -42.21 -6.18 -4.19
CA CYS H 73 -41.40 -6.63 -5.31
C CYS H 73 -40.26 -7.48 -4.82
N LYS H 74 -39.48 -8.00 -5.76
CA LYS H 74 -38.31 -8.76 -5.41
C LYS H 74 -37.13 -8.41 -6.24
N VAL H 75 -36.05 -8.09 -5.56
CA VAL H 75 -34.79 -7.80 -6.20
C VAL H 75 -33.70 -8.76 -5.72
N GLY H 76 -32.53 -8.62 -6.33
CA GLY H 76 -31.38 -9.44 -6.02
C GLY H 76 -30.60 -8.95 -4.80
N LYS H 77 -29.89 -9.89 -4.21
CA LYS H 77 -28.91 -9.59 -3.26
C LYS H 77 -27.55 -9.27 -3.92
N ASP H 78 -27.52 -8.12 -4.56
CA ASP H 78 -26.41 -7.62 -5.36
C ASP H 78 -26.42 -6.07 -5.30
N SER H 79 -25.43 -5.45 -5.90
CA SER H 79 -25.32 -3.98 -5.95
C SER H 79 -26.58 -3.33 -6.52
N PHE H 80 -27.06 -3.85 -7.65
CA PHE H 80 -28.21 -3.27 -8.34
C PHE H 80 -29.42 -3.28 -7.41
N GLY H 81 -29.57 -4.35 -6.66
CA GLY H 81 -30.64 -4.50 -5.72
C GLY H 81 -30.56 -3.52 -4.57
N ASN H 82 -29.40 -3.42 -3.95
CA ASN H 82 -29.22 -2.47 -2.85
C ASN H 82 -29.49 -1.05 -3.31
N ASP H 83 -28.97 -0.74 -4.49
CA ASP H 83 -29.18 0.56 -5.12
C ASP H 83 -30.68 0.79 -5.37
N TYR H 84 -31.40 -0.25 -5.83
CA TYR H 84 -32.83 -0.09 -6.10
C TYR H 84 -33.58 0.25 -4.82
N ILE H 85 -33.27 -0.50 -3.77
CA ILE H 85 -33.83 -0.25 -2.44
C ILE H 85 -33.59 1.19 -1.98
N GLU H 86 -32.36 1.69 -2.18
CA GLU H 86 -32.02 3.03 -1.87
C GLU H 86 -32.83 4.00 -2.73
N ASN H 87 -33.04 3.70 -4.04
CA ASN H 87 -33.84 4.59 -4.90
C ASN H 87 -35.22 4.69 -4.39
N LEU H 88 -35.80 3.57 -3.98
CA LEU H 88 -37.16 3.62 -3.47
C LEU H 88 -37.25 4.47 -2.17
N LYS H 89 -36.32 4.29 -1.25
CA LYS H 89 -36.31 5.06 -0.03
C LYS H 89 -36.14 6.55 -0.26
N GLN H 90 -35.32 6.92 -1.23
CA GLN H 90 -35.12 8.30 -1.61
C GLN H 90 -36.41 8.97 -2.08
N ASN H 91 -37.31 8.20 -2.67
CA ASN H 91 -38.64 8.70 -3.09
C ASN H 91 -39.74 8.46 -2.09
N ASP H 92 -39.36 8.13 -0.86
CA ASP H 92 -40.30 7.91 0.30
C ASP H 92 -41.27 6.77 0.14
N ILE H 93 -40.82 5.75 -0.52
CA ILE H 93 -41.62 4.58 -0.77
C ILE H 93 -41.27 3.53 0.27
N SER H 94 -42.27 2.89 0.85
CA SER H 94 -42.04 1.85 1.86
C SER H 94 -41.46 0.65 1.16
N THR H 95 -40.39 0.12 1.75
CA THR H 95 -39.73 -1.07 1.25
C THR H 95 -39.93 -2.25 2.19
N GLU H 96 -40.97 -2.20 3.02
CA GLU H 96 -41.25 -3.27 4.01
C GLU H 96 -41.36 -4.63 3.31
N PHE H 97 -41.91 -4.66 2.09
CA PHE H 97 -42.11 -5.89 1.35
C PHE H 97 -41.35 -5.90 0.00
N THR H 98 -40.21 -5.24 0.00
CA THR H 98 -39.28 -5.30 -1.10
C THR H 98 -38.30 -6.35 -0.65
N TYR H 99 -38.43 -7.54 -1.22
CA TYR H 99 -37.65 -8.73 -0.86
C TYR H 99 -36.35 -8.77 -1.64
N GLN H 100 -35.29 -9.34 -1.02
CA GLN H 100 -34.03 -9.54 -1.67
C GLN H 100 -33.70 -11.01 -1.68
N THR H 101 -33.22 -11.57 -2.79
CA THR H 101 -32.94 -13.01 -2.88
C THR H 101 -31.54 -13.27 -3.45
N LYS H 102 -30.85 -14.23 -2.86
CA LYS H 102 -29.61 -14.79 -3.41
C LYS H 102 -29.83 -15.62 -4.69
N ASP H 103 -31.05 -16.08 -4.95
CA ASP H 103 -31.32 -17.04 -6.03
C ASP H 103 -31.32 -16.48 -7.45
N ALA H 104 -31.31 -15.16 -7.62
CA ALA H 104 -31.29 -14.55 -8.95
C ALA H 104 -30.86 -13.11 -8.84
N ALA H 105 -30.30 -12.60 -9.93
CA ALA H 105 -29.90 -11.20 -9.98
C ALA H 105 -31.15 -10.31 -10.11
N THR H 106 -31.00 -9.09 -9.64
CA THR H 106 -31.96 -8.05 -9.89
C THR H 106 -32.22 -7.94 -11.36
N GLY H 107 -33.45 -7.69 -11.70
CA GLY H 107 -33.87 -7.67 -13.10
C GLY H 107 -33.03 -6.64 -13.85
N THR H 108 -32.71 -6.92 -15.11
CA THR H 108 -32.05 -5.95 -15.96
C THR H 108 -32.76 -5.75 -17.34
N ALA H 109 -32.63 -4.55 -17.90
CA ALA H 109 -33.02 -4.28 -19.29
C ALA H 109 -31.80 -3.67 -19.96
N SER H 110 -31.11 -4.46 -20.78
CA SER H 110 -29.97 -3.96 -21.54
C SER H 110 -30.47 -3.45 -22.90
N ILE H 111 -30.20 -2.17 -23.17
CA ILE H 111 -30.69 -1.47 -24.34
C ILE H 111 -29.49 -0.90 -25.10
N ILE H 112 -29.49 -1.13 -26.41
CA ILE H 112 -28.51 -0.55 -27.33
C ILE H 112 -29.28 0.33 -28.35
N VAL H 113 -28.93 1.60 -28.45
CA VAL H 113 -29.67 2.59 -29.25
C VAL H 113 -28.76 3.24 -30.25
N ASN H 114 -29.19 3.30 -31.50
CA ASN H 114 -28.46 4.07 -32.51
C ASN H 114 -28.90 5.56 -32.63
N ASN H 115 -28.30 6.29 -33.62
CA ASN H 115 -28.53 7.75 -33.96
C ASN H 115 -29.61 7.82 -35.27
N GLU H 116 -30.56 6.97 -34.97
CA GLU H 116 -31.88 6.95 -35.56
C GLU H 116 -32.94 6.78 -34.46
N GLY H 117 -32.54 6.38 -33.25
CA GLY H 117 -33.53 6.01 -32.18
C GLY H 117 -33.97 4.55 -32.23
N GLN H 118 -33.59 3.81 -33.29
CA GLN H 118 -33.80 2.35 -33.34
C GLN H 118 -32.98 1.56 -32.30
N ASN H 119 -33.54 0.48 -31.76
CA ASN H 119 -32.88 -0.22 -30.68
C ASN H 119 -32.98 -1.74 -30.67
N ILE H 120 -32.15 -2.34 -29.81
CA ILE H 120 -32.11 -3.76 -29.51
C ILE H 120 -32.25 -3.81 -27.98
N ILE H 121 -33.16 -4.61 -27.47
CA ILE H 121 -33.37 -4.68 -26.06
C ILE H 121 -33.29 -6.13 -25.59
N VAL H 122 -32.60 -6.38 -24.48
CA VAL H 122 -32.54 -7.71 -23.89
C VAL H 122 -32.95 -7.63 -22.44
N ILE H 123 -34.11 -8.20 -22.10
CA ILE H 123 -34.60 -8.18 -20.75
C ILE H 123 -34.26 -9.49 -20.05
N VAL H 124 -33.77 -9.42 -18.80
CA VAL H 124 -33.63 -10.57 -17.95
C VAL H 124 -34.38 -10.22 -16.68
N ALA H 125 -35.59 -10.73 -16.56
CA ALA H 125 -36.49 -10.40 -15.49
C ALA H 125 -35.90 -10.77 -14.13
N GLY H 126 -35.12 -11.86 -14.08
CA GLY H 126 -34.41 -12.25 -12.90
C GLY H 126 -35.26 -12.41 -11.65
N ALA H 127 -34.88 -11.66 -10.60
CA ALA H 127 -35.53 -11.80 -9.32
C ALA H 127 -37.02 -11.48 -9.35
N ASN H 128 -37.45 -10.63 -10.26
CA ASN H 128 -38.87 -10.37 -10.41
C ASN H 128 -39.75 -11.59 -10.58
N LEU H 129 -39.24 -12.63 -11.25
CA LEU H 129 -40.05 -13.82 -11.46
C LEU H 129 -40.09 -14.76 -10.26
N LEU H 130 -39.32 -14.45 -9.21
CA LEU H 130 -39.37 -15.20 -8.02
C LEU H 130 -40.29 -14.61 -7.01
N LEU H 131 -40.98 -13.52 -7.32
CA LEU H 131 -41.99 -12.99 -6.38
C LEU H 131 -43.22 -13.89 -6.45
N ASN H 132 -43.51 -14.59 -5.36
CA ASN H 132 -44.51 -15.63 -5.40
C ASN H 132 -45.72 -15.33 -4.47
N THR H 133 -46.61 -16.29 -4.36
CA THR H 133 -47.78 -16.18 -3.53
C THR H 133 -47.52 -16.07 -2.02
N GLU H 134 -46.54 -16.81 -1.51
CA GLU H 134 -46.15 -16.67 -0.11
C GLU H 134 -45.65 -15.25 0.25
N ASP H 135 -44.89 -14.67 -0.65
CA ASP H 135 -44.36 -13.35 -0.47
C ASP H 135 -45.50 -12.32 -0.34
N LEU H 136 -46.54 -12.48 -1.16
CA LEU H 136 -47.71 -11.65 -1.05
C LEU H 136 -48.49 -11.84 0.26
N ARG H 137 -48.61 -13.07 0.73
CA ARG H 137 -49.42 -13.42 1.97
C ARG H 137 -48.92 -12.61 3.15
N ALA H 138 -47.60 -12.46 3.28
CA ALA H 138 -47.01 -11.60 4.31
C ALA H 138 -47.43 -10.09 4.25
N ALA H 139 -47.74 -9.59 3.05
CA ALA H 139 -48.23 -8.26 2.85
C ALA H 139 -49.75 -8.12 2.89
N ALA H 140 -50.47 -9.10 3.40
CA ALA H 140 -51.94 -9.03 3.40
C ALA H 140 -52.54 -7.81 4.14
N ASN H 141 -51.89 -7.41 5.27
CA ASN H 141 -52.32 -6.29 6.10
C ASN H 141 -52.18 -4.98 5.42
N VAL H 142 -50.99 -4.71 4.94
CA VAL H 142 -50.80 -3.52 4.17
C VAL H 142 -51.75 -3.41 2.96
N ILE H 143 -51.96 -4.53 2.26
CA ILE H 143 -52.87 -4.55 1.12
C ILE H 143 -54.30 -4.26 1.57
N SER H 144 -54.77 -4.89 2.64
CA SER H 144 -56.14 -4.68 3.07
C SER H 144 -56.45 -3.26 3.59
N ARG H 145 -55.40 -2.52 3.99
CA ARG H 145 -55.58 -1.16 4.48
C ARG H 145 -55.40 -0.10 3.43
N ALA H 146 -55.06 -0.50 2.23
CA ALA H 146 -54.83 0.44 1.15
C ALA H 146 -56.11 0.92 0.49
N LYS H 147 -55.97 1.93 -0.35
CA LYS H 147 -57.04 2.45 -1.17
C LYS H 147 -56.99 1.87 -2.56
N VAL H 148 -55.79 1.69 -3.08
CA VAL H 148 -55.59 1.20 -4.44
C VAL H 148 -54.47 0.23 -4.49
N MET H 149 -54.68 -0.79 -5.27
CA MET H 149 -53.68 -1.78 -5.56
C MET H 149 -53.38 -1.73 -7.07
N VAL H 150 -52.11 -1.67 -7.43
CA VAL H 150 -51.70 -1.52 -8.81
C VAL H 150 -50.83 -2.73 -9.25
N CYS H 151 -51.15 -3.33 -10.39
CA CYS H 151 -50.39 -4.41 -10.95
C CYS H 151 -50.15 -4.26 -12.45
N GLN H 152 -49.09 -4.98 -12.92
CA GLN H 152 -48.80 -5.14 -14.35
C GLN H 152 -48.52 -6.62 -14.72
N LEU H 153 -47.86 -6.83 -15.88
CA LEU H 153 -47.52 -8.15 -16.33
C LEU H 153 -46.03 -8.33 -16.56
N GLU H 154 -45.20 -7.79 -15.70
CA GLU H 154 -43.75 -8.02 -15.72
C GLU H 154 -43.31 -9.03 -14.65
N ILE H 155 -44.21 -9.53 -13.82
CA ILE H 155 -43.89 -10.52 -12.80
C ILE H 155 -44.70 -11.71 -13.24
N THR H 156 -44.59 -12.82 -12.50
CA THR H 156 -45.38 -13.98 -12.82
C THR H 156 -46.90 -13.52 -12.82
N PRO H 157 -47.60 -13.72 -13.91
CA PRO H 157 -49.01 -13.50 -13.93
C PRO H 157 -49.79 -14.03 -12.74
N ALA H 158 -49.56 -15.29 -12.33
CA ALA H 158 -50.28 -15.86 -11.22
C ALA H 158 -50.15 -14.97 -9.94
N THR H 159 -49.02 -14.29 -9.77
CA THR H 159 -48.79 -13.45 -8.60
C THR H 159 -49.63 -12.21 -8.71
N SER H 160 -49.62 -11.57 -9.89
CA SER H 160 -50.45 -10.38 -10.09
C SER H 160 -51.95 -10.68 -9.86
N LEU H 161 -52.37 -11.84 -10.34
CA LEU H 161 -53.74 -12.29 -10.19
C LEU H 161 -54.14 -12.54 -8.79
N GLU H 162 -53.24 -13.09 -7.99
CA GLU H 162 -53.48 -13.26 -6.53
C GLU H 162 -53.51 -11.90 -5.81
N ALA H 163 -52.62 -11.00 -6.17
CA ALA H 163 -52.65 -9.66 -5.65
C ALA H 163 -53.99 -8.93 -5.88
N LEU H 164 -54.52 -9.01 -7.10
CA LEU H 164 -55.85 -8.45 -7.41
C LEU H 164 -56.97 -9.11 -6.62
N THR H 165 -56.92 -10.43 -6.47
CA THR H 165 -57.88 -11.16 -5.70
C THR H 165 -57.89 -10.72 -4.24
N MET H 166 -56.72 -10.52 -3.64
CA MET H 166 -56.62 -10.09 -2.25
C MET H 166 -57.21 -8.72 -2.09
N ALA H 167 -56.87 -7.84 -3.00
CA ALA H 167 -57.39 -6.49 -2.95
C ALA H 167 -58.92 -6.48 -3.05
N ARG H 168 -59.44 -7.25 -3.97
CA ARG H 168 -60.89 -7.32 -4.11
C ARG H 168 -61.62 -7.80 -2.86
N ARG H 169 -61.14 -8.90 -2.28
CA ARG H 169 -61.70 -9.46 -1.09
C ARG H 169 -61.80 -8.38 0.01
N SER H 170 -60.81 -7.48 0.04
CA SER H 170 -60.69 -6.45 1.07
C SER H 170 -61.28 -5.12 0.66
N GLY H 171 -62.04 -5.08 -0.43
CA GLY H 171 -62.72 -3.88 -0.87
C GLY H 171 -61.81 -2.81 -1.43
N VAL H 172 -60.58 -3.15 -1.73
CA VAL H 172 -59.57 -2.24 -2.23
C VAL H 172 -59.64 -2.12 -3.75
N LYS H 173 -59.49 -0.91 -4.24
CA LYS H 173 -59.68 -0.63 -5.67
C LYS H 173 -58.53 -1.17 -6.49
N THR H 174 -58.86 -1.87 -7.55
CA THR H 174 -57.85 -2.54 -8.35
C THR H 174 -57.60 -1.72 -9.62
N LEU H 175 -56.32 -1.41 -9.87
CA LEU H 175 -55.87 -0.73 -11.08
C LEU H 175 -54.88 -1.65 -11.80
N PHE H 176 -55.28 -2.15 -12.98
CA PHE H 176 -54.48 -3.22 -13.73
C PHE H 176 -54.06 -2.71 -15.08
N ASN H 177 -52.77 -2.82 -15.30
CA ASN H 177 -52.10 -2.38 -16.48
C ASN H 177 -51.50 -3.64 -17.15
N PRO H 178 -52.22 -4.27 -18.07
CA PRO H 178 -51.75 -5.47 -18.73
C PRO H 178 -50.59 -5.18 -19.73
N ALA H 179 -49.43 -4.89 -19.18
CA ALA H 179 -48.26 -4.50 -19.94
C ALA H 179 -46.95 -5.19 -19.49
N PRO H 180 -46.16 -5.73 -20.41
CA PRO H 180 -46.49 -5.97 -21.81
C PRO H 180 -47.61 -7.02 -21.97
N ALA H 181 -48.37 -6.91 -23.06
CA ALA H 181 -49.60 -7.68 -23.24
C ALA H 181 -49.34 -9.06 -23.73
N ILE H 182 -50.14 -10.01 -23.27
CA ILE H 182 -50.14 -11.39 -23.71
C ILE H 182 -51.43 -11.65 -24.45
N ALA H 183 -51.34 -12.42 -25.55
CA ALA H 183 -52.52 -12.71 -26.37
C ALA H 183 -53.64 -13.45 -25.60
N ASP H 184 -53.31 -14.46 -24.79
CA ASP H 184 -54.38 -15.32 -24.22
C ASP H 184 -54.47 -15.11 -22.73
N LEU H 185 -54.69 -13.85 -22.37
CA LEU H 185 -54.76 -13.39 -20.97
C LEU H 185 -55.90 -14.09 -20.24
N ASP H 186 -55.60 -14.62 -19.05
CA ASP H 186 -56.60 -15.24 -18.16
C ASP H 186 -57.79 -14.26 -17.97
N PRO H 187 -59.03 -14.72 -18.21
CA PRO H 187 -60.18 -13.76 -18.15
C PRO H 187 -60.47 -13.28 -16.76
N GLN H 188 -59.97 -13.97 -15.75
CA GLN H 188 -60.08 -13.44 -14.38
C GLN H 188 -59.52 -12.04 -14.27
N PHE H 189 -58.47 -11.71 -15.05
CA PHE H 189 -57.89 -10.40 -14.96
C PHE H 189 -58.96 -9.35 -15.25
N TYR H 190 -59.82 -9.59 -16.23
CA TYR H 190 -60.83 -8.59 -16.59
C TYR H 190 -61.86 -8.39 -15.44
N THR H 191 -62.39 -9.49 -14.89
CA THR H 191 -63.37 -9.39 -13.83
C THR H 191 -62.81 -8.85 -12.51
N LEU H 192 -61.50 -8.95 -12.28
CA LEU H 192 -60.88 -8.41 -11.10
C LEU H 192 -60.40 -6.97 -11.21
N SER H 193 -60.67 -6.32 -12.31
CA SER H 193 -60.15 -5.02 -12.57
C SER H 193 -61.21 -3.96 -12.44
N ASP H 194 -61.09 -3.10 -11.44
CA ASP H 194 -61.95 -1.94 -11.30
C ASP H 194 -61.62 -0.91 -12.36
N VAL H 195 -60.32 -0.80 -12.62
CA VAL H 195 -59.84 0.08 -13.69
C VAL H 195 -58.79 -0.66 -14.50
N PHE H 196 -59.03 -0.82 -15.79
CA PHE H 196 -58.17 -1.58 -16.71
C PHE H 196 -57.59 -0.58 -17.75
N CYS H 197 -56.26 -0.38 -17.74
CA CYS H 197 -55.63 0.69 -18.52
C CYS H 197 -54.48 0.16 -19.34
N CYS H 198 -54.51 0.36 -20.65
CA CYS H 198 -53.43 -0.11 -21.53
C CYS H 198 -53.23 0.86 -22.66
N ASN H 199 -52.20 0.63 -23.45
CA ASN H 199 -52.02 1.44 -24.66
C ASN H 199 -52.66 0.84 -25.93
N GLU H 200 -52.49 1.55 -27.05
CA GLU H 200 -53.03 1.12 -28.34
C GLU H 200 -52.53 -0.26 -28.74
N SER H 201 -51.22 -0.46 -28.80
CA SER H 201 -50.68 -1.73 -29.39
C SER H 201 -51.00 -2.91 -28.44
N GLU H 202 -51.11 -2.63 -27.15
CA GLU H 202 -51.57 -3.64 -26.15
C GLU H 202 -53.03 -4.04 -26.38
N ALA H 203 -53.87 -3.07 -26.70
CA ALA H 203 -55.27 -3.33 -27.04
C ALA H 203 -55.40 -4.15 -28.30
N GLU H 204 -54.50 -3.95 -29.25
CA GLU H 204 -54.43 -4.80 -30.45
C GLU H 204 -54.19 -6.25 -30.10
N ILE H 205 -53.22 -6.47 -29.22
CA ILE H 205 -52.85 -7.85 -28.84
C ILE H 205 -54.00 -8.49 -28.08
N LEU H 206 -54.62 -7.77 -27.15
CA LEU H 206 -55.64 -8.37 -26.32
C LEU H 206 -56.96 -8.66 -26.99
N THR H 207 -57.27 -7.94 -28.04
CA THR H 207 -58.56 -8.04 -28.73
C THR H 207 -58.50 -8.64 -30.14
N GLY H 208 -57.31 -8.70 -30.74
CA GLY H 208 -57.15 -9.04 -32.14
C GLY H 208 -57.58 -8.00 -33.16
N LEU H 209 -57.89 -6.77 -32.73
CA LEU H 209 -58.38 -5.68 -33.61
C LEU H 209 -57.24 -4.72 -33.96
N THR H 210 -57.41 -3.95 -35.02
CA THR H 210 -56.48 -2.92 -35.38
C THR H 210 -56.83 -1.66 -34.63
N VAL H 211 -55.82 -0.90 -34.21
CA VAL H 211 -56.03 0.37 -33.54
C VAL H 211 -55.10 1.48 -34.16
N GLY H 212 -55.58 2.04 -35.26
CA GLY H 212 -55.01 3.25 -35.90
C GLY H 212 -55.50 4.56 -35.26
N SER H 213 -56.82 4.83 -35.37
CA SER H 213 -57.45 6.05 -34.79
C SER H 213 -57.99 5.94 -33.35
N ALA H 214 -58.55 7.05 -32.88
CA ALA H 214 -59.20 7.11 -31.58
C ALA H 214 -60.57 6.42 -31.61
N ALA H 215 -61.23 6.46 -32.76
CA ALA H 215 -62.48 5.70 -32.94
C ALA H 215 -62.24 4.19 -32.83
N ASP H 216 -61.13 3.71 -33.40
CA ASP H 216 -60.74 2.29 -33.34
C ASP H 216 -60.46 1.87 -31.91
N ALA H 217 -59.77 2.74 -31.18
CA ALA H 217 -59.50 2.50 -29.76
C ALA H 217 -60.82 2.34 -28.95
N GLY H 218 -61.82 3.17 -29.26
CA GLY H 218 -63.13 3.08 -28.64
C GLY H 218 -63.78 1.74 -28.84
N GLU H 219 -63.68 1.20 -30.05
CA GLU H 219 -64.21 -0.12 -30.34
C GLU H 219 -63.45 -1.22 -29.63
N ALA H 220 -62.15 -1.13 -29.59
CA ALA H 220 -61.36 -2.14 -28.87
C ALA H 220 -61.69 -2.13 -27.37
N ALA H 221 -61.77 -0.92 -26.84
CA ALA H 221 -62.10 -0.70 -25.42
C ALA H 221 -63.45 -1.29 -25.05
N LEU H 222 -64.41 -1.22 -25.96
CA LEU H 222 -65.74 -1.83 -25.75
C LEU H 222 -65.65 -3.35 -25.59
N VAL H 223 -64.78 -4.00 -26.37
CA VAL H 223 -64.58 -5.46 -26.29
C VAL H 223 -64.07 -5.78 -24.90
N LEU H 224 -63.12 -5.00 -24.44
CA LEU H 224 -62.50 -5.24 -23.12
C LEU H 224 -63.48 -4.99 -21.99
N LEU H 225 -64.30 -3.98 -22.12
CA LEU H 225 -65.36 -3.68 -21.15
C LEU H 225 -66.29 -4.85 -21.00
N LYS H 226 -66.72 -5.41 -22.12
CA LYS H 226 -67.67 -6.49 -22.10
C LYS H 226 -67.15 -7.81 -21.52
N ARG H 227 -65.84 -7.92 -21.42
CA ARG H 227 -65.18 -9.07 -20.79
C ARG H 227 -65.18 -8.98 -19.28
N GLY H 228 -65.64 -7.87 -18.71
CA GLY H 228 -65.94 -7.76 -17.31
C GLY H 228 -65.30 -6.62 -16.56
N CYS H 229 -64.52 -5.78 -17.22
CA CYS H 229 -63.88 -4.64 -16.55
C CYS H 229 -64.95 -3.62 -16.14
N GLN H 230 -64.82 -3.02 -14.97
CA GLN H 230 -65.66 -1.91 -14.57
C GLN H 230 -65.35 -0.65 -15.46
N VAL H 231 -64.09 -0.32 -15.65
CA VAL H 231 -63.68 0.84 -16.39
C VAL H 231 -62.51 0.46 -17.28
N VAL H 232 -62.51 0.96 -18.50
CA VAL H 232 -61.47 0.74 -19.48
C VAL H 232 -60.94 2.06 -19.99
N ILE H 233 -59.63 2.26 -19.89
CA ILE H 233 -58.96 3.40 -20.38
C ILE H 233 -57.90 2.93 -21.36
N ILE H 234 -57.87 3.53 -22.55
CA ILE H 234 -56.80 3.26 -23.48
C ILE H 234 -55.96 4.52 -23.72
N THR H 235 -54.65 4.48 -23.42
CA THR H 235 -53.80 5.60 -23.69
C THR H 235 -53.44 5.66 -25.16
N LEU H 236 -53.28 6.88 -25.68
CA LEU H 236 -53.10 7.15 -27.11
C LEU H 236 -51.99 8.15 -27.42
N GLY H 237 -50.92 8.15 -26.64
CA GLY H 237 -49.77 9.02 -26.88
C GLY H 237 -50.11 10.47 -26.89
N ALA H 238 -49.75 11.15 -27.95
CA ALA H 238 -50.11 12.57 -28.13
C ALA H 238 -51.65 12.90 -28.17
N GLU H 239 -52.47 11.91 -28.48
CA GLU H 239 -53.93 12.06 -28.58
C GLU H 239 -54.60 11.93 -27.25
N GLY H 240 -53.84 11.64 -26.21
CA GLY H 240 -54.41 11.62 -24.83
C GLY H 240 -54.90 10.22 -24.47
N CYS H 241 -56.18 10.09 -24.17
CA CYS H 241 -56.74 8.79 -23.84
C CYS H 241 -58.21 8.70 -24.14
N VAL H 242 -58.72 7.48 -24.12
CA VAL H 242 -60.12 7.16 -24.28
C VAL H 242 -60.61 6.37 -23.10
N VAL H 243 -61.80 6.70 -22.61
CA VAL H 243 -62.39 6.01 -21.43
C VAL H 243 -63.84 5.55 -21.66
N LEU H 244 -64.17 4.35 -21.15
CA LEU H 244 -65.51 3.79 -21.09
C LEU H 244 -65.74 3.21 -19.68
N SER H 245 -66.99 3.19 -19.23
CA SER H 245 -67.33 2.49 -18.01
C SER H 245 -68.65 1.68 -18.18
N GLN H 246 -68.92 0.79 -17.24
CA GLN H 246 -70.14 -0.02 -17.32
C GLN H 246 -71.34 0.92 -17.33
N THR H 247 -71.25 1.99 -16.52
CA THR H 247 -72.35 3.00 -16.39
C THR H 247 -72.40 3.96 -17.55
N GLU H 248 -71.24 4.22 -18.17
CA GLU H 248 -71.16 5.05 -19.40
C GLU H 248 -70.33 4.41 -20.50
N PRO H 249 -70.90 3.41 -21.16
CA PRO H 249 -70.19 2.65 -22.19
C PRO H 249 -69.87 3.36 -23.49
N GLU H 250 -70.38 4.57 -23.72
CA GLU H 250 -70.03 5.28 -24.92
C GLU H 250 -68.59 5.85 -24.82
N PRO H 251 -67.73 5.62 -25.84
CA PRO H 251 -66.33 6.09 -25.75
C PRO H 251 -66.24 7.60 -25.56
N LYS H 252 -65.48 8.05 -24.56
CA LYS H 252 -65.21 9.46 -24.31
C LYS H 252 -63.68 9.74 -24.53
N HIS H 253 -63.39 10.51 -25.59
CA HIS H 253 -62.02 10.83 -25.98
C HIS H 253 -61.60 12.04 -25.15
N ILE H 254 -60.52 11.92 -24.41
CA ILE H 254 -59.91 13.04 -23.63
C ILE H 254 -58.57 13.54 -24.26
N PRO H 255 -58.58 14.68 -24.98
CA PRO H 255 -57.33 15.08 -25.65
C PRO H 255 -56.45 15.78 -24.67
N THR H 256 -55.24 16.11 -25.11
CA THR H 256 -54.26 16.75 -24.25
C THR H 256 -53.48 17.81 -25.04
N GLU H 257 -53.01 18.86 -24.35
CA GLU H 257 -52.29 19.95 -24.98
C GLU H 257 -51.00 19.42 -25.67
N LYS H 258 -50.81 19.82 -26.93
CA LYS H 258 -49.64 19.52 -27.77
C LYS H 258 -48.39 20.05 -27.04
N VAL H 259 -47.33 19.22 -26.93
CA VAL H 259 -45.99 19.63 -26.41
C VAL H 259 -44.85 19.07 -27.25
N LYS H 260 -43.69 19.75 -27.27
CA LYS H 260 -42.46 19.23 -27.92
C LYS H 260 -41.98 18.06 -27.02
N ALA H 261 -42.28 16.85 -27.47
CA ALA H 261 -41.83 15.61 -26.82
C ALA H 261 -40.32 15.41 -26.93
N VAL H 262 -39.62 15.42 -25.81
CA VAL H 262 -38.16 15.12 -25.77
C VAL H 262 -37.96 13.62 -25.66
N ASP H 263 -38.72 12.96 -24.78
CA ASP H 263 -38.56 11.53 -24.53
C ASP H 263 -39.77 10.90 -23.85
N THR H 264 -40.49 10.06 -24.61
CA THR H 264 -41.76 9.50 -24.16
C THR H 264 -41.60 8.19 -23.35
N THR H 265 -40.38 7.78 -23.13
CA THR H 265 -40.12 6.53 -22.43
C THR H 265 -40.70 6.62 -21.04
N GLY H 266 -41.53 5.64 -20.67
CA GLY H 266 -42.13 5.58 -19.33
C GLY H 266 -43.27 6.54 -19.10
N ALA H 267 -43.77 7.19 -20.16
CA ALA H 267 -44.89 8.09 -20.02
C ALA H 267 -46.13 7.37 -19.58
N GLY H 268 -46.34 6.16 -20.11
CA GLY H 268 -47.50 5.34 -19.71
C GLY H 268 -47.48 5.01 -18.21
N ASP H 269 -46.28 4.80 -17.67
CA ASP H 269 -46.14 4.58 -16.25
C ASP H 269 -46.41 5.82 -15.41
N SER H 270 -46.00 6.98 -15.92
CA SER H 270 -46.35 8.26 -15.29
C SER H 270 -47.89 8.40 -15.25
N PHE H 271 -48.55 8.16 -16.38
CA PHE H 271 -49.99 8.28 -16.45
C PHE H 271 -50.65 7.41 -15.39
N VAL H 272 -50.22 6.16 -15.30
CA VAL H 272 -50.90 5.19 -14.42
C VAL H 272 -50.64 5.49 -12.96
N GLY H 273 -49.43 5.89 -12.65
CA GLY H 273 -49.12 6.28 -11.34
C GLY H 273 -49.93 7.47 -10.91
N ALA H 274 -50.13 8.41 -11.83
CA ALA H 274 -50.91 9.60 -11.50
C ALA H 274 -52.35 9.23 -11.26
N LEU H 275 -52.82 8.33 -12.08
CA LEU H 275 -54.17 7.81 -11.91
C LEU H 275 -54.38 7.09 -10.53
N ALA H 276 -53.38 6.31 -10.09
CA ALA H 276 -53.44 5.67 -8.77
C ALA H 276 -53.49 6.66 -7.63
N PHE H 277 -52.69 7.72 -7.77
CA PHE H 277 -52.73 8.83 -6.85
C PHE H 277 -54.12 9.41 -6.71
N TYR H 278 -54.76 9.71 -7.84
CA TYR H 278 -56.09 10.35 -7.81
C TYR H 278 -57.17 9.41 -7.31
N LEU H 279 -57.11 8.14 -7.72
CA LEU H 279 -58.05 7.17 -7.20
C LEU H 279 -58.02 7.07 -5.68
N ALA H 280 -56.82 7.17 -5.13
CA ALA H 280 -56.62 6.96 -3.72
C ALA H 280 -56.92 8.17 -2.90
N TYR H 281 -56.48 9.35 -3.34
CA TYR H 281 -56.57 10.60 -2.52
C TYR H 281 -57.72 11.55 -2.93
N TYR H 282 -58.22 11.43 -4.17
CA TYR H 282 -59.30 12.30 -4.68
C TYR H 282 -60.52 11.48 -5.22
N PRO H 283 -61.09 10.57 -4.40
CA PRO H 283 -62.02 9.56 -4.93
C PRO H 283 -63.32 10.19 -5.44
N ASN H 284 -63.64 11.40 -4.99
CA ASN H 284 -64.79 12.15 -5.49
C ASN H 284 -64.72 12.89 -6.82
N LEU H 285 -63.53 13.05 -7.36
CA LEU H 285 -63.40 13.62 -8.68
C LEU H 285 -64.08 12.71 -9.69
N SER H 286 -64.66 13.33 -10.72
CA SER H 286 -65.15 12.59 -11.88
C SER H 286 -63.97 11.92 -12.52
N LEU H 287 -64.26 10.88 -13.26
CA LEU H 287 -63.25 10.09 -13.96
C LEU H 287 -62.59 10.88 -15.08
N GLU H 288 -63.39 11.63 -15.80
CA GLU H 288 -62.95 12.57 -16.78
C GLU H 288 -61.91 13.61 -16.26
N ASP H 289 -62.18 14.14 -15.07
CA ASP H 289 -61.30 15.04 -14.36
C ASP H 289 -59.95 14.34 -13.97
N MET H 290 -60.00 13.16 -13.36
CA MET H 290 -58.79 12.41 -13.07
C MET H 290 -57.89 12.24 -14.33
N LEU H 291 -58.51 11.93 -15.45
CA LEU H 291 -57.80 11.60 -16.63
C LEU H 291 -57.23 12.86 -17.32
N ASN H 292 -57.91 13.99 -17.27
CA ASN H 292 -57.30 15.28 -17.63
C ASN H 292 -56.04 15.61 -16.87
N ARG H 293 -56.08 15.43 -15.56
CA ARG H 293 -54.92 15.64 -14.69
C ARG H 293 -53.79 14.63 -14.89
N SER H 294 -54.16 13.36 -15.07
CA SER H 294 -53.23 12.33 -15.35
C SER H 294 -52.54 12.54 -16.72
N ASN H 295 -53.31 12.89 -17.75
CA ASN H 295 -52.74 13.27 -18.99
C ASN H 295 -51.70 14.37 -18.82
N PHE H 296 -52.06 15.40 -18.08
CA PHE H 296 -51.19 16.58 -17.96
C PHE H 296 -49.85 16.18 -17.33
N ILE H 297 -49.91 15.37 -16.27
CA ILE H 297 -48.72 14.99 -15.55
C ILE H 297 -47.84 14.14 -16.45
N ALA H 298 -48.45 13.20 -17.17
CA ALA H 298 -47.70 12.37 -18.09
C ALA H 298 -47.02 13.22 -19.19
N ALA H 299 -47.73 14.21 -19.66
CA ALA H 299 -47.21 15.11 -20.65
C ALA H 299 -46.03 15.92 -20.12
N VAL H 300 -45.99 16.26 -18.84
CA VAL H 300 -44.78 16.88 -18.25
C VAL H 300 -43.58 15.94 -18.36
N SER H 301 -43.83 14.65 -18.11
CA SER H 301 -42.78 13.62 -18.18
C SER H 301 -42.17 13.42 -19.57
N VAL H 302 -42.98 13.58 -20.64
CA VAL H 302 -42.42 13.48 -22.01
C VAL H 302 -41.54 14.65 -22.39
N GLN H 303 -41.55 15.73 -21.60
CA GLN H 303 -40.74 16.89 -21.88
C GLN H 303 -39.32 16.81 -21.40
N ALA H 304 -38.94 15.68 -20.81
CA ALA H 304 -37.59 15.50 -20.30
C ALA H 304 -37.16 14.05 -20.45
N ALA H 305 -35.84 13.87 -20.50
CA ALA H 305 -35.25 12.55 -20.63
C ALA H 305 -35.24 11.84 -19.32
N GLY H 306 -35.05 10.51 -19.37
CA GLY H 306 -34.57 9.74 -18.23
C GLY H 306 -35.56 8.89 -17.44
N THR H 307 -36.77 8.71 -17.96
CA THR H 307 -37.81 7.88 -17.32
C THR H 307 -38.14 8.42 -15.92
N GLN H 308 -37.75 7.75 -14.85
CA GLN H 308 -38.10 8.20 -13.47
C GLN H 308 -37.61 9.61 -13.20
N SER H 309 -36.47 10.00 -13.74
CA SER H 309 -36.02 11.34 -13.43
C SER H 309 -36.77 12.41 -14.18
N SER H 310 -37.56 12.07 -15.21
CA SER H 310 -38.51 13.01 -15.82
C SER H 310 -39.91 13.16 -15.12
N TYR H 311 -40.21 12.35 -14.11
CA TYR H 311 -41.49 12.36 -13.48
C TYR H 311 -41.56 13.52 -12.54
N PRO H 312 -42.51 14.41 -12.72
CA PRO H 312 -42.60 15.58 -11.86
C PRO H 312 -43.03 15.36 -10.44
N TYR H 313 -42.52 16.22 -9.58
CA TYR H 313 -42.94 16.32 -8.17
C TYR H 313 -44.11 17.27 -8.07
N LYS H 314 -44.87 17.07 -7.04
CA LYS H 314 -45.94 17.97 -6.70
C LYS H 314 -45.52 19.41 -6.66
N LYS H 315 -44.42 19.69 -5.97
CA LYS H 315 -43.97 21.06 -5.82
C LYS H 315 -43.72 21.75 -7.17
N ASP H 316 -43.47 20.99 -8.24
CA ASP H 316 -43.19 21.57 -9.56
C ASP H 316 -44.43 21.63 -10.48
N LEU H 317 -45.59 21.33 -9.95
CA LEU H 317 -46.80 21.27 -10.76
C LEU H 317 -47.80 22.37 -10.36
N PRO H 318 -48.68 22.74 -11.27
CA PRO H 318 -49.72 23.76 -10.95
C PRO H 318 -50.59 23.35 -9.78
N LEU H 319 -50.83 24.26 -8.85
CA LEU H 319 -51.58 23.95 -7.64
C LEU H 319 -52.97 23.42 -7.83
N THR H 320 -53.60 23.81 -8.94
CA THR H 320 -54.97 23.41 -9.24
C THR H 320 -55.09 21.93 -9.51
N LEU H 321 -53.98 21.25 -9.85
CA LEU H 321 -54.01 19.79 -9.96
C LEU H 321 -54.26 19.07 -8.63
N PHE H 322 -54.20 19.81 -7.52
CA PHE H 322 -54.37 19.22 -6.18
C PHE H 322 -55.54 19.83 -5.40
N LEU H 323 -56.44 20.53 -6.11
CA LEU H 323 -57.65 21.13 -5.54
C LEU H 323 -58.92 20.42 -6.05
N GLU H 324 -60.03 20.54 -5.28
CA GLU H 324 -61.43 20.07 -5.66
C GLU H 324 -62.26 21.29 -5.99
N VAL I 15 -40.71 -21.73 -20.03
CA VAL I 15 -40.46 -22.14 -18.60
C VAL I 15 -41.23 -23.34 -18.09
N ALA I 16 -40.55 -24.29 -17.43
CA ALA I 16 -41.20 -25.53 -17.04
C ALA I 16 -42.27 -25.35 -15.98
N ALA I 17 -43.45 -25.89 -16.23
CA ALA I 17 -44.60 -25.74 -15.29
C ALA I 17 -44.81 -26.97 -14.38
N VAL I 18 -44.37 -28.15 -14.84
CA VAL I 18 -44.42 -29.36 -14.06
C VAL I 18 -42.99 -29.85 -13.83
N VAL I 19 -42.58 -29.99 -12.57
CA VAL I 19 -41.27 -30.50 -12.23
C VAL I 19 -41.48 -31.78 -11.50
N VAL I 20 -40.80 -32.80 -11.93
CA VAL I 20 -40.90 -34.10 -11.30
C VAL I 20 -39.57 -34.42 -10.70
N VAL I 21 -39.55 -34.67 -9.40
CA VAL I 21 -38.35 -35.16 -8.73
C VAL I 21 -38.57 -36.62 -8.37
N GLY I 22 -37.86 -37.49 -9.07
CA GLY I 22 -38.02 -38.93 -8.81
C GLY I 22 -37.19 -39.83 -9.73
N SER I 23 -37.76 -41.00 -10.02
CA SER I 23 -37.01 -42.17 -10.48
C SER I 23 -37.12 -42.42 -11.94
N CYS I 24 -36.02 -42.84 -12.53
CA CYS I 24 -35.99 -43.45 -13.85
C CYS I 24 -35.46 -44.85 -13.68
N MET I 25 -36.10 -45.81 -14.30
CA MET I 25 -35.69 -47.20 -14.26
C MET I 25 -35.85 -47.86 -15.59
N THR I 26 -34.94 -48.78 -15.90
CA THR I 26 -35.05 -49.61 -17.09
C THR I 26 -35.78 -50.89 -16.74
N ASP I 27 -36.84 -51.19 -17.49
CA ASP I 27 -37.64 -52.39 -17.26
C ASP I 27 -37.11 -53.50 -18.17
N LEU I 28 -36.81 -54.63 -17.56
CA LEU I 28 -36.18 -55.77 -18.26
C LEU I 28 -37.12 -56.93 -18.08
N VAL I 29 -37.83 -57.30 -19.15
CA VAL I 29 -38.97 -58.22 -19.02
C VAL I 29 -38.77 -59.49 -19.83
N SER I 30 -38.93 -60.63 -19.16
CA SER I 30 -38.79 -61.94 -19.80
C SER I 30 -40.13 -62.65 -19.66
N LEU I 31 -40.70 -63.11 -20.76
CA LEU I 31 -41.96 -63.94 -20.75
C LEU I 31 -41.66 -65.44 -20.86
N THR I 32 -42.31 -66.23 -20.01
CA THR I 32 -42.07 -67.66 -19.90
C THR I 32 -43.41 -68.35 -19.83
N SER I 33 -43.44 -69.67 -19.90
CA SER I 33 -44.71 -70.36 -19.69
C SER I 33 -44.98 -70.60 -18.21
N ARG I 34 -44.00 -71.15 -17.51
CA ARG I 34 -44.04 -71.24 -16.06
C ARG I 34 -42.93 -70.34 -15.44
N LEU I 35 -43.15 -69.92 -14.19
CA LEU I 35 -42.12 -69.23 -13.41
C LEU I 35 -41.10 -70.23 -12.85
N PRO I 36 -39.84 -69.82 -12.69
CA PRO I 36 -38.80 -70.72 -12.18
C PRO I 36 -38.73 -70.85 -10.65
N LYS I 37 -38.58 -72.08 -10.19
CA LYS I 37 -38.31 -72.38 -8.79
C LYS I 37 -36.81 -72.22 -8.51
N THR I 38 -36.46 -72.18 -7.22
CA THR I 38 -35.04 -72.12 -6.79
C THR I 38 -34.14 -73.12 -7.49
N GLY I 39 -32.97 -72.66 -7.93
CA GLY I 39 -32.00 -73.50 -8.61
C GLY I 39 -32.33 -73.85 -10.05
N GLU I 40 -33.47 -73.41 -10.59
CA GLU I 40 -33.88 -73.79 -11.95
C GLU I 40 -33.32 -72.80 -12.98
N THR I 41 -32.96 -73.34 -14.15
CA THR I 41 -32.73 -72.55 -15.37
C THR I 41 -33.84 -72.88 -16.33
N ILE I 42 -34.58 -71.88 -16.80
CA ILE I 42 -35.66 -72.09 -17.76
C ILE I 42 -35.51 -71.15 -18.95
N HIS I 43 -36.18 -71.49 -20.03
CA HIS I 43 -36.09 -70.76 -21.27
C HIS I 43 -37.41 -70.08 -21.49
N GLY I 44 -37.38 -68.78 -21.67
CA GLY I 44 -38.56 -68.04 -21.99
C GLY I 44 -38.61 -67.89 -23.46
N HIS I 45 -39.69 -67.28 -23.91
CA HIS I 45 -39.95 -67.14 -25.33
C HIS I 45 -39.89 -65.70 -25.85
N LYS I 46 -39.76 -64.73 -24.98
CA LYS I 46 -39.61 -63.36 -25.41
C LYS I 46 -38.97 -62.52 -24.32
N PHE I 47 -38.12 -61.60 -24.75
CA PHE I 47 -37.57 -60.57 -23.85
C PHE I 47 -37.85 -59.17 -24.41
N PHE I 48 -38.14 -58.22 -23.53
CA PHE I 48 -38.09 -56.82 -23.95
C PHE I 48 -37.71 -55.83 -22.89
N ILE I 49 -37.18 -54.73 -23.41
CA ILE I 49 -36.82 -53.57 -22.70
C ILE I 49 -37.90 -52.46 -22.74
N GLY I 50 -38.06 -51.73 -21.65
CA GLY I 50 -38.89 -50.56 -21.63
C GLY I 50 -38.36 -49.53 -20.70
N PHE I 51 -38.84 -48.31 -20.89
CA PHE I 51 -38.45 -47.20 -20.07
C PHE I 51 -39.52 -47.01 -19.01
N GLY I 52 -39.12 -47.03 -17.75
CA GLY I 52 -40.03 -47.07 -16.60
C GLY I 52 -39.56 -46.16 -15.48
N GLY I 53 -40.02 -46.45 -14.25
CA GLY I 53 -39.78 -45.58 -13.12
C GLY I 53 -40.94 -44.63 -12.99
N LYS I 54 -41.48 -44.54 -11.78
CA LYS I 54 -42.71 -43.83 -11.62
C LYS I 54 -42.54 -42.34 -11.98
N GLY I 55 -41.42 -41.76 -11.60
CA GLY I 55 -41.18 -40.37 -11.84
C GLY I 55 -41.15 -40.07 -13.30
N ALA I 56 -40.29 -40.77 -14.04
CA ALA I 56 -40.27 -40.61 -15.50
C ALA I 56 -41.60 -40.93 -16.17
N ASN I 57 -42.32 -41.90 -15.66
CA ASN I 57 -43.58 -42.21 -16.28
C ASN I 57 -44.54 -41.04 -16.18
N GLN I 58 -44.61 -40.46 -14.98
CA GLN I 58 -45.58 -39.37 -14.74
C GLN I 58 -45.18 -38.16 -15.54
N CYS I 59 -43.89 -37.90 -15.58
CA CYS I 59 -43.37 -36.84 -16.38
C CYS I 59 -43.70 -37.02 -17.87
N VAL I 60 -43.53 -38.24 -18.39
CA VAL I 60 -43.81 -38.50 -19.79
C VAL I 60 -45.31 -38.26 -20.13
N GLN I 61 -46.24 -38.74 -19.31
CA GLN I 61 -47.63 -38.51 -19.59
C GLN I 61 -47.96 -37.03 -19.64
N ALA I 62 -47.40 -36.27 -18.70
CA ALA I 62 -47.67 -34.82 -18.61
C ALA I 62 -47.10 -34.15 -19.85
N ALA I 63 -45.88 -34.53 -20.25
CA ALA I 63 -45.27 -33.91 -21.42
C ALA I 63 -46.07 -34.14 -22.70
N ARG I 64 -46.57 -35.34 -22.85
CA ARG I 64 -47.36 -35.69 -24.00
C ARG I 64 -48.70 -34.99 -24.08
N LEU I 65 -49.23 -34.58 -22.95
CA LEU I 65 -50.45 -33.77 -22.96
C LEU I 65 -50.18 -32.32 -23.39
N GLY I 66 -48.90 -31.94 -23.49
CA GLY I 66 -48.48 -30.62 -23.84
C GLY I 66 -47.76 -29.85 -22.74
N ALA I 67 -47.62 -30.41 -21.53
CA ALA I 67 -46.88 -29.75 -20.50
C ALA I 67 -45.40 -29.58 -20.84
N MET I 68 -44.90 -28.44 -20.42
CA MET I 68 -43.49 -28.18 -20.34
C MET I 68 -42.98 -28.72 -19.03
N THR I 69 -42.10 -29.71 -19.10
CA THR I 69 -41.71 -30.44 -17.93
C THR I 69 -40.22 -30.43 -17.76
N SER I 70 -39.75 -30.69 -16.53
CA SER I 70 -38.34 -30.89 -16.24
C SER I 70 -38.24 -32.09 -15.29
N MET I 71 -37.37 -33.02 -15.61
CA MET I 71 -37.17 -34.23 -14.84
C MET I 71 -35.89 -34.12 -14.04
N VAL I 72 -36.05 -34.07 -12.73
CA VAL I 72 -34.97 -34.05 -11.84
C VAL I 72 -34.77 -35.48 -11.36
N CYS I 73 -33.65 -36.08 -11.71
CA CYS I 73 -33.42 -37.50 -11.40
C CYS I 73 -31.91 -37.80 -11.52
N LYS I 74 -31.54 -39.02 -11.17
CA LYS I 74 -30.16 -39.47 -11.36
C LYS I 74 -30.10 -40.87 -11.99
N VAL I 75 -29.35 -40.96 -13.09
CA VAL I 75 -29.11 -42.22 -13.73
C VAL I 75 -27.61 -42.49 -13.76
N GLY I 76 -27.28 -43.67 -14.29
CA GLY I 76 -25.93 -44.14 -14.39
C GLY I 76 -25.20 -43.62 -15.62
N LYS I 77 -23.88 -43.62 -15.49
CA LYS I 77 -23.02 -43.40 -16.58
C LYS I 77 -22.75 -44.72 -17.29
N ASP I 78 -23.81 -45.21 -17.93
CA ASP I 78 -23.88 -46.51 -18.60
C ASP I 78 -24.88 -46.40 -19.76
N SER I 79 -24.99 -47.49 -20.54
CA SER I 79 -25.84 -47.57 -21.74
C SER I 79 -27.29 -47.29 -21.40
N PHE I 80 -27.76 -47.95 -20.35
CA PHE I 80 -29.10 -47.72 -19.90
C PHE I 80 -29.37 -46.19 -19.58
N GLY I 81 -28.42 -45.52 -18.93
CA GLY I 81 -28.55 -44.13 -18.61
C GLY I 81 -28.58 -43.23 -19.79
N ASN I 82 -27.63 -43.41 -20.68
CA ASN I 82 -27.61 -42.63 -21.93
C ASN I 82 -28.90 -42.79 -22.73
N ASP I 83 -29.35 -44.03 -22.82
CA ASP I 83 -30.62 -44.35 -23.46
C ASP I 83 -31.82 -43.67 -22.74
N TYR I 84 -31.80 -43.65 -21.41
CA TYR I 84 -32.86 -42.99 -20.68
C TYR I 84 -32.89 -41.49 -21.02
N ILE I 85 -31.73 -40.87 -21.03
CA ILE I 85 -31.63 -39.44 -21.35
C ILE I 85 -32.23 -39.18 -22.72
N GLU I 86 -31.92 -40.05 -23.64
CA GLU I 86 -32.43 -39.95 -25.00
C GLU I 86 -33.94 -40.12 -25.01
N ASN I 87 -34.46 -41.03 -24.20
CA ASN I 87 -35.91 -41.21 -24.13
C ASN I 87 -36.62 -39.96 -23.59
N LEU I 88 -36.05 -39.32 -22.58
CA LEU I 88 -36.63 -38.10 -22.08
C LEU I 88 -36.61 -37.04 -23.19
N LYS I 89 -35.49 -36.88 -23.87
CA LYS I 89 -35.42 -35.84 -24.90
C LYS I 89 -36.43 -36.04 -26.01
N GLN I 90 -36.63 -37.31 -26.39
CA GLN I 90 -37.59 -37.68 -27.41
C GLN I 90 -39.03 -37.34 -27.08
N ASN I 91 -39.36 -37.30 -25.80
CA ASN I 91 -40.63 -36.75 -25.30
C ASN I 91 -40.67 -35.24 -24.91
N ASP I 92 -39.69 -34.46 -25.36
CA ASP I 92 -39.57 -33.01 -25.03
C ASP I 92 -39.50 -32.64 -23.56
N ILE I 93 -38.84 -33.47 -22.78
CA ILE I 93 -38.66 -33.24 -21.35
C ILE I 93 -37.30 -32.60 -21.19
N SER I 94 -37.23 -31.53 -20.40
CA SER I 94 -35.94 -30.93 -20.07
C SER I 94 -35.14 -31.94 -19.20
N THR I 95 -33.89 -32.14 -19.61
CA THR I 95 -32.92 -32.95 -18.88
C THR I 95 -31.80 -32.09 -18.26
N GLU I 96 -32.05 -30.81 -18.02
CA GLU I 96 -31.12 -29.89 -17.36
C GLU I 96 -30.64 -30.41 -16.00
N PHE I 97 -31.53 -31.07 -15.25
CA PHE I 97 -31.23 -31.66 -13.95
C PHE I 97 -31.45 -33.16 -13.87
N THR I 98 -31.17 -33.82 -15.00
CA THR I 98 -31.02 -35.25 -15.06
C THR I 98 -29.56 -35.54 -14.95
N TYR I 99 -29.16 -36.04 -13.79
CA TYR I 99 -27.72 -36.23 -13.50
C TYR I 99 -27.29 -37.62 -13.92
N GLN I 100 -26.02 -37.78 -14.23
CA GLN I 100 -25.41 -39.09 -14.42
C GLN I 100 -24.23 -39.32 -13.45
N THR I 101 -24.10 -40.53 -12.90
CA THR I 101 -23.06 -40.85 -11.94
C THR I 101 -22.33 -42.17 -12.26
N LYS I 102 -21.00 -42.16 -12.10
CA LYS I 102 -20.16 -43.38 -12.15
C LYS I 102 -20.35 -44.28 -10.97
N ASP I 103 -20.92 -43.78 -9.90
CA ASP I 103 -20.97 -44.52 -8.62
C ASP I 103 -22.05 -45.59 -8.48
N ALA I 104 -23.00 -45.63 -9.39
CA ALA I 104 -24.00 -46.73 -9.41
C ALA I 104 -24.62 -46.84 -10.78
N ALA I 105 -25.12 -48.03 -11.06
CA ALA I 105 -25.84 -48.30 -12.31
C ALA I 105 -27.21 -47.61 -12.28
N THR I 106 -27.69 -47.24 -13.46
CA THR I 106 -29.05 -46.83 -13.66
C THR I 106 -29.97 -47.87 -13.03
N GLY I 107 -31.04 -47.42 -12.41
CA GLY I 107 -31.98 -48.29 -11.73
C GLY I 107 -32.59 -49.30 -12.67
N THR I 108 -32.87 -50.51 -12.17
CA THR I 108 -33.45 -51.57 -12.95
C THR I 108 -34.65 -52.18 -12.26
N ALA I 109 -35.58 -52.67 -13.07
CA ALA I 109 -36.68 -53.57 -12.61
C ALA I 109 -36.70 -54.83 -13.47
N SER I 110 -36.23 -55.94 -12.92
CA SER I 110 -36.21 -57.18 -13.66
C SER I 110 -37.51 -57.91 -13.35
N ILE I 111 -38.27 -58.20 -14.41
CA ILE I 111 -39.57 -58.83 -14.29
C ILE I 111 -39.61 -60.12 -15.10
N ILE I 112 -40.16 -61.16 -14.49
CA ILE I 112 -40.37 -62.46 -15.17
C ILE I 112 -41.87 -62.72 -15.11
N VAL I 113 -42.50 -62.93 -16.26
CA VAL I 113 -43.97 -63.06 -16.36
C VAL I 113 -44.33 -64.39 -17.01
N ASN I 114 -45.25 -65.12 -16.40
CA ASN I 114 -45.81 -66.30 -17.04
C ASN I 114 -47.03 -65.99 -17.93
N ASN I 115 -47.61 -67.04 -18.46
CA ASN I 115 -48.75 -66.95 -19.38
C ASN I 115 -50.03 -66.43 -18.83
N GLU I 116 -50.22 -66.64 -17.54
CA GLU I 116 -51.42 -66.26 -16.81
C GLU I 116 -51.26 -64.84 -16.28
N GLY I 117 -50.12 -64.18 -16.52
CA GLY I 117 -49.88 -62.79 -16.02
C GLY I 117 -49.25 -62.66 -14.63
N GLN I 118 -49.08 -63.78 -13.91
CA GLN I 118 -48.35 -63.83 -12.62
C GLN I 118 -46.85 -63.57 -12.78
N ASN I 119 -46.26 -62.89 -11.81
CA ASN I 119 -44.87 -62.46 -11.98
C ASN I 119 -43.97 -62.52 -10.72
N ILE I 120 -42.68 -62.35 -10.99
CA ILE I 120 -41.63 -62.22 -10.01
C ILE I 120 -40.91 -60.94 -10.40
N ILE I 121 -40.69 -60.05 -9.45
CA ILE I 121 -40.04 -58.76 -9.75
C ILE I 121 -38.87 -58.44 -8.81
N VAL I 122 -37.75 -57.99 -9.35
CA VAL I 122 -36.60 -57.63 -8.55
C VAL I 122 -36.16 -56.27 -8.93
N ILE I 123 -36.32 -55.34 -8.01
CA ILE I 123 -35.93 -53.94 -8.22
C ILE I 123 -34.56 -53.61 -7.60
N VAL I 124 -33.70 -52.92 -8.36
CA VAL I 124 -32.45 -52.41 -7.85
C VAL I 124 -32.45 -50.94 -8.19
N ALA I 125 -32.70 -50.14 -7.17
CA ALA I 125 -32.87 -48.72 -7.33
C ALA I 125 -31.61 -47.99 -7.84
N GLY I 126 -30.41 -48.48 -7.47
CA GLY I 126 -29.18 -48.02 -8.06
C GLY I 126 -29.00 -46.51 -7.96
N ALA I 127 -28.79 -45.85 -9.09
CA ALA I 127 -28.46 -44.44 -9.10
C ALA I 127 -29.54 -43.58 -8.53
N ASN I 128 -30.77 -44.01 -8.62
CA ASN I 128 -31.86 -43.27 -8.05
C ASN I 128 -31.69 -42.94 -6.61
N LEU I 129 -31.07 -43.80 -5.84
CA LEU I 129 -30.83 -43.52 -4.39
C LEU I 129 -29.74 -42.46 -4.13
N LEU I 130 -28.98 -42.08 -5.17
CA LEU I 130 -27.87 -41.17 -5.06
C LEU I 130 -28.29 -39.77 -5.43
N LEU I 131 -29.55 -39.56 -5.80
CA LEU I 131 -30.08 -38.19 -5.91
C LEU I 131 -30.29 -37.51 -4.59
N ASN I 132 -29.52 -36.49 -4.33
CA ASN I 132 -29.36 -36.01 -2.94
C ASN I 132 -29.75 -34.54 -2.83
N THR I 133 -29.60 -33.97 -1.66
CA THR I 133 -30.07 -32.66 -1.37
C THR I 133 -29.32 -31.59 -2.12
N GLU I 134 -28.00 -31.75 -2.30
CA GLU I 134 -27.27 -30.80 -3.13
C GLU I 134 -27.67 -30.80 -4.60
N ASP I 135 -27.99 -31.97 -5.14
CA ASP I 135 -28.50 -32.09 -6.49
C ASP I 135 -29.79 -31.28 -6.66
N LEU I 136 -30.67 -31.32 -5.65
CA LEU I 136 -31.91 -30.53 -5.68
C LEU I 136 -31.68 -29.07 -5.59
N ARG I 137 -30.75 -28.67 -4.77
CA ARG I 137 -30.50 -27.27 -4.52
C ARG I 137 -30.17 -26.56 -5.84
N ALA I 138 -29.44 -27.20 -6.74
CA ALA I 138 -29.08 -26.61 -8.02
C ALA I 138 -30.28 -26.34 -8.90
N ALA I 139 -31.33 -27.12 -8.69
CA ALA I 139 -32.60 -26.93 -9.37
C ALA I 139 -33.58 -25.92 -8.70
N ALA I 140 -33.13 -25.12 -7.76
CA ALA I 140 -34.07 -24.35 -6.94
C ALA I 140 -34.89 -23.37 -7.75
N ASN I 141 -34.26 -22.83 -8.79
CA ASN I 141 -34.87 -21.81 -9.67
C ASN I 141 -35.97 -22.43 -10.51
N VAL I 142 -35.65 -23.52 -11.19
CA VAL I 142 -36.66 -24.24 -11.91
C VAL I 142 -37.83 -24.70 -11.03
N ILE I 143 -37.55 -25.16 -9.82
CA ILE I 143 -38.62 -25.53 -8.86
C ILE I 143 -39.47 -24.33 -8.42
N SER I 144 -38.85 -23.21 -8.09
CA SER I 144 -39.62 -22.09 -7.59
C SER I 144 -40.51 -21.44 -8.69
N ARG I 145 -40.19 -21.67 -9.96
CA ARG I 145 -40.92 -21.08 -11.06
C ARG I 145 -41.97 -22.01 -11.63
N ALA I 146 -42.07 -23.20 -11.07
CA ALA I 146 -43.01 -24.16 -11.51
C ALA I 146 -44.38 -23.96 -10.93
N LYS I 147 -45.34 -24.67 -11.50
CA LYS I 147 -46.72 -24.66 -10.99
C LYS I 147 -46.98 -25.87 -10.12
N VAL I 148 -46.43 -27.02 -10.50
CA VAL I 148 -46.64 -28.24 -9.72
C VAL I 148 -45.33 -29.03 -9.64
N MET I 149 -45.13 -29.59 -8.45
CA MET I 149 -43.97 -30.43 -8.12
C MET I 149 -44.52 -31.76 -7.75
N VAL I 150 -43.97 -32.77 -8.40
CA VAL I 150 -44.45 -34.15 -8.27
C VAL I 150 -43.35 -35.04 -7.70
N CYS I 151 -43.70 -35.85 -6.69
CA CYS I 151 -42.80 -36.82 -6.10
C CYS I 151 -43.40 -38.13 -5.79
N GLN I 152 -42.54 -39.13 -5.65
CA GLN I 152 -42.94 -40.47 -5.23
C GLN I 152 -41.98 -41.03 -4.16
N LEU I 153 -41.99 -42.33 -3.93
CA LEU I 153 -41.08 -42.96 -2.95
C LEU I 153 -40.10 -43.97 -3.52
N GLU I 154 -39.58 -43.68 -4.70
CA GLU I 154 -38.64 -44.58 -5.35
C GLU I 154 -37.26 -43.98 -5.29
N ILE I 155 -37.09 -42.81 -4.71
CA ILE I 155 -35.80 -42.25 -4.44
C ILE I 155 -35.68 -42.18 -2.92
N THR I 156 -34.55 -41.68 -2.42
CA THR I 156 -34.40 -41.50 -1.00
C THR I 156 -35.57 -40.67 -0.45
N PRO I 157 -36.27 -41.18 0.57
CA PRO I 157 -37.35 -40.41 1.13
C PRO I 157 -36.95 -39.00 1.53
N ALA I 158 -35.80 -38.84 2.14
CA ALA I 158 -35.32 -37.50 2.59
C ALA I 158 -35.23 -36.50 1.42
N THR I 159 -34.89 -36.99 0.25
CA THR I 159 -34.82 -36.17 -0.95
C THR I 159 -36.20 -35.72 -1.41
N SER I 160 -37.15 -36.66 -1.51
CA SER I 160 -38.54 -36.28 -1.88
C SER I 160 -39.11 -35.25 -0.88
N LEU I 161 -38.83 -35.46 0.37
CA LEU I 161 -39.29 -34.61 1.40
C LEU I 161 -38.72 -33.21 1.29
N GLU I 162 -37.46 -33.09 0.90
CA GLU I 162 -36.81 -31.79 0.73
C GLU I 162 -37.40 -31.13 -0.49
N ALA I 163 -37.62 -31.90 -1.54
CA ALA I 163 -38.27 -31.38 -2.72
C ALA I 163 -39.65 -30.75 -2.41
N LEU I 164 -40.46 -31.45 -1.61
CA LEU I 164 -41.78 -30.95 -1.22
C LEU I 164 -41.67 -29.65 -0.42
N THR I 165 -40.68 -29.63 0.48
CA THR I 165 -40.40 -28.46 1.33
C THR I 165 -39.99 -27.23 0.49
N MET I 166 -39.17 -27.42 -0.55
CA MET I 166 -38.77 -26.31 -1.43
C MET I 166 -39.94 -25.75 -2.18
N ALA I 167 -40.75 -26.66 -2.67
CA ALA I 167 -41.94 -26.27 -3.42
C ALA I 167 -42.88 -25.47 -2.56
N ARG I 168 -43.10 -25.95 -1.35
CA ARG I 168 -43.96 -25.21 -0.46
C ARG I 168 -43.56 -23.81 -0.14
N ARG I 169 -42.29 -23.68 0.19
CA ARG I 169 -41.67 -22.41 0.50
C ARG I 169 -41.92 -21.41 -0.62
N SER I 170 -41.90 -21.87 -1.88
CA SER I 170 -42.05 -21.00 -3.06
C SER I 170 -43.51 -20.93 -3.55
N GLY I 171 -44.49 -21.40 -2.77
CA GLY I 171 -45.88 -21.38 -3.17
C GLY I 171 -46.31 -22.36 -4.27
N VAL I 172 -45.48 -23.35 -4.58
CA VAL I 172 -45.69 -24.29 -5.67
C VAL I 172 -46.53 -25.47 -5.18
N LYS I 173 -47.48 -25.90 -6.00
CA LYS I 173 -48.39 -26.93 -5.61
C LYS I 173 -47.71 -28.30 -5.58
N THR I 174 -47.93 -29.04 -4.50
CA THR I 174 -47.25 -30.32 -4.28
C THR I 174 -48.19 -31.47 -4.52
N LEU I 175 -47.74 -32.41 -5.36
CA LEU I 175 -48.51 -33.61 -5.76
C LEU I 175 -47.65 -34.77 -5.37
N PHE I 176 -48.08 -35.53 -4.35
CA PHE I 176 -47.29 -36.59 -3.77
C PHE I 176 -48.00 -37.91 -3.96
N ASN I 177 -47.25 -38.85 -4.49
CA ASN I 177 -47.72 -40.19 -4.77
C ASN I 177 -46.85 -41.17 -3.93
N PRO I 178 -47.34 -41.63 -2.75
CA PRO I 178 -46.52 -42.47 -1.81
C PRO I 178 -46.42 -43.92 -2.30
N ALA I 179 -45.60 -44.13 -3.32
CA ALA I 179 -45.55 -45.38 -4.05
C ALA I 179 -44.11 -45.75 -4.39
N PRO I 180 -43.66 -46.98 -4.05
CA PRO I 180 -44.41 -47.99 -3.28
C PRO I 180 -44.54 -47.50 -1.84
N ALA I 181 -45.56 -47.96 -1.14
CA ALA I 181 -45.86 -47.45 0.17
C ALA I 181 -45.01 -48.12 1.24
N ILE I 182 -44.63 -47.34 2.24
CA ILE I 182 -43.93 -47.77 3.45
C ILE I 182 -44.89 -47.64 4.63
N ALA I 183 -44.85 -48.61 5.53
CA ALA I 183 -45.77 -48.64 6.68
C ALA I 183 -45.62 -47.41 7.59
N ASP I 184 -44.40 -46.98 7.89
CA ASP I 184 -44.27 -45.93 8.91
C ASP I 184 -43.74 -44.62 8.34
N LEU I 185 -44.53 -44.13 7.38
CA LEU I 185 -44.19 -42.94 6.59
C LEU I 185 -44.06 -41.71 7.47
N ASP I 186 -43.00 -40.93 7.27
CA ASP I 186 -42.78 -39.67 8.00
C ASP I 186 -44.05 -38.80 7.85
N PRO I 187 -44.63 -38.32 8.97
CA PRO I 187 -45.87 -37.53 8.85
C PRO I 187 -45.72 -36.18 8.19
N GLN I 188 -44.49 -35.68 8.08
CA GLN I 188 -44.24 -34.50 7.30
C GLN I 188 -44.75 -34.65 5.86
N PHE I 189 -44.73 -35.87 5.29
CA PHE I 189 -45.23 -36.05 3.96
C PHE I 189 -46.67 -35.63 3.87
N TYR I 190 -47.47 -35.94 4.88
CA TYR I 190 -48.89 -35.62 4.81
C TYR I 190 -49.11 -34.09 4.81
N THR I 191 -48.45 -33.39 5.75
CA THR I 191 -48.64 -31.96 5.90
C THR I 191 -48.02 -31.19 4.75
N LEU I 192 -47.09 -31.77 3.99
CA LEU I 192 -46.51 -31.08 2.83
C LEU I 192 -47.18 -31.37 1.53
N SER I 193 -48.26 -32.15 1.58
CA SER I 193 -48.97 -32.61 0.35
C SER I 193 -50.25 -31.84 0.09
N ASP I 194 -50.26 -31.04 -0.97
CA ASP I 194 -51.49 -30.33 -1.41
C ASP I 194 -52.45 -31.34 -1.99
N VAL I 195 -51.88 -32.33 -2.67
CA VAL I 195 -52.66 -33.41 -3.24
C VAL I 195 -51.92 -34.72 -3.01
N PHE I 196 -52.58 -35.66 -2.37
CA PHE I 196 -51.97 -36.92 -1.94
C PHE I 196 -52.75 -38.03 -2.65
N CYS I 197 -52.06 -38.76 -3.56
CA CYS I 197 -52.74 -39.72 -4.45
C CYS I 197 -52.07 -41.08 -4.37
N CYS I 198 -52.83 -42.12 -4.00
CA CYS I 198 -52.31 -43.47 -3.96
C CYS I 198 -53.36 -44.50 -4.39
N ASN I 199 -52.95 -45.75 -4.53
CA ASN I 199 -53.91 -46.78 -4.89
C ASN I 199 -54.45 -47.52 -3.67
N GLU I 200 -55.33 -48.50 -3.92
CA GLU I 200 -55.98 -49.26 -2.86
C GLU I 200 -55.01 -49.97 -1.96
N SER I 201 -54.10 -50.74 -2.52
CA SER I 201 -53.20 -51.56 -1.68
C SER I 201 -52.19 -50.70 -0.93
N GLU I 202 -51.84 -49.56 -1.51
CA GLU I 202 -51.03 -48.55 -0.83
C GLU I 202 -51.75 -47.94 0.38
N ALA I 203 -53.04 -47.64 0.21
CA ALA I 203 -53.84 -47.13 1.31
C ALA I 203 -53.94 -48.14 2.45
N GLU I 204 -53.97 -49.42 2.12
CA GLU I 204 -53.96 -50.49 3.14
C GLU I 204 -52.72 -50.39 4.00
N ILE I 205 -51.59 -50.26 3.33
CA ILE I 205 -50.30 -50.23 4.02
C ILE I 205 -50.18 -48.98 4.89
N LEU I 206 -50.56 -47.84 4.36
CA LEU I 206 -50.42 -46.58 5.09
C LEU I 206 -51.36 -46.43 6.33
N THR I 207 -52.52 -47.09 6.30
CA THR I 207 -53.59 -46.91 7.30
C THR I 207 -53.85 -48.14 8.15
N GLY I 208 -53.37 -49.31 7.72
CA GLY I 208 -53.64 -50.57 8.40
C GLY I 208 -55.02 -51.13 8.16
N LEU I 209 -55.80 -50.50 7.27
CA LEU I 209 -57.22 -50.88 7.02
C LEU I 209 -57.32 -51.76 5.80
N THR I 210 -58.41 -52.51 5.68
CA THR I 210 -58.69 -53.28 4.48
C THR I 210 -59.38 -52.38 3.48
N VAL I 211 -59.06 -52.57 2.20
CA VAL I 211 -59.72 -51.82 1.11
C VAL I 211 -60.18 -52.76 -0.03
N GLY I 212 -61.36 -53.36 0.18
CA GLY I 212 -62.08 -54.16 -0.84
C GLY I 212 -62.91 -53.28 -1.79
N SER I 213 -63.93 -52.61 -1.23
CA SER I 213 -64.85 -51.73 -2.01
C SER I 213 -64.40 -50.26 -2.15
N ALA I 214 -65.26 -49.47 -2.81
CA ALA I 214 -65.11 -47.99 -2.90
C ALA I 214 -65.52 -47.29 -1.60
N ALA I 215 -66.48 -47.87 -0.86
CA ALA I 215 -66.82 -47.36 0.47
C ALA I 215 -65.63 -47.49 1.44
N ASP I 216 -64.92 -48.62 1.37
CA ASP I 216 -63.73 -48.87 2.22
C ASP I 216 -62.64 -47.85 1.92
N ALA I 217 -62.44 -47.59 0.63
CA ALA I 217 -61.46 -46.60 0.17
C ALA I 217 -61.77 -45.21 0.71
N GLY I 218 -63.06 -44.85 0.75
CA GLY I 218 -63.51 -43.61 1.35
C GLY I 218 -63.10 -43.47 2.82
N GLU I 219 -63.27 -44.56 3.58
CA GLU I 219 -62.86 -44.58 4.99
C GLU I 219 -61.34 -44.49 5.17
N ALA I 220 -60.57 -45.21 4.35
CA ALA I 220 -59.11 -45.12 4.43
C ALA I 220 -58.62 -43.70 4.09
N ALA I 221 -59.25 -43.12 3.08
CA ALA I 221 -58.95 -41.77 2.61
C ALA I 221 -59.17 -40.74 3.69
N LEU I 222 -60.21 -40.95 4.50
CA LEU I 222 -60.54 -40.05 5.63
C LEU I 222 -59.46 -40.08 6.71
N VAL I 223 -58.90 -41.26 6.99
CA VAL I 223 -57.77 -41.38 7.92
C VAL I 223 -56.55 -40.56 7.38
N LEU I 224 -56.25 -40.69 6.10
CA LEU I 224 -55.15 -39.94 5.48
C LEU I 224 -55.35 -38.43 5.44
N LEU I 225 -56.58 -38.02 5.17
CA LEU I 225 -56.97 -36.61 5.22
C LEU I 225 -56.73 -35.99 6.61
N LYS I 226 -57.15 -36.68 7.65
CA LYS I 226 -56.98 -36.20 9.02
C LYS I 226 -55.55 -36.15 9.53
N ARG I 227 -54.62 -36.83 8.84
CA ARG I 227 -53.16 -36.68 9.11
C ARG I 227 -52.52 -35.41 8.51
N GLY I 228 -53.27 -34.63 7.73
CA GLY I 228 -52.85 -33.31 7.32
C GLY I 228 -52.88 -33.02 5.84
N CYS I 229 -53.28 -33.96 4.98
CA CYS I 229 -53.31 -33.70 3.52
C CYS I 229 -54.43 -32.69 3.22
N GLN I 230 -54.21 -31.77 2.30
CA GLN I 230 -55.31 -30.90 1.76
C GLN I 230 -56.33 -31.71 0.99
N VAL I 231 -55.83 -32.55 0.08
CA VAL I 231 -56.67 -33.37 -0.80
C VAL I 231 -56.12 -34.80 -0.81
N VAL I 232 -57.01 -35.79 -0.72
CA VAL I 232 -56.69 -37.20 -0.84
C VAL I 232 -57.50 -37.80 -2.01
N ILE I 233 -56.80 -38.46 -2.93
CA ILE I 233 -57.39 -39.21 -4.02
C ILE I 233 -56.88 -40.63 -3.90
N ILE I 234 -57.79 -41.60 -3.97
CA ILE I 234 -57.41 -43.01 -4.04
C ILE I 234 -57.86 -43.64 -5.35
N THR I 235 -56.92 -44.14 -6.16
CA THR I 235 -57.23 -44.78 -7.41
C THR I 235 -57.70 -46.19 -7.17
N LEU I 236 -58.64 -46.67 -8.01
CA LEU I 236 -59.38 -47.91 -7.79
C LEU I 236 -59.47 -48.78 -9.03
N GLY I 237 -58.46 -48.77 -9.90
CA GLY I 237 -58.49 -49.53 -11.16
C GLY I 237 -59.70 -49.23 -12.02
N ALA I 238 -60.44 -50.29 -12.40
CA ALA I 238 -61.64 -50.16 -13.23
C ALA I 238 -62.78 -49.34 -12.57
N GLU I 239 -62.75 -49.17 -11.24
CA GLU I 239 -63.77 -48.39 -10.52
C GLU I 239 -63.50 -46.89 -10.54
N GLY I 240 -62.40 -46.46 -11.16
CA GLY I 240 -62.06 -45.03 -11.24
C GLY I 240 -61.26 -44.52 -10.06
N CYS I 241 -61.81 -43.55 -9.32
CA CYS I 241 -61.15 -43.06 -8.13
C CYS I 241 -62.12 -42.48 -7.12
N VAL I 242 -61.60 -42.21 -5.92
CA VAL I 242 -62.32 -41.54 -4.85
C VAL I 242 -61.56 -40.32 -4.38
N VAL I 243 -62.25 -39.22 -4.13
CA VAL I 243 -61.63 -37.97 -3.69
C VAL I 243 -62.30 -37.34 -2.43
N LEU I 244 -61.47 -36.77 -1.54
CA LEU I 244 -61.89 -36.00 -0.38
C LEU I 244 -61.02 -34.78 -0.25
N SER I 245 -61.52 -33.72 0.35
CA SER I 245 -60.71 -32.55 0.62
C SER I 245 -61.04 -31.96 1.99
N GLN I 246 -60.22 -31.03 2.47
CA GLN I 246 -60.43 -30.45 3.80
C GLN I 246 -61.74 -29.69 3.77
N THR I 247 -61.99 -28.98 2.67
CA THR I 247 -63.26 -28.25 2.50
C THR I 247 -64.46 -29.17 2.17
N GLU I 248 -64.23 -30.34 1.56
CA GLU I 248 -65.31 -31.31 1.28
C GLU I 248 -64.93 -32.74 1.68
N PRO I 249 -64.96 -33.03 3.00
CA PRO I 249 -64.46 -34.31 3.53
C PRO I 249 -65.33 -35.51 3.25
N GLU I 250 -66.52 -35.33 2.69
CA GLU I 250 -67.31 -36.52 2.35
C GLU I 250 -66.76 -37.20 1.09
N PRO I 251 -66.55 -38.52 1.15
CA PRO I 251 -66.03 -39.24 -0.03
C PRO I 251 -66.88 -39.03 -1.31
N LYS I 252 -66.24 -38.69 -2.44
CA LYS I 252 -66.89 -38.55 -3.76
C LYS I 252 -66.27 -39.60 -4.69
N HIS I 253 -67.07 -40.60 -5.06
CA HIS I 253 -66.68 -41.67 -5.97
C HIS I 253 -66.84 -41.15 -7.41
N ILE I 254 -65.77 -41.19 -8.20
CA ILE I 254 -65.77 -40.82 -9.63
C ILE I 254 -65.58 -42.09 -10.51
N PRO I 255 -66.69 -42.66 -11.06
CA PRO I 255 -66.50 -43.89 -11.86
C PRO I 255 -65.94 -43.54 -13.22
N THR I 256 -65.61 -44.57 -14.00
CA THR I 256 -65.06 -44.40 -15.34
C THR I 256 -65.71 -45.41 -16.30
N GLU I 257 -65.84 -45.05 -17.60
CA GLU I 257 -66.52 -45.94 -18.60
C GLU I 257 -65.69 -47.25 -18.74
N LYS I 258 -66.42 -48.37 -18.76
CA LYS I 258 -65.90 -49.73 -18.95
C LYS I 258 -65.17 -49.78 -20.30
N VAL I 259 -63.96 -50.36 -20.30
CA VAL I 259 -63.18 -50.60 -21.53
C VAL I 259 -62.49 -51.97 -21.49
N LYS I 260 -62.21 -52.56 -22.67
CA LYS I 260 -61.46 -53.82 -22.76
C LYS I 260 -60.02 -53.44 -22.42
N ALA I 261 -59.61 -53.75 -21.19
CA ALA I 261 -58.25 -53.56 -20.72
C ALA I 261 -57.31 -54.54 -21.42
N VAL I 262 -56.37 -54.03 -22.20
CA VAL I 262 -55.29 -54.85 -22.74
C VAL I 262 -54.14 -54.99 -21.69
N ASP I 263 -53.74 -53.87 -21.07
CA ASP I 263 -52.60 -53.84 -20.17
C ASP I 263 -52.62 -52.62 -19.29
N THR I 264 -52.85 -52.88 -18.00
CA THR I 264 -52.98 -51.82 -17.00
C THR I 264 -51.65 -51.33 -16.37
N THR I 265 -50.53 -51.86 -16.83
CA THR I 265 -49.24 -51.54 -16.22
C THR I 265 -48.95 -50.06 -16.42
N GLY I 266 -48.64 -49.37 -15.32
CA GLY I 266 -48.32 -47.95 -15.40
C GLY I 266 -49.52 -47.02 -15.56
N ALA I 267 -50.72 -47.56 -15.38
CA ALA I 267 -51.92 -46.76 -15.51
C ALA I 267 -51.98 -45.70 -14.43
N GLY I 268 -51.52 -46.07 -13.24
CA GLY I 268 -51.50 -45.11 -12.12
C GLY I 268 -50.62 -43.91 -12.38
N ASP I 269 -49.51 -44.18 -13.07
CA ASP I 269 -48.60 -43.14 -13.44
C ASP I 269 -49.21 -42.26 -14.50
N SER I 270 -49.96 -42.83 -15.43
CA SER I 270 -50.70 -42.00 -16.42
C SER I 270 -51.66 -41.07 -15.71
N PHE I 271 -52.40 -41.63 -14.78
CA PHE I 271 -53.36 -40.83 -14.04
C PHE I 271 -52.70 -39.66 -13.38
N VAL I 272 -51.61 -39.94 -12.67
CA VAL I 272 -50.94 -38.92 -11.88
C VAL I 272 -50.30 -37.85 -12.75
N GLY I 273 -49.71 -38.27 -13.83
CA GLY I 273 -49.15 -37.30 -14.79
C GLY I 273 -50.22 -36.43 -15.43
N ALA I 274 -51.38 -37.01 -15.72
CA ALA I 274 -52.47 -36.24 -16.23
C ALA I 274 -52.90 -35.23 -15.19
N LEU I 275 -53.00 -35.68 -13.95
CA LEU I 275 -53.44 -34.81 -12.86
C LEU I 275 -52.49 -33.62 -12.69
N ALA I 276 -51.20 -33.88 -12.84
CA ALA I 276 -50.20 -32.79 -12.78
C ALA I 276 -50.40 -31.79 -13.90
N PHE I 277 -50.66 -32.30 -15.08
CA PHE I 277 -50.94 -31.46 -16.23
C PHE I 277 -52.08 -30.51 -15.90
N TYR I 278 -53.18 -31.02 -15.36
CA TYR I 278 -54.37 -30.19 -15.15
C TYR I 278 -54.14 -29.21 -14.04
N LEU I 279 -53.46 -29.63 -12.96
CA LEU I 279 -53.15 -28.73 -11.84
C LEU I 279 -52.29 -27.55 -12.27
N ALA I 280 -51.40 -27.80 -13.19
CA ALA I 280 -50.53 -26.81 -13.72
C ALA I 280 -51.12 -25.87 -14.80
N TYR I 281 -51.88 -26.41 -15.75
CA TYR I 281 -52.37 -25.61 -16.88
C TYR I 281 -53.86 -25.23 -16.80
N TYR I 282 -54.65 -25.95 -16.01
CA TYR I 282 -56.06 -25.74 -15.87
C TYR I 282 -56.42 -25.57 -14.39
N PRO I 283 -55.72 -24.70 -13.69
CA PRO I 283 -55.98 -24.59 -12.25
C PRO I 283 -57.42 -24.25 -11.81
N ASN I 284 -58.19 -23.57 -12.66
CA ASN I 284 -59.59 -23.23 -12.35
C ASN I 284 -60.65 -24.32 -12.45
N LEU I 285 -60.31 -25.44 -13.07
CA LEU I 285 -61.25 -26.54 -13.16
C LEU I 285 -61.55 -27.06 -11.80
N SER I 286 -62.78 -27.52 -11.62
CA SER I 286 -63.12 -28.22 -10.41
C SER I 286 -62.27 -29.48 -10.34
N LEU I 287 -62.10 -29.97 -9.12
CA LEU I 287 -61.29 -31.14 -8.85
C LEU I 287 -61.96 -32.36 -9.46
N GLU I 288 -63.26 -32.42 -9.35
CA GLU I 288 -64.09 -33.47 -9.93
C GLU I 288 -63.90 -33.60 -11.48
N ASP I 289 -63.84 -32.45 -12.11
CA ASP I 289 -63.57 -32.32 -13.52
C ASP I 289 -62.15 -32.81 -13.90
N MET I 290 -61.12 -32.36 -13.18
CA MET I 290 -59.76 -32.88 -13.39
C MET I 290 -59.66 -34.39 -13.31
N LEU I 291 -60.35 -34.98 -12.34
CA LEU I 291 -60.27 -36.41 -12.09
C LEU I 291 -61.06 -37.19 -13.11
N ASN I 292 -62.15 -36.63 -13.62
CA ASN I 292 -62.79 -37.24 -14.79
C ASN I 292 -61.89 -37.36 -16.00
N ARG I 293 -61.22 -36.26 -16.30
CA ARG I 293 -60.33 -36.21 -17.42
C ARG I 293 -59.12 -37.13 -17.21
N SER I 294 -58.64 -37.18 -15.98
CA SER I 294 -57.44 -37.96 -15.63
C SER I 294 -57.78 -39.40 -15.67
N ASN I 295 -58.92 -39.77 -15.13
CA ASN I 295 -59.47 -41.12 -15.39
C ASN I 295 -59.53 -41.50 -16.90
N PHE I 296 -60.06 -40.61 -17.73
CA PHE I 296 -60.27 -40.91 -19.15
C PHE I 296 -58.92 -41.17 -19.82
N ILE I 297 -57.94 -40.34 -19.51
CA ILE I 297 -56.58 -40.48 -20.10
C ILE I 297 -55.91 -41.76 -19.65
N ALA I 298 -56.03 -42.10 -18.35
CA ALA I 298 -55.46 -43.35 -17.83
C ALA I 298 -56.12 -44.57 -18.45
N ALA I 299 -57.41 -44.47 -18.67
CA ALA I 299 -58.17 -45.51 -19.35
C ALA I 299 -57.80 -45.70 -20.81
N VAL I 300 -57.39 -44.64 -21.50
CA VAL I 300 -56.80 -44.82 -22.83
C VAL I 300 -55.51 -45.69 -22.75
N SER I 301 -54.69 -45.44 -21.73
CA SER I 301 -53.42 -46.15 -21.56
C SER I 301 -53.63 -47.61 -21.29
N VAL I 302 -54.71 -47.98 -20.57
CA VAL I 302 -54.95 -49.42 -20.32
C VAL I 302 -55.36 -50.19 -21.57
N GLN I 303 -55.68 -49.47 -22.65
CA GLN I 303 -56.10 -50.10 -23.92
C GLN I 303 -54.95 -50.47 -24.84
N ALA I 304 -53.71 -50.25 -24.40
CA ALA I 304 -52.55 -50.69 -25.16
C ALA I 304 -51.42 -51.20 -24.25
N ALA I 305 -50.55 -52.03 -24.84
CA ALA I 305 -49.41 -52.58 -24.12
C ALA I 305 -48.30 -51.53 -24.02
N GLY I 306 -47.37 -51.74 -23.08
CA GLY I 306 -46.04 -51.16 -23.15
C GLY I 306 -45.72 -50.00 -22.21
N THR I 307 -46.57 -49.74 -21.20
CA THR I 307 -46.33 -48.68 -20.20
C THR I 307 -46.20 -47.34 -20.95
N GLN I 308 -45.01 -46.73 -21.05
CA GLN I 308 -44.91 -45.40 -21.61
C GLN I 308 -45.45 -45.37 -23.03
N SER I 309 -45.19 -46.42 -23.81
CA SER I 309 -45.64 -46.34 -25.20
C SER I 309 -47.19 -46.42 -25.33
N SER I 310 -47.93 -46.83 -24.30
CA SER I 310 -49.37 -46.73 -24.26
C SER I 310 -49.94 -45.35 -23.80
N TYR I 311 -49.10 -44.40 -23.35
CA TYR I 311 -49.57 -43.14 -22.86
C TYR I 311 -49.93 -42.23 -24.02
N PRO I 312 -51.17 -41.72 -24.08
CA PRO I 312 -51.62 -40.98 -25.27
C PRO I 312 -51.03 -39.57 -25.39
N TYR I 313 -50.83 -39.13 -26.64
CA TYR I 313 -50.49 -37.77 -26.96
C TYR I 313 -51.79 -36.92 -27.08
N LYS I 314 -51.64 -35.64 -26.80
CA LYS I 314 -52.71 -34.69 -26.96
C LYS I 314 -53.40 -34.84 -28.33
N LYS I 315 -52.62 -34.88 -29.42
CA LYS I 315 -53.17 -34.95 -30.77
C LYS I 315 -54.09 -36.18 -30.98
N ASP I 316 -53.95 -37.22 -30.18
CA ASP I 316 -54.83 -38.42 -30.29
C ASP I 316 -56.04 -38.44 -29.33
N LEU I 317 -56.28 -37.34 -28.59
CA LEU I 317 -57.30 -37.29 -27.59
C LEU I 317 -58.40 -36.27 -27.95
N PRO I 318 -59.63 -36.49 -27.44
CA PRO I 318 -60.73 -35.60 -27.74
C PRO I 318 -60.40 -34.19 -27.35
N LEU I 319 -60.71 -33.25 -28.21
CA LEU I 319 -60.35 -31.88 -27.96
C LEU I 319 -60.98 -31.23 -26.70
N THR I 320 -62.09 -31.79 -26.24
CA THR I 320 -62.80 -31.26 -25.08
C THR I 320 -62.06 -31.50 -23.80
N LEU I 321 -61.15 -32.45 -23.79
CA LEU I 321 -60.21 -32.58 -22.65
C LEU I 321 -59.25 -31.45 -22.48
N PHE I 322 -59.16 -30.55 -23.47
CA PHE I 322 -58.29 -29.34 -23.38
C PHE I 322 -59.04 -28.01 -23.46
N LEU I 323 -60.35 -28.05 -23.19
CA LEU I 323 -61.18 -26.85 -23.16
C LEU I 323 -61.66 -26.60 -21.75
N GLU I 324 -61.90 -25.33 -21.47
CA GLU I 324 -62.60 -24.88 -20.26
C GLU I 324 -63.71 -23.95 -20.64
N HIS I 325 -64.83 -23.99 -19.95
CA HIS I 325 -65.80 -22.85 -20.06
C HIS I 325 -65.38 -21.62 -19.18
N HIS I 326 -65.90 -20.40 -19.42
CA HIS I 326 -65.73 -19.23 -18.49
C HIS I 326 -66.36 -19.47 -17.04
N HIS I 327 -66.15 -18.54 -16.08
CA HIS I 327 -66.86 -18.52 -14.78
C HIS I 327 -67.11 -17.06 -14.41
N GLU J 14 -2.83 -61.30 -41.73
CA GLU J 14 -3.82 -61.01 -40.70
C GLU J 14 -4.91 -62.12 -40.63
N VAL J 15 -4.76 -63.38 -41.16
CA VAL J 15 -5.89 -64.39 -41.22
C VAL J 15 -6.25 -65.01 -39.88
N ALA J 16 -7.54 -65.12 -39.66
CA ALA J 16 -8.05 -65.72 -38.44
C ALA J 16 -7.81 -67.21 -38.37
N ALA J 17 -7.24 -67.64 -37.26
CA ALA J 17 -6.87 -69.05 -37.06
C ALA J 17 -7.93 -69.82 -36.26
N VAL J 18 -8.71 -69.10 -35.45
CA VAL J 18 -9.76 -69.69 -34.67
C VAL J 18 -11.01 -69.02 -35.13
N VAL J 19 -11.97 -69.82 -35.57
CA VAL J 19 -13.31 -69.32 -35.93
C VAL J 19 -14.31 -69.94 -35.00
N VAL J 20 -15.14 -69.11 -34.39
CA VAL J 20 -16.15 -69.61 -33.47
C VAL J 20 -17.50 -69.33 -34.06
N VAL J 21 -18.32 -70.38 -34.25
CA VAL J 21 -19.71 -70.19 -34.69
C VAL J 21 -20.60 -70.50 -33.51
N GLY J 22 -21.25 -69.45 -33.00
CA GLY J 22 -22.11 -69.63 -31.85
C GLY J 22 -22.73 -68.36 -31.31
N SER J 23 -22.90 -68.33 -29.99
CA SER J 23 -23.82 -67.43 -29.34
C SER J 23 -23.16 -66.24 -28.64
N CYS J 24 -23.84 -65.09 -28.70
CA CYS J 24 -23.60 -63.94 -27.86
C CYS J 24 -24.86 -63.68 -27.06
N MET J 25 -24.71 -63.48 -25.75
CA MET J 25 -25.85 -63.16 -24.85
C MET J 25 -25.48 -62.13 -23.86
N THR J 26 -26.42 -61.27 -23.53
CA THR J 26 -26.23 -60.26 -22.52
C THR J 26 -26.69 -60.81 -21.19
N ASP J 27 -25.83 -60.76 -20.19
CA ASP J 27 -26.16 -61.29 -18.87
C ASP J 27 -26.71 -60.10 -18.07
N LEU J 28 -27.86 -60.31 -17.47
CA LEU J 28 -28.49 -59.29 -16.65
C LEU J 28 -28.65 -59.87 -15.23
N VAL J 29 -27.87 -59.37 -14.28
CA VAL J 29 -27.79 -60.01 -12.98
C VAL J 29 -28.24 -59.05 -11.87
N SER J 30 -29.16 -59.55 -11.04
CA SER J 30 -29.66 -58.85 -9.86
C SER J 30 -29.32 -59.65 -8.61
N LEU J 31 -28.66 -59.02 -7.63
CA LEU J 31 -28.35 -59.68 -6.34
C LEU J 31 -29.35 -59.29 -5.30
N THR J 32 -29.81 -60.26 -4.53
CA THR J 32 -30.84 -60.06 -3.48
C THR J 32 -30.44 -60.80 -2.22
N SER J 33 -31.16 -60.62 -1.12
CA SER J 33 -30.85 -61.45 0.05
C SER J 33 -31.60 -62.75 0.00
N ARG J 34 -32.91 -62.69 -0.26
CA ARG J 34 -33.71 -63.89 -0.52
C ARG J 34 -34.24 -63.86 -1.99
N LEU J 35 -34.48 -65.04 -2.58
CA LEU J 35 -35.10 -65.15 -3.92
C LEU J 35 -36.59 -64.89 -3.78
N PRO J 36 -37.21 -64.32 -4.81
CA PRO J 36 -38.65 -64.06 -4.74
C PRO J 36 -39.57 -65.26 -5.08
N LYS J 37 -40.62 -65.43 -4.28
CA LYS J 37 -41.73 -66.34 -4.57
C LYS J 37 -42.70 -65.72 -5.58
N THR J 38 -43.58 -66.54 -6.15
CA THR J 38 -44.64 -66.07 -7.08
C THR J 38 -45.42 -64.86 -6.55
N GLY J 39 -45.64 -63.87 -7.42
CA GLY J 39 -46.38 -62.68 -7.05
C GLY J 39 -45.64 -61.67 -6.18
N GLU J 40 -44.38 -61.95 -5.81
CA GLU J 40 -43.62 -61.05 -4.91
C GLU J 40 -42.83 -60.00 -5.71
N THR J 41 -42.77 -58.80 -5.16
CA THR J 41 -41.85 -57.75 -5.58
C THR J 41 -40.83 -57.61 -4.47
N ILE J 42 -39.55 -57.78 -4.76
CA ILE J 42 -38.49 -57.60 -3.78
C ILE J 42 -37.41 -56.66 -4.30
N HIS J 43 -36.64 -56.12 -3.38
CA HIS J 43 -35.59 -55.14 -3.68
C HIS J 43 -34.25 -55.81 -3.51
N GLY J 44 -33.46 -55.80 -4.55
CA GLY J 44 -32.13 -56.30 -4.47
C GLY J 44 -31.21 -55.16 -4.17
N HIS J 45 -29.96 -55.49 -3.95
CA HIS J 45 -28.96 -54.51 -3.51
C HIS J 45 -27.88 -54.24 -4.57
N LYS J 46 -27.89 -54.95 -5.70
CA LYS J 46 -26.98 -54.65 -6.76
C LYS J 46 -27.42 -55.28 -8.08
N PHE J 47 -27.18 -54.56 -9.17
CA PHE J 47 -27.45 -55.04 -10.50
C PHE J 47 -26.23 -54.88 -11.36
N PHE J 48 -25.98 -55.86 -12.20
CA PHE J 48 -24.98 -55.65 -13.22
C PHE J 48 -25.15 -56.42 -14.52
N ILE J 49 -24.58 -55.79 -15.53
CA ILE J 49 -24.51 -56.26 -16.87
C ILE J 49 -23.18 -56.92 -17.19
N GLY J 50 -23.23 -57.99 -17.94
CA GLY J 50 -22.03 -58.62 -18.43
C GLY J 50 -22.23 -59.17 -19.81
N PHE J 51 -21.11 -59.41 -20.46
CA PHE J 51 -21.13 -60.00 -21.81
C PHE J 51 -20.87 -61.49 -21.68
N GLY J 52 -21.81 -62.28 -22.19
CA GLY J 52 -21.83 -63.72 -22.01
C GLY J 52 -22.17 -64.46 -23.29
N GLY J 53 -22.67 -65.67 -23.14
CA GLY J 53 -22.84 -66.56 -24.34
C GLY J 53 -21.58 -67.40 -24.57
N LYS J 54 -21.79 -68.69 -24.71
CA LYS J 54 -20.66 -69.62 -24.71
C LYS J 54 -19.70 -69.34 -25.87
N GLY J 55 -20.26 -69.02 -27.02
CA GLY J 55 -19.49 -68.81 -28.23
C GLY J 55 -18.60 -67.64 -28.10
N ALA J 56 -19.18 -66.52 -27.70
CA ALA J 56 -18.34 -65.33 -27.43
C ALA J 56 -17.36 -65.54 -26.31
N ASN J 57 -17.76 -66.26 -25.28
CA ASN J 57 -16.87 -66.44 -24.18
C ASN J 57 -15.61 -67.18 -24.59
N GLN J 58 -15.81 -68.24 -25.38
CA GLN J 58 -14.70 -69.05 -25.82
C GLN J 58 -13.83 -68.24 -26.75
N CYS J 59 -14.47 -67.45 -27.60
CA CYS J 59 -13.74 -66.61 -28.53
C CYS J 59 -12.89 -65.56 -27.82
N VAL J 60 -13.47 -64.95 -26.79
CA VAL J 60 -12.74 -63.95 -25.98
C VAL J 60 -11.53 -64.55 -25.27
N GLN J 61 -11.65 -65.73 -24.64
CA GLN J 61 -10.44 -66.32 -24.00
C GLN J 61 -9.31 -66.61 -25.01
N ALA J 62 -9.67 -67.14 -26.18
CA ALA J 62 -8.71 -67.44 -27.20
C ALA J 62 -8.04 -66.16 -27.71
N ALA J 63 -8.82 -65.12 -27.98
CA ALA J 63 -8.24 -63.86 -28.40
C ALA J 63 -7.27 -63.29 -27.41
N ARG J 64 -7.60 -63.35 -26.12
CA ARG J 64 -6.75 -62.80 -25.09
C ARG J 64 -5.47 -63.53 -24.92
N LEU J 65 -5.42 -64.79 -25.36
CA LEU J 65 -4.19 -65.53 -25.34
C LEU J 65 -3.32 -65.21 -26.53
N GLY J 66 -3.85 -64.44 -27.46
CA GLY J 66 -3.12 -63.96 -28.60
C GLY J 66 -3.65 -64.48 -29.91
N ALA J 67 -4.68 -65.33 -29.87
CA ALA J 67 -5.28 -65.83 -31.12
C ALA J 67 -5.96 -64.72 -31.96
N MET J 68 -5.81 -64.84 -33.26
CA MET J 68 -6.55 -64.08 -34.23
C MET J 68 -7.83 -64.85 -34.41
N THR J 69 -8.94 -64.23 -34.07
CA THR J 69 -10.21 -64.93 -34.04
C THR J 69 -11.22 -64.23 -34.91
N SER J 70 -12.24 -64.97 -35.32
CA SER J 70 -13.44 -64.40 -35.99
C SER J 70 -14.68 -65.01 -35.35
N MET J 71 -15.64 -64.16 -34.97
CA MET J 71 -16.85 -64.59 -34.31
C MET J 71 -17.98 -64.54 -35.31
N VAL J 72 -18.52 -65.72 -35.64
CA VAL J 72 -19.67 -65.81 -36.49
C VAL J 72 -20.87 -65.99 -35.58
N CYS J 73 -21.76 -65.00 -35.57
CA CYS J 73 -22.89 -64.99 -34.66
C CYS J 73 -23.93 -63.99 -35.14
N LYS J 74 -25.07 -63.96 -34.45
CA LYS J 74 -26.15 -63.01 -34.78
C LYS J 74 -26.69 -62.34 -33.53
N VAL J 75 -26.67 -61.02 -33.54
CA VAL J 75 -27.26 -60.25 -32.48
C VAL J 75 -28.39 -59.37 -33.04
N GLY J 76 -29.05 -58.66 -32.11
CA GLY J 76 -30.11 -57.76 -32.41
C GLY J 76 -29.65 -56.37 -32.84
N LYS J 77 -30.53 -55.72 -33.56
CA LYS J 77 -30.38 -54.36 -33.90
C LYS J 77 -30.97 -53.48 -32.79
N ASP J 78 -30.28 -53.51 -31.66
CA ASP J 78 -30.70 -52.88 -30.42
C ASP J 78 -29.44 -52.53 -29.66
N SER J 79 -29.63 -51.88 -28.52
CA SER J 79 -28.52 -51.40 -27.68
C SER J 79 -27.60 -52.51 -27.25
N PHE J 80 -28.21 -53.58 -26.78
CA PHE J 80 -27.43 -54.74 -26.34
C PHE J 80 -26.55 -55.29 -27.47
N GLY J 81 -27.09 -55.31 -28.69
CA GLY J 81 -26.32 -55.77 -29.82
C GLY J 81 -25.16 -54.88 -30.21
N ASN J 82 -25.42 -53.57 -30.29
CA ASN J 82 -24.34 -52.62 -30.59
C ASN J 82 -23.22 -52.67 -29.57
N ASP J 83 -23.62 -52.76 -28.30
CA ASP J 83 -22.68 -52.94 -27.21
C ASP J 83 -21.91 -54.26 -27.35
N TYR J 84 -22.60 -55.35 -27.73
CA TYR J 84 -21.89 -56.63 -27.90
C TYR J 84 -20.81 -56.51 -28.99
N ILE J 85 -21.17 -55.91 -30.11
CA ILE J 85 -20.22 -55.70 -31.19
C ILE J 85 -19.01 -54.93 -30.68
N GLU J 86 -19.25 -53.91 -29.88
CA GLU J 86 -18.19 -53.11 -29.31
C GLU J 86 -17.32 -53.90 -28.33
N ASN J 87 -17.93 -54.78 -27.54
CA ASN J 87 -17.16 -55.68 -26.71
C ASN J 87 -16.25 -56.61 -27.50
N LEU J 88 -16.74 -57.17 -28.60
CA LEU J 88 -15.89 -58.03 -29.42
C LEU J 88 -14.74 -57.23 -29.98
N LYS J 89 -15.01 -56.03 -30.47
CA LYS J 89 -13.93 -55.24 -31.06
C LYS J 89 -12.86 -54.90 -30.05
N GLN J 90 -13.29 -54.63 -28.83
CA GLN J 90 -12.38 -54.28 -27.75
C GLN J 90 -11.45 -55.41 -27.36
N ASN J 91 -11.86 -56.66 -27.59
CA ASN J 91 -10.99 -57.85 -27.47
C ASN J 91 -10.31 -58.33 -28.77
N ASP J 92 -10.24 -57.46 -29.79
CA ASP J 92 -9.59 -57.72 -31.07
C ASP J 92 -10.13 -58.88 -31.89
N ILE J 93 -11.43 -59.07 -31.81
CA ILE J 93 -12.11 -60.17 -32.46
C ILE J 93 -12.67 -59.60 -33.72
N SER J 94 -12.50 -60.31 -34.83
CA SER J 94 -13.10 -59.89 -36.10
C SER J 94 -14.64 -60.03 -36.00
N THR J 95 -15.37 -58.97 -36.39
CA THR J 95 -16.83 -58.97 -36.41
C THR J 95 -17.33 -58.93 -37.84
N GLU J 96 -16.52 -59.37 -38.79
CA GLU J 96 -16.93 -59.42 -40.20
C GLU J 96 -18.23 -60.17 -40.41
N PHE J 97 -18.41 -61.25 -39.64
CA PHE J 97 -19.59 -62.12 -39.75
C PHE J 97 -20.40 -62.18 -38.46
N THR J 98 -20.40 -61.06 -37.76
CA THR J 98 -21.31 -60.84 -36.66
C THR J 98 -22.48 -60.06 -37.25
N TYR J 99 -23.60 -60.73 -37.42
CA TYR J 99 -24.75 -60.18 -38.11
C TYR J 99 -25.64 -59.47 -37.10
N GLN J 100 -26.39 -58.46 -37.55
CA GLN J 100 -27.43 -57.80 -36.73
C GLN J 100 -28.78 -57.93 -37.43
N THR J 101 -29.84 -58.22 -36.70
CA THR J 101 -31.17 -58.39 -37.28
C THR J 101 -32.30 -57.60 -36.53
N LYS J 102 -33.22 -56.95 -37.30
CA LYS J 102 -34.45 -56.26 -36.78
C LYS J 102 -35.48 -57.35 -36.32
N ASP J 103 -35.30 -58.63 -36.69
CA ASP J 103 -36.32 -59.69 -36.41
C ASP J 103 -36.33 -60.34 -34.99
N ALA J 104 -35.34 -60.07 -34.14
CA ALA J 104 -35.37 -60.52 -32.74
C ALA J 104 -34.38 -59.74 -31.95
N ALA J 105 -34.61 -59.70 -30.65
CA ALA J 105 -33.68 -59.05 -29.74
C ALA J 105 -32.42 -59.90 -29.50
N THR J 106 -31.31 -59.21 -29.18
CA THR J 106 -30.06 -59.86 -28.80
C THR J 106 -30.40 -60.80 -27.68
N GLY J 107 -29.76 -61.96 -27.66
CA GLY J 107 -30.07 -62.98 -26.66
C GLY J 107 -29.82 -62.42 -25.26
N THR J 108 -30.61 -62.89 -24.29
CA THR J 108 -30.47 -62.47 -22.91
C THR J 108 -30.46 -63.62 -21.94
N ALA J 109 -29.74 -63.43 -20.84
CA ALA J 109 -29.80 -64.34 -19.69
C ALA J 109 -30.08 -63.49 -18.42
N SER J 110 -31.31 -63.56 -17.92
CA SER J 110 -31.71 -62.83 -16.73
C SER J 110 -31.55 -63.75 -15.51
N ILE J 111 -30.70 -63.29 -14.58
CA ILE J 111 -30.30 -64.06 -13.44
C ILE J 111 -30.65 -63.26 -12.18
N ILE J 112 -31.23 -63.94 -11.20
CA ILE J 112 -31.41 -63.43 -9.85
C ILE J 112 -30.62 -64.33 -8.86
N VAL J 113 -29.75 -63.75 -8.04
CA VAL J 113 -28.84 -64.51 -7.14
C VAL J 113 -28.95 -64.06 -5.69
N ASN J 114 -29.09 -65.01 -4.78
CA ASN J 114 -29.15 -64.66 -3.39
C ASN J 114 -27.77 -64.68 -2.73
N ASN J 115 -27.73 -64.44 -1.43
CA ASN J 115 -26.47 -64.32 -0.73
C ASN J 115 -25.70 -65.62 -0.60
N GLU J 116 -26.39 -66.76 -0.72
CA GLU J 116 -25.80 -68.08 -0.56
C GLU J 116 -25.39 -68.57 -1.91
N GLY J 117 -25.58 -67.79 -2.97
CA GLY J 117 -25.18 -68.22 -4.34
C GLY J 117 -26.23 -68.99 -5.17
N GLN J 118 -27.37 -69.34 -4.55
CA GLN J 118 -28.51 -69.96 -5.26
C GLN J 118 -29.21 -68.97 -6.20
N ASN J 119 -29.72 -69.48 -7.32
CA ASN J 119 -30.24 -68.60 -8.33
C ASN J 119 -31.47 -69.09 -9.10
N ILE J 120 -32.03 -68.16 -9.85
CA ILE J 120 -33.13 -68.36 -10.76
C ILE J 120 -32.64 -67.77 -12.09
N ILE J 121 -32.76 -68.49 -13.19
CA ILE J 121 -32.27 -68.01 -14.46
C ILE J 121 -33.35 -68.14 -15.54
N VAL J 122 -33.50 -67.10 -16.36
CA VAL J 122 -34.38 -67.16 -17.53
C VAL J 122 -33.62 -66.76 -18.78
N ILE J 123 -33.43 -67.72 -19.70
CA ILE J 123 -32.73 -67.48 -20.99
C ILE J 123 -33.70 -67.27 -22.15
N VAL J 124 -33.40 -66.27 -22.97
CA VAL J 124 -34.15 -66.02 -24.20
C VAL J 124 -33.11 -65.90 -25.28
N ALA J 125 -32.97 -66.95 -26.05
CA ALA J 125 -31.92 -67.05 -27.05
C ALA J 125 -32.01 -65.97 -28.12
N GLY J 126 -33.24 -65.59 -28.48
CA GLY J 126 -33.46 -64.47 -29.37
C GLY J 126 -32.74 -64.56 -30.71
N ALA J 127 -31.95 -63.53 -31.03
CA ALA J 127 -31.29 -63.44 -32.34
C ALA J 127 -30.36 -64.63 -32.62
N ASN J 128 -29.78 -65.21 -31.60
CA ASN J 128 -28.97 -66.39 -31.78
C ASN J 128 -29.63 -67.52 -32.60
N LEU J 129 -30.94 -67.71 -32.47
CA LEU J 129 -31.62 -68.80 -33.19
C LEU J 129 -31.88 -68.48 -34.63
N LEU J 130 -31.63 -67.25 -35.02
CA LEU J 130 -31.80 -66.83 -36.41
C LEU J 130 -30.49 -66.88 -37.21
N LEU J 131 -29.36 -67.30 -36.59
CA LEU J 131 -28.15 -67.56 -37.38
C LEU J 131 -28.35 -68.84 -38.20
N ASN J 132 -28.40 -68.69 -39.53
CA ASN J 132 -28.84 -69.78 -40.37
C ASN J 132 -27.74 -70.25 -41.34
N THR J 133 -28.08 -71.18 -42.24
CA THR J 133 -27.13 -71.74 -43.18
C THR J 133 -26.59 -70.75 -44.24
N GLU J 134 -27.44 -69.84 -44.74
CA GLU J 134 -26.99 -68.78 -45.67
C GLU J 134 -25.96 -67.83 -45.03
N ASP J 135 -26.18 -67.50 -43.75
CA ASP J 135 -25.24 -66.69 -42.98
C ASP J 135 -23.83 -67.33 -42.85
N LEU J 136 -23.79 -68.64 -42.64
CA LEU J 136 -22.54 -69.37 -42.68
C LEU J 136 -21.83 -69.41 -44.02
N ARG J 137 -22.61 -69.57 -45.08
CA ARG J 137 -22.07 -69.75 -46.46
C ARG J 137 -21.19 -68.56 -46.78
N ALA J 138 -21.63 -67.36 -46.39
CA ALA J 138 -20.85 -66.15 -46.65
C ALA J 138 -19.47 -66.16 -45.96
N ALA J 139 -19.36 -66.89 -44.87
CA ALA J 139 -18.11 -67.06 -44.16
C ALA J 139 -17.26 -68.23 -44.62
N ALA J 140 -17.53 -68.81 -45.77
CA ALA J 140 -16.84 -70.05 -46.15
C ALA J 140 -15.33 -69.90 -46.28
N ASN J 141 -14.90 -68.72 -46.75
CA ASN J 141 -13.49 -68.40 -46.96
C ASN J 141 -12.71 -68.28 -45.69
N VAL J 142 -13.22 -67.47 -44.79
CA VAL J 142 -12.64 -67.43 -43.47
C VAL J 142 -12.57 -68.83 -42.80
N ILE J 143 -13.64 -69.62 -42.92
CA ILE J 143 -13.68 -70.93 -42.28
C ILE J 143 -12.61 -71.82 -42.88
N SER J 144 -12.51 -71.82 -44.20
CA SER J 144 -11.58 -72.76 -44.86
C SER J 144 -10.08 -72.43 -44.67
N ARG J 145 -9.78 -71.17 -44.29
CA ARG J 145 -8.41 -70.73 -44.00
C ARG J 145 -8.05 -70.81 -42.51
N ALA J 146 -8.99 -71.24 -41.66
CA ALA J 146 -8.72 -71.35 -40.24
C ALA J 146 -7.98 -72.60 -39.88
N LYS J 147 -7.52 -72.66 -38.65
CA LYS J 147 -6.93 -73.87 -38.06
C LYS J 147 -7.95 -74.64 -37.24
N VAL J 148 -8.84 -73.91 -36.54
CA VAL J 148 -9.84 -74.52 -35.68
C VAL J 148 -11.16 -73.86 -35.84
N MET J 149 -12.18 -74.68 -35.75
CA MET J 149 -13.54 -74.24 -35.74
C MET J 149 -14.18 -74.72 -34.45
N VAL J 150 -14.84 -73.82 -33.76
CA VAL J 150 -15.43 -74.10 -32.46
C VAL J 150 -16.95 -73.90 -32.51
N CYS J 151 -17.72 -74.88 -32.00
CA CYS J 151 -19.18 -74.77 -31.88
C CYS J 151 -19.74 -75.32 -30.56
N GLN J 152 -20.94 -74.82 -30.23
CA GLN J 152 -21.68 -75.23 -29.06
C GLN J 152 -23.18 -75.48 -29.45
N LEU J 153 -24.05 -75.57 -28.43
CA LEU J 153 -25.44 -75.84 -28.65
C LEU J 153 -26.33 -74.75 -28.10
N GLU J 154 -25.91 -73.51 -28.28
CA GLU J 154 -26.75 -72.36 -27.94
C GLU J 154 -27.29 -71.66 -29.20
N ILE J 155 -26.97 -72.15 -30.39
CA ILE J 155 -27.62 -71.69 -31.62
C ILE J 155 -28.38 -72.89 -32.17
N THR J 156 -29.06 -72.70 -33.29
CA THR J 156 -29.79 -73.82 -33.93
C THR J 156 -28.83 -74.99 -34.18
N PRO J 157 -29.14 -76.19 -33.66
CA PRO J 157 -28.26 -77.35 -33.87
C PRO J 157 -27.88 -77.55 -35.34
N ALA J 158 -28.85 -77.40 -36.26
CA ALA J 158 -28.57 -77.57 -37.69
C ALA J 158 -27.47 -76.63 -38.19
N THR J 159 -27.42 -75.42 -37.65
CA THR J 159 -26.38 -74.46 -38.03
C THR J 159 -24.97 -74.88 -37.51
N SER J 160 -24.87 -75.30 -36.24
CA SER J 160 -23.60 -75.80 -35.71
C SER J 160 -23.13 -77.02 -36.48
N LEU J 161 -24.07 -77.90 -36.79
CA LEU J 161 -23.78 -79.10 -37.60
C LEU J 161 -23.24 -78.78 -39.01
N GLU J 162 -23.80 -77.76 -39.67
CA GLU J 162 -23.31 -77.30 -40.99
C GLU J 162 -21.94 -76.64 -40.84
N ALA J 163 -21.72 -75.86 -39.77
CA ALA J 163 -20.41 -75.32 -39.51
C ALA J 163 -19.30 -76.41 -39.39
N LEU J 164 -19.60 -77.46 -38.62
CA LEU J 164 -18.68 -78.58 -38.46
C LEU J 164 -18.39 -79.25 -39.77
N THR J 165 -19.43 -79.44 -40.58
CA THR J 165 -19.33 -80.07 -41.89
C THR J 165 -18.44 -79.27 -42.82
N MET J 166 -18.58 -77.94 -42.82
CA MET J 166 -17.74 -77.07 -43.68
C MET J 166 -16.28 -77.12 -43.28
N ALA J 167 -16.04 -77.06 -41.97
CA ALA J 167 -14.68 -77.21 -41.44
C ALA J 167 -14.03 -78.53 -41.82
N ARG J 168 -14.75 -79.62 -41.63
CA ARG J 168 -14.24 -80.94 -42.00
C ARG J 168 -13.84 -81.04 -43.46
N ARG J 169 -14.73 -80.57 -44.34
CA ARG J 169 -14.53 -80.57 -45.80
C ARG J 169 -13.24 -79.84 -46.18
N SER J 170 -12.91 -78.77 -45.45
CA SER J 170 -11.70 -77.96 -45.71
C SER J 170 -10.47 -78.38 -44.89
N GLY J 171 -10.52 -79.53 -44.20
CA GLY J 171 -9.40 -80.00 -43.38
C GLY J 171 -9.14 -79.24 -42.07
N VAL J 172 -10.10 -78.45 -41.63
CA VAL J 172 -10.01 -77.63 -40.43
C VAL J 172 -10.42 -78.43 -39.19
N LYS J 173 -9.70 -78.25 -38.11
CA LYS J 173 -9.91 -79.05 -36.89
C LYS J 173 -11.17 -78.62 -36.15
N THR J 174 -11.99 -79.59 -35.74
CA THR J 174 -13.28 -79.27 -35.16
C THR J 174 -13.20 -79.49 -33.66
N LEU J 175 -13.64 -78.47 -32.92
CA LEU J 175 -13.76 -78.55 -31.50
C LEU J 175 -15.23 -78.30 -31.16
N PHE J 176 -15.91 -79.32 -30.64
CA PHE J 176 -17.33 -79.25 -30.32
C PHE J 176 -17.60 -79.39 -28.82
N ASN J 177 -18.38 -78.46 -28.29
CA ASN J 177 -18.75 -78.35 -26.85
C ASN J 177 -20.28 -78.48 -26.76
N PRO J 178 -20.82 -79.69 -26.52
CA PRO J 178 -22.27 -79.90 -26.58
C PRO J 178 -23.00 -79.36 -25.33
N ALA J 179 -23.09 -78.04 -25.28
CA ALA J 179 -23.52 -77.31 -24.10
C ALA J 179 -24.49 -76.20 -24.50
N PRO J 180 -25.69 -76.14 -23.85
CA PRO J 180 -26.20 -77.11 -22.83
C PRO J 180 -26.60 -78.36 -23.56
N ALA J 181 -26.59 -79.47 -22.87
CA ALA J 181 -26.72 -80.77 -23.53
C ALA J 181 -28.18 -81.11 -23.80
N ILE J 182 -28.48 -81.75 -24.94
CA ILE J 182 -29.86 -82.29 -25.28
C ILE J 182 -29.69 -83.81 -25.25
N ALA J 183 -30.71 -84.46 -24.72
CA ALA J 183 -30.73 -85.93 -24.54
C ALA J 183 -30.59 -86.72 -25.88
N ASP J 184 -31.28 -86.24 -26.93
CA ASP J 184 -31.49 -86.91 -28.20
C ASP J 184 -30.47 -86.39 -29.25
N LEU J 185 -29.18 -86.14 -28.94
CA LEU J 185 -28.25 -85.45 -29.85
C LEU J 185 -27.97 -86.18 -31.15
N ASP J 186 -28.04 -85.46 -32.27
CA ASP J 186 -27.80 -86.06 -33.61
C ASP J 186 -26.41 -86.75 -33.56
N PRO J 187 -26.31 -88.04 -33.87
CA PRO J 187 -25.03 -88.70 -33.89
C PRO J 187 -23.98 -88.14 -34.85
N GLN J 188 -24.40 -87.38 -35.87
CA GLN J 188 -23.43 -86.70 -36.75
C GLN J 188 -22.49 -85.80 -35.97
N PHE J 189 -22.96 -85.24 -34.86
CA PHE J 189 -22.10 -84.41 -34.06
C PHE J 189 -20.89 -85.19 -33.60
N TYR J 190 -21.06 -86.44 -33.22
CA TYR J 190 -19.93 -87.23 -32.70
C TYR J 190 -18.89 -87.48 -33.78
N THR J 191 -19.35 -87.93 -34.96
CA THR J 191 -18.44 -88.28 -36.10
C THR J 191 -17.81 -87.04 -36.75
N LEU J 192 -18.41 -85.86 -36.59
CA LEU J 192 -17.78 -84.60 -37.05
C LEU J 192 -16.83 -83.90 -36.05
N SER J 193 -16.61 -84.52 -34.88
CA SER J 193 -15.87 -83.86 -33.79
C SER J 193 -14.48 -84.47 -33.66
N ASP J 194 -13.45 -83.68 -34.02
CA ASP J 194 -12.07 -84.05 -33.78
C ASP J 194 -11.77 -84.02 -32.27
N VAL J 195 -12.35 -83.03 -31.58
CA VAL J 195 -12.25 -82.94 -30.15
C VAL J 195 -13.65 -82.64 -29.57
N PHE J 196 -14.16 -83.48 -28.67
CA PHE J 196 -15.48 -83.37 -28.09
C PHE J 196 -15.32 -83.14 -26.58
N CYS J 197 -15.76 -81.99 -26.09
CA CYS J 197 -15.45 -81.54 -24.72
C CYS J 197 -16.70 -81.10 -23.99
N CYS J 198 -17.03 -81.73 -22.89
CA CYS J 198 -18.24 -81.37 -22.09
C CYS J 198 -18.00 -81.56 -20.57
N ASN J 199 -18.93 -81.12 -19.75
CA ASN J 199 -18.76 -81.26 -18.30
C ASN J 199 -19.48 -82.50 -17.79
N GLU J 200 -19.38 -82.74 -16.48
CA GLU J 200 -19.93 -83.92 -15.86
C GLU J 200 -21.43 -84.08 -16.07
N SER J 201 -22.20 -83.04 -15.76
CA SER J 201 -23.64 -83.15 -15.83
C SER J 201 -24.15 -83.23 -17.29
N GLU J 202 -23.41 -82.63 -18.21
CA GLU J 202 -23.64 -82.83 -19.65
C GLU J 202 -23.38 -84.27 -20.13
N ALA J 203 -22.31 -84.87 -19.64
CA ALA J 203 -22.05 -86.28 -19.91
C ALA J 203 -23.15 -87.23 -19.37
N GLU J 204 -23.74 -86.86 -18.22
CA GLU J 204 -24.92 -87.59 -17.67
C GLU J 204 -26.07 -87.57 -18.66
N ILE J 205 -26.34 -86.40 -19.19
CA ILE J 205 -27.46 -86.21 -20.12
C ILE J 205 -27.22 -86.95 -21.43
N LEU J 206 -26.03 -86.83 -21.98
CA LEU J 206 -25.76 -87.47 -23.25
C LEU J 206 -25.68 -89.01 -23.24
N THR J 207 -25.32 -89.61 -22.10
CA THR J 207 -25.05 -91.05 -21.97
C THR J 207 -26.03 -91.80 -21.11
N GLY J 208 -26.84 -91.09 -20.33
CA GLY J 208 -27.76 -91.69 -19.38
C GLY J 208 -27.12 -92.23 -18.12
N LEU J 209 -25.81 -92.00 -17.94
CA LEU J 209 -25.03 -92.60 -16.82
C LEU J 209 -24.90 -91.59 -15.70
N THR J 210 -24.61 -92.06 -14.48
CA THR J 210 -24.28 -91.18 -13.35
C THR J 210 -22.78 -90.84 -13.39
N VAL J 211 -22.46 -89.59 -13.05
CA VAL J 211 -21.08 -89.13 -13.00
C VAL J 211 -20.81 -88.37 -11.66
N GLY J 212 -20.56 -89.16 -10.59
CA GLY J 212 -20.07 -88.67 -9.30
C GLY J 212 -18.55 -88.45 -9.29
N SER J 213 -17.77 -89.53 -9.50
CA SER J 213 -16.28 -89.48 -9.48
C SER J 213 -15.60 -89.24 -10.83
N ALA J 214 -14.26 -89.24 -10.80
CA ALA J 214 -13.42 -89.19 -12.01
C ALA J 214 -13.37 -90.56 -12.73
N ALA J 215 -13.51 -91.65 -11.98
CA ALA J 215 -13.65 -92.98 -12.60
C ALA J 215 -14.95 -93.11 -13.40
N ASP J 216 -16.04 -92.54 -12.88
CA ASP J 216 -17.37 -92.53 -13.56
C ASP J 216 -17.30 -91.74 -14.84
N ALA J 217 -16.64 -90.60 -14.76
CA ALA J 217 -16.45 -89.77 -15.94
C ALA J 217 -15.69 -90.53 -17.04
N GLY J 218 -14.68 -91.32 -16.65
CA GLY J 218 -13.91 -92.14 -17.58
C GLY J 218 -14.79 -93.12 -18.35
N GLU J 219 -15.73 -93.73 -17.63
CA GLU J 219 -16.69 -94.63 -18.25
C GLU J 219 -17.67 -93.93 -19.16
N ALA J 220 -18.18 -92.78 -18.75
CA ALA J 220 -19.05 -92.03 -19.61
C ALA J 220 -18.34 -91.55 -20.88
N ALA J 221 -17.09 -91.10 -20.71
CA ALA J 221 -16.25 -90.66 -21.82
C ALA J 221 -16.01 -91.77 -22.83
N LEU J 222 -15.90 -93.02 -22.36
CA LEU J 222 -15.73 -94.20 -23.25
C LEU J 222 -16.95 -94.48 -24.15
N VAL J 223 -18.15 -94.31 -23.60
CA VAL J 223 -19.37 -94.37 -24.37
C VAL J 223 -19.37 -93.32 -25.48
N LEU J 224 -19.00 -92.10 -25.14
CA LEU J 224 -18.97 -91.03 -26.13
C LEU J 224 -17.92 -91.27 -27.23
N LEU J 225 -16.77 -91.79 -26.83
CA LEU J 225 -15.71 -92.10 -27.76
C LEU J 225 -16.21 -93.09 -28.80
N LYS J 226 -16.87 -94.14 -28.32
CA LYS J 226 -17.32 -95.20 -29.20
C LYS J 226 -18.44 -94.81 -30.15
N ARG J 227 -19.11 -93.68 -29.89
CA ARG J 227 -20.07 -93.10 -30.84
C ARG J 227 -19.40 -92.36 -32.04
N GLY J 228 -18.07 -92.21 -32.03
CA GLY J 228 -17.33 -91.74 -33.19
C GLY J 228 -16.41 -90.57 -32.99
N CYS J 229 -16.32 -90.02 -31.77
CA CYS J 229 -15.43 -88.87 -31.54
C CYS J 229 -13.96 -89.32 -31.64
N GLN J 230 -13.07 -88.50 -32.21
CA GLN J 230 -11.62 -88.75 -32.17
C GLN J 230 -11.09 -88.64 -30.75
N VAL J 231 -11.46 -87.56 -30.07
CA VAL J 231 -10.97 -87.26 -28.73
C VAL J 231 -12.12 -86.77 -27.88
N VAL J 232 -12.19 -87.26 -26.64
CA VAL J 232 -13.23 -86.91 -25.68
C VAL J 232 -12.56 -86.39 -24.42
N ILE J 233 -12.94 -85.20 -24.01
CA ILE J 233 -12.46 -84.58 -22.79
C ILE J 233 -13.67 -84.23 -21.94
N ILE J 234 -13.65 -84.64 -20.68
CA ILE J 234 -14.67 -84.28 -19.73
C ILE J 234 -14.14 -83.42 -18.59
N THR J 235 -14.66 -82.19 -18.46
CA THR J 235 -14.21 -81.28 -17.42
C THR J 235 -14.88 -81.65 -16.13
N LEU J 236 -14.18 -81.43 -15.00
CA LEU J 236 -14.52 -81.93 -13.69
C LEU J 236 -14.31 -80.91 -12.62
N GLY J 237 -14.49 -79.62 -12.93
CA GLY J 237 -14.35 -78.54 -11.94
C GLY J 237 -12.99 -78.54 -11.27
N ALA J 238 -13.01 -78.60 -9.94
CA ALA J 238 -11.78 -78.64 -9.12
C ALA J 238 -10.90 -79.90 -9.35
N GLU J 239 -11.48 -80.96 -9.91
CA GLU J 239 -10.73 -82.17 -10.21
C GLU J 239 -10.03 -82.12 -11.56
N GLY J 240 -10.18 -81.04 -12.32
CA GLY J 240 -9.43 -80.86 -13.60
C GLY J 240 -10.20 -81.42 -14.76
N CYS J 241 -9.62 -82.38 -15.45
CA CYS J 241 -10.32 -83.01 -16.56
C CYS J 241 -9.86 -84.42 -16.83
N VAL J 242 -10.64 -85.13 -17.66
CA VAL J 242 -10.32 -86.51 -18.11
C VAL J 242 -10.31 -86.56 -19.60
N VAL J 243 -9.35 -87.26 -20.17
CA VAL J 243 -9.21 -87.36 -21.61
C VAL J 243 -9.04 -88.80 -22.11
N LEU J 244 -9.65 -89.12 -23.27
CA LEU J 244 -9.47 -90.38 -24.00
C LEU J 244 -9.35 -90.08 -25.47
N SER J 245 -8.70 -90.94 -26.23
CA SER J 245 -8.67 -90.78 -27.68
C SER J 245 -8.83 -92.16 -28.36
N GLN J 246 -9.08 -92.15 -29.66
CA GLN J 246 -9.19 -93.40 -30.39
C GLN J 246 -7.88 -94.19 -30.26
N THR J 247 -6.74 -93.49 -30.36
CA THR J 247 -5.38 -94.16 -30.28
C THR J 247 -5.01 -94.51 -28.84
N GLU J 248 -5.53 -93.77 -27.83
CA GLU J 248 -5.32 -94.08 -26.41
C GLU J 248 -6.62 -94.07 -25.57
N PRO J 249 -7.46 -95.13 -25.70
CA PRO J 249 -8.79 -95.18 -25.13
C PRO J 249 -8.83 -95.38 -23.62
N GLU J 250 -7.70 -95.61 -22.96
CA GLU J 250 -7.75 -95.65 -21.51
C GLU J 250 -7.87 -94.24 -20.89
N PRO J 251 -8.83 -94.03 -19.99
CA PRO J 251 -9.00 -92.73 -19.34
C PRO J 251 -7.71 -92.18 -18.66
N LYS J 252 -7.34 -90.92 -18.93
CA LYS J 252 -6.20 -90.23 -18.33
C LYS J 252 -6.76 -89.03 -17.57
N HIS J 253 -6.67 -89.11 -16.26
CA HIS J 253 -7.11 -88.04 -15.35
C HIS J 253 -5.99 -87.00 -15.24
N ILE J 254 -6.27 -85.75 -15.57
CA ILE J 254 -5.35 -84.63 -15.44
C ILE J 254 -5.84 -83.74 -14.28
N PRO J 255 -5.28 -83.92 -13.06
CA PRO J 255 -5.66 -82.99 -11.96
C PRO J 255 -5.09 -81.56 -12.14
N THR J 256 -5.52 -80.66 -11.25
CA THR J 256 -5.11 -79.26 -11.28
C THR J 256 -4.84 -78.76 -9.86
N GLU J 257 -3.94 -77.78 -9.71
CA GLU J 257 -3.60 -77.24 -8.35
C GLU J 257 -4.95 -76.61 -7.76
N LYS J 258 -5.21 -76.97 -6.51
CA LYS J 258 -6.25 -76.36 -5.64
C LYS J 258 -6.02 -74.84 -5.61
N VAL J 259 -7.10 -74.07 -5.82
CA VAL J 259 -7.12 -72.61 -5.60
C VAL J 259 -8.39 -72.17 -4.84
N LYS J 260 -8.33 -71.03 -4.11
CA LYS J 260 -9.53 -70.42 -3.50
C LYS J 260 -10.37 -69.87 -4.71
N ALA J 261 -11.42 -70.63 -5.07
CA ALA J 261 -12.40 -70.23 -6.10
C ALA J 261 -13.28 -69.08 -5.66
N VAL J 262 -13.17 -67.93 -6.33
CA VAL J 262 -14.03 -66.77 -6.07
C VAL J 262 -15.32 -66.90 -6.85
N ASP J 263 -15.18 -67.26 -8.13
CA ASP J 263 -16.33 -67.38 -9.03
C ASP J 263 -16.03 -68.24 -10.24
N THR J 264 -16.67 -69.40 -10.30
CA THR J 264 -16.45 -70.42 -11.38
C THR J 264 -17.29 -70.22 -12.67
N THR J 265 -18.10 -69.17 -12.70
CA THR J 265 -19.01 -68.94 -13.83
C THR J 265 -18.15 -68.77 -15.06
N GLY J 266 -18.45 -69.54 -16.09
CA GLY J 266 -17.75 -69.40 -17.36
C GLY J 266 -16.38 -70.02 -17.40
N ALA J 267 -16.05 -70.81 -16.39
CA ALA J 267 -14.74 -71.44 -16.34
C ALA J 267 -14.60 -72.48 -17.43
N GLY J 268 -15.69 -73.18 -17.71
CA GLY J 268 -15.68 -74.12 -18.84
C GLY J 268 -15.38 -73.49 -20.19
N ASP J 269 -15.89 -72.27 -20.37
CA ASP J 269 -15.63 -71.54 -21.60
C ASP J 269 -14.19 -71.06 -21.68
N SER J 270 -13.59 -70.65 -20.56
CA SER J 270 -12.18 -70.33 -20.54
C SER J 270 -11.38 -71.57 -20.96
N PHE J 271 -11.70 -72.74 -20.39
CA PHE J 271 -10.98 -73.97 -20.70
C PHE J 271 -11.03 -74.27 -22.18
N VAL J 272 -12.23 -74.20 -22.76
CA VAL J 272 -12.40 -74.52 -24.18
C VAL J 272 -11.75 -73.49 -25.13
N GLY J 273 -11.86 -72.21 -24.80
CA GLY J 273 -11.17 -71.19 -25.54
C GLY J 273 -9.65 -71.34 -25.50
N ALA J 274 -9.11 -71.70 -24.34
CA ALA J 274 -7.69 -72.01 -24.23
C ALA J 274 -7.28 -73.19 -25.13
N LEU J 275 -8.08 -74.23 -25.07
CA LEU J 275 -7.83 -75.40 -25.85
C LEU J 275 -7.82 -75.09 -27.34
N ALA J 276 -8.76 -74.26 -27.79
CA ALA J 276 -8.77 -73.78 -29.19
C ALA J 276 -7.49 -73.07 -29.56
N PHE J 277 -7.03 -72.24 -28.66
CA PHE J 277 -5.81 -71.50 -28.84
C PHE J 277 -4.65 -72.46 -29.09
N TYR J 278 -4.54 -73.48 -28.25
CA TYR J 278 -3.43 -74.39 -28.34
C TYR J 278 -3.54 -75.28 -29.57
N LEU J 279 -4.75 -75.76 -29.89
CA LEU J 279 -4.93 -76.53 -31.10
C LEU J 279 -4.49 -75.79 -32.35
N ALA J 280 -4.76 -74.50 -32.36
CA ALA J 280 -4.49 -73.66 -33.52
C ALA J 280 -3.05 -73.21 -33.66
N TYR J 281 -2.41 -72.83 -32.55
CA TYR J 281 -1.07 -72.25 -32.60
C TYR J 281 0.03 -73.17 -32.12
N TYR J 282 -0.30 -74.21 -31.34
CA TYR J 282 0.70 -75.16 -30.80
C TYR J 282 0.35 -76.58 -31.18
N PRO J 283 0.16 -76.84 -32.48
CA PRO J 283 -0.44 -78.15 -32.86
C PRO J 283 0.43 -79.36 -32.48
N ASN J 284 1.75 -79.15 -32.34
CA ASN J 284 2.70 -80.21 -31.95
C ASN J 284 2.77 -80.63 -30.47
N LEU J 285 2.17 -79.86 -29.56
CA LEU J 285 2.11 -80.24 -28.15
C LEU J 285 1.31 -81.51 -28.01
N SER J 286 1.72 -82.34 -27.06
CA SER J 286 0.93 -83.48 -26.69
C SER J 286 -0.41 -82.95 -26.17
N LEU J 287 -1.40 -83.81 -26.19
CA LEU J 287 -2.74 -83.48 -25.76
C LEU J 287 -2.78 -83.26 -24.26
N GLU J 288 -2.09 -84.13 -23.56
CA GLU J 288 -1.87 -84.00 -22.11
C GLU J 288 -1.30 -82.61 -21.66
N ASP J 289 -0.32 -82.12 -22.42
CA ASP J 289 0.28 -80.80 -22.25
C ASP J 289 -0.74 -79.70 -22.49
N MET J 290 -1.49 -79.75 -23.58
CA MET J 290 -2.53 -78.72 -23.87
C MET J 290 -3.51 -78.61 -22.74
N LEU J 291 -3.87 -79.75 -22.17
CA LEU J 291 -4.90 -79.79 -21.17
C LEU J 291 -4.37 -79.30 -19.84
N ASN J 292 -3.11 -79.58 -19.53
CA ASN J 292 -2.52 -78.98 -18.33
C ASN J 292 -2.56 -77.47 -18.38
N ARG J 293 -2.20 -76.94 -19.54
CA ARG J 293 -2.16 -75.48 -19.74
C ARG J 293 -3.57 -74.89 -19.71
N SER J 294 -4.52 -75.64 -20.29
CA SER J 294 -5.88 -75.20 -20.38
C SER J 294 -6.52 -75.22 -19.03
N ASN J 295 -6.27 -76.28 -18.25
CA ASN J 295 -6.65 -76.31 -16.82
C ASN J 295 -6.11 -75.11 -16.05
N PHE J 296 -4.83 -74.79 -16.26
CA PHE J 296 -4.23 -73.72 -15.53
C PHE J 296 -4.93 -72.38 -15.86
N ILE J 297 -5.19 -72.11 -17.14
CA ILE J 297 -5.76 -70.87 -17.57
C ILE J 297 -7.17 -70.74 -17.03
N ALA J 298 -7.92 -71.81 -17.10
CA ALA J 298 -9.27 -71.81 -16.54
C ALA J 298 -9.28 -71.58 -15.02
N ALA J 299 -8.31 -72.15 -14.33
CA ALA J 299 -8.18 -71.94 -12.89
C ALA J 299 -7.86 -70.50 -12.52
N VAL J 300 -7.12 -69.78 -13.38
CA VAL J 300 -6.91 -68.35 -13.18
C VAL J 300 -8.27 -67.61 -13.22
N SER J 301 -9.13 -67.98 -14.17
CA SER J 301 -10.42 -67.39 -14.33
C SER J 301 -11.35 -67.62 -13.11
N VAL J 302 -11.26 -68.77 -12.46
CA VAL J 302 -12.08 -68.99 -11.27
C VAL J 302 -11.65 -68.15 -10.04
N GLN J 303 -10.48 -67.53 -10.11
CA GLN J 303 -10.01 -66.68 -9.02
C GLN J 303 -10.52 -65.23 -9.05
N ALA J 304 -11.39 -64.89 -10.01
CA ALA J 304 -11.97 -63.55 -10.07
C ALA J 304 -13.40 -63.61 -10.57
N ALA J 305 -14.15 -62.58 -10.22
CA ALA J 305 -15.58 -62.48 -10.60
C ALA J 305 -15.68 -62.00 -12.03
N GLY J 306 -16.84 -62.22 -12.62
CA GLY J 306 -17.29 -61.48 -13.80
C GLY J 306 -17.24 -62.14 -15.15
N THR J 307 -17.05 -63.48 -15.20
CA THR J 307 -17.06 -64.26 -16.47
C THR J 307 -15.96 -63.71 -17.41
N GLN J 308 -16.30 -63.00 -18.47
CA GLN J 308 -15.28 -62.54 -19.40
C GLN J 308 -14.23 -61.66 -18.76
N SER J 309 -14.62 -60.81 -17.82
CA SER J 309 -13.61 -59.96 -17.20
C SER J 309 -12.64 -60.70 -16.31
N SER J 310 -12.94 -61.94 -15.92
CA SER J 310 -11.96 -62.82 -15.22
C SER J 310 -11.02 -63.62 -16.12
N TYR J 311 -11.19 -63.56 -17.42
CA TYR J 311 -10.37 -64.35 -18.34
C TYR J 311 -9.03 -63.69 -18.55
N PRO J 312 -7.91 -64.40 -18.29
CA PRO J 312 -6.59 -63.73 -18.28
C PRO J 312 -6.06 -63.42 -19.68
N TYR J 313 -5.30 -62.34 -19.79
CA TYR J 313 -4.53 -62.01 -20.97
C TYR J 313 -3.17 -62.72 -20.90
N LYS J 314 -2.61 -62.94 -22.07
CA LYS J 314 -1.30 -63.48 -22.20
C LYS J 314 -0.25 -62.77 -21.41
N LYS J 315 -0.22 -61.45 -21.53
CA LYS J 315 0.75 -60.66 -20.76
C LYS J 315 0.71 -60.94 -19.20
N ASP J 316 -0.40 -61.41 -18.64
CA ASP J 316 -0.52 -61.65 -17.18
C ASP J 316 -0.27 -63.10 -16.80
N LEU J 317 0.16 -63.93 -17.75
CA LEU J 317 0.32 -65.37 -17.51
C LEU J 317 1.81 -65.74 -17.55
N PRO J 318 2.20 -66.78 -16.82
CA PRO J 318 3.52 -67.27 -16.97
C PRO J 318 3.96 -67.53 -18.43
N LEU J 319 5.18 -67.13 -18.77
CA LEU J 319 5.71 -67.28 -20.14
C LEU J 319 5.81 -68.67 -20.68
N THR J 320 5.99 -69.64 -19.79
CA THR J 320 6.17 -71.02 -20.17
C THR J 320 4.92 -71.61 -20.76
N LEU J 321 3.75 -71.01 -20.50
CA LEU J 321 2.53 -71.39 -21.16
C LEU J 321 2.54 -71.11 -22.65
N PHE J 322 3.52 -70.36 -23.15
CA PHE J 322 3.61 -70.03 -24.57
C PHE J 322 4.89 -70.47 -25.20
N LEU J 323 5.56 -71.40 -24.56
CA LEU J 323 6.76 -71.98 -25.13
C LEU J 323 6.36 -73.36 -25.65
N GLU J 324 6.94 -73.77 -26.79
CA GLU J 324 6.43 -75.02 -27.48
C GLU J 324 7.18 -76.20 -26.68
N HIS J 325 8.39 -75.87 -26.21
CA HIS J 325 9.16 -76.58 -25.14
C HIS J 325 9.27 -75.77 -23.78
N HIS J 326 10.03 -76.21 -22.77
CA HIS J 326 10.57 -75.38 -21.65
C HIS J 326 12.06 -75.69 -21.56
N HIS J 327 12.96 -74.78 -22.03
CA HIS J 327 12.77 -73.59 -22.81
C HIS J 327 13.38 -73.83 -24.32
N VAL K 15 -0.58 -35.61 13.07
CA VAL K 15 -1.61 -36.27 12.15
C VAL K 15 -2.54 -37.29 12.80
N ALA K 16 -3.84 -37.21 12.55
CA ALA K 16 -4.80 -38.14 13.15
C ALA K 16 -4.71 -39.59 12.67
N ALA K 17 -4.60 -40.51 13.60
CA ALA K 17 -4.38 -41.94 13.30
C ALA K 17 -5.64 -42.76 13.36
N VAL K 18 -6.61 -42.27 14.13
CA VAL K 18 -7.93 -42.87 14.20
C VAL K 18 -8.93 -41.86 13.70
N VAL K 19 -9.72 -42.23 12.70
CA VAL K 19 -10.79 -41.37 12.23
C VAL K 19 -12.09 -42.10 12.46
N VAL K 20 -13.06 -41.42 13.08
CA VAL K 20 -14.35 -42.00 13.35
C VAL K 20 -15.39 -41.26 12.54
N VAL K 21 -16.12 -41.98 11.67
CA VAL K 21 -17.22 -41.42 10.94
C VAL K 21 -18.51 -41.94 11.55
N GLY K 22 -19.25 -41.07 12.23
CA GLY K 22 -20.46 -41.50 12.86
C GLY K 22 -21.20 -40.46 13.67
N SER K 23 -21.85 -40.94 14.71
CA SER K 23 -22.88 -40.19 15.40
C SER K 23 -22.44 -39.47 16.71
N CYS K 24 -23.00 -38.29 16.94
CA CYS K 24 -22.99 -37.61 18.21
C CYS K 24 -24.46 -37.44 18.63
N MET K 25 -24.79 -37.80 19.88
CA MET K 25 -26.14 -37.62 20.46
C MET K 25 -26.09 -37.11 21.87
N THR K 26 -27.06 -36.25 22.19
CA THR K 26 -27.22 -35.74 23.53
C THR K 26 -28.17 -36.66 24.27
N ASP K 27 -27.75 -37.15 25.43
CA ASP K 27 -28.59 -38.01 26.25
C ASP K 27 -29.34 -37.15 27.26
N LEU K 28 -30.66 -37.33 27.29
CA LEU K 28 -31.56 -36.54 28.16
C LEU K 28 -32.30 -37.48 29.07
N VAL K 29 -31.93 -37.51 30.35
CA VAL K 29 -32.34 -38.60 31.22
C VAL K 29 -33.19 -38.08 32.39
N SER K 30 -34.38 -38.66 32.55
CA SER K 30 -35.29 -38.33 33.64
C SER K 30 -35.49 -39.56 34.53
N LEU K 31 -35.23 -39.48 35.84
CA LEU K 31 -35.47 -40.58 36.79
C LEU K 31 -36.82 -40.41 37.49
N THR K 32 -37.57 -41.49 37.59
CA THR K 32 -38.90 -41.47 38.14
C THR K 32 -39.07 -42.67 39.06
N SER K 33 -40.18 -42.78 39.79
CA SER K 33 -40.39 -44.01 40.59
C SER K 33 -41.10 -45.09 39.81
N ARG K 34 -42.19 -44.72 39.14
CA ARG K 34 -42.81 -45.59 38.11
C ARG K 34 -42.66 -44.95 36.67
N LEU K 35 -42.68 -45.80 35.64
CA LEU K 35 -42.75 -45.33 34.23
C LEU K 35 -44.16 -44.92 33.90
N PRO K 36 -44.33 -43.99 32.99
CA PRO K 36 -45.67 -43.50 32.67
C PRO K 36 -46.38 -44.32 31.61
N LYS K 37 -47.65 -44.60 31.84
CA LYS K 37 -48.53 -45.19 30.84
C LYS K 37 -49.01 -44.12 29.85
N THR K 38 -49.59 -44.54 28.73
CA THR K 38 -50.23 -43.62 27.76
C THR K 38 -51.16 -42.56 28.38
N GLY K 39 -51.01 -41.32 27.93
CA GLY K 39 -51.83 -40.21 28.44
C GLY K 39 -51.50 -39.69 29.84
N GLU K 40 -50.51 -40.28 30.50
CA GLU K 40 -50.17 -39.87 31.86
C GLU K 40 -49.11 -38.74 31.87
N THR K 41 -49.25 -37.83 32.84
CA THR K 41 -48.21 -36.88 33.20
C THR K 41 -47.71 -37.30 34.54
N ILE K 42 -46.41 -37.52 34.69
CA ILE K 42 -45.82 -37.84 36.01
C ILE K 42 -44.62 -36.97 36.31
N HIS K 43 -44.25 -36.93 37.57
CA HIS K 43 -43.17 -36.09 38.08
C HIS K 43 -42.03 -36.98 38.47
N GLY K 44 -40.88 -36.74 37.88
CA GLY K 44 -39.70 -37.46 38.27
C GLY K 44 -38.97 -36.68 39.31
N HIS K 45 -37.91 -37.25 39.83
CA HIS K 45 -37.15 -36.64 40.92
C HIS K 45 -35.77 -36.15 40.50
N LYS K 46 -35.36 -36.41 39.26
CA LYS K 46 -34.06 -35.98 38.82
C LYS K 46 -33.97 -35.99 37.32
N PHE K 47 -33.27 -34.99 36.78
CA PHE K 47 -32.93 -34.93 35.38
C PHE K 47 -31.42 -34.76 35.20
N PHE K 48 -30.86 -35.41 34.18
CA PHE K 48 -29.51 -35.05 33.75
C PHE K 48 -29.20 -35.25 32.26
N ILE K 49 -28.24 -34.45 31.82
CA ILE K 49 -27.67 -34.44 30.50
C ILE K 49 -26.33 -35.22 30.40
N GLY K 50 -26.11 -35.90 29.29
CA GLY K 50 -24.83 -36.52 29.00
C GLY K 50 -24.53 -36.59 27.53
N PHE K 51 -23.26 -36.87 27.20
CA PHE K 51 -22.77 -36.84 25.84
C PHE K 51 -22.67 -38.24 25.42
N GLY K 52 -23.36 -38.57 24.33
CA GLY K 52 -23.47 -39.94 23.83
C GLY K 52 -23.35 -40.02 22.34
N GLY K 53 -23.88 -41.08 21.79
CA GLY K 53 -23.66 -41.41 20.36
C GLY K 53 -22.47 -42.34 20.19
N LYS K 54 -22.68 -43.43 19.45
CA LYS K 54 -21.67 -44.49 19.41
C LYS K 54 -20.38 -43.99 18.84
N GLY K 55 -20.47 -43.19 17.80
CA GLY K 55 -19.31 -42.68 17.14
C GLY K 55 -18.45 -41.82 18.06
N ALA K 56 -19.04 -40.82 18.69
CA ALA K 56 -18.32 -39.99 19.66
C ALA K 56 -17.84 -40.76 20.84
N ASN K 57 -18.61 -41.74 21.27
CA ASN K 57 -18.17 -42.54 22.42
C ASN K 57 -16.86 -43.26 22.12
N GLN K 58 -16.81 -43.86 20.93
CA GLN K 58 -15.64 -44.66 20.51
C GLN K 58 -14.50 -43.72 20.35
N CYS K 59 -14.75 -42.57 19.79
CA CYS K 59 -13.71 -41.61 19.57
C CYS K 59 -13.13 -41.12 20.87
N VAL K 60 -14.01 -40.88 21.84
CA VAL K 60 -13.58 -40.39 23.15
C VAL K 60 -12.70 -41.43 23.89
N GLN K 61 -13.10 -42.70 23.92
CA GLN K 61 -12.24 -43.70 24.55
C GLN K 61 -10.85 -43.76 23.90
N ALA K 62 -10.81 -43.71 22.56
CA ALA K 62 -9.54 -43.81 21.85
C ALA K 62 -8.67 -42.61 22.20
N ALA K 63 -9.29 -41.42 22.23
CA ALA K 63 -8.49 -40.20 22.51
C ALA K 63 -7.88 -40.23 23.88
N ARG K 64 -8.66 -40.72 24.83
CA ARG K 64 -8.23 -40.77 26.22
C ARG K 64 -7.08 -41.76 26.45
N LEU K 65 -6.97 -42.73 25.56
CA LEU K 65 -5.86 -43.67 25.61
C LEU K 65 -4.58 -43.07 25.03
N GLY K 66 -4.70 -41.90 24.43
CA GLY K 66 -3.59 -41.19 23.84
C GLY K 66 -3.65 -41.09 22.31
N ALA K 67 -4.65 -41.64 21.66
CA ALA K 67 -4.78 -41.50 20.24
C ALA K 67 -5.01 -40.08 19.80
N MET K 68 -4.41 -39.74 18.68
CA MET K 68 -4.78 -38.54 17.89
C MET K 68 -5.95 -38.91 17.01
N THR K 69 -7.08 -38.26 17.22
CA THR K 69 -8.29 -38.66 16.61
C THR K 69 -8.93 -37.49 15.87
N SER K 70 -9.82 -37.81 14.93
CA SER K 70 -10.65 -36.83 14.22
C SER K 70 -12.05 -37.41 14.13
N MET K 71 -13.06 -36.61 14.51
CA MET K 71 -14.45 -37.02 14.52
C MET K 71 -15.15 -36.37 13.36
N VAL K 72 -15.58 -37.21 12.44
CA VAL K 72 -16.37 -36.74 11.27
C VAL K 72 -17.83 -37.02 11.59
N CYS K 73 -18.61 -35.96 11.73
CA CYS K 73 -19.98 -36.08 12.16
C CYS K 73 -20.72 -34.80 11.86
N LYS K 74 -22.03 -34.83 12.09
CA LYS K 74 -22.85 -33.64 11.90
C LYS K 74 -23.78 -33.42 13.09
N VAL K 75 -23.73 -32.21 13.63
CA VAL K 75 -24.61 -31.79 14.66
C VAL K 75 -25.43 -30.59 14.22
N GLY K 76 -26.32 -30.15 15.11
CA GLY K 76 -27.13 -28.98 14.90
C GLY K 76 -26.47 -27.66 15.24
N LYS K 77 -26.96 -26.63 14.62
CA LYS K 77 -26.65 -25.25 14.96
C LYS K 77 -27.54 -24.79 16.11
N ASP K 78 -27.31 -25.37 17.28
CA ASP K 78 -28.12 -25.19 18.48
C ASP K 78 -27.20 -25.32 19.65
N SER K 79 -27.75 -25.10 20.85
CA SER K 79 -27.02 -25.29 22.10
C SER K 79 -26.37 -26.66 22.23
N PHE K 80 -27.17 -27.69 21.97
CA PHE K 80 -26.67 -29.06 22.14
C PHE K 80 -25.48 -29.29 21.25
N GLY K 81 -25.55 -28.77 20.04
CA GLY K 81 -24.46 -28.88 19.11
C GLY K 81 -23.19 -28.15 19.52
N ASN K 82 -23.32 -26.90 19.93
CA ASN K 82 -22.17 -26.14 20.43
C ASN K 82 -21.51 -26.83 21.59
N ASP K 83 -22.36 -27.34 22.49
CA ASP K 83 -21.89 -28.08 23.64
C ASP K 83 -21.16 -29.37 23.22
N TYR K 84 -21.72 -30.08 22.24
CA TYR K 84 -21.08 -31.26 21.76
C TYR K 84 -19.68 -30.97 21.22
N ILE K 85 -19.59 -29.96 20.39
CA ILE K 85 -18.28 -29.53 19.87
C ILE K 85 -17.29 -29.28 21.01
N GLU K 86 -17.76 -28.61 22.04
CA GLU K 86 -16.92 -28.25 23.20
C GLU K 86 -16.52 -29.51 23.95
N ASN K 87 -17.41 -30.47 24.09
CA ASN K 87 -17.05 -31.78 24.66
C ASN K 87 -15.94 -32.50 23.85
N LEU K 88 -16.01 -32.50 22.51
CA LEU K 88 -14.98 -33.13 21.72
C LEU K 88 -13.67 -32.42 21.93
N LYS K 89 -13.67 -31.09 21.89
CA LYS K 89 -12.42 -30.35 22.10
C LYS K 89 -11.77 -30.64 23.46
N GLN K 90 -12.59 -30.77 24.49
CA GLN K 90 -12.13 -31.01 25.83
C GLN K 90 -11.44 -32.34 25.93
N ASN K 91 -11.79 -33.30 25.09
CA ASN K 91 -11.09 -34.58 24.96
C ASN K 91 -10.02 -34.65 23.89
N ASP K 92 -9.55 -33.51 23.39
CA ASP K 92 -8.48 -33.43 22.38
C ASP K 92 -8.76 -34.13 21.09
N ILE K 93 -10.03 -34.11 20.68
CA ILE K 93 -10.47 -34.67 19.42
C ILE K 93 -10.52 -33.53 18.38
N SER K 94 -9.98 -33.75 17.20
CA SER K 94 -10.08 -32.78 16.12
C SER K 94 -11.55 -32.68 15.64
N THR K 95 -12.06 -31.44 15.53
CA THR K 95 -13.41 -31.14 15.10
C THR K 95 -13.38 -30.49 13.72
N GLU K 96 -12.31 -30.70 12.97
CA GLU K 96 -12.16 -30.12 11.62
C GLU K 96 -13.33 -30.49 10.69
N PHE K 97 -13.86 -31.71 10.86
CA PHE K 97 -14.94 -32.22 10.04
C PHE K 97 -16.10 -32.62 10.88
N THR K 98 -16.29 -31.86 11.97
CA THR K 98 -17.54 -31.88 12.73
C THR K 98 -18.35 -30.75 12.14
N TYR K 99 -19.33 -31.08 11.33
CA TYR K 99 -20.20 -30.09 10.68
C TYR K 99 -21.37 -29.66 11.57
N GLN K 100 -21.85 -28.43 11.38
CA GLN K 100 -23.09 -27.93 12.04
C GLN K 100 -24.11 -27.49 10.99
N THR K 101 -25.36 -27.86 11.14
CA THR K 101 -26.40 -27.52 10.18
C THR K 101 -27.63 -26.88 10.83
N LYS K 102 -28.15 -25.86 10.19
CA LYS K 102 -29.48 -25.31 10.53
C LYS K 102 -30.68 -26.23 10.25
N ASP K 103 -30.49 -27.26 9.42
CA ASP K 103 -31.61 -28.04 8.83
C ASP K 103 -32.14 -29.12 9.76
N ALA K 104 -31.47 -29.42 10.89
CA ALA K 104 -32.03 -30.39 11.87
C ALA K 104 -31.33 -30.19 13.17
N ALA K 105 -32.02 -30.59 14.23
CA ALA K 105 -31.46 -30.50 15.60
C ALA K 105 -30.41 -31.60 15.78
N THR K 106 -29.44 -31.30 16.62
CA THR K 106 -28.50 -32.28 17.06
C THR K 106 -29.27 -33.48 17.51
N GLY K 107 -28.75 -34.67 17.25
CA GLY K 107 -29.41 -35.90 17.62
C GLY K 107 -29.69 -35.95 19.12
N THR K 108 -30.78 -36.61 19.52
CA THR K 108 -31.12 -36.79 20.92
C THR K 108 -31.56 -38.20 21.26
N ALA K 109 -31.31 -38.58 22.51
CA ALA K 109 -31.80 -39.82 23.07
C ALA K 109 -32.51 -39.43 24.37
N SER K 110 -33.84 -39.45 24.37
CA SER K 110 -34.63 -39.18 25.59
C SER K 110 -34.98 -40.46 26.32
N ILE K 111 -34.51 -40.54 27.55
CA ILE K 111 -34.56 -41.76 28.35
C ILE K 111 -35.35 -41.43 29.62
N ILE K 112 -36.28 -42.31 29.95
CA ILE K 112 -36.97 -42.29 31.21
C ILE K 112 -36.68 -43.59 32.00
N VAL K 113 -36.22 -43.48 33.26
CA VAL K 113 -35.76 -44.62 34.03
C VAL K 113 -36.42 -44.68 35.37
N ASN K 114 -36.92 -45.85 35.74
CA ASN K 114 -37.52 -46.05 37.04
C ASN K 114 -36.51 -46.52 38.08
N ASN K 115 -36.99 -46.80 39.29
CA ASN K 115 -36.10 -47.13 40.42
C ASN K 115 -35.49 -48.48 40.34
N GLU K 116 -36.09 -49.38 39.57
CA GLU K 116 -35.59 -50.74 39.34
C GLU K 116 -34.63 -50.78 38.15
N GLY K 117 -34.37 -49.65 37.47
CA GLY K 117 -33.50 -49.62 36.27
C GLY K 117 -34.16 -49.85 34.90
N GLN K 118 -35.44 -50.22 34.87
CA GLN K 118 -36.23 -50.37 33.64
C GLN K 118 -36.43 -49.02 32.95
N ASN K 119 -36.42 -49.02 31.62
CA ASN K 119 -36.53 -47.77 30.90
C ASN K 119 -37.38 -47.74 29.60
N ILE K 120 -37.63 -46.51 29.14
CA ILE K 120 -38.28 -46.19 27.90
C ILE K 120 -37.28 -45.28 27.21
N ILE K 121 -36.96 -45.54 25.93
CA ILE K 121 -36.01 -44.69 25.19
C ILE K 121 -36.56 -44.24 23.83
N VAL K 122 -36.38 -42.95 23.50
CA VAL K 122 -36.85 -42.40 22.26
C VAL K 122 -35.67 -41.69 21.63
N ILE K 123 -35.19 -42.22 20.52
CA ILE K 123 -34.09 -41.63 19.76
C ILE K 123 -34.57 -40.83 18.55
N VAL K 124 -34.00 -39.66 18.36
CA VAL K 124 -34.25 -38.85 17.18
C VAL K 124 -32.89 -38.52 16.65
N ALA K 125 -32.50 -39.22 15.59
CA ALA K 125 -31.16 -39.12 15.00
C ALA K 125 -30.82 -37.71 14.47
N GLY K 126 -31.82 -36.98 13.95
CA GLY K 126 -31.67 -35.57 13.65
C GLY K 126 -30.52 -35.30 12.70
N ALA K 127 -29.61 -34.44 13.12
CA ALA K 127 -28.52 -33.99 12.22
C ALA K 127 -27.58 -35.09 11.78
N ASN K 128 -27.42 -36.13 12.60
CA ASN K 128 -26.68 -37.29 12.20
C ASN K 128 -27.10 -37.89 10.85
N LEU K 129 -28.37 -37.84 10.48
CA LEU K 129 -28.79 -38.38 9.17
C LEU K 129 -28.46 -37.51 7.97
N LEU K 130 -28.01 -36.28 8.22
CA LEU K 130 -27.69 -35.35 7.16
C LEU K 130 -26.24 -35.34 6.86
N LEU K 131 -25.42 -36.15 7.55
CA LEU K 131 -24.00 -36.35 7.14
C LEU K 131 -23.98 -37.14 5.85
N ASN K 132 -23.56 -36.51 4.78
CA ASN K 132 -23.71 -37.08 3.47
C ASN K 132 -22.34 -37.34 2.76
N THR K 133 -22.42 -37.78 1.50
CA THR K 133 -21.25 -38.16 0.74
C THR K 133 -20.31 -36.97 0.42
N GLU K 134 -20.87 -35.81 0.10
N GLU K 134 -20.88 -35.80 0.09
CA GLU K 134 -20.07 -34.61 -0.08
CA GLU K 134 -20.05 -34.58 -0.06
C GLU K 134 -19.27 -34.21 1.22
C GLU K 134 -19.25 -34.22 1.24
N ASP K 135 -19.90 -34.33 2.39
CA ASP K 135 -19.27 -34.02 3.66
C ASP K 135 -18.06 -34.93 3.94
N LEU K 136 -18.18 -36.22 3.60
CA LEU K 136 -17.04 -37.17 3.66
C LEU K 136 -15.90 -36.88 2.65
N ARG K 137 -16.25 -36.48 1.45
CA ARG K 137 -15.27 -36.20 0.42
C ARG K 137 -14.29 -35.12 0.88
N ALA K 138 -14.76 -34.10 1.61
CA ALA K 138 -13.88 -33.03 2.08
C ALA K 138 -12.83 -33.55 3.05
N ALA K 139 -13.16 -34.65 3.75
CA ALA K 139 -12.27 -35.29 4.69
C ALA K 139 -11.40 -36.33 4.07
N ALA K 140 -11.27 -36.36 2.75
CA ALA K 140 -10.55 -37.47 2.12
C ALA K 140 -9.11 -37.57 2.59
N ASN K 141 -8.51 -36.42 2.85
CA ASN K 141 -7.08 -36.31 3.16
C ASN K 141 -6.78 -36.83 4.53
N VAL K 142 -7.53 -36.35 5.49
CA VAL K 142 -7.47 -36.91 6.81
C VAL K 142 -7.76 -38.43 6.87
N ILE K 143 -8.75 -38.91 6.12
CA ILE K 143 -9.03 -40.33 6.03
C ILE K 143 -7.88 -41.13 5.39
N SER K 144 -7.32 -40.65 4.27
CA SER K 144 -6.27 -41.38 3.63
C SER K 144 -4.95 -41.47 4.44
N ARG K 145 -4.74 -40.56 5.40
CA ARG K 145 -3.52 -40.54 6.23
C ARG K 145 -3.68 -41.18 7.58
N ALA K 146 -4.87 -41.69 7.86
CA ALA K 146 -5.12 -42.41 9.04
C ALA K 146 -4.65 -43.85 9.02
N LYS K 147 -4.61 -44.45 10.19
CA LYS K 147 -4.33 -45.85 10.37
C LYS K 147 -5.59 -46.69 10.48
N VAL K 148 -6.62 -46.18 11.15
N VAL K 148 -6.63 -46.15 11.11
CA VAL K 148 -7.87 -46.91 11.28
CA VAL K 148 -7.87 -46.85 11.27
C VAL K 148 -9.05 -45.96 11.10
C VAL K 148 -9.02 -45.94 11.06
N MET K 149 -10.08 -46.48 10.43
CA MET K 149 -11.34 -45.78 10.17
C MET K 149 -12.42 -46.59 10.86
N VAL K 150 -13.23 -45.92 11.68
CA VAL K 150 -14.24 -46.57 12.51
C VAL K 150 -15.64 -46.07 12.16
N CYS K 151 -16.59 -47.00 11.96
N CYS K 151 -16.59 -46.97 11.95
CA CYS K 151 -17.97 -46.66 11.64
CA CYS K 151 -17.98 -46.56 11.69
C CYS K 151 -18.97 -47.50 12.39
C CYS K 151 -18.97 -47.48 12.38
N GLN K 152 -20.18 -46.97 12.47
CA GLN K 152 -21.31 -47.69 13.02
C GLN K 152 -22.58 -47.48 12.11
N LEU K 153 -23.77 -47.77 12.66
CA LEU K 153 -25.02 -47.68 11.92
C LEU K 153 -25.98 -46.74 12.62
N GLU K 154 -25.49 -45.64 13.15
CA GLU K 154 -26.34 -44.58 13.64
C GLU K 154 -26.38 -43.38 12.69
N ILE K 155 -25.69 -43.42 11.55
CA ILE K 155 -25.84 -42.39 10.51
C ILE K 155 -26.48 -43.10 9.33
N THR K 156 -26.67 -42.38 8.22
CA THR K 156 -27.13 -43.01 7.02
C THR K 156 -26.20 -44.17 6.67
N PRO K 157 -26.74 -45.37 6.59
CA PRO K 157 -25.93 -46.45 6.05
C PRO K 157 -25.08 -46.16 4.79
N ALA K 158 -25.66 -45.54 3.76
CA ALA K 158 -24.88 -45.21 2.54
C ALA K 158 -23.62 -44.36 2.88
N THR K 159 -23.67 -43.53 3.92
CA THR K 159 -22.54 -42.74 4.29
C THR K 159 -21.45 -43.57 4.94
N SER K 160 -21.83 -44.44 5.87
CA SER K 160 -20.87 -45.34 6.48
C SER K 160 -20.20 -46.21 5.44
N LEU K 161 -20.98 -46.72 4.52
CA LEU K 161 -20.48 -47.55 3.44
C LEU K 161 -19.47 -46.84 2.51
N GLU K 162 -19.72 -45.57 2.23
CA GLU K 162 -18.78 -44.77 1.45
C GLU K 162 -17.52 -44.49 2.25
N ALA K 163 -17.68 -44.21 3.56
CA ALA K 163 -16.52 -44.05 4.43
C ALA K 163 -15.56 -45.31 4.39
N LEU K 164 -16.14 -46.49 4.50
CA LEU K 164 -15.39 -47.73 4.42
C LEU K 164 -14.68 -47.89 3.09
N THR K 165 -15.38 -47.56 2.01
CA THR K 165 -14.89 -47.65 0.70
C THR K 165 -13.68 -46.71 0.50
N MET K 166 -13.73 -45.48 1.01
N MET K 166 -13.73 -45.48 1.01
CA MET K 166 -12.61 -44.55 0.89
CA MET K 166 -12.61 -44.55 0.89
C MET K 166 -11.39 -45.06 1.65
C MET K 166 -11.39 -45.07 1.64
N ALA K 167 -11.62 -45.56 2.86
CA ALA K 167 -10.56 -46.11 3.68
C ALA K 167 -9.88 -47.28 2.95
N ARG K 168 -10.67 -48.18 2.38
CA ARG K 168 -10.12 -49.33 1.72
C ARG K 168 -9.27 -48.98 0.52
N ARG K 169 -9.80 -48.07 -0.33
CA ARG K 169 -9.07 -47.53 -1.50
C ARG K 169 -7.68 -46.98 -1.06
N SER K 170 -7.60 -46.37 0.14
CA SER K 170 -6.36 -45.76 0.62
C SER K 170 -5.51 -46.67 1.49
N GLY K 171 -5.85 -47.95 1.57
CA GLY K 171 -5.08 -48.90 2.41
C GLY K 171 -5.24 -48.75 3.90
N VAL K 172 -6.25 -48.00 4.32
CA VAL K 172 -6.53 -47.79 5.70
C VAL K 172 -7.33 -48.93 6.30
N LYS K 173 -6.97 -49.33 7.52
CA LYS K 173 -7.70 -50.40 8.18
C LYS K 173 -9.17 -49.98 8.54
N THR K 174 -10.13 -50.82 8.21
CA THR K 174 -11.55 -50.55 8.54
C THR K 174 -12.00 -51.35 9.78
N LEU K 175 -12.63 -50.64 10.71
CA LEU K 175 -13.21 -51.24 11.90
C LEU K 175 -14.70 -50.85 11.90
N PHE K 176 -15.57 -51.85 11.73
CA PHE K 176 -17.01 -51.65 11.58
C PHE K 176 -17.77 -52.31 12.71
N ASN K 177 -18.63 -51.49 13.33
CA ASN K 177 -19.48 -51.88 14.42
C ASN K 177 -20.96 -51.74 13.96
N PRO K 178 -21.63 -52.84 13.50
CA PRO K 178 -22.99 -52.76 12.91
C PRO K 178 -24.07 -52.60 13.98
N ALA K 179 -24.12 -51.41 14.54
CA ALA K 179 -24.88 -51.13 15.75
C ALA K 179 -25.62 -49.78 15.68
N PRO K 180 -26.94 -49.74 15.95
CA PRO K 180 -27.81 -50.92 16.13
C PRO K 180 -27.95 -51.72 14.83
N ALA K 181 -28.19 -53.01 14.96
CA ALA K 181 -28.16 -53.89 13.81
C ALA K 181 -29.45 -53.79 13.00
N ILE K 182 -29.33 -53.92 11.68
CA ILE K 182 -30.45 -54.07 10.72
C ILE K 182 -30.46 -55.50 10.14
N ALA K 183 -31.65 -56.08 9.97
CA ALA K 183 -31.78 -57.46 9.51
C ALA K 183 -31.17 -57.64 8.13
N ASP K 184 -31.38 -56.73 7.19
CA ASP K 184 -30.96 -57.07 5.79
C ASP K 184 -29.81 -56.22 5.28
N LEU K 185 -28.73 -56.30 6.05
CA LEU K 185 -27.58 -55.42 5.89
C LEU K 185 -26.94 -55.65 4.55
N ASP K 186 -26.61 -54.57 3.85
CA ASP K 186 -25.92 -54.64 2.55
C ASP K 186 -24.65 -55.49 2.71
N PRO K 187 -24.46 -56.52 1.86
CA PRO K 187 -23.29 -57.41 2.03
C PRO K 187 -21.94 -56.77 1.73
N GLN K 188 -21.94 -55.63 1.06
CA GLN K 188 -20.73 -54.84 0.96
C GLN K 188 -20.11 -54.48 2.30
N PHE K 189 -20.92 -54.29 3.34
CA PHE K 189 -20.38 -54.00 4.66
C PHE K 189 -19.46 -55.12 5.13
N TYR K 190 -19.82 -56.38 4.86
CA TYR K 190 -18.95 -57.47 5.27
C TYR K 190 -17.57 -57.48 4.53
N THR K 191 -17.59 -57.36 3.21
CA THR K 191 -16.38 -57.39 2.40
C THR K 191 -15.52 -56.15 2.60
N LEU K 192 -16.08 -55.05 3.07
CA LEU K 192 -15.28 -53.86 3.37
C LEU K 192 -14.73 -53.78 4.80
N SER K 193 -14.98 -54.81 5.62
CA SER K 193 -14.63 -54.77 7.04
C SER K 193 -13.40 -55.60 7.32
N ASP K 194 -12.30 -54.94 7.69
CA ASP K 194 -11.08 -55.66 8.12
C ASP K 194 -11.32 -56.24 9.52
N VAL K 195 -12.08 -55.50 10.33
CA VAL K 195 -12.47 -55.98 11.63
C VAL K 195 -13.94 -55.65 11.89
N PHE K 196 -14.75 -56.68 12.18
CA PHE K 196 -16.20 -56.56 12.26
C PHE K 196 -16.57 -56.98 13.68
N CYS K 197 -17.08 -56.03 14.47
CA CYS K 197 -17.27 -56.22 15.88
C CYS K 197 -18.72 -55.87 16.29
N CYS K 198 -19.44 -56.83 16.89
CA CYS K 198 -20.81 -56.60 17.37
C CYS K 198 -21.10 -57.36 18.66
N ASN K 199 -22.24 -57.08 19.27
CA ASN K 199 -22.64 -57.83 20.45
C ASN K 199 -23.55 -59.02 20.12
N GLU K 200 -23.93 -59.75 21.16
CA GLU K 200 -24.72 -60.97 21.05
C GLU K 200 -26.04 -60.75 20.35
N SER K 201 -26.82 -59.80 20.84
CA SER K 201 -28.17 -59.61 20.29
C SER K 201 -28.12 -59.04 18.85
N GLU K 202 -27.07 -58.28 18.54
CA GLU K 202 -26.79 -57.84 17.15
C GLU K 202 -26.46 -58.99 16.19
N ALA K 203 -25.66 -59.92 16.69
CA ALA K 203 -25.36 -61.13 15.91
C ALA K 203 -26.62 -61.96 15.60
N GLU K 204 -27.56 -61.96 16.56
CA GLU K 204 -28.87 -62.67 16.37
C GLU K 204 -29.60 -62.06 15.21
N ILE K 205 -29.64 -60.73 15.19
CA ILE K 205 -30.34 -60.01 14.14
C ILE K 205 -29.66 -60.21 12.77
N LEU K 206 -28.34 -60.13 12.73
CA LEU K 206 -27.65 -60.25 11.46
C LEU K 206 -27.62 -61.66 10.83
N THR K 207 -27.71 -62.70 11.65
CA THR K 207 -27.57 -64.09 11.21
C THR K 207 -28.86 -64.90 11.29
N GLY K 208 -29.86 -64.44 12.02
CA GLY K 208 -31.08 -65.22 12.31
C GLY K 208 -30.91 -66.35 13.31
N LEU K 209 -29.77 -66.44 13.98
CA LEU K 209 -29.45 -67.52 14.94
C LEU K 209 -29.66 -67.06 16.37
N THR K 210 -29.84 -68.00 17.29
CA THR K 210 -29.93 -67.70 18.72
C THR K 210 -28.52 -67.61 19.27
N VAL K 211 -28.29 -66.68 20.19
CA VAL K 211 -26.99 -66.56 20.87
C VAL K 211 -27.16 -66.48 22.43
N GLY K 212 -27.32 -67.64 23.08
CA GLY K 212 -27.34 -67.79 24.55
C GLY K 212 -25.93 -67.89 25.13
N SER K 213 -25.20 -68.95 24.76
CA SER K 213 -23.80 -69.19 25.24
C SER K 213 -22.65 -68.54 24.39
N ALA K 214 -21.42 -68.79 24.82
CA ALA K 214 -20.20 -68.43 24.06
C ALA K 214 -19.95 -69.37 22.86
N ALA K 215 -20.38 -70.62 22.98
CA ALA K 215 -20.33 -71.55 21.85
C ALA K 215 -21.25 -71.09 20.72
N ASP K 216 -22.43 -70.61 21.07
CA ASP K 216 -23.43 -70.12 20.09
C ASP K 216 -22.87 -68.91 19.36
N ALA K 217 -22.23 -68.04 20.12
CA ALA K 217 -21.61 -66.86 19.55
C ALA K 217 -20.53 -67.24 18.53
N GLY K 218 -19.76 -68.28 18.85
CA GLY K 218 -18.79 -68.80 17.91
C GLY K 218 -19.39 -69.21 16.57
N GLU K 219 -20.52 -69.94 16.63
CA GLU K 219 -21.23 -70.36 15.41
C GLU K 219 -21.75 -69.16 14.63
N ALA K 220 -22.31 -68.16 15.31
CA ALA K 220 -22.83 -66.98 14.63
C ALA K 220 -21.70 -66.23 13.96
N ALA K 221 -20.58 -66.13 14.66
CA ALA K 221 -19.39 -65.43 14.20
C ALA K 221 -18.85 -66.09 12.94
N LEU K 222 -18.96 -67.41 12.85
CA LEU K 222 -18.53 -68.14 11.65
C LEU K 222 -19.37 -67.77 10.42
N VAL K 223 -20.68 -67.59 10.59
CA VAL K 223 -21.59 -67.20 9.48
C VAL K 223 -21.14 -65.83 8.95
N LEU K 224 -20.81 -64.92 9.87
CA LEU K 224 -20.42 -63.56 9.53
C LEU K 224 -19.07 -63.52 8.87
N LEU K 225 -18.16 -64.37 9.33
CA LEU K 225 -16.88 -64.52 8.71
C LEU K 225 -17.01 -64.97 7.22
N LYS K 226 -17.83 -65.97 6.98
CA LYS K 226 -17.98 -66.54 5.61
C LYS K 226 -18.66 -65.59 4.64
N ARG K 227 -19.33 -64.54 5.16
CA ARG K 227 -19.88 -63.46 4.33
C ARG K 227 -18.80 -62.46 3.84
N GLY K 228 -17.55 -62.58 4.30
CA GLY K 228 -16.43 -61.85 3.75
C GLY K 228 -15.59 -61.02 4.70
N CYS K 229 -15.90 -61.00 6.02
CA CYS K 229 -15.11 -60.22 6.99
C CYS K 229 -13.76 -60.85 7.16
N GLN K 230 -12.72 -60.06 7.29
CA GLN K 230 -11.38 -60.57 7.64
C GLN K 230 -11.35 -61.11 9.05
N VAL K 231 -11.91 -60.34 9.98
CA VAL K 231 -11.92 -60.68 11.40
C VAL K 231 -13.28 -60.37 11.98
N VAL K 232 -13.79 -61.28 12.81
CA VAL K 232 -15.09 -61.13 13.48
C VAL K 232 -14.91 -61.30 14.97
N ILE K 233 -15.37 -60.30 15.71
CA ILE K 233 -15.33 -60.28 17.16
C ILE K 233 -16.72 -60.08 17.66
N ILE K 234 -17.16 -60.94 18.57
CA ILE K 234 -18.45 -60.75 19.19
C ILE K 234 -18.29 -60.52 20.66
N THR K 235 -18.76 -59.37 21.14
CA THR K 235 -18.69 -59.04 22.55
C THR K 235 -19.80 -59.75 23.31
N LEU K 236 -19.52 -60.09 24.58
CA LEU K 236 -20.37 -60.98 25.38
C LEU K 236 -20.55 -60.53 26.79
N GLY K 237 -20.55 -59.22 27.02
CA GLY K 237 -20.72 -58.68 28.39
C GLY K 237 -19.69 -59.17 29.39
N ALA K 238 -20.17 -59.73 30.50
CA ALA K 238 -19.30 -60.30 31.53
C ALA K 238 -18.42 -61.51 31.07
N GLU K 239 -18.81 -62.18 29.97
CA GLU K 239 -18.04 -63.31 29.41
C GLU K 239 -16.92 -62.86 28.51
N GLY K 240 -16.75 -61.56 28.30
CA GLY K 240 -15.61 -61.05 27.54
C GLY K 240 -15.98 -61.01 26.06
N CYS K 241 -15.24 -61.71 25.21
CA CYS K 241 -15.49 -61.69 23.77
C CYS K 241 -15.00 -62.94 23.07
N VAL K 242 -15.44 -63.13 21.83
CA VAL K 242 -15.07 -64.27 20.98
C VAL K 242 -14.54 -63.72 19.66
N VAL K 243 -13.44 -64.30 19.17
CA VAL K 243 -12.79 -63.83 17.94
C VAL K 243 -12.49 -64.97 16.96
N LEU K 244 -12.68 -64.69 15.67
CA LEU K 244 -12.31 -65.59 14.56
C LEU K 244 -11.65 -64.75 13.46
N SER K 245 -10.80 -65.35 12.64
CA SER K 245 -10.24 -64.66 11.48
C SER K 245 -10.18 -65.60 10.30
N GLN K 246 -9.94 -65.05 9.12
CA GLN K 246 -9.85 -65.88 7.91
C GLN K 246 -8.67 -66.89 8.04
N THR K 247 -7.54 -66.41 8.62
CA THR K 247 -6.37 -67.27 8.87
C THR K 247 -6.55 -68.21 10.08
N GLU K 248 -7.39 -67.86 11.05
CA GLU K 248 -7.73 -68.73 12.20
C GLU K 248 -9.23 -68.80 12.51
N PRO K 249 -9.99 -69.52 11.66
CA PRO K 249 -11.45 -69.56 11.75
C PRO K 249 -12.03 -70.27 12.97
N GLU K 250 -11.18 -70.91 13.78
CA GLU K 250 -11.72 -71.56 14.93
C GLU K 250 -12.04 -70.51 15.99
N PRO K 251 -13.28 -70.51 16.55
CA PRO K 251 -13.60 -69.60 17.65
C PRO K 251 -12.62 -69.63 18.84
N LYS K 252 -12.16 -68.45 19.25
CA LYS K 252 -11.30 -68.29 20.41
C LYS K 252 -12.05 -67.40 21.43
N HIS K 253 -12.41 -68.00 22.56
CA HIS K 253 -13.10 -67.30 23.64
C HIS K 253 -12.05 -66.59 24.52
N ILE K 254 -12.18 -65.29 24.69
CA ILE K 254 -11.30 -64.50 25.58
C ILE K 254 -12.12 -64.03 26.80
N PRO K 255 -11.98 -64.74 27.95
CA PRO K 255 -12.74 -64.27 29.13
C PRO K 255 -12.12 -62.99 29.74
N THR K 256 -12.79 -62.43 30.75
CA THR K 256 -12.32 -61.23 31.46
C THR K 256 -12.55 -61.37 32.97
N GLU K 257 -11.72 -60.73 33.80
CA GLU K 257 -11.85 -60.91 35.31
C GLU K 257 -13.22 -60.33 35.73
N LYS K 258 -13.89 -61.06 36.62
CA LYS K 258 -15.14 -60.66 37.28
C LYS K 258 -14.88 -59.33 38.00
N VAL K 259 -15.80 -58.37 37.83
CA VAL K 259 -15.81 -57.12 38.60
C VAL K 259 -17.24 -56.76 39.04
N LYS K 260 -17.36 -55.97 40.12
CA LYS K 260 -18.67 -55.43 40.54
C LYS K 260 -19.03 -54.35 39.50
N ALA K 261 -19.94 -54.72 38.59
CA ALA K 261 -20.50 -53.79 37.59
C ALA K 261 -21.42 -52.74 38.22
N VAL K 262 -21.03 -51.46 38.14
CA VAL K 262 -21.89 -50.37 38.56
C VAL K 262 -22.85 -49.97 37.43
N ASP K 263 -22.30 -49.82 36.23
CA ASP K 263 -23.07 -49.34 35.10
C ASP K 263 -22.36 -49.70 33.77
N THR K 264 -22.98 -50.62 33.03
CA THR K 264 -22.43 -51.14 31.79
C THR K 264 -22.75 -50.30 30.50
N THR K 265 -23.46 -49.18 30.67
CA THR K 265 -23.90 -48.36 29.55
C THR K 265 -22.67 -47.86 28.82
N GLY K 266 -22.63 -48.10 27.52
CA GLY K 266 -21.53 -47.65 26.71
C GLY K 266 -20.26 -48.46 26.81
N ALA K 267 -20.33 -49.63 27.45
CA ALA K 267 -19.15 -50.43 27.60
C ALA K 267 -18.69 -50.96 26.25
N GLY K 268 -19.64 -51.26 25.39
CA GLY K 268 -19.27 -51.72 24.01
C GLY K 268 -18.48 -50.68 23.19
N ASP K 269 -18.87 -49.42 23.37
CA ASP K 269 -18.20 -48.33 22.77
C ASP K 269 -16.78 -48.13 23.37
N SER K 270 -16.60 -48.33 24.65
CA SER K 270 -15.27 -48.34 25.22
C SER K 270 -14.43 -49.43 24.57
N PHE K 271 -14.99 -50.62 24.44
CA PHE K 271 -14.25 -51.75 23.91
C PHE K 271 -13.76 -51.43 22.53
N VAL K 272 -14.67 -50.90 21.72
CA VAL K 272 -14.36 -50.64 20.29
C VAL K 272 -13.38 -49.50 20.11
N GLY K 273 -13.53 -48.45 20.88
CA GLY K 273 -12.55 -47.36 20.92
C GLY K 273 -11.18 -47.83 21.34
N ALA K 274 -11.10 -48.73 22.31
CA ALA K 274 -9.80 -49.26 22.74
C ALA K 274 -9.20 -50.06 21.61
N LEU K 275 -10.03 -50.87 20.96
CA LEU K 275 -9.55 -51.72 19.86
C LEU K 275 -9.02 -50.87 18.70
N ALA K 276 -9.66 -49.74 18.42
CA ALA K 276 -9.17 -48.80 17.43
C ALA K 276 -7.79 -48.27 17.82
N PHE K 277 -7.66 -47.93 19.07
CA PHE K 277 -6.40 -47.43 19.60
C PHE K 277 -5.25 -48.41 19.35
N TYR K 278 -5.49 -49.68 19.68
CA TYR K 278 -4.47 -50.69 19.54
C TYR K 278 -4.18 -50.97 18.08
N LEU K 279 -5.20 -51.03 17.23
CA LEU K 279 -4.97 -51.25 15.78
C LEU K 279 -4.10 -50.21 15.17
N ALA K 280 -4.29 -48.99 15.64
CA ALA K 280 -3.61 -47.84 15.12
C ALA K 280 -2.20 -47.63 15.63
N TYR K 281 -2.00 -47.83 16.93
CA TYR K 281 -0.66 -47.56 17.58
C TYR K 281 0.17 -48.79 17.93
N TYR K 282 -0.46 -49.96 18.06
CA TYR K 282 0.21 -51.19 18.40
C TYR K 282 -0.07 -52.28 17.37
N PRO K 283 0.21 -52.00 16.12
CA PRO K 283 -0.23 -52.94 15.09
C PRO K 283 0.43 -54.34 15.14
N ASN K 284 1.61 -54.45 15.72
CA ASN K 284 2.30 -55.74 15.91
C ASN K 284 1.80 -56.69 16.94
N LEU K 285 0.98 -56.21 17.85
CA LEU K 285 0.40 -57.07 18.90
C LEU K 285 -0.47 -58.12 18.23
N SER K 286 -0.48 -59.30 18.81
CA SER K 286 -1.41 -60.31 18.40
C SER K 286 -2.81 -59.78 18.66
N LEU K 287 -3.77 -60.36 17.98
CA LEU K 287 -5.13 -59.98 18.08
C LEU K 287 -5.69 -60.34 19.46
N GLU K 288 -5.31 -61.51 19.93
CA GLU K 288 -5.66 -61.99 21.25
C GLU K 288 -5.23 -61.03 22.38
N ASP K 289 -4.03 -60.52 22.24
CA ASP K 289 -3.49 -59.53 23.13
C ASP K 289 -4.31 -58.23 23.10
N MET K 290 -4.61 -57.71 21.91
CA MET K 290 -5.42 -56.49 21.78
C MET K 290 -6.75 -56.61 22.48
N LEU K 291 -7.35 -57.78 22.33
CA LEU K 291 -8.66 -58.01 22.88
C LEU K 291 -8.60 -58.14 24.39
N ASN K 292 -7.53 -58.74 24.94
CA ASN K 292 -7.35 -58.77 26.41
C ASN K 292 -7.29 -57.39 27.01
N ARG K 293 -6.53 -56.52 26.38
CA ARG K 293 -6.38 -55.15 26.79
C ARG K 293 -7.66 -54.32 26.58
N SER K 294 -8.38 -54.60 25.50
CA SER K 294 -9.62 -53.95 25.23
C SER K 294 -10.71 -54.39 26.20
N ASN K 295 -10.81 -55.69 26.46
CA ASN K 295 -11.67 -56.19 27.56
C ASN K 295 -11.39 -55.47 28.87
N PHE K 296 -10.11 -55.35 29.22
CA PHE K 296 -9.73 -54.76 30.53
C PHE K 296 -10.16 -53.31 30.63
N ILE K 297 -9.93 -52.53 29.58
CA ILE K 297 -10.33 -51.13 29.55
C ILE K 297 -11.83 -50.97 29.64
N ALA K 298 -12.55 -51.77 28.88
CA ALA K 298 -14.01 -51.72 28.91
C ALA K 298 -14.52 -52.08 30.31
N ALA K 299 -13.87 -53.05 30.94
CA ALA K 299 -14.24 -53.48 32.31
C ALA K 299 -13.97 -52.43 33.34
N VAL K 300 -12.95 -51.60 33.14
CA VAL K 300 -12.82 -50.41 33.98
C VAL K 300 -14.07 -49.51 33.86
N SER K 301 -14.58 -49.34 32.62
CA SER K 301 -15.72 -48.42 32.36
C SER K 301 -16.98 -48.90 33.02
N VAL K 302 -17.17 -50.21 33.14
CA VAL K 302 -18.37 -50.73 33.80
C VAL K 302 -18.36 -50.50 35.31
N GLN K 303 -17.23 -50.11 35.87
CA GLN K 303 -17.12 -49.84 37.30
C GLN K 303 -17.49 -48.44 37.72
N ALA K 304 -17.93 -47.60 36.79
CA ALA K 304 -18.41 -46.26 37.11
C ALA K 304 -19.58 -45.87 36.24
N ALA K 305 -20.37 -44.93 36.75
CA ALA K 305 -21.57 -44.42 36.05
C ALA K 305 -21.14 -43.43 35.01
N GLY K 306 -22.03 -43.19 34.03
CA GLY K 306 -22.00 -41.95 33.24
C GLY K 306 -21.51 -42.05 31.81
N THR K 307 -21.38 -43.27 31.26
CA THR K 307 -20.98 -43.47 29.86
C THR K 307 -19.59 -42.83 29.63
N GLN K 308 -19.48 -41.74 28.88
CA GLN K 308 -18.17 -41.14 28.57
C GLN K 308 -17.38 -40.80 29.85
N SER K 309 -18.04 -40.31 30.88
CA SER K 309 -17.29 -39.95 32.07
C SER K 309 -16.73 -41.18 32.82
N SER K 310 -17.19 -42.41 32.51
CA SER K 310 -16.58 -43.62 33.05
C SER K 310 -15.42 -44.19 32.25
N TYR K 311 -15.14 -43.61 31.09
CA TYR K 311 -14.08 -44.11 30.24
C TYR K 311 -12.74 -43.68 30.79
N PRO K 312 -11.84 -44.61 31.04
CA PRO K 312 -10.58 -44.27 31.67
C PRO K 312 -9.57 -43.57 30.79
N TYR K 313 -8.79 -42.69 31.41
CA TYR K 313 -7.62 -42.07 30.77
C TYR K 313 -6.39 -42.97 30.93
N LYS K 314 -5.47 -42.81 30.02
CA LYS K 314 -4.22 -43.51 30.07
C LYS K 314 -3.51 -43.39 31.39
N LYS K 315 -3.37 -42.16 31.86
CA LYS K 315 -2.70 -41.91 33.18
C LYS K 315 -3.33 -42.74 34.36
N ASP K 316 -4.61 -43.14 34.28
CA ASP K 316 -5.27 -43.94 35.35
C ASP K 316 -5.26 -45.44 35.09
N LEU K 317 -4.53 -45.90 34.08
CA LEU K 317 -4.45 -47.32 33.73
C LEU K 317 -3.03 -47.93 33.97
N PRO K 318 -2.96 -49.24 34.20
CA PRO K 318 -1.66 -49.91 34.37
C PRO K 318 -0.74 -49.66 33.18
N LEU K 319 0.53 -49.34 33.44
CA LEU K 319 1.52 -49.03 32.40
C LEU K 319 1.76 -50.14 31.37
N THR K 320 1.57 -51.39 31.77
CA THR K 320 1.76 -52.52 30.89
C THR K 320 0.77 -52.57 29.74
N LEU K 321 -0.37 -51.92 29.87
CA LEU K 321 -1.32 -51.82 28.77
C LEU K 321 -0.78 -50.99 27.62
N PHE K 322 0.34 -50.28 27.83
CA PHE K 322 0.96 -49.45 26.81
C PHE K 322 2.40 -49.85 26.55
N LEU K 323 2.76 -51.10 26.90
CA LEU K 323 4.04 -51.68 26.50
C LEU K 323 3.88 -52.82 25.50
N GLU K 324 4.94 -53.07 24.75
CA GLU K 324 4.99 -54.35 24.03
C GLU K 324 6.42 -54.85 24.11
N HIS K 325 6.48 -56.14 24.26
CA HIS K 325 7.73 -56.83 24.12
C HIS K 325 8.07 -56.89 22.61
N HIS K 326 9.37 -56.97 22.24
CA HIS K 326 9.84 -57.20 20.83
C HIS K 326 10.91 -58.26 20.75
N GLU L 14 -38.21 4.34 35.48
CA GLU L 14 -38.16 2.94 34.95
C GLU L 14 -37.79 1.79 35.98
N VAL L 15 -38.64 1.68 37.02
CA VAL L 15 -38.83 0.48 37.90
C VAL L 15 -39.80 -0.57 37.35
N ALA L 16 -39.58 -1.82 37.72
CA ALA L 16 -40.48 -2.89 37.30
C ALA L 16 -41.92 -2.77 37.87
N ALA L 17 -42.90 -2.83 36.97
CA ALA L 17 -44.31 -2.77 37.36
C ALA L 17 -45.03 -4.11 37.46
N VAL L 18 -44.54 -5.12 36.79
CA VAL L 18 -45.03 -6.47 36.90
C VAL L 18 -43.91 -7.36 37.43
N VAL L 19 -44.15 -8.08 38.54
CA VAL L 19 -43.18 -9.02 39.10
C VAL L 19 -43.79 -10.34 39.05
N VAL L 20 -43.07 -11.32 38.51
CA VAL L 20 -43.58 -12.69 38.41
C VAL L 20 -42.70 -13.57 39.25
N VAL L 21 -43.30 -14.27 40.18
CA VAL L 21 -42.62 -15.25 40.97
C VAL L 21 -43.10 -16.62 40.55
N GLY L 22 -42.22 -17.37 39.88
CA GLY L 22 -42.60 -18.68 39.42
C GLY L 22 -41.56 -19.43 38.68
N SER L 23 -42.04 -20.24 37.75
CA SER L 23 -41.22 -21.27 37.10
C SER L 23 -40.64 -20.92 35.73
N CYS L 24 -39.45 -21.39 35.47
CA CYS L 24 -38.84 -21.49 34.11
C CYS L 24 -38.54 -22.97 33.85
N MET L 25 -38.97 -23.48 32.70
CA MET L 25 -38.75 -24.85 32.31
C MET L 25 -38.33 -24.93 30.87
N THR L 26 -37.44 -25.90 30.58
CA THR L 26 -37.11 -26.24 29.22
C THR L 26 -38.00 -27.38 28.69
N ASP L 27 -38.69 -27.16 27.58
CA ASP L 27 -39.58 -28.18 26.98
C ASP L 27 -38.78 -28.98 25.99
N LEU L 28 -38.81 -30.31 26.13
CA LEU L 28 -38.05 -31.21 25.30
C LEU L 28 -39.03 -32.18 24.64
N VAL L 29 -39.24 -32.04 23.34
CA VAL L 29 -40.32 -32.74 22.66
C VAL L 29 -39.78 -33.62 21.58
N SER L 30 -40.16 -34.88 21.64
CA SER L 30 -39.85 -35.87 20.61
C SER L 30 -41.15 -36.34 19.96
N LEU L 31 -41.24 -36.28 18.64
CA LEU L 31 -42.38 -36.85 17.87
C LEU L 31 -42.06 -38.24 17.32
N THR L 32 -43.01 -39.16 17.46
CA THR L 32 -42.85 -40.59 17.06
C THR L 32 -44.11 -41.04 16.35
N SER L 33 -44.12 -42.22 15.76
CA SER L 33 -45.37 -42.70 15.15
C SER L 33 -46.22 -43.43 16.16
N ARG L 34 -45.61 -44.34 16.92
CA ARG L 34 -46.23 -44.94 18.11
C ARG L 34 -45.46 -44.52 19.41
N LEU L 35 -46.15 -44.53 20.55
CA LEU L 35 -45.53 -44.31 21.87
C LEU L 35 -44.84 -45.59 22.29
N PRO L 36 -43.75 -45.49 23.03
CA PRO L 36 -43.02 -46.68 23.51
C PRO L 36 -43.60 -47.36 24.79
N LYS L 37 -43.66 -48.68 24.77
CA LYS L 37 -43.98 -49.50 25.96
C LYS L 37 -42.73 -49.71 26.80
N THR L 38 -42.90 -50.23 28.02
CA THR L 38 -41.78 -50.56 28.94
C THR L 38 -40.67 -51.37 28.30
N GLY L 39 -39.42 -50.97 28.55
CA GLY L 39 -38.25 -51.64 27.98
C GLY L 39 -37.98 -51.38 26.50
N GLU L 40 -38.82 -50.60 25.81
CA GLU L 40 -38.65 -50.37 24.36
C GLU L 40 -37.74 -49.16 24.06
N THR L 41 -36.95 -49.29 22.99
CA THR L 41 -36.24 -48.19 22.38
C THR L 41 -36.89 -47.97 21.03
N ILE L 42 -37.37 -46.78 20.75
CA ILE L 42 -37.94 -46.46 19.45
C ILE L 42 -37.33 -45.21 18.85
N HIS L 43 -37.48 -45.04 17.55
CA HIS L 43 -36.90 -43.93 16.81
C HIS L 43 -38.00 -42.98 16.41
N GLY L 44 -37.89 -41.73 16.82
CA GLY L 44 -38.84 -40.73 16.42
C GLY L 44 -38.34 -40.07 15.18
N HIS L 45 -39.13 -39.15 14.66
CA HIS L 45 -38.80 -38.45 13.42
C HIS L 45 -38.53 -36.94 13.60
N LYS L 46 -38.74 -36.40 14.79
CA LYS L 46 -38.43 -35.00 15.02
C LYS L 46 -38.33 -34.68 16.48
N PHE L 47 -37.41 -33.78 16.77
CA PHE L 47 -37.21 -33.30 18.10
C PHE L 47 -37.21 -31.81 18.09
N PHE L 48 -37.77 -31.23 19.14
CA PHE L 48 -37.53 -29.79 19.42
C PHE L 48 -37.61 -29.31 20.85
N ILE L 49 -36.87 -28.22 21.06
CA ILE L 49 -36.71 -27.50 22.26
C ILE L 49 -37.57 -26.24 22.31
N GLY L 50 -38.04 -25.90 23.49
CA GLY L 50 -38.71 -24.62 23.68
C GLY L 50 -38.40 -24.06 25.05
N PHE L 51 -38.44 -22.74 25.19
CA PHE L 51 -38.48 -22.04 26.51
C PHE L 51 -39.93 -21.96 27.02
N GLY L 52 -40.16 -22.59 28.15
CA GLY L 52 -41.48 -22.75 28.74
C GLY L 52 -41.50 -22.47 30.26
N GLY L 53 -42.46 -23.04 30.94
CA GLY L 53 -42.71 -22.67 32.35
C GLY L 53 -43.74 -21.53 32.40
N LYS L 54 -44.79 -21.74 33.17
CA LYS L 54 -45.88 -20.79 33.20
C LYS L 54 -45.46 -19.38 33.66
N GLY L 55 -44.55 -19.32 34.65
CA GLY L 55 -44.09 -18.06 35.15
C GLY L 55 -43.39 -17.27 34.08
N ALA L 56 -42.37 -17.87 33.46
CA ALA L 56 -41.66 -17.20 32.39
C ALA L 56 -42.57 -16.87 31.19
N ASN L 57 -43.52 -17.74 30.89
CA ASN L 57 -44.38 -17.51 29.76
C ASN L 57 -45.19 -16.25 29.99
N GLN L 58 -45.76 -16.14 31.18
CA GLN L 58 -46.58 -15.01 31.49
C GLN L 58 -45.72 -13.72 31.48
N CYS L 59 -44.54 -13.82 32.06
CA CYS L 59 -43.64 -12.67 32.11
C CYS L 59 -43.28 -12.21 30.70
N VAL L 60 -42.99 -13.16 29.81
CA VAL L 60 -42.61 -12.82 28.42
C VAL L 60 -43.74 -12.12 27.70
N GLN L 61 -44.96 -12.60 27.80
CA GLN L 61 -46.07 -11.88 27.13
C GLN L 61 -46.23 -10.45 27.63
N ALA L 62 -46.15 -10.26 28.96
CA ALA L 62 -46.27 -8.92 29.56
C ALA L 62 -45.16 -8.00 29.09
N ALA L 63 -43.94 -8.52 29.07
CA ALA L 63 -42.83 -7.73 28.57
C ALA L 63 -42.99 -7.29 27.14
N ARG L 64 -43.45 -8.20 26.31
CA ARG L 64 -43.59 -7.90 24.89
C ARG L 64 -44.67 -6.88 24.60
N LEU L 65 -45.63 -6.74 25.51
CA LEU L 65 -46.63 -5.70 25.40
C LEU L 65 -46.09 -4.35 25.82
N GLY L 66 -44.90 -4.33 26.43
CA GLY L 66 -44.23 -3.11 26.84
C GLY L 66 -44.00 -3.01 28.32
N ALA L 67 -44.43 -3.99 29.08
CA ALA L 67 -44.23 -3.92 30.52
C ALA L 67 -42.77 -4.03 30.89
N MET L 68 -42.42 -3.28 31.92
CA MET L 68 -41.18 -3.45 32.62
C MET L 68 -41.44 -4.57 33.62
N THR L 69 -40.71 -5.66 33.46
CA THR L 69 -40.97 -6.85 34.27
C THR L 69 -39.69 -7.30 35.01
N SER L 70 -39.88 -8.05 36.10
CA SER L 70 -38.82 -8.74 36.82
C SER L 70 -39.26 -10.17 37.09
N MET L 71 -38.41 -11.13 36.72
CA MET L 71 -38.69 -12.55 36.88
C MET L 71 -37.92 -13.10 38.07
N VAL L 72 -38.65 -13.51 39.07
CA VAL L 72 -38.08 -14.09 40.25
C VAL L 72 -38.26 -15.58 40.06
N CYS L 73 -37.15 -16.28 39.94
CA CYS L 73 -37.19 -17.71 39.71
C CYS L 73 -35.84 -18.33 40.04
N LYS L 74 -35.75 -19.62 39.92
CA LYS L 74 -34.47 -20.31 40.10
C LYS L 74 -34.24 -21.35 39.04
N VAL L 75 -33.11 -21.22 38.39
CA VAL L 75 -32.69 -22.20 37.37
C VAL L 75 -31.36 -22.85 37.77
N GLY L 76 -30.93 -23.82 36.96
CA GLY L 76 -29.70 -24.57 37.21
C GLY L 76 -28.44 -23.86 36.72
N LYS L 77 -27.31 -24.23 37.34
CA LYS L 77 -25.96 -23.87 36.87
C LYS L 77 -25.58 -24.85 35.77
N ASP L 78 -26.27 -24.78 34.66
CA ASP L 78 -26.12 -25.72 33.54
C ASP L 78 -26.46 -24.95 32.21
N SER L 79 -26.33 -25.62 31.06
CA SER L 79 -26.61 -25.01 29.73
C SER L 79 -28.02 -24.45 29.64
N PHE L 80 -28.98 -25.27 30.05
CA PHE L 80 -30.37 -24.91 29.94
C PHE L 80 -30.58 -23.64 30.72
N GLY L 81 -29.94 -23.54 31.88
CA GLY L 81 -30.11 -22.37 32.74
C GLY L 81 -29.52 -21.11 32.14
N ASN L 82 -28.32 -21.22 31.63
CA ASN L 82 -27.69 -20.05 31.03
C ASN L 82 -28.48 -19.58 29.84
N ASP L 83 -28.95 -20.54 29.05
CA ASP L 83 -29.80 -20.24 27.92
C ASP L 83 -31.09 -19.57 28.36
N TYR L 84 -31.71 -20.06 29.45
CA TYR L 84 -32.95 -19.46 29.94
C TYR L 84 -32.70 -18.00 30.32
N ILE L 85 -31.61 -17.74 31.05
CA ILE L 85 -31.25 -16.37 31.44
C ILE L 85 -31.13 -15.49 30.20
N GLU L 86 -30.50 -16.01 29.17
N GLU L 86 -30.43 -15.97 29.18
CA GLU L 86 -30.32 -15.28 27.93
CA GLU L 86 -30.29 -15.28 27.89
C GLU L 86 -31.65 -15.05 27.25
C GLU L 86 -31.68 -15.02 27.31
N ASN L 87 -32.56 -16.04 27.28
CA ASN L 87 -33.91 -15.85 26.73
C ASN L 87 -34.69 -14.73 27.47
N LEU L 88 -34.59 -14.67 28.80
CA LEU L 88 -35.22 -13.57 29.55
C LEU L 88 -34.60 -12.22 29.15
N LYS L 89 -33.28 -12.13 29.06
CA LYS L 89 -32.65 -10.87 28.69
C LYS L 89 -33.02 -10.40 27.31
N GLN L 90 -33.15 -11.33 26.40
CA GLN L 90 -33.59 -11.04 25.01
C GLN L 90 -34.99 -10.47 24.89
N ASN L 91 -35.88 -10.81 25.83
CA ASN L 91 -37.20 -10.18 25.98
C ASN L 91 -37.29 -8.98 26.92
N ASP L 92 -36.15 -8.38 27.28
CA ASP L 92 -36.06 -7.19 28.21
C ASP L 92 -36.62 -7.40 29.60
N ILE L 93 -36.46 -8.61 30.12
CA ILE L 93 -36.93 -8.98 31.44
C ILE L 93 -35.75 -8.88 32.44
N SER L 94 -35.96 -8.23 33.58
CA SER L 94 -34.93 -8.09 34.57
C SER L 94 -34.69 -9.47 35.15
N THR L 95 -33.42 -9.85 35.23
CA THR L 95 -32.97 -11.13 35.81
C THR L 95 -32.26 -10.92 37.14
N GLU L 96 -32.52 -9.80 37.79
CA GLU L 96 -31.87 -9.42 39.06
C GLU L 96 -32.11 -10.50 40.10
N PHE L 97 -33.30 -11.14 40.08
CA PHE L 97 -33.66 -12.17 41.03
C PHE L 97 -33.98 -13.45 40.34
N THR L 98 -33.26 -13.72 39.25
CA THR L 98 -33.22 -15.06 38.61
C THR L 98 -31.99 -15.72 39.17
N TYR L 99 -32.19 -16.66 40.07
CA TYR L 99 -31.11 -17.32 40.78
C TYR L 99 -30.63 -18.55 40.03
N GLN L 100 -29.34 -18.90 40.16
CA GLN L 100 -28.80 -20.13 39.59
C GLN L 100 -28.21 -20.98 40.72
N THR L 101 -28.46 -22.28 40.69
CA THR L 101 -27.98 -23.18 41.74
C THR L 101 -27.28 -24.46 41.16
N LYS L 102 -26.16 -24.84 41.78
CA LYS L 102 -25.43 -26.13 41.53
C LYS L 102 -26.28 -27.32 42.05
N ASP L 103 -27.27 -27.09 42.91
CA ASP L 103 -27.96 -28.21 43.66
C ASP L 103 -29.02 -28.97 42.87
N ALA L 104 -29.41 -28.46 41.71
CA ALA L 104 -30.41 -29.17 40.87
C ALA L 104 -30.34 -28.63 39.47
N ALA L 105 -30.76 -29.46 38.55
CA ALA L 105 -30.87 -29.04 37.15
C ALA L 105 -32.06 -28.10 36.93
N THR L 106 -31.90 -27.21 35.94
CA THR L 106 -33.03 -26.39 35.44
C THR L 106 -34.18 -27.29 35.15
N GLY L 107 -35.36 -26.85 35.47
CA GLY L 107 -36.59 -27.67 35.33
C GLY L 107 -36.79 -28.10 33.89
N THR L 108 -37.32 -29.30 33.72
CA THR L 108 -37.54 -29.88 32.40
C THR L 108 -38.89 -30.52 32.26
N ALA L 109 -39.43 -30.48 31.04
CA ALA L 109 -40.68 -31.16 30.71
C ALA L 109 -40.38 -31.98 29.48
N SER L 110 -40.23 -33.29 29.67
CA SER L 110 -39.95 -34.19 28.55
C SER L 110 -41.26 -34.75 28.04
N ILE L 111 -41.52 -34.50 26.78
CA ILE L 111 -42.76 -34.87 26.16
C ILE L 111 -42.48 -35.77 24.98
N ILE L 112 -43.24 -36.87 24.87
CA ILE L 112 -43.22 -37.74 23.72
C ILE L 112 -44.62 -37.74 23.11
N VAL L 113 -44.74 -37.44 21.82
CA VAL L 113 -46.02 -37.30 21.13
C VAL L 113 -46.10 -38.18 19.89
N ASN L 114 -47.20 -38.91 19.75
CA ASN L 114 -47.43 -39.69 18.56
C ASN L 114 -48.17 -38.91 17.46
N ASN L 115 -48.49 -39.60 16.37
CA ASN L 115 -49.12 -38.95 15.22
C ASN L 115 -50.55 -38.53 15.41
N GLU L 116 -51.24 -39.15 16.37
CA GLU L 116 -52.62 -38.83 16.72
C GLU L 116 -52.69 -37.76 17.80
N GLY L 117 -51.54 -37.25 18.29
CA GLY L 117 -51.53 -36.20 19.33
C GLY L 117 -51.47 -36.68 20.78
N GLN L 118 -51.60 -38.00 21.01
CA GLN L 118 -51.48 -38.61 22.36
C GLN L 118 -50.07 -38.57 22.87
N ASN L 119 -49.91 -38.41 24.16
CA ASN L 119 -48.59 -38.19 24.70
C ASN L 119 -48.26 -38.85 26.02
N ILE L 120 -46.98 -38.82 26.34
CA ILE L 120 -46.43 -39.20 27.62
C ILE L 120 -45.59 -38.01 28.09
N ILE L 121 -45.74 -37.56 29.34
CA ILE L 121 -45.03 -36.36 29.80
C ILE L 121 -44.36 -36.65 31.12
N VAL L 122 -43.10 -36.23 31.25
CA VAL L 122 -42.39 -36.38 32.47
C VAL L 122 -41.82 -35.04 32.87
N ILE L 123 -42.32 -34.47 33.96
CA ILE L 123 -41.84 -33.19 34.48
C ILE L 123 -40.85 -33.44 35.65
N VAL L 124 -39.73 -32.73 35.60
CA VAL L 124 -38.80 -32.70 36.67
C VAL L 124 -38.63 -31.23 36.97
N ALA L 125 -39.28 -30.79 38.03
CA ALA L 125 -39.34 -29.38 38.39
C ALA L 125 -37.94 -28.83 38.73
N GLY L 126 -37.08 -29.71 39.30
CA GLY L 126 -35.72 -29.40 39.50
C GLY L 126 -35.48 -28.15 40.29
N ALA L 127 -34.71 -27.24 39.71
CA ALA L 127 -34.33 -26.03 40.42
C ALA L 127 -35.54 -25.14 40.84
N ASN L 128 -36.64 -25.16 40.10
CA ASN L 128 -37.81 -24.44 40.49
C ASN L 128 -38.27 -24.72 41.93
N LEU L 129 -38.11 -25.95 42.43
CA LEU L 129 -38.53 -26.28 43.80
C LEU L 129 -37.61 -25.76 44.88
N LEU L 130 -36.47 -25.23 44.49
CA LEU L 130 -35.51 -24.72 45.44
C LEU L 130 -35.62 -23.23 45.57
N LEU L 131 -36.55 -22.56 44.87
CA LEU L 131 -36.83 -21.15 45.12
C LEU L 131 -37.55 -21.06 46.45
N ASN L 132 -36.90 -20.48 47.43
CA ASN L 132 -37.41 -20.52 48.83
C ASN L 132 -37.79 -19.13 49.37
N THR L 133 -38.15 -19.08 50.64
CA THR L 133 -38.52 -17.84 51.32
C THR L 133 -37.42 -16.80 51.49
N GLU L 134 -36.21 -17.22 51.78
CA GLU L 134 -35.05 -16.30 51.79
C GLU L 134 -34.79 -15.64 50.41
N ASP L 135 -34.95 -16.41 49.33
CA ASP L 135 -34.76 -15.89 47.99
C ASP L 135 -35.74 -14.79 47.65
N LEU L 136 -36.97 -14.95 48.11
CA LEU L 136 -37.97 -13.90 47.99
C LEU L 136 -37.71 -12.67 48.83
N ARG L 137 -37.22 -12.86 50.07
CA ARG L 137 -36.97 -11.71 51.04
C ARG L 137 -35.99 -10.71 50.40
N ALA L 138 -35.00 -11.18 49.64
CA ALA L 138 -34.07 -10.29 48.93
C ALA L 138 -34.74 -9.40 47.87
N ALA L 139 -35.82 -9.89 47.28
CA ALA L 139 -36.57 -9.16 46.32
C ALA L 139 -37.64 -8.24 46.92
N ALA L 140 -37.61 -7.97 48.22
CA ALA L 140 -38.76 -7.30 48.85
C ALA L 140 -39.01 -5.90 48.28
N ASN L 141 -37.93 -5.22 47.89
CA ASN L 141 -37.95 -3.83 47.35
C ASN L 141 -38.55 -3.73 46.00
N VAL L 142 -38.09 -4.57 45.10
CA VAL L 142 -38.73 -4.76 43.80
C VAL L 142 -40.23 -5.13 43.89
N ILE L 143 -40.57 -6.05 44.79
CA ILE L 143 -41.97 -6.44 45.00
C ILE L 143 -42.83 -5.27 45.55
N SER L 144 -42.33 -4.55 46.54
CA SER L 144 -43.12 -3.48 47.14
C SER L 144 -43.32 -2.24 46.23
N ARG L 145 -42.46 -2.07 45.21
CA ARG L 145 -42.62 -0.96 44.23
C ARG L 145 -43.38 -1.35 42.96
N ALA L 146 -43.80 -2.60 42.86
CA ALA L 146 -44.53 -3.06 41.71
C ALA L 146 -46.00 -2.68 41.76
N LYS L 147 -46.68 -2.87 40.64
CA LYS L 147 -48.13 -2.70 40.52
C LYS L 147 -48.87 -4.02 40.56
N VAL L 148 -48.29 -5.05 39.97
CA VAL L 148 -48.90 -6.38 40.04
C VAL L 148 -47.84 -7.48 40.30
N MET L 149 -48.26 -8.48 41.08
CA MET L 149 -47.46 -9.65 41.41
C MET L 149 -48.23 -10.84 40.85
N VAL L 150 -47.55 -11.68 40.11
CA VAL L 150 -48.15 -12.83 39.45
C VAL L 150 -47.52 -14.16 39.94
N CYS L 151 -48.33 -15.15 40.27
CA CYS L 151 -47.90 -16.44 40.68
C CYS L 151 -48.70 -17.58 40.11
N GLN L 152 -48.08 -18.78 40.11
CA GLN L 152 -48.73 -20.01 39.74
C GLN L 152 -48.45 -21.13 40.74
N LEU L 153 -48.67 -22.39 40.32
CA LEU L 153 -48.39 -23.54 41.15
C LEU L 153 -47.38 -24.53 40.56
N GLU L 154 -46.32 -24.00 39.99
CA GLU L 154 -45.21 -24.84 39.51
C GLU L 154 -43.97 -24.75 40.40
N ILE L 155 -44.00 -23.93 41.44
CA ILE L 155 -42.89 -23.82 42.39
C ILE L 155 -43.52 -24.26 43.71
N THR L 156 -42.72 -24.26 44.78
CA THR L 156 -43.21 -24.72 46.04
C THR L 156 -44.43 -23.86 46.42
N PRO L 157 -45.57 -24.50 46.77
CA PRO L 157 -46.75 -23.69 47.11
C PRO L 157 -46.45 -22.69 48.21
N ALA L 158 -45.67 -23.09 49.20
CA ALA L 158 -45.32 -22.19 50.32
C ALA L 158 -44.58 -20.92 49.86
N THR L 159 -43.77 -21.02 48.81
CA THR L 159 -43.11 -19.87 48.26
C THR L 159 -44.11 -18.91 47.54
N SER L 160 -44.99 -19.45 46.70
CA SER L 160 -45.99 -18.66 46.02
C SER L 160 -46.85 -17.94 47.06
N LEU L 161 -47.25 -18.66 48.08
CA LEU L 161 -48.08 -18.13 49.14
C LEU L 161 -47.40 -16.96 49.90
N GLU L 162 -46.10 -17.03 50.10
CA GLU L 162 -45.34 -15.95 50.74
C GLU L 162 -45.21 -14.78 49.81
N ALA L 163 -45.00 -15.03 48.51
CA ALA L 163 -44.99 -13.94 47.53
C ALA L 163 -46.28 -13.15 47.52
N LEU L 164 -47.39 -13.86 47.53
CA LEU L 164 -48.69 -13.19 47.60
C LEU L 164 -48.85 -12.37 48.88
N THR L 165 -48.40 -12.93 50.02
CA THR L 165 -48.51 -12.28 51.28
C THR L 165 -47.70 -10.97 51.25
N MET L 166 -46.51 -10.99 50.63
CA MET L 166 -45.61 -9.80 50.60
C MET L 166 -46.23 -8.69 49.76
N ALA L 167 -46.78 -9.08 48.61
CA ALA L 167 -47.48 -8.16 47.74
C ALA L 167 -48.68 -7.51 48.46
N ARG L 168 -49.49 -8.33 49.11
CA ARG L 168 -50.63 -7.80 49.87
C ARG L 168 -50.27 -6.74 50.94
N ARG L 169 -49.26 -7.07 51.75
CA ARG L 169 -48.75 -6.21 52.80
C ARG L 169 -48.36 -4.84 52.24
N SER L 170 -47.81 -4.81 51.03
CA SER L 170 -47.32 -3.58 50.40
C SER L 170 -48.37 -2.92 49.50
N GLY L 171 -49.63 -3.38 49.52
CA GLY L 171 -50.68 -2.81 48.65
C GLY L 171 -50.59 -3.13 47.16
N VAL L 172 -49.83 -4.15 46.79
CA VAL L 172 -49.64 -4.54 45.43
C VAL L 172 -50.71 -5.51 45.02
N LYS L 173 -51.15 -5.38 43.79
CA LYS L 173 -52.21 -6.24 43.27
C LYS L 173 -51.73 -7.67 42.97
N THR L 174 -52.49 -8.66 43.45
CA THR L 174 -52.10 -10.05 43.34
C THR L 174 -52.93 -10.75 42.26
N LEU L 175 -52.25 -11.41 41.34
CA LEU L 175 -52.84 -12.15 40.20
C LEU L 175 -52.34 -13.58 40.34
N PHE L 176 -53.25 -14.49 40.69
CA PHE L 176 -52.92 -15.86 41.00
C PHE L 176 -53.60 -16.84 40.04
N ASN L 177 -52.77 -17.71 39.48
CA ASN L 177 -53.14 -18.67 38.44
C ASN L 177 -52.83 -20.06 38.99
N PRO L 178 -53.84 -20.74 39.59
CA PRO L 178 -53.61 -22.01 40.27
C PRO L 178 -53.44 -23.14 39.28
N ALA L 179 -52.27 -23.16 38.63
CA ALA L 179 -52.01 -24.06 37.54
C ALA L 179 -50.61 -24.69 37.67
N PRO L 180 -50.50 -26.03 37.53
CA PRO L 180 -51.60 -27.03 37.41
C PRO L 180 -52.30 -27.12 38.78
N ALA L 181 -53.59 -27.48 38.74
CA ALA L 181 -54.46 -27.38 39.91
C ALA L 181 -54.31 -28.59 40.81
N ILE L 182 -54.34 -28.35 42.11
CA ILE L 182 -54.28 -29.37 43.11
C ILE L 182 -55.68 -29.43 43.69
N ALA L 183 -56.14 -30.64 43.98
CA ALA L 183 -57.44 -30.82 44.65
C ALA L 183 -57.62 -30.12 46.03
N ASP L 184 -56.64 -30.21 46.92
CA ASP L 184 -56.86 -29.65 48.27
C ASP L 184 -56.01 -28.40 48.50
N LEU L 185 -56.24 -27.40 47.66
CA LEU L 185 -55.53 -26.13 47.71
C LEU L 185 -55.74 -25.35 49.01
N ASP L 186 -54.64 -24.86 49.60
CA ASP L 186 -54.65 -24.08 50.85
C ASP L 186 -55.69 -22.93 50.56
N PRO L 187 -56.78 -22.84 51.34
CA PRO L 187 -57.64 -21.67 51.24
C PRO L 187 -57.00 -20.29 51.34
N GLN L 188 -55.80 -20.17 51.95
CA GLN L 188 -55.11 -18.85 52.00
C GLN L 188 -54.86 -18.31 50.65
N PHE L 189 -54.72 -19.18 49.67
CA PHE L 189 -54.61 -18.71 48.33
C PHE L 189 -55.81 -17.84 47.94
N TYR L 190 -57.01 -18.27 48.29
CA TYR L 190 -58.22 -17.62 47.77
C TYR L 190 -58.26 -16.21 48.36
N THR L 191 -58.06 -16.09 49.68
CA THR L 191 -58.13 -14.81 50.37
C THR L 191 -57.00 -13.88 50.01
N LEU L 192 -55.90 -14.38 49.47
CA LEU L 192 -54.79 -13.52 49.04
C LEU L 192 -54.81 -13.16 47.57
N SER L 193 -55.85 -13.57 46.87
CA SER L 193 -55.94 -13.35 45.43
C SER L 193 -56.89 -12.21 45.06
N ASP L 194 -56.35 -11.10 44.56
CA ASP L 194 -57.20 -9.98 44.07
C ASP L 194 -57.89 -10.45 42.80
N VAL L 195 -57.14 -11.21 42.00
CA VAL L 195 -57.64 -11.74 40.74
C VAL L 195 -57.19 -13.19 40.65
N PHE L 196 -58.14 -14.10 40.52
CA PHE L 196 -57.90 -15.53 40.54
C PHE L 196 -58.35 -16.10 39.19
N CYS L 197 -57.42 -16.66 38.42
CA CYS L 197 -57.67 -16.99 36.98
C CYS L 197 -57.23 -18.37 36.66
N CYS L 198 -58.15 -19.19 36.19
CA CYS L 198 -57.83 -20.55 35.84
C CYS L 198 -58.62 -21.00 34.61
N ASN L 199 -58.31 -22.17 34.09
CA ASN L 199 -59.12 -22.76 33.00
C ASN L 199 -60.23 -23.70 33.48
N GLU L 200 -60.99 -24.26 32.52
CA GLU L 200 -62.13 -25.12 32.78
C GLU L 200 -61.77 -26.36 33.56
N SER L 201 -60.79 -27.12 33.09
CA SER L 201 -60.44 -28.39 33.77
C SER L 201 -59.82 -28.13 35.17
N GLU L 202 -59.14 -27.01 35.33
CA GLU L 202 -58.64 -26.58 36.64
C GLU L 202 -59.77 -26.23 37.64
N ALA L 203 -60.81 -25.57 37.14
CA ALA L 203 -61.99 -25.28 37.93
C ALA L 203 -62.71 -26.54 38.37
N GLU L 204 -62.67 -27.58 37.53
CA GLU L 204 -63.23 -28.90 37.89
C GLU L 204 -62.50 -29.46 39.10
N ILE L 205 -61.18 -29.42 39.04
CA ILE L 205 -60.36 -29.98 40.10
C ILE L 205 -60.57 -29.20 41.42
N LEU L 206 -60.60 -27.87 41.34
CA LEU L 206 -60.69 -27.08 42.56
C LEU L 206 -62.02 -27.12 43.26
N THR L 207 -63.07 -27.34 42.50
CA THR L 207 -64.47 -27.25 42.99
C THR L 207 -65.21 -28.59 43.03
N GLY L 208 -64.71 -29.62 42.34
CA GLY L 208 -65.37 -30.92 42.26
C GLY L 208 -66.55 -30.95 41.29
N LEU L 209 -66.79 -29.87 40.56
CA LEU L 209 -67.95 -29.73 39.66
C LEU L 209 -67.55 -30.06 38.25
N THR L 210 -68.52 -30.39 37.42
CA THR L 210 -68.30 -30.58 35.97
C THR L 210 -68.38 -29.23 35.27
N VAL L 211 -67.52 -29.02 34.27
CA VAL L 211 -67.52 -27.78 33.47
C VAL L 211 -67.48 -28.09 31.96
N GLY L 212 -68.66 -28.40 31.42
CA GLY L 212 -68.88 -28.55 29.98
C GLY L 212 -69.10 -27.18 29.30
N SER L 213 -70.20 -26.49 29.66
CA SER L 213 -70.57 -25.18 29.05
C SER L 213 -69.99 -23.93 29.74
N ALA L 214 -70.35 -22.75 29.22
CA ALA L 214 -70.06 -21.47 29.85
C ALA L 214 -70.97 -21.17 31.07
N ALA L 215 -72.20 -21.69 31.05
CA ALA L 215 -73.07 -21.62 32.25
C ALA L 215 -72.50 -22.40 33.45
N ASP L 216 -71.96 -23.60 33.17
CA ASP L 216 -71.31 -24.44 34.19
C ASP L 216 -70.09 -23.73 34.80
N ALA L 217 -69.29 -23.11 33.92
CA ALA L 217 -68.14 -22.33 34.37
C ALA L 217 -68.56 -21.19 35.32
N GLY L 218 -69.67 -20.53 35.02
CA GLY L 218 -70.25 -19.49 35.89
C GLY L 218 -70.56 -19.99 37.30
N GLU L 219 -71.13 -21.17 37.39
CA GLU L 219 -71.41 -21.80 38.67
C GLU L 219 -70.16 -22.19 39.42
N ALA L 220 -69.16 -22.74 38.74
CA ALA L 220 -67.88 -23.11 39.38
C ALA L 220 -67.18 -21.88 39.87
N ALA L 221 -67.20 -20.83 39.05
CA ALA L 221 -66.61 -19.55 39.40
C ALA L 221 -67.24 -18.94 40.66
N LEU L 222 -68.54 -19.12 40.83
CA LEU L 222 -69.25 -18.62 42.03
C LEU L 222 -68.76 -19.31 43.30
N VAL L 223 -68.48 -20.61 43.22
CA VAL L 223 -67.95 -21.38 44.37
C VAL L 223 -66.58 -20.81 44.77
N LEU L 224 -65.75 -20.54 43.79
CA LEU L 224 -64.44 -19.99 44.04
C LEU L 224 -64.52 -18.59 44.65
N LEU L 225 -65.45 -17.78 44.16
CA LEU L 225 -65.64 -16.39 44.63
C LEU L 225 -66.00 -16.37 46.10
N LYS L 226 -66.93 -17.26 46.48
CA LYS L 226 -67.35 -17.39 47.86
C LYS L 226 -66.30 -17.95 48.83
N ARG L 227 -65.24 -18.57 48.34
CA ARG L 227 -64.07 -18.95 49.15
C ARG L 227 -63.14 -17.76 49.49
N GLY L 228 -63.37 -16.58 48.91
CA GLY L 228 -62.68 -15.33 49.31
C GLY L 228 -61.96 -14.53 48.24
N CYS L 229 -62.00 -14.98 46.99
CA CYS L 229 -61.36 -14.22 45.91
C CYS L 229 -62.11 -12.93 45.68
N GLN L 230 -61.41 -11.85 45.41
CA GLN L 230 -62.05 -10.59 44.94
C GLN L 230 -62.69 -10.77 43.55
N VAL L 231 -61.91 -11.34 42.63
CA VAL L 231 -62.33 -11.51 41.24
C VAL L 231 -61.97 -12.90 40.82
N VAL L 232 -62.87 -13.56 40.11
CA VAL L 232 -62.63 -14.86 39.52
C VAL L 232 -62.87 -14.78 38.03
N ILE L 233 -61.88 -15.28 37.27
CA ILE L 233 -61.96 -15.39 35.81
C ILE L 233 -61.70 -16.84 35.46
N ILE L 234 -62.56 -17.42 34.62
CA ILE L 234 -62.32 -18.73 34.09
C ILE L 234 -62.16 -18.66 32.58
N THR L 235 -60.99 -19.08 32.07
CA THR L 235 -60.74 -19.14 30.64
C THR L 235 -61.40 -20.38 30.02
N LEU L 236 -61.84 -20.26 28.75
CA LEU L 236 -62.71 -21.24 28.09
C LEU L 236 -62.35 -21.55 26.64
N GLY L 237 -61.06 -21.50 26.33
CA GLY L 237 -60.57 -21.72 24.99
C GLY L 237 -61.21 -20.81 23.97
N ALA L 238 -61.81 -21.42 22.95
CA ALA L 238 -62.48 -20.68 21.87
C ALA L 238 -63.73 -19.89 22.30
N GLU L 239 -64.31 -20.23 23.44
CA GLU L 239 -65.44 -19.50 24.00
C GLU L 239 -65.03 -18.21 24.78
N GLY L 240 -63.73 -17.92 24.92
CA GLY L 240 -63.27 -16.69 25.55
C GLY L 240 -63.08 -16.88 27.06
N CYS L 241 -63.80 -16.10 27.87
CA CYS L 241 -63.71 -16.26 29.30
C CYS L 241 -64.96 -15.81 30.04
N VAL L 242 -65.03 -16.15 31.34
CA VAL L 242 -66.13 -15.74 32.23
C VAL L 242 -65.57 -15.05 33.41
N VAL L 243 -66.20 -13.96 33.81
CA VAL L 243 -65.73 -13.19 34.97
C VAL L 243 -66.81 -12.88 35.99
N LEU L 244 -66.45 -12.91 37.28
CA LEU L 244 -67.32 -12.52 38.44
C LEU L 244 -66.50 -11.72 39.44
N SER L 245 -67.13 -10.82 40.19
CA SER L 245 -66.45 -10.08 41.22
C SER L 245 -67.33 -9.96 42.47
N GLN L 246 -66.72 -9.58 43.61
CA GLN L 246 -67.47 -9.46 44.86
C GLN L 246 -68.54 -8.38 44.69
N THR L 247 -68.21 -7.29 43.98
CA THR L 247 -69.18 -6.23 43.66
C THR L 247 -70.16 -6.58 42.53
N GLU L 248 -69.77 -7.47 41.61
CA GLU L 248 -70.69 -7.94 40.55
C GLU L 248 -70.68 -9.47 40.38
N PRO L 249 -71.33 -10.19 41.32
CA PRO L 249 -71.24 -11.66 41.38
C PRO L 249 -71.99 -12.40 40.28
N GLU L 250 -72.75 -11.71 39.45
CA GLU L 250 -73.41 -12.40 38.37
C GLU L 250 -72.39 -12.75 37.25
N PRO L 251 -72.32 -14.04 36.81
CA PRO L 251 -71.40 -14.40 35.70
C PRO L 251 -71.56 -13.53 34.46
N LYS L 252 -70.45 -12.99 33.97
CA LYS L 252 -70.41 -12.24 32.70
C LYS L 252 -69.53 -13.03 31.69
N HIS L 253 -70.16 -13.56 30.62
CA HIS L 253 -69.49 -14.31 29.55
C HIS L 253 -68.90 -13.31 28.55
N ILE L 254 -67.58 -13.35 28.32
CA ILE L 254 -66.90 -12.49 27.32
C ILE L 254 -66.46 -13.38 26.14
N PRO L 255 -67.24 -13.38 25.01
CA PRO L 255 -66.79 -14.23 23.89
C PRO L 255 -65.65 -13.59 23.13
N THR L 256 -65.11 -14.32 22.17
CA THR L 256 -63.97 -13.84 21.34
C THR L 256 -64.22 -14.18 19.83
N GLU L 257 -63.68 -13.39 18.88
CA GLU L 257 -63.76 -13.72 17.43
C GLU L 257 -63.10 -15.09 17.11
N LYS L 258 -63.85 -15.91 16.34
CA LYS L 258 -63.43 -17.24 15.83
C LYS L 258 -62.17 -17.02 15.02
N VAL L 259 -61.15 -17.88 15.25
CA VAL L 259 -59.90 -17.92 14.43
C VAL L 259 -59.46 -19.37 14.11
N LYS L 260 -58.76 -19.58 12.97
CA LYS L 260 -58.15 -20.91 12.63
C LYS L 260 -56.98 -21.07 13.63
N ALA L 261 -57.23 -21.86 14.68
CA ALA L 261 -56.21 -22.20 15.70
C ALA L 261 -55.13 -23.10 15.10
N VAL L 262 -53.87 -22.63 15.03
CA VAL L 262 -52.73 -23.46 14.61
C VAL L 262 -52.17 -24.23 15.79
N ASP L 263 -52.03 -23.55 16.93
CA ASP L 263 -51.46 -24.13 18.14
C ASP L 263 -51.76 -23.34 19.41
N THR L 264 -52.57 -23.96 20.28
CA THR L 264 -53.09 -23.31 21.49
C THR L 264 -52.18 -23.46 22.71
N THR L 265 -51.01 -24.08 22.54
CA THR L 265 -50.12 -24.34 23.65
C THR L 265 -49.68 -23.01 24.21
N GLY L 266 -49.85 -22.84 25.51
CA GLY L 266 -49.43 -21.63 26.18
C GLY L 266 -50.34 -20.43 26.02
N ALA L 267 -51.52 -20.63 25.46
CA ALA L 267 -52.42 -19.55 25.24
C ALA L 267 -52.89 -18.99 26.54
N GLY L 268 -53.08 -19.87 27.53
CA GLY L 268 -53.51 -19.39 28.84
C GLY L 268 -52.50 -18.43 29.44
N ASP L 269 -51.23 -18.74 29.22
CA ASP L 269 -50.19 -17.91 29.74
C ASP L 269 -50.16 -16.57 29.04
N SER L 270 -50.43 -16.56 27.74
CA SER L 270 -50.52 -15.32 27.01
C SER L 270 -51.67 -14.46 27.59
N PHE L 271 -52.83 -15.08 27.82
CA PHE L 271 -53.95 -14.38 28.41
C PHE L 271 -53.54 -13.74 29.74
N VAL L 272 -52.94 -14.52 30.63
CA VAL L 272 -52.64 -14.04 31.99
C VAL L 272 -51.56 -12.94 31.96
N GLY L 273 -50.55 -13.09 31.11
CA GLY L 273 -49.56 -12.09 31.00
C GLY L 273 -50.17 -10.79 30.51
N ALA L 274 -51.07 -10.89 29.55
CA ALA L 274 -51.71 -9.69 29.04
C ALA L 274 -52.51 -9.03 30.12
N LEU L 275 -53.23 -9.83 30.88
CA LEU L 275 -54.02 -9.32 32.01
C LEU L 275 -53.14 -8.61 33.04
N ALA L 276 -51.98 -9.16 33.33
CA ALA L 276 -51.00 -8.48 34.23
C ALA L 276 -50.59 -7.11 33.68
N PHE L 277 -50.35 -7.08 32.34
CA PHE L 277 -49.96 -5.86 31.67
C PHE L 277 -51.03 -4.78 31.89
N TYR L 278 -52.29 -5.16 31.69
CA TYR L 278 -53.34 -4.17 31.79
C TYR L 278 -53.58 -3.76 33.22
N LEU L 279 -53.55 -4.69 34.18
CA LEU L 279 -53.71 -4.33 35.62
C LEU L 279 -52.69 -3.33 36.06
N ALA L 280 -51.49 -3.45 35.52
CA ALA L 280 -50.38 -2.62 35.92
C ALA L 280 -50.33 -1.26 35.24
N TYR L 281 -50.58 -1.20 33.94
CA TYR L 281 -50.41 0.03 33.16
C TYR L 281 -51.70 0.74 32.78
N TYR L 282 -52.83 0.02 32.81
CA TYR L 282 -54.15 0.58 32.49
C TYR L 282 -55.15 0.35 33.62
N PRO L 283 -54.81 0.75 34.84
CA PRO L 283 -55.66 0.34 35.99
C PRO L 283 -57.08 0.85 35.96
N ASN L 284 -57.30 1.97 35.27
CA ASN L 284 -58.65 2.54 35.10
C ASN L 284 -59.62 1.92 34.10
N LEU L 285 -59.14 1.02 33.25
CA LEU L 285 -60.02 0.30 32.36
C LEU L 285 -60.96 -0.57 33.17
N SER L 286 -62.18 -0.71 32.69
CA SER L 286 -63.10 -1.67 33.26
C SER L 286 -62.47 -3.04 33.10
N LEU L 287 -62.91 -3.96 33.93
CA LEU L 287 -62.42 -5.33 33.91
C LEU L 287 -62.82 -6.04 32.62
N GLU L 288 -64.05 -5.82 32.22
CA GLU L 288 -64.59 -6.31 30.94
C GLU L 288 -63.72 -5.94 29.73
N ASP L 289 -63.30 -4.69 29.72
CA ASP L 289 -62.42 -4.16 28.69
C ASP L 289 -61.02 -4.86 28.69
N MET L 290 -60.41 -5.00 29.88
CA MET L 290 -59.15 -5.72 30.02
C MET L 290 -59.23 -7.13 29.46
N LEU L 291 -60.33 -7.80 29.73
CA LEU L 291 -60.50 -9.19 29.33
C LEU L 291 -60.77 -9.30 27.85
N ASN L 292 -61.47 -8.34 27.25
CA ASN L 292 -61.56 -8.33 25.78
C ASN L 292 -60.23 -8.23 25.10
N ARG L 293 -59.41 -7.32 25.56
CA ARG L 293 -58.06 -7.11 25.05
C ARG L 293 -57.16 -8.31 25.30
N SER L 294 -57.34 -8.92 26.46
CA SER L 294 -56.56 -10.09 26.83
C SER L 294 -56.95 -11.28 25.97
N ASN L 295 -58.25 -11.49 25.81
CA ASN L 295 -58.74 -12.48 24.87
C ASN L 295 -58.14 -12.28 23.47
N PHE L 296 -58.14 -11.06 22.98
CA PHE L 296 -57.64 -10.80 21.65
C PHE L 296 -56.16 -11.15 21.48
N ILE L 297 -55.35 -10.76 22.43
CA ILE L 297 -53.94 -11.04 22.40
C ILE L 297 -53.70 -12.54 22.46
N ALA L 298 -54.40 -13.24 23.35
CA ALA L 298 -54.24 -14.70 23.47
C ALA L 298 -54.62 -15.41 22.17
N ALA L 299 -55.65 -14.89 21.54
CA ALA L 299 -56.08 -15.41 20.28
C ALA L 299 -55.05 -15.22 19.18
N VAL L 300 -54.29 -14.13 19.24
CA VAL L 300 -53.21 -13.94 18.26
C VAL L 300 -52.16 -15.06 18.43
N SER L 301 -51.85 -15.39 19.69
CA SER L 301 -50.91 -16.49 20.00
C SER L 301 -51.36 -17.87 19.48
N VAL L 302 -52.67 -18.17 19.47
CA VAL L 302 -53.10 -19.48 19.00
C VAL L 302 -52.96 -19.60 17.50
N GLN L 303 -52.70 -18.48 16.80
CA GLN L 303 -52.54 -18.51 15.35
C GLN L 303 -51.14 -18.87 14.87
N ALA L 304 -50.24 -19.20 15.79
CA ALA L 304 -48.90 -19.60 15.43
C ALA L 304 -48.38 -20.67 16.38
N ALA L 305 -47.40 -21.42 15.89
CA ALA L 305 -46.74 -22.47 16.68
C ALA L 305 -45.70 -21.86 17.62
N GLY L 306 -45.30 -22.65 18.64
CA GLY L 306 -44.07 -22.42 19.38
C GLY L 306 -44.11 -21.79 20.78
N THR L 307 -45.30 -21.70 21.37
CA THR L 307 -45.47 -21.14 22.73
C THR L 307 -44.93 -19.69 22.77
N GLN L 308 -43.79 -19.44 23.41
CA GLN L 308 -43.30 -18.06 23.57
C GLN L 308 -43.07 -17.40 22.22
N SER L 309 -42.65 -18.15 21.23
CA SER L 309 -42.42 -17.49 19.94
C SER L 309 -43.70 -17.12 19.22
N SER L 310 -44.86 -17.63 19.62
CA SER L 310 -46.16 -17.14 19.11
C SER L 310 -46.77 -15.94 19.82
N TYR L 311 -46.18 -15.49 20.92
CA TYR L 311 -46.72 -14.37 21.70
C TYR L 311 -46.42 -13.07 20.99
N PRO L 312 -47.43 -12.29 20.66
CA PRO L 312 -47.20 -11.05 19.90
C PRO L 312 -46.49 -9.92 20.67
N TYR L 313 -45.73 -9.11 19.93
CA TYR L 313 -45.19 -7.86 20.41
C TYR L 313 -46.19 -6.72 20.17
N LYS L 314 -46.07 -5.69 20.99
CA LYS L 314 -46.86 -4.51 20.83
C LYS L 314 -46.85 -3.94 19.44
N LYS L 315 -45.66 -3.78 18.87
CA LYS L 315 -45.53 -3.24 17.49
C LYS L 315 -46.35 -4.02 16.41
N ASP L 316 -46.64 -5.30 16.62
CA ASP L 316 -47.46 -6.09 15.67
C ASP L 316 -48.98 -6.11 15.99
N LEU L 317 -49.45 -5.33 16.97
CA LEU L 317 -50.83 -5.37 17.41
C LEU L 317 -51.53 -4.06 17.06
N PRO L 318 -52.85 -4.13 16.89
CA PRO L 318 -53.64 -2.89 16.70
C PRO L 318 -53.40 -1.84 17.79
N LEU L 319 -53.21 -0.59 17.39
CA LEU L 319 -52.93 0.50 18.33
C LEU L 319 -53.98 0.77 19.37
N THR L 320 -55.23 0.47 19.04
CA THR L 320 -56.35 0.70 19.95
C THR L 320 -56.31 -0.20 21.20
N LEU L 321 -55.58 -1.32 21.14
CA LEU L 321 -55.29 -2.06 22.36
C LEU L 321 -54.45 -1.34 23.39
N PHE L 322 -53.86 -0.21 23.06
CA PHE L 322 -53.01 0.57 23.98
C PHE L 322 -53.49 1.98 24.19
N LEU L 323 -54.76 2.22 23.86
CA LEU L 323 -55.39 3.49 24.12
C LEU L 323 -56.34 3.36 25.28
N GLU L 324 -56.47 4.47 26.02
CA GLU L 324 -57.05 4.54 27.43
C GLU L 324 -58.34 5.39 27.49
N3B AN2 M . 93.53 22.75 29.37
PB AN2 M . 93.00 21.12 29.15
O2B AN2 M . 91.59 20.97 29.65
O1B AN2 M . 93.12 20.57 27.65
O3A AN2 M . 94.15 20.31 29.99
PA AN2 M . 95.76 20.26 29.73
O1A AN2 M . 95.96 20.59 28.26
O2A AN2 M . 96.59 20.85 30.89
O5' AN2 M . 95.98 18.66 29.83
C5' AN2 M . 95.73 18.03 31.08
C4' AN2 M . 96.25 16.59 31.24
O4' AN2 M . 95.58 15.66 30.42
C3' AN2 M . 97.73 16.43 30.95
O3' AN2 M . 98.43 16.60 32.17
C2' AN2 M . 97.80 15.03 30.41
O2' AN2 M . 97.75 14.11 31.48
C1' AN2 M . 96.50 14.85 29.71
N9 AN2 M . 96.52 15.19 28.27
C8 AN2 M . 96.11 16.32 27.65
N7 AN2 M . 96.24 16.21 26.31
C5 AN2 M . 96.72 14.98 26.04
C4 AN2 M . 96.90 14.31 27.34
N3 AN2 M . 97.39 13.04 27.37
C2 AN2 M . 97.70 12.39 26.22
N1 AN2 M . 97.57 12.94 25.00
C6 AN2 M . 97.10 14.19 24.85
N6 AN2 M . 96.96 14.73 23.62
NA NA N . 87.26 14.56 26.14
NA NA O . 92.32 22.93 34.03
N3B AN2 P . 61.98 43.40 12.82
PB AN2 P . 60.68 43.55 13.97
O2B AN2 P . 60.70 42.18 14.87
O1B AN2 P . 60.84 44.81 14.80
O3A AN2 P . 59.27 43.94 13.17
PA AN2 P . 58.97 45.35 12.36
O1A AN2 P . 60.23 46.18 12.51
O2A AN2 P . 58.46 45.09 10.98
O5' AN2 P . 57.73 46.07 13.05
C5' AN2 P . 56.48 45.42 13.09
C4' AN2 P . 55.35 46.29 13.62
O4' AN2 P . 55.54 46.58 15.01
C3' AN2 P . 55.12 47.62 12.92
O3' AN2 P . 54.26 47.49 11.78
C2' AN2 P . 54.47 48.43 14.03
O2' AN2 P . 53.05 48.17 14.10
C1' AN2 P . 55.19 47.93 15.28
N9 AN2 P . 56.43 48.71 15.65
C8 AN2 P . 57.74 48.39 15.47
N7 AN2 P . 58.57 49.35 15.98
C5 AN2 P . 57.79 50.28 16.51
C4 AN2 P . 56.40 49.85 16.30
N3 AN2 P . 55.36 50.63 16.73
C2 AN2 P . 55.62 51.81 17.36
N1 AN2 P . 56.88 52.26 17.61
C6 AN2 P . 57.98 51.57 17.22
N6 AN2 P . 59.19 52.08 17.49
NA NA Q . 58.96 43.86 23.19
NA NA R . 58.94 39.71 11.24
N3B AN2 S . 16.49 59.93 -25.99
PB AN2 S . 16.71 58.40 -26.72
O2B AN2 S . 15.31 57.85 -26.89
O1B AN2 S . 17.53 58.47 -28.11
O3A AN2 S . 17.80 57.63 -25.79
PA AN2 S . 19.38 58.02 -25.68
O1A AN2 S . 19.78 58.96 -26.80
O2A AN2 S . 19.69 58.35 -24.26
O5' AN2 S . 20.18 56.66 -25.95
C5' AN2 S . 19.73 55.44 -25.37
C4' AN2 S . 20.64 54.26 -25.67
O4' AN2 S . 20.24 53.66 -26.92
C3' AN2 S . 22.15 54.54 -25.77
O3' AN2 S . 22.86 54.43 -24.52
C2' AN2 S . 22.60 53.49 -26.78
O2' AN2 S . 22.95 52.26 -26.15
C1' AN2 S . 21.38 53.32 -27.70
N9 AN2 S . 21.60 54.26 -28.83
C8 AN2 S . 21.07 55.50 -29.01
N7 AN2 S . 21.52 56.09 -30.14
C5 AN2 S . 22.37 55.21 -30.68
C4 AN2 S . 22.43 54.02 -29.84
N3 AN2 S . 23.22 52.97 -30.20
C2 AN2 S . 23.95 52.99 -31.34
N1 AN2 S . 23.95 54.07 -32.16
C6 AN2 S . 23.21 55.18 -31.89
N6 AN2 S . 23.19 56.24 -32.69
NA NA T . 13.64 52.84 -33.62
NA NA U . 14.67 57.67 -21.97
N3B AN2 V . -18.41 78.39 -40.68
PB AN2 V . -19.66 77.53 -39.81
O2B AN2 V . -19.35 76.06 -39.83
O1B AN2 V . -19.83 78.15 -38.35
O3A AN2 V . -21.12 77.93 -40.41
PA AN2 V . -21.58 79.39 -40.98
O1A AN2 V . -20.65 80.43 -40.38
O2A AN2 V . -21.85 79.44 -42.45
O5' AN2 V . -23.09 79.42 -40.44
C5' AN2 V . -23.98 78.50 -41.05
C4' AN2 V . -25.40 78.61 -40.54
O4' AN2 V . -25.50 78.25 -39.16
C3' AN2 V . -26.00 80.00 -40.65
O3' AN2 V . -26.55 80.25 -41.94
C2' AN2 V . -27.09 79.91 -39.62
O2' AN2 V . -28.18 79.22 -40.22
C1' AN2 V . -26.46 79.07 -38.50
N9 AN2 V . -25.70 79.89 -37.51
C8 AN2 V . -24.36 80.02 -37.50
N7 AN2 V . -23.92 80.81 -36.50
C5 AN2 V . -25.03 81.19 -35.85
C4 AN2 V . -26.19 80.59 -36.52
N3 AN2 V . -27.42 80.83 -36.00
C2 AN2 V . -27.57 81.63 -34.92
N1 AN2 V . -26.55 82.23 -34.28
C6 AN2 V . -25.27 82.06 -34.66
N6 AN2 V . -24.19 82.61 -34.03
NA NA W . -22.34 73.19 -32.23
NA NA X . -19.78 75.12 -44.58
N3B AN2 Y . 8.50 19.61 18.25
PB AN2 Y . 9.59 20.55 17.29
O2B AN2 Y . 10.51 19.67 16.51
O1B AN2 Y . 10.56 21.54 18.07
O3A AN2 Y . 8.57 21.51 16.45
PA AN2 Y . 7.61 22.70 17.01
O1A AN2 Y . 8.15 24.07 16.76
O2A AN2 Y . 7.17 22.21 18.36
O5' AN2 Y . 6.32 22.57 16.07
C5' AN2 Y . 6.37 22.94 14.68
C4' AN2 Y . 5.01 22.94 13.99
O4' AN2 Y . 4.44 21.62 13.99
C3' AN2 Y . 3.97 23.86 14.61
O3' AN2 Y . 3.99 25.18 14.05
C2' AN2 Y . 2.69 23.15 14.27
O2' AN2 Y . 2.38 23.52 12.95
C1' AN2 Y . 3.04 21.67 14.26
N9 AN2 Y . 2.71 21.03 15.54
C8 AN2 Y . 3.53 20.79 16.59
N7 AN2 Y . 2.89 20.18 17.63
C5 AN2 Y . 1.63 20.00 17.22
C4 AN2 Y . 1.51 20.57 15.86
N3 AN2 Y . 0.32 20.50 15.24
C2 AN2 Y . -0.77 19.94 15.86
N1 AN2 Y . -0.72 19.42 17.09
C6 AN2 Y . 0.43 19.41 17.82
N6 AN2 Y . 0.51 18.89 19.07
NA NA Z . 6.39 12.41 14.11
NA NA AA . 13.07 23.35 14.02
N3B AN2 BA . 38.32 -7.42 30.90
PB AN2 BA . 39.77 -7.68 29.93
O2B AN2 BA . 39.12 -7.61 28.44
O1B AN2 BA . 40.85 -6.66 30.03
O3A AN2 BA . 40.36 -9.16 30.37
PA AN2 BA . 41.51 -9.69 31.44
O1A AN2 BA . 41.96 -8.38 32.08
O2A AN2 BA . 41.07 -11.03 32.13
O5' AN2 BA . 42.76 -10.20 30.52
C5' AN2 BA . 42.95 -11.62 30.28
C4' AN2 BA . 44.32 -12.04 29.68
O4' AN2 BA . 44.96 -11.07 28.84
C3' AN2 BA . 45.32 -12.40 30.78
O3' AN2 BA . 45.19 -13.78 31.15
C2' AN2 BA . 46.67 -12.04 30.19
O2' AN2 BA . 47.29 -13.17 29.59
C1' AN2 BA . 46.35 -10.99 29.15
N9 AN2 BA . 46.60 -9.62 29.61
C8 AN2 BA . 45.70 -8.69 29.99
N7 AN2 BA . 46.30 -7.52 30.32
C5 AN2 BA . 47.61 -7.71 30.16
C4 AN2 BA . 47.80 -9.09 29.69
N3 AN2 BA . 49.03 -9.57 29.46
C2 AN2 BA . 50.11 -8.77 29.63
N1 AN2 BA . 50.02 -7.48 30.06
C6 AN2 BA . 48.84 -6.89 30.34
N6 AN2 BA . 48.79 -5.62 30.78
NA NA CA . 43.77 -4.23 22.43
NA NA DA . 36.17 -11.93 30.07
N3B AN2 EA . -8.33 -14.80 -25.68
PB AN2 EA . -8.34 -15.92 -24.36
O2B AN2 EA . -9.69 -16.77 -24.23
O1B AN2 EA . -8.19 -15.02 -23.17
O3A AN2 EA . -7.30 -17.16 -24.53
PA AN2 EA . -5.79 -17.00 -25.06
O1A AN2 EA . -5.34 -15.59 -24.99
O2A AN2 EA . -5.56 -17.74 -26.34
O5' AN2 EA . -4.95 -17.95 -24.07
C5' AN2 EA . -3.96 -17.46 -23.22
C4' AN2 EA . -3.38 -18.59 -22.39
O4' AN2 EA . -4.39 -19.19 -21.58
C3' AN2 EA . -2.76 -19.75 -23.15
O3' AN2 EA . -1.42 -19.43 -23.56
C2' AN2 EA . -2.85 -20.86 -22.11
O2' AN2 EA . -1.71 -20.73 -21.29
C1' AN2 EA . -4.12 -20.58 -21.35
N9 AN2 EA . -5.25 -21.38 -21.89
C8 AN2 EA . -6.23 -20.91 -22.70
N7 AN2 EA . -7.12 -21.89 -23.02
C5 AN2 EA . -6.71 -23.00 -22.42
C4 AN2 EA . -5.50 -22.66 -21.67
N3 AN2 EA . -4.89 -23.65 -20.99
C2 AN2 EA . -5.38 -24.92 -20.95
N1 AN2 EA . -6.49 -25.28 -21.61
C6 AN2 EA . -7.20 -24.40 -22.36
N6 AN2 EA . -8.31 -24.79 -23.02
NA NA FA . -11.83 -18.64 -16.20
NA NA GA . -5.85 -11.27 -24.46
N3B AN2 HA . -45.97 3.77 -24.88
PB AN2 HA . -45.65 5.07 -23.77
O2B AN2 HA . -44.71 4.55 -22.74
O1B AN2 HA . -45.13 6.43 -24.48
O3A AN2 HA . -47.11 5.58 -23.22
PA AN2 HA . -48.27 6.17 -24.16
O1A AN2 HA . -47.51 6.41 -25.46
O2A AN2 HA . -49.50 5.31 -24.01
O5' AN2 HA . -48.68 7.58 -23.58
C5' AN2 HA . -49.21 7.67 -22.24
C4' AN2 HA . -49.71 9.05 -21.84
O4' AN2 HA . -48.66 10.02 -21.79
C3' AN2 HA . -50.74 9.62 -22.82
O3' AN2 HA . -52.08 9.21 -22.54
C2' AN2 HA . -50.56 11.10 -22.65
O2' AN2 HA . -51.23 11.46 -21.47
C1' AN2 HA . -49.09 11.24 -22.41
N9 AN2 HA . -48.30 11.44 -23.65
C8 AN2 HA . -47.54 10.52 -24.29
N7 AN2 HA . -46.92 11.03 -25.38
C5 AN2 HA . -47.28 12.29 -25.44
C4 AN2 HA . -48.17 12.58 -24.32
N3 AN2 HA . -48.64 13.84 -24.20
C2 AN2 HA . -48.33 14.81 -25.07
N1 AN2 HA . -47.49 14.59 -26.10
C6 AN2 HA . -46.96 13.38 -26.32
N6 AN2 HA . -46.15 13.12 -27.33
NA NA IA . -39.66 11.47 -20.29
NA NA JA . -47.49 1.58 -20.70
N3B AN2 KA . -51.89 -50.31 -10.24
PB AN2 KA . -51.96 -49.45 -11.74
O2B AN2 KA . -52.76 -50.34 -12.79
O1B AN2 KA . -50.60 -49.09 -12.26
O3A AN2 KA . -53.00 -48.21 -11.45
PA AN2 KA . -54.47 -48.35 -10.70
O1A AN2 KA . -54.52 -47.60 -9.40
O2A AN2 KA . -54.76 -49.87 -10.79
O5' AN2 KA . -55.54 -47.43 -11.46
C5' AN2 KA . -55.20 -46.11 -11.81
C4' AN2 KA . -56.21 -45.45 -12.76
O4' AN2 KA . -56.11 -45.98 -14.10
C3' AN2 KA . -57.68 -45.56 -12.41
O3' AN2 KA . -58.10 -44.52 -11.51
C2' AN2 KA . -58.34 -45.43 -13.78
O2' AN2 KA . -58.55 -44.07 -14.21
C1' AN2 KA . -57.37 -46.07 -14.75
N9 AN2 KA . -57.75 -47.49 -14.92
C8 AN2 KA . -57.18 -48.55 -14.32
N7 AN2 KA . -57.75 -49.72 -14.66
C5 AN2 KA . -58.73 -49.41 -15.51
C4 AN2 KA . -58.74 -47.94 -15.69
N3 AN2 KA . -59.67 -47.37 -16.50
C2 AN2 KA . -60.54 -48.14 -17.16
N1 AN2 KA . -60.56 -49.49 -17.04
C6 AN2 KA . -59.72 -50.18 -16.25
N6 AN2 KA . -59.74 -51.52 -16.12
NA NA LA . -51.08 -49.78 -21.00
NA NA MA . -49.35 -46.07 -9.17
N3B AN2 NA . -19.59 -75.43 -15.13
PB AN2 NA . -18.22 -74.40 -15.27
O2B AN2 NA . -17.83 -73.95 -13.76
O1B AN2 NA . -18.58 -73.25 -16.19
O3A AN2 NA . -16.84 -75.25 -15.67
PA AN2 NA . -16.33 -76.77 -15.22
O1A AN2 NA . -16.47 -77.62 -16.43
O2A AN2 NA . -16.84 -77.27 -13.88
O5' AN2 NA . -14.74 -76.65 -15.13
C5' AN2 NA . -14.00 -76.20 -16.27
C4' AN2 NA . -12.50 -76.21 -15.98
O4' AN2 NA . -12.19 -75.00 -15.29
C3' AN2 NA . -11.97 -77.33 -15.08
O3' AN2 NA . -11.67 -78.56 -15.73
C2' AN2 NA . -10.74 -76.68 -14.53
O2' AN2 NA . -9.78 -76.70 -15.59
C1' AN2 NA . -11.25 -75.27 -14.25
N9 AN2 NA . -11.88 -75.19 -12.89
C8 AN2 NA . -13.20 -75.18 -12.52
N7 AN2 NA . -13.34 -75.10 -11.17
C5 AN2 NA . -12.07 -75.06 -10.65
C4 AN2 NA . -11.15 -75.12 -11.78
N3 AN2 NA . -9.82 -75.10 -11.57
C2 AN2 NA . -9.29 -75.04 -10.35
N1 AN2 NA . -10.06 -74.98 -9.26
C6 AN2 NA . -11.40 -74.98 -9.32
N6 AN2 NA . -12.10 -74.91 -8.17
NA NA OA . -14.48 -66.27 -13.05
NA NA PA . -18.95 -75.51 -20.41
N3B AN2 QA . -24.23 -53.47 25.52
PB AN2 QA . -22.78 -52.88 26.30
O2B AN2 QA . -22.69 -53.24 27.88
O1B AN2 QA . -22.65 -51.39 26.11
O3A AN2 QA . -21.57 -53.76 25.73
PA AN2 QA . -21.47 -55.39 25.74
O1A AN2 QA . -21.26 -55.95 24.34
O2A AN2 QA . -22.60 -55.87 26.61
O5' AN2 QA . -20.02 -55.65 26.36
C5' AN2 QA . -18.91 -54.93 25.83
C4' AN2 QA . -17.59 -55.27 26.52
O4' AN2 QA . -17.55 -54.57 27.75
C3' AN2 QA . -17.34 -56.74 26.88
O3' AN2 QA . -16.83 -57.49 25.77
C2' AN2 QA . -16.37 -56.60 28.05
O2' AN2 QA . -15.02 -56.32 27.68
C1' AN2 QA . -16.91 -55.36 28.76
N9 AN2 QA . -17.87 -55.76 29.82
C8 AN2 QA . -19.22 -55.71 29.72
N7 AN2 QA . -19.80 -56.16 30.85
C5 AN2 QA . -18.82 -56.51 31.69
C4 AN2 QA . -17.53 -56.26 31.02
N3 AN2 QA . -16.37 -56.56 31.68
C2 AN2 QA . -16.38 -57.06 32.93
N1 AN2 QA . -17.53 -57.32 33.60
C6 AN2 QA . -18.76 -57.07 33.05
N6 AN2 QA . -19.92 -57.31 33.68
NA NA RA . -19.91 -47.16 32.87
NA NA SA . -22.09 -51.85 21.11
N3B AN2 TA . -54.99 -24.68 28.30
PB AN2 TA . -54.61 -23.36 27.24
O2B AN2 TA . -55.15 -23.71 25.76
O1B AN2 TA . -53.14 -23.13 27.35
O3A AN2 TA . -55.48 -22.02 27.62
PA AN2 TA . -57.07 -21.94 27.42
O1A AN2 TA . -57.81 -21.69 28.70
O2A AN2 TA . -57.45 -23.12 26.54
O5' AN2 TA . -57.32 -20.57 26.65
C5' AN2 TA . -56.85 -19.34 27.17
C4' AN2 TA . -57.36 -18.09 26.44
O4' AN2 TA . -56.72 -18.02 25.17
C3' AN2 TA . -58.87 -18.00 26.20
O3' AN2 TA . -59.55 -17.30 27.26
C2' AN2 TA . -58.88 -17.27 24.87
O2' AN2 TA . -58.67 -15.89 25.03
C1' AN2 TA . -57.64 -17.70 24.13
N9 AN2 TA . -57.92 -18.84 23.22
C8 AN2 TA . -57.64 -20.15 23.39
N7 AN2 TA . -58.03 -20.89 22.33
C5 AN2 TA . -58.60 -20.05 21.46
C4 AN2 TA . -58.52 -18.69 22.03
N3 AN2 TA . -59.03 -17.64 21.32
C2 AN2 TA . -59.60 -17.82 20.12
N1 AN2 TA . -59.71 -19.04 19.54
C6 AN2 TA . -59.24 -20.18 20.13
N6 AN2 TA . -59.34 -21.41 19.56
NA NA UA . -49.43 -20.60 19.93
NA NA VA . -53.13 -22.07 31.63
#